data_7BII
#
_entry.id   7BII
#
_cell.length_a   95.519
_cell.length_b   96.218
_cell.length_c   199.655
_cell.angle_alpha   92.220
_cell.angle_beta   100.450
_cell.angle_gamma   95.330
#
_symmetry.space_group_name_H-M   'P 1'
#
_entity_poly.entity_id   1
_entity_poly.type   'polypeptide(L)'
_entity_poly.pdbx_seq_one_letter_code
;GPMKIERPMERRFSQPGKQISNTIKQLSNLPEEELPTYLNNIYEWRCAKTDLLYWVDVLDRFDEILKAVVTEYGLGQFQN
KPMKESDKEMVYAILKFQKLLVENSSNKSMFSSFDVVEPFIYSFELDLAIEALYLVSFFASKIHIQRSIKTSMALMKMET
LKTLIERVKEKPQSMYTYYDETTNNCKRVSIKKAVKKGIYSISDKMLPSQEIRRFIHAIRLHEMAEQHEKLKIIRMLAFS
ALVYYNYTDLPIDSEFISRDLPETLAIINTESYQMREAAVTMIDAIFRMRIRHSAVIAAMNAQSHEGMIMNLLKKVVNED
VPEHFAIVFFNFLSSCFASGPCVSALFSAGIVQYVCNTLRDQPDISYRKRMRLVMGANTFLFTLPAPFTWFISENGIRIL
SKELLLAVDVALGNIKDHDLLMYINSIMKIISQLFKNAGTAEAMRGFLEGEFPRAISLILFHSEEFTPSILAYLFSAVGD
YIHNEPSNLPFIIEAGIFDGFVMCMKKELPESPDFLLELPNLIEAFFLNSELIKKIDEENILDRIFESFEIVNLSNIILM
YDIGRAYGIFLENLVRHYPIISLTVKEKIYNTMKNLESMIPNTDPELMRLLLGNLFRMMHRAVYRKTTNNQLITDKGLLN
NRIISMLMLIEIPTETELYTDVMNILMEVFDEDQTYVISYIAKVIDRVMKNKVTLENIEKIKRILLIVNYLIFKNEETCE
EFIKHCTSKGFLQIVKRISQYFDNLKKDTALVSVAKNESLTNLYYSFTMGILKTVYRYSKTNAKEYLKIFGLLVEDLLSK
TEQIDHLYYTQRMHGLKNYIMVDKSPQQYPQKNEFVVTQEYLMGINLSETLMEHAKNSVSMLKDEKITMDAHKKVVSSIL
EVLSIYVRGIKNLFVPVKEPKKKVCEIEEHVLIIVELLMDYIDKSSIEHLLNIVKTAFFVTLRKQITKEMDRENEGSAEY
KRRNILGSFFISVFLNLPKEETEAVLKSDIFTILVKNKKTFKQVYNKNCFGLLQYAAIKESRVFSHLVSFIPKMTKQVGA
STDPAFLKLYAVGLVFVAMRDTLKKTTVLSRFIGNIVFAESTCPAVVEAQGIVILAIVKLKIEYNLAITIEDPIIHLNRI
YAIVETAEQKEGLVILANLLIRRVIESKEAAKEAVDTIIKNKHLGKSRMYTVHTVCSNLRNALFYSISSFLEYLSSNFEC
ISAGWEEIRHKLPDESANPTESGQISEAVLETLSDGLFTKQIKIYSGLNAELFRTLFVHRATGKMEQIVRIHSLCLLVVS
FPQLISTLVPEDYSFFMYFLENHAAYSKSLKPSAFQQEDKTLAYWSGHFIMLIFNHTTYVEVKKYILEKVLELLPTSINA
TVIFSELIQEILTMRFSKNTFDENTALVKEMNCLEVMIRSTMQIDNRRKDYGSIMEILTKPMEYITRILAVDEKEAFYEE
VTQSEEEVYFEDIDEGYMEDFDTDETMDSDQVVYDDTEENSQEVGELCSEDSLTVYTAESNNYGEYLMSDEESSSEEEGM
DEEQSSSEQSEKNEFLKSLCILPISKLIGKEMEIFNADERMPFVQKILEGSIISNLQEKEPSSTDEETFDSEEGSYRRHQ
YLMRREEENDDEELNDYAIDPTDPDAHLDDEGPEEIDEGVDEYDDESQYDYDGNGSDDEEYDDEESFATGEEIAIGDENG
EIPELDVEVLNNLPSSILEDTVENFYQDRISSSTEYRAISLHFLNRLREEVRSVFEEHEARYMETFAGEIVPRREEKKKK
PQEMPFIAEREAAASVPIDIVFGLIHMVLQCGNRRNLYRIIHNISANKEVRIFSVETLVNSIYQAVVEGASSSAGAGSST
VNASAGSSGNNEVIAPEVITKRGFEALTYLCTKSSDFTTVFSYNTELINKILQATNKRTISESVKLLSTVGDCFNNDKVA
EPENIEVRKYIGFLEYDMTDDTFKHFCEFIKKTDRFYRPMYLLYLMGGSKKSLEECLDKKAEFNSHTHHKGIIKLVRMLS
LVNIMGITETYLDSLMELREMPFWEYYFNIILPKEKESLYASSILPLFKAFVIVHTIQMYIGRNENINEFSEIPNSDSSI
YYSVVEKEKDLINTFIQADPDLLFHAFAGLQKKILDFDNKRIYFYKKIREDVQLRPTISLMVQRGAVFEDTFHQLMRLNG
EQVRNAKFNIKFAGEEGVDAGGLTREWYSELSKEMFNANYALFTPIGSSYQPNHISHINPEHLVYFKFIGRIIGKAVYDE
MTVDCHFTRAFYKRVLSIPVDLTDVEALDPEFHRSLVWILENDIENVLDMTFSIEQDRFGITEIIDLKENGRNIAVTNEN
KREYVELVCRFKLVRVIERQLSAFAEGFFEILDVDMLKMFNEKELELLISGLPEIDVDDWRNNTIYFGYTSDSQVIRWYW
RAVRNFSMEERAKLLQFATGTSKLPLEGFAGLRCQNGNQKFQIHKASGGSSRLPTAHTAFNQLDLPEYDSYEQLVKALLF
SLEECTSGFGFA
;
_entity_poly.pdbx_strand_id   A,B
#
# COMPACT_ATOMS: atom_id res chain seq x y z
N GLY A 1 -29.87 40.08 70.85
CA GLY A 1 -30.47 38.76 71.01
C GLY A 1 -29.43 37.69 71.28
N PRO A 2 -29.59 36.92 72.37
CA PRO A 2 -28.60 35.87 72.68
C PRO A 2 -28.82 34.58 71.89
N MET A 3 -27.88 33.63 72.00
CA MET A 3 -27.94 32.36 71.28
C MET A 3 -29.15 31.50 71.66
N LYS A 4 -29.71 30.78 70.69
CA LYS A 4 -30.88 29.93 70.91
C LYS A 4 -30.58 28.45 70.66
N ILE A 5 -31.18 27.55 71.46
CA ILE A 5 -31.00 26.11 71.31
C ILE A 5 -31.77 25.62 70.10
N PRO A 16 -14.42 20.52 75.49
CA PRO A 16 -14.09 21.88 75.93
C PRO A 16 -12.56 22.11 76.06
N GLY A 17 -11.91 21.54 77.06
CA GLY A 17 -10.48 21.60 77.31
C GLY A 17 -10.14 21.98 78.74
N LYS A 18 -8.93 22.53 78.97
CA LYS A 18 -8.50 22.97 80.29
C LYS A 18 -8.26 24.48 80.26
N GLN A 19 -7.53 24.94 79.24
CA GLN A 19 -7.30 26.36 79.03
C GLN A 19 -8.61 26.99 78.56
N ILE A 20 -9.35 26.27 77.66
CA ILE A 20 -10.64 26.69 77.12
C ILE A 20 -11.69 26.75 78.23
N SER A 21 -11.73 25.72 79.10
CA SER A 21 -12.67 25.72 80.21
C SER A 21 -12.36 26.86 81.17
N ASN A 22 -11.07 27.12 81.45
CA ASN A 22 -10.64 28.20 82.33
C ASN A 22 -11.00 29.58 81.77
N THR A 23 -10.71 29.85 80.49
CA THR A 23 -11.02 31.14 79.89
C THR A 23 -12.54 31.37 79.81
N ILE A 24 -13.32 30.30 79.64
CA ILE A 24 -14.78 30.39 79.59
C ILE A 24 -15.30 30.73 80.99
N LYS A 25 -14.80 30.02 82.02
CA LYS A 25 -15.18 30.22 83.42
C LYS A 25 -14.76 31.60 83.94
N GLN A 26 -13.57 32.05 83.55
CA GLN A 26 -13.04 33.35 83.95
C GLN A 26 -13.91 34.48 83.41
N LEU A 27 -14.25 34.46 82.11
CA LEU A 27 -15.10 35.48 81.51
C LEU A 27 -16.53 35.48 82.06
N SER A 28 -17.00 34.32 82.53
CA SER A 28 -18.33 34.16 83.11
C SER A 28 -18.35 34.76 84.53
N ASN A 29 -17.31 34.49 85.33
CA ASN A 29 -17.22 34.95 86.72
C ASN A 29 -16.79 36.42 86.90
N LEU A 30 -15.65 36.82 86.28
CA LEU A 30 -15.05 38.15 86.38
C LEU A 30 -16.02 39.33 86.40
N PRO A 31 -15.81 40.30 87.29
CA PRO A 31 -16.68 41.49 87.29
C PRO A 31 -16.49 42.32 86.02
N GLU A 32 -17.53 43.03 85.58
CA GLU A 32 -17.49 43.83 84.34
C GLU A 32 -16.29 44.77 84.22
N GLU A 33 -15.72 45.20 85.35
CA GLU A 33 -14.58 46.10 85.35
C GLU A 33 -13.29 45.38 84.98
N GLU A 34 -13.14 44.13 85.44
CA GLU A 34 -11.96 43.29 85.20
C GLU A 34 -12.00 42.54 83.86
N LEU A 35 -13.13 42.59 83.13
CA LEU A 35 -13.26 41.91 81.85
C LEU A 35 -12.38 42.48 80.74
N PRO A 36 -12.29 43.82 80.53
CA PRO A 36 -11.46 44.34 79.43
C PRO A 36 -9.96 44.15 79.62
N THR A 37 -9.50 43.97 80.87
CA THR A 37 -8.10 43.75 81.16
C THR A 37 -7.69 42.31 80.76
N TYR A 38 -8.60 41.33 80.93
CA TYR A 38 -8.36 39.93 80.58
C TYR A 38 -8.56 39.69 79.09
N LEU A 39 -9.55 40.36 78.49
CA LEU A 39 -9.81 40.24 77.05
C LEU A 39 -8.64 40.77 76.21
N ASN A 40 -7.95 41.78 76.72
CA ASN A 40 -6.79 42.37 76.07
C ASN A 40 -5.67 41.33 76.01
N ASN A 41 -5.40 40.63 77.14
CA ASN A 41 -4.36 39.60 77.29
C ASN A 41 -4.42 38.53 76.23
N ILE A 42 -5.62 38.20 75.78
CA ILE A 42 -5.79 37.19 74.73
C ILE A 42 -5.54 37.86 73.38
N TYR A 43 -4.26 38.00 73.02
CA TYR A 43 -3.82 38.64 71.77
C TYR A 43 -3.91 37.69 70.59
N GLU A 44 -3.61 36.40 70.82
CA GLU A 44 -3.62 35.42 69.76
C GLU A 44 -4.13 34.05 70.23
N TRP A 45 -4.63 33.26 69.30
CA TRP A 45 -5.15 31.94 69.62
C TRP A 45 -4.06 30.91 69.45
N ARG A 46 -3.36 30.57 70.53
CA ARG A 46 -2.30 29.57 70.47
C ARG A 46 -2.85 28.32 71.13
N CYS A 47 -3.99 27.86 70.63
CA CYS A 47 -4.69 26.70 71.16
C CYS A 47 -5.49 25.97 70.06
N ALA A 48 -6.08 24.81 70.38
CA ALA A 48 -6.88 24.06 69.43
C ALA A 48 -8.17 24.82 69.15
N LYS A 49 -8.71 24.68 67.95
CA LYS A 49 -9.95 25.35 67.56
C LYS A 49 -11.11 24.86 68.42
N THR A 50 -11.85 25.79 69.01
CA THR A 50 -12.98 25.42 69.87
C THR A 50 -14.30 25.29 69.04
N ASP A 51 -15.46 24.99 69.69
CA ASP A 51 -16.79 24.91 69.07
C ASP A 51 -17.62 25.99 69.76
N LEU A 52 -18.33 26.84 69.00
CA LEU A 52 -19.11 27.95 69.55
C LEU A 52 -20.20 27.54 70.57
N LEU A 53 -20.49 26.24 70.67
CA LEU A 53 -21.47 25.69 71.60
C LEU A 53 -21.00 25.84 73.05
N TYR A 54 -19.68 25.72 73.29
CA TYR A 54 -19.09 25.83 74.62
C TYR A 54 -19.10 27.27 75.16
N TRP A 55 -19.09 28.25 74.25
CA TRP A 55 -19.07 29.65 74.62
C TRP A 55 -20.45 30.29 74.58
N VAL A 56 -21.53 29.52 74.79
CA VAL A 56 -22.88 30.08 74.76
C VAL A 56 -23.09 31.10 75.86
N ASP A 57 -22.84 30.74 77.12
CA ASP A 57 -22.99 31.67 78.23
C ASP A 57 -21.96 32.80 78.21
N VAL A 58 -20.84 32.62 77.50
CA VAL A 58 -19.80 33.64 77.36
C VAL A 58 -20.33 34.74 76.42
N LEU A 59 -20.81 34.34 75.23
CA LEU A 59 -21.34 35.28 74.27
C LEU A 59 -22.73 35.81 74.61
N ASP A 60 -23.43 35.16 75.58
CA ASP A 60 -24.72 35.63 76.07
C ASP A 60 -24.47 36.88 76.92
N ARG A 61 -23.44 36.84 77.79
CA ARG A 61 -23.06 37.97 78.64
C ARG A 61 -22.48 39.10 77.80
N PHE A 62 -21.72 38.77 76.76
CA PHE A 62 -21.16 39.76 75.84
C PHE A 62 -22.28 40.47 75.10
N ASP A 63 -23.30 39.72 74.66
CA ASP A 63 -24.46 40.30 73.97
C ASP A 63 -25.20 41.25 74.93
N GLU A 64 -25.34 40.83 76.20
CA GLU A 64 -26.01 41.59 77.24
C GLU A 64 -25.29 42.90 77.58
N ILE A 65 -23.94 42.88 77.71
CA ILE A 65 -23.21 44.11 78.01
C ILE A 65 -23.23 45.05 76.79
N LEU A 66 -23.20 44.51 75.57
CA LEU A 66 -23.28 45.33 74.35
C LEU A 66 -24.68 45.92 74.18
N LYS A 67 -25.73 45.18 74.60
CA LYS A 67 -27.12 45.62 74.57
C LYS A 67 -27.34 46.71 75.61
N ALA A 68 -26.65 46.64 76.76
CA ALA A 68 -26.74 47.64 77.81
C ALA A 68 -26.10 48.98 77.39
N VAL A 69 -25.12 48.95 76.47
CA VAL A 69 -24.43 50.14 75.96
C VAL A 69 -25.29 50.83 74.88
N VAL A 70 -25.86 50.05 73.94
CA VAL A 70 -26.69 50.62 72.88
C VAL A 70 -28.07 51.07 73.40
N THR A 71 -28.57 50.46 74.48
CA THR A 71 -29.84 50.91 75.07
C THR A 71 -29.64 52.12 76.02
N GLU A 72 -28.38 52.42 76.40
CA GLU A 72 -28.06 53.55 77.27
C GLU A 72 -27.65 54.77 76.43
N TYR A 73 -26.82 54.56 75.40
CA TYR A 73 -26.35 55.65 74.56
C TYR A 73 -27.36 56.07 73.48
N GLY A 74 -28.09 55.13 72.88
CA GLY A 74 -29.10 55.49 71.89
C GLY A 74 -29.25 54.61 70.67
N LEU A 75 -28.14 54.03 70.17
CA LEU A 75 -28.09 53.18 68.96
C LEU A 75 -28.24 54.00 67.65
N GLY A 76 -29.39 54.66 67.44
CA GLY A 76 -29.63 55.44 66.23
C GLY A 76 -29.29 56.90 66.42
N GLN A 77 -29.74 57.47 67.54
CA GLN A 77 -29.47 58.87 67.83
C GLN A 77 -28.07 59.10 68.39
N PHE A 78 -27.59 58.21 69.28
CA PHE A 78 -26.32 58.30 70.01
C PHE A 78 -26.35 59.59 70.81
N GLN A 79 -27.36 59.71 71.69
CA GLN A 79 -27.61 60.90 72.50
C GLN A 79 -26.37 61.36 73.26
N ASN A 80 -25.78 60.49 74.10
CA ASN A 80 -24.58 60.90 74.82
C ASN A 80 -23.40 60.90 73.87
N LYS A 81 -23.05 62.08 73.31
CA LYS A 81 -21.90 62.19 72.42
C LYS A 81 -20.59 61.73 73.12
N PRO A 82 -20.21 62.25 74.32
CA PRO A 82 -18.98 61.76 74.96
C PRO A 82 -19.11 60.33 75.49
N MET A 83 -18.53 59.35 74.78
CA MET A 83 -18.57 57.96 75.24
C MET A 83 -17.46 57.75 76.25
N LYS A 84 -17.82 57.38 77.50
CA LYS A 84 -16.86 57.17 78.58
C LYS A 84 -15.73 56.20 78.19
N GLU A 85 -14.54 56.39 78.77
CA GLU A 85 -13.39 55.52 78.45
C GLU A 85 -13.61 54.09 78.96
N SER A 86 -14.35 53.92 80.07
CA SER A 86 -14.64 52.61 80.63
C SER A 86 -15.61 51.83 79.72
N ASP A 87 -16.58 52.53 79.10
CA ASP A 87 -17.52 51.91 78.18
C ASP A 87 -16.82 51.63 76.85
N LYS A 88 -16.14 52.63 76.25
CA LYS A 88 -15.45 52.47 74.96
C LYS A 88 -14.36 51.39 75.01
N GLU A 89 -13.62 51.26 76.13
CA GLU A 89 -12.60 50.20 76.22
C GLU A 89 -13.20 48.83 76.55
N MET A 90 -14.45 48.78 77.04
CA MET A 90 -15.15 47.54 77.31
C MET A 90 -15.61 46.95 75.98
N VAL A 91 -16.32 47.75 75.16
CA VAL A 91 -16.79 47.32 73.84
C VAL A 91 -15.64 47.06 72.89
N TYR A 92 -14.53 47.81 73.00
CA TYR A 92 -13.35 47.55 72.17
C TYR A 92 -12.77 46.17 72.47
N ALA A 93 -12.77 45.79 73.76
CA ALA A 93 -12.28 44.48 74.17
C ALA A 93 -13.23 43.36 73.78
N ILE A 94 -14.55 43.62 73.77
CA ILE A 94 -15.52 42.61 73.38
C ILE A 94 -15.41 42.33 71.88
N LEU A 95 -15.49 43.37 71.04
CA LEU A 95 -15.43 43.25 69.57
C LEU A 95 -14.15 42.65 69.06
N LYS A 96 -13.04 42.90 69.74
CA LYS A 96 -11.75 42.37 69.32
C LYS A 96 -11.70 40.88 69.63
N PHE A 97 -12.13 40.49 70.84
CA PHE A 97 -12.10 39.09 71.23
C PHE A 97 -13.09 38.27 70.44
N GLN A 98 -14.27 38.83 70.13
CA GLN A 98 -15.29 38.13 69.36
C GLN A 98 -14.78 37.62 68.02
N LYS A 99 -14.02 38.46 67.30
CA LYS A 99 -13.42 38.10 66.01
C LYS A 99 -12.40 36.97 66.17
N LEU A 100 -11.52 37.08 67.16
CA LEU A 100 -10.51 36.05 67.43
C LEU A 100 -11.21 34.73 67.79
N LEU A 101 -12.27 34.79 68.59
CA LEU A 101 -13.02 33.62 69.02
C LEU A 101 -13.70 32.95 67.84
N VAL A 102 -14.49 33.69 67.04
CA VAL A 102 -15.21 33.09 65.91
C VAL A 102 -14.27 32.67 64.76
N GLU A 103 -13.06 33.25 64.67
CA GLU A 103 -12.10 32.84 63.65
C GLU A 103 -11.65 31.42 63.94
N ASN A 104 -11.35 31.14 65.20
CA ASN A 104 -10.83 29.86 65.62
C ASN A 104 -11.90 28.99 66.29
N SER A 105 -13.16 29.10 65.83
CA SER A 105 -14.24 28.26 66.38
C SER A 105 -15.10 27.59 65.31
N SER A 106 -15.73 26.48 65.69
CA SER A 106 -16.61 25.64 64.88
C SER A 106 -18.05 26.16 65.04
N ASN A 107 -18.88 26.02 63.99
CA ASN A 107 -20.27 26.50 64.01
C ASN A 107 -20.30 28.01 64.21
N LYS A 108 -19.61 28.74 63.33
CA LYS A 108 -19.53 30.19 63.42
C LYS A 108 -20.91 30.84 63.29
N SER A 109 -21.81 30.23 62.50
CA SER A 109 -23.19 30.68 62.27
C SER A 109 -24.03 30.78 63.54
N MET A 110 -23.58 30.16 64.65
CA MET A 110 -24.27 30.22 65.94
C MET A 110 -24.21 31.61 66.59
N PHE A 111 -23.23 32.44 66.19
CA PHE A 111 -23.07 33.77 66.76
C PHE A 111 -24.30 34.63 66.47
N SER A 112 -25.18 34.78 67.47
CA SER A 112 -26.44 35.51 67.34
C SER A 112 -26.41 36.92 67.97
N SER A 113 -25.23 37.46 68.20
CA SER A 113 -25.10 38.80 68.80
C SER A 113 -24.74 39.85 67.74
N PHE A 114 -25.17 39.66 66.48
CA PHE A 114 -24.83 40.59 65.42
C PHE A 114 -25.67 41.88 65.40
N ASP A 115 -26.88 41.80 65.93
CA ASP A 115 -27.78 42.96 65.99
C ASP A 115 -27.22 44.05 66.91
N VAL A 116 -26.52 43.67 67.98
CA VAL A 116 -25.92 44.62 68.92
C VAL A 116 -24.49 45.06 68.51
N VAL A 117 -23.91 44.46 67.45
CA VAL A 117 -22.58 44.82 66.95
C VAL A 117 -22.70 46.01 65.99
N GLU A 118 -23.71 45.96 65.11
CA GLU A 118 -23.97 46.96 64.07
C GLU A 118 -24.00 48.44 64.52
N PRO A 119 -24.73 48.84 65.59
CA PRO A 119 -24.75 50.27 65.95
C PRO A 119 -23.38 50.90 66.20
N PHE A 120 -22.34 50.09 66.47
CA PHE A 120 -21.00 50.61 66.71
C PHE A 120 -20.29 51.06 65.43
N ILE A 121 -20.71 50.53 64.27
CA ILE A 121 -20.20 50.92 62.95
C ILE A 121 -20.53 52.39 62.67
N TYR A 122 -21.74 52.80 63.04
CA TYR A 122 -22.23 54.16 62.81
C TYR A 122 -22.14 54.99 64.10
N SER A 123 -21.11 54.77 64.93
CA SER A 123 -20.91 55.50 66.18
C SER A 123 -19.90 56.64 66.05
N PHE A 124 -19.88 57.57 67.01
CA PHE A 124 -18.92 58.67 66.98
C PHE A 124 -17.57 58.29 67.61
N GLU A 125 -17.31 56.98 67.73
CA GLU A 125 -16.10 56.40 68.28
C GLU A 125 -15.46 55.63 67.13
N LEU A 126 -14.49 56.25 66.48
CA LEU A 126 -13.75 55.75 65.31
C LEU A 126 -13.17 54.33 65.52
N ASP A 127 -12.57 54.11 66.71
CA ASP A 127 -11.91 52.87 67.10
C ASP A 127 -12.87 51.69 67.18
N LEU A 128 -14.11 51.97 67.58
CA LEU A 128 -15.15 50.96 67.73
C LEU A 128 -15.71 50.55 66.38
N ALA A 129 -15.90 51.53 65.48
CA ALA A 129 -16.45 51.29 64.15
C ALA A 129 -15.56 50.36 63.35
N ILE A 130 -14.23 50.55 63.47
CA ILE A 130 -13.23 49.75 62.79
C ILE A 130 -13.30 48.32 63.28
N GLU A 131 -13.35 48.14 64.60
CA GLU A 131 -13.40 46.81 65.19
C GLU A 131 -14.71 46.10 64.94
N ALA A 132 -15.82 46.84 64.80
CA ALA A 132 -17.11 46.23 64.50
C ALA A 132 -17.12 45.77 63.04
N LEU A 133 -16.58 46.58 62.13
CA LEU A 133 -16.51 46.26 60.70
C LEU A 133 -15.58 45.10 60.43
N TYR A 134 -14.52 44.92 61.23
CA TYR A 134 -13.59 43.80 61.02
C TYR A 134 -14.27 42.45 61.30
N LEU A 135 -15.23 42.43 62.25
CA LEU A 135 -15.99 41.23 62.58
C LEU A 135 -16.99 40.92 61.47
N VAL A 136 -17.64 41.97 60.92
CA VAL A 136 -18.60 41.84 59.83
C VAL A 136 -17.89 41.43 58.53
N SER A 137 -16.69 41.97 58.28
CA SER A 137 -15.91 41.68 57.09
C SER A 137 -15.43 40.24 57.05
N PHE A 138 -14.92 39.73 58.18
CA PHE A 138 -14.51 38.33 58.24
C PHE A 138 -15.75 37.44 58.13
N PHE A 139 -16.84 37.80 58.83
CA PHE A 139 -18.06 37.00 58.80
C PHE A 139 -18.63 36.87 57.40
N ALA A 140 -18.61 37.96 56.62
CA ALA A 140 -19.10 37.94 55.25
C ALA A 140 -18.27 37.01 54.35
N SER A 141 -16.97 36.84 54.66
CA SER A 141 -16.08 35.97 53.89
C SER A 141 -16.46 34.49 53.98
N LYS A 142 -17.19 34.09 55.03
CA LYS A 142 -17.61 32.72 55.18
C LYS A 142 -19.03 32.44 54.65
N ILE A 143 -19.63 33.39 53.91
CA ILE A 143 -20.96 33.17 53.34
C ILE A 143 -20.88 32.12 52.25
N HIS A 144 -19.89 32.24 51.36
CA HIS A 144 -19.73 31.29 50.26
C HIS A 144 -19.28 29.89 50.72
N ILE A 145 -18.70 29.78 51.93
CA ILE A 145 -18.17 28.53 52.50
C ILE A 145 -19.21 27.71 53.30
N GLN A 146 -19.96 28.33 54.23
CA GLN A 146 -20.95 27.59 55.02
C GLN A 146 -22.40 27.78 54.54
N ARG A 147 -22.76 29.03 54.18
CA ARG A 147 -24.10 29.42 53.72
C ARG A 147 -25.15 29.52 54.84
N SER A 148 -24.90 28.83 55.97
CA SER A 148 -25.79 28.89 57.14
C SER A 148 -25.58 30.20 57.94
N ILE A 149 -24.43 30.89 57.72
CA ILE A 149 -24.08 32.12 58.39
C ILE A 149 -24.86 33.33 57.88
N LYS A 150 -25.56 33.24 56.73
CA LYS A 150 -26.35 34.38 56.23
C LYS A 150 -27.46 34.74 57.21
N THR A 151 -28.04 33.72 57.88
CA THR A 151 -29.07 33.89 58.89
C THR A 151 -28.50 34.61 60.11
N SER A 152 -27.24 34.31 60.48
CA SER A 152 -26.53 34.95 61.59
C SER A 152 -26.25 36.43 61.32
N MET A 153 -26.02 36.77 60.03
CA MET A 153 -25.78 38.18 59.66
C MET A 153 -27.08 38.93 59.36
N ALA A 154 -28.22 38.21 59.16
CA ALA A 154 -29.54 38.80 58.92
C ALA A 154 -30.08 39.63 60.10
N LEU A 155 -29.40 39.56 61.27
CA LEU A 155 -29.71 40.34 62.47
C LEU A 155 -29.35 41.83 62.27
N MET A 156 -28.40 42.12 61.38
CA MET A 156 -28.01 43.47 61.02
C MET A 156 -28.28 43.71 59.52
N LYS A 157 -28.68 44.93 59.19
CA LYS A 157 -28.96 45.31 57.82
C LYS A 157 -27.64 45.50 57.08
N MET A 158 -27.47 44.78 55.97
CA MET A 158 -26.24 44.87 55.20
C MET A 158 -26.25 46.08 54.25
N GLU A 159 -27.43 46.44 53.71
CA GLU A 159 -27.56 47.55 52.76
C GLU A 159 -27.16 48.91 53.34
N THR A 160 -27.37 49.12 54.65
CA THR A 160 -27.01 50.38 55.30
C THR A 160 -25.50 50.67 55.29
N LEU A 161 -24.67 49.64 55.05
CA LEU A 161 -23.22 49.81 54.98
C LEU A 161 -22.77 50.56 53.71
N LYS A 162 -23.63 50.59 52.67
CA LYS A 162 -23.35 51.28 51.41
C LYS A 162 -23.11 52.81 51.59
N THR A 163 -23.51 53.37 52.73
CA THR A 163 -23.31 54.78 53.04
C THR A 163 -21.83 55.08 53.34
N LEU A 164 -21.12 54.11 53.93
CA LEU A 164 -19.70 54.21 54.27
C LEU A 164 -18.80 54.12 53.04
N ILE A 165 -19.27 53.46 51.97
CA ILE A 165 -18.56 53.23 50.71
C ILE A 165 -17.94 54.49 50.11
N GLU A 166 -18.69 55.62 50.12
CA GLU A 166 -18.27 56.93 49.56
C GLU A 166 -16.79 57.26 49.75
N ARG A 167 -16.14 57.77 48.69
CA ARG A 167 -14.73 58.10 48.79
C ARG A 167 -14.52 59.30 49.68
N VAL A 168 -13.51 59.20 50.54
CA VAL A 168 -13.18 60.23 51.52
C VAL A 168 -12.30 61.34 50.93
N LYS A 169 -12.72 62.60 51.07
CA LYS A 169 -11.92 63.73 50.59
C LYS A 169 -11.69 64.77 51.69
N GLU A 170 -10.69 65.67 51.52
CA GLU A 170 -10.41 66.71 52.52
C GLU A 170 -11.48 67.79 52.50
N LYS A 171 -12.51 67.62 53.37
CA LYS A 171 -13.68 68.48 53.50
C LYS A 171 -14.36 68.64 52.14
N PRO A 172 -15.07 67.60 51.66
CA PRO A 172 -15.68 67.70 50.34
C PRO A 172 -17.06 68.35 50.35
N GLN A 173 -18.03 67.74 51.06
CA GLN A 173 -19.36 68.26 51.13
C GLN A 173 -19.73 68.62 52.57
N SER A 174 -19.84 69.93 52.82
CA SER A 174 -20.21 70.50 54.11
C SER A 174 -21.74 70.55 54.34
N MET A 175 -22.55 70.07 53.36
CA MET A 175 -24.00 70.03 53.44
C MET A 175 -24.49 68.72 52.82
N TYR A 176 -25.25 67.92 53.58
CA TYR A 176 -25.76 66.65 53.11
C TYR A 176 -27.10 66.79 52.37
N THR A 177 -27.16 66.33 51.12
CA THR A 177 -28.38 66.38 50.31
C THR A 177 -29.26 65.19 50.64
N TYR A 178 -30.56 65.40 50.90
CA TYR A 178 -31.46 64.30 51.26
C TYR A 178 -32.74 64.27 50.43
N TYR A 179 -33.24 63.07 50.11
CA TYR A 179 -34.49 62.93 49.37
C TYR A 179 -35.56 62.41 50.30
N ASP A 180 -36.71 63.07 50.32
CA ASP A 180 -37.80 62.69 51.22
C ASP A 180 -39.07 62.27 50.52
N GLU A 181 -39.89 61.44 51.19
CA GLU A 181 -41.16 60.98 50.65
C GLU A 181 -42.26 62.04 50.86
N THR A 182 -43.42 61.87 50.17
CA THR A 182 -44.61 62.74 50.17
C THR A 182 -44.33 64.11 49.51
N THR A 183 -43.44 64.94 50.06
CA THR A 183 -43.11 66.23 49.44
C THR A 183 -42.24 66.04 48.19
N ASN A 184 -41.41 64.97 48.17
CA ASN A 184 -40.54 64.58 47.06
C ASN A 184 -39.61 65.70 46.60
N ASN A 185 -38.80 66.23 47.51
CA ASN A 185 -37.85 67.30 47.20
C ASN A 185 -36.48 67.00 47.79
N CYS A 186 -35.42 67.47 47.12
CA CYS A 186 -34.06 67.27 47.61
C CYS A 186 -33.33 68.58 47.83
N LYS A 187 -32.91 68.87 49.08
CA LYS A 187 -32.19 70.10 49.41
C LYS A 187 -31.00 69.85 50.36
N ARG A 188 -30.16 70.88 50.59
CA ARG A 188 -28.96 70.79 51.43
C ARG A 188 -29.25 71.05 52.91
N VAL A 189 -28.42 70.50 53.82
CA VAL A 189 -28.56 70.70 55.26
C VAL A 189 -27.20 71.08 55.85
N SER A 190 -27.07 72.28 56.43
CA SER A 190 -25.80 72.72 57.00
C SER A 190 -25.50 72.10 58.35
N ILE A 191 -24.42 71.35 58.43
CA ILE A 191 -23.98 70.70 59.65
C ILE A 191 -22.94 71.57 60.43
N LYS A 192 -22.37 72.59 59.77
CA LYS A 192 -21.34 73.49 60.30
C LYS A 192 -21.65 74.19 61.63
N LYS A 193 -22.91 74.20 62.09
CA LYS A 193 -23.28 74.91 63.33
C LYS A 193 -22.51 74.45 64.57
N ALA A 194 -22.28 73.14 64.73
CA ALA A 194 -21.55 72.53 65.85
C ALA A 194 -22.02 72.99 67.24
N VAL A 195 -23.33 73.23 67.40
CA VAL A 195 -23.89 73.72 68.66
C VAL A 195 -24.10 72.58 69.68
N LYS A 196 -24.91 71.57 69.34
CA LYS A 196 -25.18 70.47 70.26
C LYS A 196 -25.16 69.11 69.56
N LYS A 197 -24.93 68.03 70.33
CA LYS A 197 -24.86 66.67 69.81
C LYS A 197 -26.14 66.16 69.14
N GLY A 198 -27.26 66.80 69.42
CA GLY A 198 -28.55 66.42 68.82
C GLY A 198 -28.80 67.09 67.49
N ILE A 199 -28.96 68.42 67.49
CA ILE A 199 -29.20 69.17 66.27
C ILE A 199 -27.99 70.04 65.92
N TYR A 200 -27.27 69.72 64.85
CA TYR A 200 -26.11 70.51 64.45
C TYR A 200 -26.50 71.55 63.41
N GLN A 210 -35.32 56.23 57.77
CA GLN A 210 -34.11 55.44 57.58
C GLN A 210 -32.86 56.30 57.28
N GLU A 211 -33.07 57.55 56.82
CA GLU A 211 -32.04 58.52 56.47
C GLU A 211 -31.04 58.86 57.59
N ILE A 212 -31.32 58.42 58.82
CA ILE A 212 -30.52 58.69 60.01
C ILE A 212 -29.08 58.14 59.91
N ARG A 213 -28.90 56.85 59.56
CA ARG A 213 -27.56 56.27 59.46
C ARG A 213 -26.70 56.94 58.40
N ARG A 214 -27.28 57.26 57.25
CA ARG A 214 -26.55 57.92 56.17
C ARG A 214 -26.11 59.32 56.61
N PHE A 215 -26.99 60.05 57.30
CA PHE A 215 -26.66 61.38 57.79
C PHE A 215 -25.53 61.32 58.82
N ILE A 216 -25.53 60.30 59.71
CA ILE A 216 -24.49 60.14 60.73
C ILE A 216 -23.11 60.09 60.10
N HIS A 217 -22.95 59.29 59.04
CA HIS A 217 -21.66 59.17 58.35
C HIS A 217 -21.26 60.50 57.73
N ALA A 218 -22.18 61.16 57.00
CA ALA A 218 -21.95 62.46 56.36
C ALA A 218 -21.38 63.50 57.34
N ILE A 219 -21.75 63.39 58.63
CA ILE A 219 -21.28 64.26 59.71
C ILE A 219 -19.81 63.98 59.98
N ARG A 220 -19.43 62.70 60.17
CA ARG A 220 -18.07 62.29 60.49
C ARG A 220 -17.07 62.58 59.36
N LEU A 221 -17.54 62.54 58.10
CA LEU A 221 -16.68 62.79 56.95
C LEU A 221 -16.14 64.23 56.93
N HIS A 222 -17.01 65.21 57.17
CA HIS A 222 -16.61 66.61 57.16
C HIS A 222 -16.11 67.09 58.54
N GLU A 223 -16.77 66.67 59.63
CA GLU A 223 -16.40 67.12 60.97
C GLU A 223 -15.08 66.54 61.50
N MET A 224 -14.74 65.28 61.16
CA MET A 224 -13.46 64.74 61.63
C MET A 224 -12.45 64.56 60.52
N ALA A 225 -11.63 65.58 60.34
CA ALA A 225 -10.53 65.59 59.37
C ALA A 225 -9.18 65.31 60.06
N GLU A 226 -9.09 65.40 61.40
CA GLU A 226 -7.87 65.13 62.16
C GLU A 226 -7.68 63.60 62.21
N GLN A 227 -8.75 62.86 62.51
CA GLN A 227 -8.74 61.41 62.52
C GLN A 227 -9.44 60.95 61.26
N HIS A 228 -8.87 61.34 60.14
CA HIS A 228 -9.30 61.08 58.77
C HIS A 228 -8.88 59.71 58.28
N GLU A 229 -7.67 59.27 58.69
CA GLU A 229 -7.09 57.99 58.31
C GLU A 229 -7.92 56.81 58.82
N LYS A 230 -8.52 56.97 60.01
CA LYS A 230 -9.33 55.95 60.63
C LYS A 230 -10.65 55.77 59.89
N LEU A 231 -11.22 56.84 59.32
CA LEU A 231 -12.46 56.71 58.56
C LEU A 231 -12.19 56.29 57.11
N LYS A 232 -10.98 56.55 56.56
CA LYS A 232 -10.63 56.08 55.22
C LYS A 232 -10.62 54.55 55.20
N ILE A 233 -10.11 53.93 56.27
CA ILE A 233 -10.05 52.48 56.35
C ILE A 233 -11.42 51.86 56.73
N ILE A 234 -12.38 52.66 57.21
CA ILE A 234 -13.74 52.22 57.50
C ILE A 234 -14.45 51.88 56.17
N ARG A 235 -14.23 52.70 55.12
CA ARG A 235 -14.83 52.45 53.81
C ARG A 235 -14.29 51.17 53.15
N MET A 236 -13.04 50.81 53.46
CA MET A 236 -12.39 49.63 52.91
C MET A 236 -12.94 48.36 53.52
N LEU A 237 -13.22 48.39 54.84
CA LEU A 237 -13.81 47.23 55.50
C LEU A 237 -15.26 47.09 55.06
N ALA A 238 -16.00 48.21 55.01
CA ALA A 238 -17.39 48.19 54.55
C ALA A 238 -17.49 47.74 53.09
N PHE A 239 -16.49 48.08 52.26
CA PHE A 239 -16.49 47.65 50.87
C PHE A 239 -16.24 46.15 50.81
N SER A 240 -15.24 45.68 51.57
CA SER A 240 -14.88 44.27 51.59
C SER A 240 -16.00 43.38 52.08
N ALA A 241 -16.75 43.81 53.10
CA ALA A 241 -17.87 43.02 53.60
C ALA A 241 -18.97 42.90 52.53
N LEU A 242 -19.21 43.98 51.78
CA LEU A 242 -20.22 44.02 50.71
C LEU A 242 -19.77 43.28 49.45
N VAL A 243 -18.45 43.11 49.24
CA VAL A 243 -17.90 42.35 48.12
C VAL A 243 -18.25 40.88 48.36
N TYR A 244 -18.04 40.40 49.60
CA TYR A 244 -18.36 39.03 50.02
C TYR A 244 -19.87 38.78 50.03
N TYR A 245 -20.66 39.80 50.39
CA TYR A 245 -22.12 39.69 50.41
C TYR A 245 -22.66 39.53 48.95
N ASN A 246 -22.80 40.64 48.20
CA ASN A 246 -23.24 40.55 46.81
C ASN A 246 -22.35 41.42 45.91
N TYR A 247 -21.36 40.79 45.26
CA TYR A 247 -20.45 41.47 44.33
C TYR A 247 -21.20 42.20 43.20
N THR A 248 -22.43 41.74 42.89
CA THR A 248 -23.30 42.27 41.85
C THR A 248 -23.82 43.69 42.14
N ASP A 249 -24.54 43.91 43.26
CA ASP A 249 -25.05 45.24 43.60
C ASP A 249 -23.99 46.09 44.31
N LEU A 250 -22.88 46.32 43.61
CA LEU A 250 -21.71 47.05 44.06
C LEU A 250 -21.27 48.07 42.99
N PRO A 251 -20.49 49.12 43.36
CA PRO A 251 -20.07 50.10 42.35
C PRO A 251 -18.85 49.69 41.54
N ILE A 252 -18.80 48.43 41.08
CA ILE A 252 -17.67 47.95 40.28
C ILE A 252 -17.79 48.42 38.83
N ASP A 253 -17.03 49.45 38.48
CA ASP A 253 -17.05 50.01 37.13
C ASP A 253 -15.66 49.91 36.48
N SER A 254 -15.55 50.34 35.20
CA SER A 254 -14.24 50.40 34.54
C SER A 254 -13.37 51.51 35.20
N GLU A 255 -14.01 52.54 35.78
CA GLU A 255 -13.41 53.66 36.54
C GLU A 255 -12.85 53.14 37.87
N PHE A 256 -13.53 52.15 38.49
CA PHE A 256 -13.06 51.53 39.73
C PHE A 256 -11.73 50.82 39.48
N ILE A 257 -11.61 50.11 38.35
CA ILE A 257 -10.36 49.41 38.02
C ILE A 257 -9.25 50.39 37.63
N SER A 258 -9.61 51.46 36.94
CA SER A 258 -8.63 52.46 36.51
C SER A 258 -8.02 53.23 37.69
N ARG A 259 -8.82 53.61 38.71
CA ARG A 259 -8.25 54.38 39.82
C ARG A 259 -8.46 53.77 41.22
N ASP A 260 -9.65 53.25 41.57
CA ASP A 260 -9.87 52.71 42.92
C ASP A 260 -9.01 51.49 43.23
N LEU A 261 -8.79 50.65 42.23
CA LEU A 261 -7.97 49.45 42.36
C LEU A 261 -6.48 49.78 42.59
N PRO A 262 -5.79 50.59 41.74
CA PRO A 262 -4.37 50.88 42.01
C PRO A 262 -4.13 51.78 43.23
N GLU A 263 -5.14 52.58 43.64
CA GLU A 263 -5.00 53.48 44.78
C GLU A 263 -4.89 52.70 46.09
N THR A 264 -5.67 51.63 46.24
CA THR A 264 -5.64 50.82 47.46
C THR A 264 -4.38 49.98 47.56
N LEU A 265 -3.87 49.44 46.44
CA LEU A 265 -2.62 48.67 46.51
C LEU A 265 -1.38 49.57 46.71
N ALA A 266 -1.50 50.89 46.46
CA ALA A 266 -0.44 51.85 46.77
C ALA A 266 -0.40 52.07 48.29
N ILE A 267 -1.58 52.09 48.94
CA ILE A 267 -1.74 52.23 50.39
C ILE A 267 -1.07 51.07 51.10
N ILE A 268 -1.28 49.85 50.59
CA ILE A 268 -0.67 48.62 51.10
C ILE A 268 0.86 48.72 51.12
N ASN A 269 1.43 49.36 50.12
CA ASN A 269 2.88 49.48 49.99
C ASN A 269 3.49 50.72 50.62
N THR A 270 2.69 51.71 51.06
CA THR A 270 3.25 52.94 51.61
C THR A 270 2.71 53.37 52.98
N GLU A 271 1.38 53.37 53.16
CA GLU A 271 0.73 53.86 54.39
C GLU A 271 1.03 53.04 55.65
N SER A 272 0.75 53.60 56.84
CA SER A 272 1.00 52.95 58.14
C SER A 272 0.29 51.61 58.28
N TYR A 273 0.81 50.74 59.16
CA TYR A 273 0.27 49.40 59.39
C TYR A 273 -1.23 49.36 59.66
N GLN A 274 -1.77 50.29 60.48
CA GLN A 274 -3.21 50.30 60.74
C GLN A 274 -4.02 50.49 59.44
N MET A 275 -3.50 51.32 58.54
CA MET A 275 -4.13 51.60 57.26
C MET A 275 -3.94 50.48 56.25
N ARG A 276 -2.70 50.04 56.02
CA ARG A 276 -2.43 48.98 55.05
C ARG A 276 -3.01 47.61 55.44
N GLU A 277 -3.38 47.42 56.73
CA GLU A 277 -4.01 46.17 57.15
C GLU A 277 -5.42 46.13 56.58
N ALA A 278 -6.15 47.24 56.66
CA ALA A 278 -7.51 47.31 56.14
C ALA A 278 -7.56 47.30 54.62
N ALA A 279 -6.56 47.90 53.96
CA ALA A 279 -6.49 47.91 52.50
C ALA A 279 -6.25 46.49 51.95
N VAL A 280 -5.48 45.68 52.70
CA VAL A 280 -5.20 44.28 52.37
C VAL A 280 -6.51 43.48 52.48
N THR A 281 -7.33 43.75 53.50
CA THR A 281 -8.62 43.09 53.70
C THR A 281 -9.53 43.33 52.49
N MET A 282 -9.56 44.58 51.99
CA MET A 282 -10.37 44.96 50.83
C MET A 282 -9.87 44.29 49.54
N ILE A 283 -8.55 44.25 49.30
CA ILE A 283 -7.98 43.60 48.12
C ILE A 283 -8.24 42.09 48.16
N ASP A 284 -8.11 41.50 49.33
CA ASP A 284 -8.33 40.07 49.51
C ASP A 284 -9.79 39.68 49.24
N ALA A 285 -10.74 40.59 49.46
CA ALA A 285 -12.14 40.31 49.20
C ALA A 285 -12.43 40.24 47.69
N ILE A 286 -11.94 41.23 46.92
CA ILE A 286 -12.07 41.30 45.45
C ILE A 286 -11.36 40.09 44.81
N PHE A 287 -10.24 39.68 45.42
CA PHE A 287 -9.43 38.58 44.98
C PHE A 287 -10.18 37.27 45.24
N ARG A 288 -10.67 37.06 46.48
CA ARG A 288 -11.40 35.84 46.81
C ARG A 288 -12.72 35.71 46.04
N MET A 289 -13.37 36.84 45.75
CA MET A 289 -14.61 36.82 44.97
C MET A 289 -14.39 36.77 43.45
N ARG A 290 -13.12 36.78 43.00
CA ARG A 290 -12.67 36.73 41.61
C ARG A 290 -13.37 37.79 40.74
N ILE A 291 -13.70 38.96 41.32
CA ILE A 291 -14.34 40.02 40.55
C ILE A 291 -13.29 40.78 39.72
N ARG A 292 -13.43 40.71 38.38
CA ARG A 292 -12.50 41.29 37.39
C ARG A 292 -11.04 40.88 37.66
N HIS A 293 -10.88 39.64 38.16
CA HIS A 293 -9.68 38.95 38.60
C HIS A 293 -8.49 39.02 37.64
N SER A 294 -8.75 39.01 36.32
CA SER A 294 -7.69 39.10 35.32
C SER A 294 -6.95 40.44 35.46
N ALA A 295 -7.70 41.53 35.64
CA ALA A 295 -7.14 42.88 35.81
C ALA A 295 -6.57 43.11 37.22
N VAL A 296 -7.07 42.37 38.22
CA VAL A 296 -6.63 42.47 39.61
C VAL A 296 -5.19 41.99 39.75
N ILE A 297 -4.88 40.80 39.20
CA ILE A 297 -3.53 40.24 39.20
C ILE A 297 -2.59 41.15 38.41
N ALA A 298 -3.09 41.68 37.29
CA ALA A 298 -2.35 42.60 36.44
C ALA A 298 -2.01 43.90 37.17
N ALA A 299 -2.85 44.34 38.10
CA ALA A 299 -2.61 45.58 38.85
C ALA A 299 -1.52 45.43 39.89
N MET A 300 -1.37 44.23 40.46
CA MET A 300 -0.35 44.00 41.48
C MET A 300 1.05 43.74 40.92
N ASN A 301 1.20 43.55 39.59
CA ASN A 301 2.48 43.26 38.93
C ASN A 301 3.04 41.94 39.46
N ALA A 302 2.18 40.92 39.56
CA ALA A 302 2.54 39.62 40.09
C ALA A 302 3.65 38.93 39.33
N GLN A 303 3.71 39.11 37.99
CA GLN A 303 4.72 38.45 37.18
C GLN A 303 6.14 38.93 37.47
N SER A 304 6.30 40.18 37.97
CA SER A 304 7.60 40.80 38.18
C SER A 304 8.43 40.21 39.32
N HIS A 305 9.75 40.03 39.08
CA HIS A 305 10.77 39.53 40.01
C HIS A 305 10.76 40.33 41.33
N GLU A 306 10.47 41.63 41.24
CA GLU A 306 10.39 42.55 42.38
C GLU A 306 9.04 43.26 42.40
N GLY A 307 7.98 42.50 42.13
CA GLY A 307 6.63 43.03 42.10
C GLY A 307 6.15 43.51 43.46
N MET A 308 5.00 44.15 43.46
CA MET A 308 4.38 44.70 44.66
C MET A 308 4.11 43.58 45.69
N ILE A 309 3.69 42.42 45.21
CA ILE A 309 3.38 41.26 46.05
C ILE A 309 4.64 40.48 46.47
N MET A 310 5.62 40.37 45.55
CA MET A 310 6.87 39.65 45.77
C MET A 310 7.77 40.36 46.78
N ASN A 311 7.95 41.68 46.61
CA ASN A 311 8.77 42.51 47.50
C ASN A 311 8.09 42.59 48.87
N LEU A 312 6.75 42.69 48.92
CA LEU A 312 6.04 42.76 50.19
C LEU A 312 6.20 41.48 51.02
N LEU A 313 6.53 40.35 50.40
CA LEU A 313 6.76 39.12 51.14
C LEU A 313 8.07 39.25 51.88
N LYS A 314 9.13 39.68 51.19
CA LYS A 314 10.44 39.87 51.82
C LYS A 314 10.38 40.91 52.93
N LYS A 315 9.47 41.91 52.81
CA LYS A 315 9.27 42.94 53.84
C LYS A 315 8.84 42.29 55.15
N VAL A 316 7.91 41.32 55.10
CA VAL A 316 7.41 40.66 56.29
C VAL A 316 8.39 39.63 56.84
N VAL A 317 8.97 38.82 55.96
CA VAL A 317 9.92 37.76 56.33
C VAL A 317 11.15 38.32 57.05
N ASN A 318 11.71 39.43 56.55
CA ASN A 318 12.93 39.98 57.11
C ASN A 318 12.70 40.99 58.26
N GLU A 319 11.82 41.98 58.07
CA GLU A 319 11.54 42.95 59.13
C GLU A 319 10.62 42.38 60.23
N ASP A 320 10.65 42.98 61.42
CA ASP A 320 9.83 42.50 62.54
C ASP A 320 8.52 43.30 62.60
N VAL A 321 7.70 43.19 61.54
CA VAL A 321 6.42 43.89 61.40
C VAL A 321 5.37 43.37 62.40
N PRO A 322 4.31 44.15 62.72
CA PRO A 322 3.31 43.65 63.68
C PRO A 322 2.67 42.33 63.28
N GLU A 323 2.31 41.49 64.26
CA GLU A 323 1.73 40.18 63.99
C GLU A 323 0.35 40.28 63.33
N HIS A 324 -0.40 41.38 63.55
CA HIS A 324 -1.69 41.53 62.88
C HIS A 324 -1.44 41.77 61.41
N PHE A 325 -0.46 42.62 61.06
CA PHE A 325 -0.14 42.89 59.67
C PHE A 325 0.47 41.66 59.01
N ALA A 326 1.35 40.96 59.71
CA ALA A 326 1.98 39.76 59.17
C ALA A 326 0.94 38.67 58.87
N ILE A 327 -0.03 38.48 59.78
CA ILE A 327 -1.08 37.49 59.59
C ILE A 327 -2.00 37.90 58.47
N VAL A 328 -2.47 39.15 58.51
CA VAL A 328 -3.39 39.64 57.48
C VAL A 328 -2.73 39.63 56.08
N PHE A 329 -1.39 39.74 56.00
CA PHE A 329 -0.69 39.67 54.71
C PHE A 329 -0.57 38.21 54.31
N PHE A 330 -0.10 37.36 55.22
CA PHE A 330 0.07 35.94 54.91
C PHE A 330 -1.22 35.27 54.52
N ASN A 331 -2.37 35.78 54.98
CA ASN A 331 -3.70 35.26 54.63
C ASN A 331 -4.02 35.59 53.17
N PHE A 332 -3.66 36.80 52.74
CA PHE A 332 -3.85 37.24 51.37
C PHE A 332 -2.91 36.46 50.46
N LEU A 333 -1.65 36.29 50.87
CA LEU A 333 -0.68 35.54 50.09
C LEU A 333 -1.13 34.11 49.84
N SER A 334 -1.74 33.46 50.85
CA SER A 334 -2.24 32.10 50.69
C SER A 334 -3.44 32.05 49.72
N SER A 335 -4.24 33.13 49.67
CA SER A 335 -5.35 33.19 48.72
C SER A 335 -4.86 33.41 47.27
N CYS A 336 -3.66 34.01 47.10
CA CYS A 336 -3.03 34.19 45.79
C CYS A 336 -2.53 32.84 45.31
N PHE A 337 -1.93 32.05 46.21
CA PHE A 337 -1.48 30.70 45.89
C PHE A 337 -2.65 29.76 45.53
N ALA A 338 -3.90 30.16 45.79
CA ALA A 338 -5.09 29.38 45.45
C ALA A 338 -5.57 29.69 44.02
N SER A 339 -5.31 30.92 43.54
CA SER A 339 -5.73 31.35 42.21
C SER A 339 -4.84 30.77 41.12
N GLY A 340 -5.45 30.01 40.21
CA GLY A 340 -4.78 29.41 39.06
C GLY A 340 -3.90 30.35 38.23
N PRO A 341 -4.43 31.48 37.72
CA PRO A 341 -3.59 32.37 36.92
C PRO A 341 -2.63 33.22 37.78
N CYS A 342 -3.00 33.54 39.04
CA CYS A 342 -2.15 34.35 39.90
C CYS A 342 -0.92 33.57 40.31
N VAL A 343 -1.08 32.30 40.66
CA VAL A 343 0.05 31.46 41.06
C VAL A 343 1.02 31.25 39.89
N SER A 344 0.51 31.28 38.63
CA SER A 344 1.31 31.15 37.40
C SER A 344 2.17 32.42 37.19
N ALA A 345 1.62 33.58 37.54
CA ALA A 345 2.31 34.86 37.44
C ALA A 345 3.32 34.99 38.59
N LEU A 346 2.92 34.58 39.81
CA LEU A 346 3.81 34.58 40.95
C LEU A 346 4.99 33.63 40.72
N PHE A 347 4.76 32.52 39.98
CA PHE A 347 5.78 31.55 39.63
C PHE A 347 6.86 32.19 38.75
N SER A 348 6.46 33.05 37.80
CA SER A 348 7.42 33.74 36.94
C SER A 348 8.24 34.81 37.71
N ALA A 349 7.70 35.29 38.86
CA ALA A 349 8.40 36.21 39.76
C ALA A 349 9.53 35.51 40.55
N GLY A 350 9.42 34.19 40.72
CA GLY A 350 10.42 33.38 41.40
C GLY A 350 10.04 33.02 42.81
N ILE A 351 8.73 32.87 43.07
CA ILE A 351 8.23 32.54 44.40
C ILE A 351 8.73 31.18 44.88
N VAL A 352 8.77 30.18 43.99
CA VAL A 352 9.24 28.83 44.31
C VAL A 352 10.75 28.81 44.56
N GLN A 353 11.49 29.65 43.83
CA GLN A 353 12.92 29.80 44.01
C GLN A 353 13.22 30.55 45.33
N TYR A 354 12.34 31.49 45.72
CA TYR A 354 12.50 32.24 46.96
C TYR A 354 12.28 31.35 48.17
N VAL A 355 11.12 30.67 48.27
CA VAL A 355 10.81 29.81 49.40
C VAL A 355 11.86 28.71 49.61
N CYS A 356 12.39 28.13 48.52
CA CYS A 356 13.42 27.11 48.62
C CYS A 356 14.71 27.64 49.22
N ASN A 357 15.18 28.81 48.76
CA ASN A 357 16.42 29.40 49.25
C ASN A 357 16.31 29.98 50.65
N THR A 358 15.15 30.57 50.97
CA THR A 358 14.89 31.21 52.26
C THR A 358 14.91 30.19 53.38
N LEU A 359 14.37 29.01 53.15
CA LEU A 359 14.33 27.97 54.16
C LEU A 359 15.68 27.26 54.30
N ARG A 360 16.24 26.77 53.19
CA ARG A 360 17.49 26.02 53.24
C ARG A 360 18.71 26.86 53.62
N ASP A 361 18.76 28.13 53.23
CA ASP A 361 19.95 28.94 53.47
C ASP A 361 19.85 29.87 54.69
N GLN A 362 18.71 30.56 54.88
CA GLN A 362 18.53 31.51 55.98
C GLN A 362 17.97 30.91 57.28
N PRO A 363 18.85 30.66 58.27
CA PRO A 363 18.38 30.08 59.53
C PRO A 363 18.01 31.11 60.61
N ASP A 364 18.22 32.42 60.36
CA ASP A 364 17.87 33.44 61.36
C ASP A 364 16.38 33.72 61.47
N ILE A 365 15.56 33.19 60.55
CA ILE A 365 14.12 33.43 60.59
C ILE A 365 13.46 32.71 61.76
N SER A 366 12.41 33.31 62.34
CA SER A 366 11.66 32.75 63.47
C SER A 366 10.95 31.44 63.09
N TYR A 367 10.61 30.62 64.09
CA TYR A 367 9.90 29.37 63.81
C TYR A 367 8.51 29.60 63.24
N ARG A 368 7.88 30.72 63.58
CA ARG A 368 6.57 31.05 63.05
C ARG A 368 6.68 31.49 61.59
N LYS A 369 7.62 32.40 61.23
CA LYS A 369 7.79 32.85 59.84
C LYS A 369 8.28 31.72 58.92
N ARG A 370 9.09 30.78 59.45
CA ARG A 370 9.53 29.63 58.67
C ARG A 370 8.30 28.75 58.34
N MET A 371 7.43 28.56 59.32
CA MET A 371 6.17 27.81 59.20
C MET A 371 5.20 28.51 58.25
N ARG A 372 5.19 29.84 58.24
CA ARG A 372 4.33 30.59 57.34
C ARG A 372 4.72 30.35 55.89
N LEU A 373 6.04 30.19 55.62
CA LEU A 373 6.54 29.89 54.29
C LEU A 373 6.14 28.46 53.82
N VAL A 374 6.28 27.45 54.69
CA VAL A 374 5.87 26.07 54.40
C VAL A 374 4.35 26.04 54.13
N MET A 375 3.58 26.81 54.91
CA MET A 375 2.13 26.92 54.80
C MET A 375 1.69 27.46 53.43
N GLY A 376 2.51 28.33 52.83
CA GLY A 376 2.24 28.89 51.51
C GLY A 376 2.42 27.83 50.45
N ALA A 377 3.49 27.04 50.56
CA ALA A 377 3.80 25.93 49.66
C ALA A 377 2.73 24.83 49.71
N ASN A 378 2.09 24.65 50.87
CA ASN A 378 0.99 23.71 51.02
C ASN A 378 -0.22 24.05 50.12
N THR A 379 -0.18 25.19 49.41
CA THR A 379 -1.23 25.65 48.52
C THR A 379 -0.68 25.88 47.12
N PHE A 380 0.47 26.57 46.99
CA PHE A 380 1.00 26.86 45.65
C PHE A 380 1.50 25.61 44.91
N LEU A 381 1.85 24.54 45.62
CA LEU A 381 2.27 23.30 44.97
C LEU A 381 1.09 22.50 44.43
N PHE A 382 -0.10 22.71 44.98
CA PHE A 382 -1.29 21.98 44.54
C PHE A 382 -2.18 22.73 43.54
N THR A 383 -1.97 24.04 43.37
CA THR A 383 -2.78 24.83 42.44
C THR A 383 -2.33 24.65 40.99
N LEU A 384 -1.03 24.66 40.78
CA LEU A 384 -0.48 24.50 39.45
C LEU A 384 0.58 23.42 39.41
N PRO A 385 0.62 22.62 38.33
CA PRO A 385 1.66 21.58 38.23
C PRO A 385 3.05 22.15 37.98
N ALA A 386 3.14 23.26 37.21
CA ALA A 386 4.40 23.91 36.89
C ALA A 386 5.28 24.26 38.11
N PRO A 387 4.75 24.87 39.20
CA PRO A 387 5.61 25.15 40.37
C PRO A 387 6.04 23.87 41.10
N PHE A 388 5.21 22.80 41.05
CA PHE A 388 5.55 21.53 41.71
C PHE A 388 6.77 20.90 41.02
N THR A 389 6.77 20.86 39.69
CA THR A 389 7.89 20.32 38.92
C THR A 389 9.17 21.12 39.19
N TRP A 390 9.05 22.43 39.40
CA TRP A 390 10.16 23.29 39.72
C TRP A 390 10.66 23.04 41.14
N PHE A 391 9.76 22.74 42.08
CA PHE A 391 10.13 22.43 43.45
C PHE A 391 10.97 21.16 43.47
N ILE A 392 10.55 20.13 42.71
CA ILE A 392 11.25 18.85 42.58
C ILE A 392 12.64 19.06 41.97
N SER A 393 12.75 19.94 40.96
CA SER A 393 14.01 20.28 40.29
C SER A 393 14.95 21.08 41.19
N GLU A 394 14.38 21.91 42.09
CA GLU A 394 15.19 22.67 43.03
C GLU A 394 15.55 21.85 44.30
N ASN A 395 15.15 20.55 44.35
CA ASN A 395 15.33 19.59 45.44
C ASN A 395 14.59 20.03 46.69
N GLY A 396 13.37 20.49 46.50
CA GLY A 396 12.53 21.04 47.56
C GLY A 396 12.21 20.11 48.70
N ILE A 397 12.03 18.82 48.43
CA ILE A 397 11.72 17.87 49.50
C ILE A 397 12.94 17.73 50.43
N ARG A 398 14.16 17.69 49.86
CA ARG A 398 15.38 17.61 50.67
C ARG A 398 15.51 18.83 51.60
N ILE A 399 15.07 19.99 51.15
CA ILE A 399 15.08 21.24 51.91
C ILE A 399 14.18 21.11 53.13
N LEU A 400 12.97 20.58 52.92
CA LEU A 400 12.01 20.36 54.00
C LEU A 400 12.47 19.26 54.98
N SER A 401 13.07 18.17 54.47
CA SER A 401 13.53 17.09 55.33
C SER A 401 14.67 17.53 56.22
N LYS A 402 15.62 18.29 55.66
CA LYS A 402 16.79 18.83 56.36
C LYS A 402 16.31 19.75 57.48
N GLU A 403 15.32 20.63 57.17
CA GLU A 403 14.74 21.56 58.13
C GLU A 403 13.95 20.85 59.22
N LEU A 404 13.25 19.75 58.87
CA LEU A 404 12.46 18.98 59.82
C LEU A 404 13.36 18.29 60.82
N LEU A 405 14.42 17.61 60.35
CA LEU A 405 15.35 16.93 61.27
C LEU A 405 15.98 17.92 62.23
N LEU A 406 16.35 19.10 61.72
CA LEU A 406 16.91 20.18 62.52
C LEU A 406 15.94 20.62 63.62
N ALA A 407 14.70 20.91 63.24
CA ALA A 407 13.65 21.33 64.16
C ALA A 407 13.32 20.27 65.23
N VAL A 408 13.34 18.98 64.86
CA VAL A 408 13.01 17.90 65.80
C VAL A 408 14.07 17.82 66.88
N ASP A 409 15.35 17.84 66.47
CA ASP A 409 16.50 17.76 67.37
C ASP A 409 16.49 18.87 68.40
N VAL A 410 16.11 20.08 67.97
CA VAL A 410 16.04 21.24 68.85
C VAL A 410 15.06 21.03 69.98
N ALA A 411 13.82 20.64 69.67
CA ALA A 411 12.77 20.44 70.67
C ALA A 411 13.06 19.29 71.60
N LEU A 412 13.67 18.22 71.08
CA LEU A 412 13.96 17.00 71.83
C LEU A 412 14.69 17.25 73.12
N GLY A 413 14.06 16.85 74.21
CA GLY A 413 14.60 16.99 75.56
C GLY A 413 14.35 18.31 76.25
N ASN A 414 13.79 19.27 75.52
CA ASN A 414 13.50 20.59 76.07
C ASN A 414 12.01 20.83 76.19
N ILE A 415 11.62 21.81 77.03
CA ILE A 415 10.22 22.17 77.21
C ILE A 415 9.62 22.64 75.88
N LYS A 416 8.49 22.01 75.48
CA LYS A 416 7.78 22.24 74.22
C LYS A 416 7.70 23.71 73.81
N ASP A 417 8.13 24.01 72.59
CA ASP A 417 8.04 25.36 72.06
C ASP A 417 6.88 25.32 71.09
N HIS A 418 5.77 25.99 71.41
CA HIS A 418 4.60 25.98 70.53
C HIS A 418 4.90 26.35 69.08
N ASP A 419 5.68 27.42 68.88
CA ASP A 419 6.07 27.88 67.55
C ASP A 419 6.85 26.80 66.77
N LEU A 420 7.79 26.14 67.44
CA LEU A 420 8.64 25.10 66.88
C LEU A 420 7.82 23.88 66.53
N LEU A 421 6.88 23.50 67.40
CA LEU A 421 6.01 22.35 67.12
C LEU A 421 5.03 22.63 65.98
N MET A 422 4.61 23.88 65.84
CA MET A 422 3.76 24.28 64.72
C MET A 422 4.50 24.25 63.40
N TYR A 423 5.81 24.53 63.43
CA TYR A 423 6.67 24.47 62.26
C TYR A 423 6.84 23.02 61.86
N ILE A 424 7.09 22.12 62.84
CA ILE A 424 7.20 20.68 62.57
C ILE A 424 5.87 20.15 62.00
N ASN A 425 4.74 20.66 62.53
CA ASN A 425 3.40 20.30 62.10
C ASN A 425 3.13 20.73 60.67
N SER A 426 3.65 21.88 60.24
CA SER A 426 3.46 22.37 58.87
C SER A 426 4.30 21.57 57.89
N ILE A 427 5.53 21.18 58.28
CA ILE A 427 6.37 20.32 57.46
C ILE A 427 5.71 18.94 57.33
N MET A 428 5.12 18.44 58.42
CA MET A 428 4.43 17.16 58.41
C MET A 428 3.14 17.21 57.61
N LYS A 429 2.44 18.37 57.59
CA LYS A 429 1.23 18.47 56.80
C LYS A 429 1.59 18.46 55.34
N ILE A 430 2.60 19.24 54.94
CA ILE A 430 3.00 19.37 53.55
C ILE A 430 3.48 18.04 52.96
N ILE A 431 4.15 17.22 53.76
CA ILE A 431 4.66 15.94 53.28
C ILE A 431 3.56 14.90 53.23
N SER A 432 2.77 14.79 54.30
CA SER A 432 1.66 13.83 54.32
C SER A 432 0.66 14.11 53.21
N GLN A 433 0.45 15.40 52.89
CA GLN A 433 -0.48 15.81 51.83
C GLN A 433 0.10 15.60 50.45
N LEU A 434 1.42 15.81 50.29
CA LEU A 434 2.07 15.58 48.99
C LEU A 434 2.02 14.09 48.66
N PHE A 435 2.29 13.24 49.66
CA PHE A 435 2.28 11.79 49.50
C PHE A 435 0.86 11.27 49.28
N LYS A 436 -0.13 11.87 49.96
CA LYS A 436 -1.55 11.52 49.80
C LYS A 436 -2.08 11.95 48.44
N ASN A 437 -1.56 13.06 47.88
CA ASN A 437 -1.99 13.50 46.55
C ASN A 437 -1.29 12.66 45.48
N ALA A 438 -2.12 11.94 44.70
CA ALA A 438 -1.67 11.05 43.64
C ALA A 438 -0.76 11.72 42.61
N GLY A 439 -1.13 12.91 42.16
CA GLY A 439 -0.38 13.63 41.14
C GLY A 439 0.99 14.08 41.57
N THR A 440 1.12 14.50 42.82
CA THR A 440 2.40 14.98 43.34
C THR A 440 3.20 13.91 44.07
N ALA A 441 3.06 12.65 43.65
CA ALA A 441 3.78 11.54 44.26
C ALA A 441 5.30 11.54 43.95
N GLU A 442 5.79 12.50 43.13
CA GLU A 442 7.22 12.67 42.79
C GLU A 442 8.03 13.07 44.04
N ALA A 443 7.38 13.63 45.07
CA ALA A 443 7.97 14.02 46.34
C ALA A 443 8.63 12.83 47.04
N MET A 444 8.11 11.62 46.85
CA MET A 444 8.66 10.41 47.45
C MET A 444 9.95 9.92 46.76
N ARG A 445 10.61 10.76 45.94
CA ARG A 445 11.81 10.33 45.22
C ARG A 445 13.05 10.28 46.12
N GLY A 446 13.36 11.37 46.79
CA GLY A 446 14.54 11.42 47.66
C GLY A 446 14.23 11.17 49.12
N PHE A 447 13.33 10.19 49.37
CA PHE A 447 12.90 9.87 50.72
C PHE A 447 13.95 9.10 51.51
N LEU A 448 14.44 7.97 51.00
CA LEU A 448 15.44 7.18 51.72
C LEU A 448 16.80 7.87 51.84
N GLU A 449 17.14 8.69 50.85
CA GLU A 449 18.39 9.45 50.83
C GLU A 449 18.33 10.55 51.90
N GLY A 450 17.22 11.30 51.90
CA GLY A 450 16.97 12.42 52.80
C GLY A 450 16.94 12.12 54.29
N GLU A 451 16.74 13.17 55.07
CA GLU A 451 16.67 13.11 56.53
C GLU A 451 15.26 12.76 57.03
N PHE A 452 14.33 12.37 56.13
CA PHE A 452 12.97 12.03 56.52
C PHE A 452 12.87 10.79 57.38
N PRO A 453 13.47 9.62 57.02
CA PRO A 453 13.31 8.44 57.89
C PRO A 453 13.92 8.61 59.27
N ARG A 454 15.01 9.40 59.36
CA ARG A 454 15.71 9.69 60.59
C ARG A 454 14.84 10.53 61.53
N ALA A 455 14.26 11.63 61.02
CA ALA A 455 13.40 12.49 61.83
C ALA A 455 12.09 11.79 62.22
N ILE A 456 11.56 10.93 61.33
CA ILE A 456 10.32 10.17 61.53
C ILE A 456 10.46 9.15 62.65
N SER A 457 11.58 8.41 62.67
CA SER A 457 11.83 7.45 63.73
C SER A 457 12.05 8.17 65.07
N LEU A 458 12.71 9.35 65.03
CA LEU A 458 12.98 10.18 66.21
C LEU A 458 11.69 10.64 66.85
N ILE A 459 10.70 11.02 66.02
CA ILE A 459 9.38 11.48 66.47
C ILE A 459 8.64 10.33 67.14
N LEU A 460 8.68 9.16 66.51
CA LEU A 460 8.01 7.94 66.98
C LEU A 460 8.58 7.43 68.31
N PHE A 461 9.88 7.57 68.50
CA PHE A 461 10.51 7.16 69.75
C PHE A 461 10.14 8.08 70.93
N HIS A 462 9.91 9.37 70.64
CA HIS A 462 9.58 10.34 71.69
C HIS A 462 8.28 11.04 71.35
N SER A 463 7.24 10.24 71.05
CA SER A 463 5.89 10.69 70.64
C SER A 463 5.30 11.74 71.59
N GLU A 464 5.50 11.51 72.89
CA GLU A 464 5.10 12.32 74.05
C GLU A 464 5.52 13.79 73.93
N GLU A 465 6.62 14.03 73.22
CA GLU A 465 7.21 15.36 73.02
C GLU A 465 6.64 16.12 71.81
N PHE A 466 5.65 15.56 71.11
CA PHE A 466 5.06 16.20 69.94
C PHE A 466 3.51 16.14 69.97
N THR A 467 2.85 16.92 69.09
CA THR A 467 1.37 16.96 69.02
C THR A 467 0.85 15.65 68.39
N PRO A 468 -0.34 15.13 68.79
CA PRO A 468 -0.88 13.95 68.10
C PRO A 468 -1.23 14.25 66.63
N SER A 469 -1.46 15.53 66.29
CA SER A 469 -1.71 15.94 64.91
C SER A 469 -0.43 15.78 64.05
N ILE A 470 0.77 15.88 64.66
CA ILE A 470 2.04 15.65 63.98
C ILE A 470 2.16 14.14 63.74
N LEU A 471 1.88 13.32 64.77
CA LEU A 471 1.92 11.87 64.65
C LEU A 471 0.86 11.30 63.71
N ALA A 472 -0.21 12.06 63.44
CA ALA A 472 -1.24 11.64 62.50
C ALA A 472 -0.66 11.79 61.08
N TYR A 473 -0.01 12.94 60.79
CA TYR A 473 0.64 13.18 59.51
C TYR A 473 1.76 12.20 59.26
N LEU A 474 2.49 11.80 60.33
CA LEU A 474 3.56 10.82 60.32
C LEU A 474 3.02 9.50 59.72
N PHE A 475 1.85 9.04 60.16
CA PHE A 475 1.27 7.80 59.63
C PHE A 475 0.82 7.98 58.18
N SER A 476 0.19 9.13 57.86
CA SER A 476 -0.26 9.42 56.50
C SER A 476 0.90 9.60 55.51
N ALA A 477 2.13 9.76 55.99
CA ALA A 477 3.27 9.91 55.11
C ALA A 477 3.93 8.56 55.02
N VAL A 478 4.19 7.88 56.16
CA VAL A 478 4.84 6.59 56.17
C VAL A 478 4.01 5.54 55.45
N GLY A 479 2.74 5.49 55.79
CA GLY A 479 1.80 4.58 55.16
C GLY A 479 1.66 4.77 53.66
N ASP A 480 1.44 6.03 53.22
CA ASP A 480 1.32 6.32 51.79
C ASP A 480 2.61 5.99 51.03
N TYR A 481 3.77 6.17 51.67
CA TYR A 481 5.04 5.85 51.05
C TYR A 481 5.19 4.34 50.93
N ILE A 482 4.81 3.58 51.97
CA ILE A 482 4.89 2.12 51.94
C ILE A 482 3.98 1.59 50.84
N HIS A 483 2.71 2.03 50.83
CA HIS A 483 1.73 1.60 49.82
C HIS A 483 2.14 1.93 48.39
N ASN A 484 2.87 3.03 48.18
CA ASN A 484 3.33 3.38 46.84
C ASN A 484 4.38 2.36 46.38
N GLU A 485 5.52 2.27 47.05
CA GLU A 485 6.53 1.27 46.71
C GLU A 485 6.86 0.41 47.90
N PRO A 486 6.13 -0.72 48.05
CA PRO A 486 6.39 -1.62 49.19
C PRO A 486 7.74 -2.33 49.15
N SER A 487 8.48 -2.19 48.05
CA SER A 487 9.82 -2.75 47.94
C SER A 487 10.79 -2.07 48.91
N ASN A 488 10.50 -0.83 49.34
CA ASN A 488 11.33 -0.09 50.28
C ASN A 488 10.98 -0.29 51.76
N LEU A 489 9.99 -1.17 52.06
CA LEU A 489 9.61 -1.46 53.44
C LEU A 489 10.79 -1.97 54.28
N PRO A 490 11.70 -2.85 53.78
CA PRO A 490 12.84 -3.27 54.60
C PRO A 490 13.71 -2.10 55.04
N PHE A 491 13.86 -1.08 54.19
CA PHE A 491 14.65 0.12 54.50
C PHE A 491 14.01 0.93 55.62
N ILE A 492 12.67 1.00 55.64
CA ILE A 492 11.92 1.70 56.67
C ILE A 492 12.04 0.96 58.00
N ILE A 493 12.00 -0.37 57.99
CA ILE A 493 12.16 -1.15 59.21
C ILE A 493 13.59 -0.99 59.71
N GLU A 494 14.57 -1.06 58.79
CA GLU A 494 16.01 -0.87 59.03
C GLU A 494 16.32 0.49 59.64
N ALA A 495 15.54 1.53 59.25
CA ALA A 495 15.68 2.88 59.81
C ALA A 495 15.05 3.02 61.22
N GLY A 496 14.61 1.92 61.80
CA GLY A 496 13.98 1.87 63.12
C GLY A 496 12.60 2.46 63.17
N ILE A 497 11.97 2.72 62.02
CA ILE A 497 10.65 3.33 61.98
C ILE A 497 9.57 2.41 62.55
N PHE A 498 9.71 1.07 62.36
CA PHE A 498 8.75 0.15 62.95
C PHE A 498 9.01 0.02 64.45
N ASP A 499 10.26 0.04 64.88
CA ASP A 499 10.61 -0.06 66.30
C ASP A 499 10.20 1.18 67.09
N GLY A 500 10.22 2.33 66.43
CA GLY A 500 9.78 3.60 67.01
C GLY A 500 8.28 3.61 67.13
N PHE A 501 7.59 3.04 66.13
CA PHE A 501 6.14 2.91 66.12
C PHE A 501 5.69 2.04 67.29
N VAL A 502 6.39 0.92 67.58
CA VAL A 502 6.02 0.05 68.70
C VAL A 502 6.18 0.80 70.02
N MET A 503 7.30 1.57 70.14
CA MET A 503 7.59 2.40 71.28
C MET A 503 6.46 3.42 71.50
N CYS A 504 5.95 3.98 70.40
CA CYS A 504 4.87 4.94 70.35
C CYS A 504 3.57 4.32 70.84
N MET A 505 3.31 3.07 70.45
CA MET A 505 2.13 2.35 70.87
C MET A 505 2.12 1.98 72.36
N LYS A 506 3.27 2.10 73.06
CA LYS A 506 3.33 1.87 74.50
C LYS A 506 2.57 3.01 75.21
N LYS A 507 2.70 4.25 74.69
CA LYS A 507 2.00 5.40 75.23
C LYS A 507 0.48 5.31 74.94
N GLU A 508 -0.32 5.97 75.78
CA GLU A 508 -1.78 5.98 75.69
C GLU A 508 -2.35 6.61 74.39
N LEU A 509 -3.66 6.41 74.15
CA LEU A 509 -4.34 6.96 72.97
C LEU A 509 -4.73 8.41 73.18
N PRO A 510 -4.42 9.31 72.23
CA PRO A 510 -4.82 10.71 72.39
C PRO A 510 -6.25 11.00 71.93
N GLU A 511 -6.81 12.11 72.40
CA GLU A 511 -8.17 12.50 72.00
C GLU A 511 -8.09 13.28 70.69
N SER A 512 -7.43 12.69 69.70
CA SER A 512 -7.31 13.31 68.38
C SER A 512 -7.86 12.34 67.35
N PRO A 513 -8.96 12.73 66.69
CA PRO A 513 -9.55 11.85 65.68
C PRO A 513 -8.61 11.60 64.50
N ASP A 514 -7.74 12.58 64.15
CA ASP A 514 -6.80 12.40 63.05
C ASP A 514 -5.84 11.27 63.36
N PHE A 515 -5.37 11.19 64.63
CA PHE A 515 -4.48 10.14 65.07
C PHE A 515 -5.23 8.81 65.03
N LEU A 516 -6.41 8.74 65.67
CA LEU A 516 -7.24 7.54 65.75
C LEU A 516 -7.63 6.98 64.38
N LEU A 517 -7.97 7.84 63.42
CA LEU A 517 -8.36 7.40 62.09
C LEU A 517 -7.18 7.00 61.23
N GLU A 518 -6.02 7.63 61.42
CA GLU A 518 -4.83 7.30 60.65
C GLU A 518 -4.07 6.09 61.17
N LEU A 519 -4.31 5.69 62.43
CA LEU A 519 -3.64 4.54 63.03
C LEU A 519 -3.89 3.21 62.29
N PRO A 520 -5.15 2.81 61.99
CA PRO A 520 -5.36 1.54 61.29
C PRO A 520 -4.70 1.49 59.91
N ASN A 521 -4.68 2.62 59.18
CA ASN A 521 -4.06 2.68 57.85
C ASN A 521 -2.57 2.34 57.89
N LEU A 522 -1.85 2.82 58.92
CA LEU A 522 -0.43 2.49 59.05
C LEU A 522 -0.24 1.04 59.44
N ILE A 523 -1.15 0.47 60.25
CA ILE A 523 -1.10 -0.93 60.66
C ILE A 523 -1.29 -1.80 59.42
N GLU A 524 -2.28 -1.48 58.56
CA GLU A 524 -2.49 -2.26 57.33
C GLU A 524 -1.30 -2.16 56.35
N ALA A 525 -0.61 -1.01 56.35
CA ALA A 525 0.58 -0.83 55.52
C ALA A 525 1.80 -1.56 56.12
N PHE A 526 1.84 -1.74 57.45
CA PHE A 526 2.91 -2.49 58.10
C PHE A 526 2.70 -3.99 57.92
N PHE A 527 1.44 -4.43 57.84
CA PHE A 527 1.07 -5.82 57.64
C PHE A 527 1.54 -6.38 56.28
N LEU A 528 2.14 -5.55 55.40
CA LEU A 528 2.65 -6.05 54.11
C LEU A 528 3.85 -6.98 54.35
N ASN A 529 4.70 -6.67 55.35
CA ASN A 529 5.81 -7.56 55.68
C ASN A 529 5.29 -8.62 56.64
N SER A 530 5.51 -9.90 56.31
CA SER A 530 5.06 -11.02 57.15
C SER A 530 5.76 -11.06 58.51
N GLU A 531 7.00 -10.58 58.58
CA GLU A 531 7.76 -10.51 59.83
C GLU A 531 7.15 -9.48 60.76
N LEU A 532 6.62 -8.37 60.22
CA LEU A 532 5.98 -7.33 61.01
C LEU A 532 4.64 -7.76 61.59
N ILE A 533 3.93 -8.72 60.94
CA ILE A 533 2.66 -9.21 61.50
C ILE A 533 2.92 -9.95 62.81
N LYS A 534 4.02 -10.74 62.87
CA LYS A 534 4.40 -11.47 64.08
C LYS A 534 4.67 -10.49 65.22
N LYS A 535 5.31 -9.35 64.92
CA LYS A 535 5.60 -8.32 65.91
C LYS A 535 4.33 -7.59 66.35
N ILE A 536 3.42 -7.26 65.42
CA ILE A 536 2.17 -6.58 65.76
C ILE A 536 1.29 -7.45 66.66
N ASP A 537 1.27 -8.74 66.37
CA ASP A 537 0.51 -9.70 67.15
C ASP A 537 1.18 -9.90 68.51
N GLU A 538 2.50 -10.06 68.51
CA GLU A 538 3.31 -10.31 69.71
C GLU A 538 3.25 -9.12 70.68
N GLU A 539 3.39 -7.90 70.15
CA GLU A 539 3.37 -6.69 70.97
C GLU A 539 1.98 -6.21 71.35
N ASN A 540 0.92 -6.88 70.87
CA ASN A 540 -0.47 -6.54 71.15
C ASN A 540 -0.83 -5.11 70.73
N ILE A 541 -0.24 -4.62 69.63
CA ILE A 541 -0.50 -3.27 69.11
C ILE A 541 -1.97 -3.10 68.68
N LEU A 542 -2.63 -4.21 68.26
CA LEU A 542 -4.06 -4.17 67.92
C LEU A 542 -4.97 -3.79 69.10
N ASP A 543 -4.43 -3.83 70.34
CA ASP A 543 -5.19 -3.45 71.53
C ASP A 543 -5.60 -2.00 71.51
N ARG A 544 -4.79 -1.13 70.89
CA ARG A 544 -5.11 0.29 70.78
C ARG A 544 -6.39 0.49 69.93
N ILE A 545 -6.62 -0.37 68.94
CA ILE A 545 -7.80 -0.33 68.07
C ILE A 545 -9.07 -0.79 68.82
N PHE A 546 -8.93 -1.72 69.77
CA PHE A 546 -10.07 -2.24 70.51
C PHE A 546 -10.40 -1.46 71.79
N GLU A 547 -9.38 -1.07 72.56
CA GLU A 547 -9.57 -0.35 73.83
C GLU A 547 -10.28 0.99 73.65
N SER A 548 -10.17 1.61 72.47
CA SER A 548 -10.83 2.88 72.16
C SER A 548 -12.35 2.80 72.36
N PHE A 549 -12.93 1.60 72.16
CA PHE A 549 -14.37 1.39 72.33
C PHE A 549 -14.82 1.45 73.79
N GLU A 550 -13.90 1.31 74.76
CA GLU A 550 -14.27 1.36 76.16
C GLU A 550 -13.68 2.55 76.92
N ILE A 551 -13.24 3.60 76.20
CA ILE A 551 -12.73 4.80 76.85
C ILE A 551 -13.78 5.90 76.75
N VAL A 552 -14.33 6.29 77.91
CA VAL A 552 -15.41 7.27 78.02
C VAL A 552 -15.11 8.59 77.34
N ASN A 553 -13.88 9.08 77.46
CA ASN A 553 -13.49 10.36 76.89
C ASN A 553 -13.46 10.35 75.37
N LEU A 554 -13.07 9.22 74.79
CA LEU A 554 -13.02 9.08 73.35
C LEU A 554 -14.39 8.95 72.69
N SER A 555 -15.36 8.37 73.40
CA SER A 555 -16.71 8.09 72.89
C SER A 555 -17.38 9.20 72.06
N ASN A 556 -17.20 10.49 72.41
CA ASN A 556 -17.82 11.58 71.64
C ASN A 556 -17.15 11.75 70.29
N ILE A 557 -15.83 11.53 70.24
CA ILE A 557 -14.97 11.64 69.07
C ILE A 557 -15.21 10.47 68.13
N ILE A 558 -15.33 9.25 68.68
CA ILE A 558 -15.63 8.05 67.90
C ILE A 558 -17.00 8.19 67.24
N LEU A 559 -17.95 8.87 67.92
CA LEU A 559 -19.30 9.08 67.41
C LEU A 559 -19.29 10.20 66.38
N MET A 560 -18.74 11.37 66.73
CA MET A 560 -18.66 12.58 65.91
C MET A 560 -18.01 12.27 64.56
N TYR A 561 -16.96 11.48 64.56
CA TYR A 561 -16.32 11.01 63.35
C TYR A 561 -16.80 9.56 63.12
N ASP A 562 -16.54 8.99 61.93
CA ASP A 562 -16.99 7.62 61.68
C ASP A 562 -15.92 6.62 62.03
N ILE A 563 -15.27 6.82 63.20
CA ILE A 563 -14.18 6.01 63.72
C ILE A 563 -14.60 4.58 63.97
N GLY A 564 -15.81 4.40 64.52
CA GLY A 564 -16.36 3.08 64.80
C GLY A 564 -16.53 2.27 63.54
N ARG A 565 -17.16 2.87 62.53
CA ARG A 565 -17.36 2.26 61.21
C ARG A 565 -16.02 1.95 60.53
N ALA A 566 -15.07 2.90 60.59
CA ALA A 566 -13.72 2.79 60.01
C ALA A 566 -12.90 1.66 60.59
N TYR A 567 -13.05 1.41 61.90
CA TYR A 567 -12.33 0.32 62.54
C TYR A 567 -12.87 -1.05 62.13
N GLY A 568 -14.20 -1.12 61.91
CA GLY A 568 -14.86 -2.33 61.47
C GLY A 568 -14.42 -2.70 60.07
N ILE A 569 -14.39 -1.71 59.16
CA ILE A 569 -13.93 -1.89 57.77
C ILE A 569 -12.48 -2.39 57.77
N PHE A 570 -11.65 -1.80 58.65
CA PHE A 570 -10.26 -2.16 58.86
C PHE A 570 -10.14 -3.62 59.30
N LEU A 571 -10.88 -4.04 60.34
CA LEU A 571 -10.84 -5.43 60.81
C LEU A 571 -11.26 -6.40 59.71
N GLU A 572 -12.26 -6.02 58.91
CA GLU A 572 -12.74 -6.84 57.80
C GLU A 572 -11.63 -7.00 56.76
N ASN A 573 -10.99 -5.90 56.36
CA ASN A 573 -9.94 -5.94 55.35
C ASN A 573 -8.70 -6.64 55.85
N LEU A 574 -8.34 -6.44 57.12
CA LEU A 574 -7.16 -7.05 57.72
C LEU A 574 -7.31 -8.56 57.81
N VAL A 575 -8.53 -9.04 58.11
CA VAL A 575 -8.79 -10.47 58.24
C VAL A 575 -8.93 -11.16 56.88
N ARG A 576 -9.54 -10.48 55.90
CA ARG A 576 -9.72 -11.03 54.55
C ARG A 576 -8.38 -11.12 53.80
N HIS A 577 -7.52 -10.08 53.93
CA HIS A 577 -6.23 -10.10 53.26
C HIS A 577 -5.20 -10.95 54.00
N TYR A 578 -5.22 -10.91 55.34
CA TYR A 578 -4.28 -11.73 56.13
C TYR A 578 -5.02 -12.47 57.23
N PRO A 579 -5.51 -13.69 56.94
CA PRO A 579 -6.28 -14.43 57.96
C PRO A 579 -5.49 -15.04 59.10
N ILE A 580 -4.22 -14.64 59.28
CA ILE A 580 -3.40 -15.16 60.38
C ILE A 580 -3.81 -14.48 61.70
N ILE A 581 -4.15 -13.18 61.63
CA ILE A 581 -4.61 -12.42 62.80
C ILE A 581 -6.03 -12.74 63.22
N SER A 582 -6.78 -13.53 62.43
CA SER A 582 -8.15 -13.91 62.71
C SER A 582 -8.38 -14.41 64.12
N LEU A 583 -7.41 -15.14 64.68
CA LEU A 583 -7.53 -15.68 66.04
C LEU A 583 -7.52 -14.56 67.08
N THR A 584 -6.51 -13.68 67.03
CA THR A 584 -6.40 -12.59 67.99
C THR A 584 -7.40 -11.47 67.74
N VAL A 585 -7.92 -11.34 66.50
CA VAL A 585 -8.94 -10.35 66.19
C VAL A 585 -10.25 -10.87 66.75
N LYS A 586 -10.60 -12.14 66.49
CA LYS A 586 -11.80 -12.76 67.04
C LYS A 586 -11.75 -12.75 68.58
N GLU A 587 -10.59 -13.01 69.14
CA GLU A 587 -10.42 -13.01 70.59
C GLU A 587 -10.66 -11.62 71.17
N LYS A 588 -10.10 -10.58 70.53
CA LYS A 588 -10.26 -9.22 71.02
C LYS A 588 -11.63 -8.63 70.73
N ILE A 589 -12.34 -9.13 69.70
CA ILE A 589 -13.67 -8.63 69.38
C ILE A 589 -14.64 -9.04 70.48
N TYR A 590 -14.75 -10.35 70.73
CA TYR A 590 -15.67 -10.89 71.73
C TYR A 590 -15.24 -10.63 73.17
N ASN A 591 -13.98 -10.23 73.38
CA ASN A 591 -13.50 -9.86 74.70
C ASN A 591 -14.03 -8.44 74.97
N THR A 592 -13.89 -7.53 73.98
CA THR A 592 -14.37 -6.14 74.03
C THR A 592 -15.88 -6.08 74.20
N MET A 593 -16.60 -6.98 73.53
CA MET A 593 -18.04 -7.07 73.65
C MET A 593 -18.43 -7.40 75.10
N LYS A 594 -17.66 -8.25 75.78
CA LYS A 594 -17.94 -8.60 77.17
C LYS A 594 -17.54 -7.48 78.12
N ASN A 595 -16.45 -6.76 77.81
CA ASN A 595 -15.95 -5.65 78.63
C ASN A 595 -16.96 -4.51 78.66
N LEU A 596 -17.56 -4.19 77.50
CA LEU A 596 -18.57 -3.12 77.41
C LEU A 596 -19.89 -3.54 78.05
N GLU A 597 -20.24 -4.83 77.95
CA GLU A 597 -21.43 -5.41 78.57
C GLU A 597 -21.35 -5.25 80.10
N SER A 598 -20.14 -5.40 80.67
CA SER A 598 -19.86 -5.26 82.09
C SER A 598 -20.04 -3.82 82.58
N MET A 599 -19.87 -2.82 81.70
CA MET A 599 -20.04 -1.43 82.06
C MET A 599 -21.50 -1.02 82.18
N ILE A 600 -22.43 -1.73 81.50
CA ILE A 600 -23.86 -1.39 81.50
C ILE A 600 -24.44 -1.15 82.92
N PRO A 601 -24.26 -2.06 83.91
CA PRO A 601 -24.84 -1.79 85.25
C PRO A 601 -24.31 -0.52 85.93
N ASN A 602 -23.00 -0.27 85.85
CA ASN A 602 -22.38 0.89 86.49
C ASN A 602 -22.17 2.10 85.57
N THR A 603 -22.99 2.27 84.53
CA THR A 603 -22.86 3.42 83.62
C THR A 603 -24.21 4.07 83.35
N ASP A 604 -24.21 5.42 83.22
CA ASP A 604 -25.40 6.22 82.90
C ASP A 604 -25.95 5.76 81.55
N PRO A 605 -27.24 5.42 81.49
CA PRO A 605 -27.81 4.90 80.23
C PRO A 605 -27.59 5.73 78.97
N GLU A 606 -27.57 7.06 79.09
CA GLU A 606 -27.33 7.91 77.93
C GLU A 606 -25.93 7.69 77.38
N LEU A 607 -24.94 7.59 78.28
CA LEU A 607 -23.54 7.35 77.92
C LEU A 607 -23.31 5.90 77.50
N MET A 608 -23.95 4.97 78.20
CA MET A 608 -23.84 3.55 77.92
C MET A 608 -24.36 3.22 76.53
N ARG A 609 -25.48 3.84 76.14
CA ARG A 609 -26.03 3.62 74.80
C ARG A 609 -25.14 4.22 73.70
N LEU A 610 -24.36 5.27 74.03
CA LEU A 610 -23.43 5.93 73.13
C LEU A 610 -22.23 5.00 72.89
N LEU A 611 -21.70 4.41 73.96
CA LEU A 611 -20.59 3.46 73.91
C LEU A 611 -20.99 2.25 73.06
N LEU A 612 -22.23 1.77 73.27
CA LEU A 612 -22.75 0.61 72.55
C LEU A 612 -22.99 0.91 71.11
N GLY A 613 -23.51 2.10 70.81
CA GLY A 613 -23.77 2.53 69.44
C GLY A 613 -22.50 2.56 68.62
N ASN A 614 -21.38 2.99 69.24
CA ASN A 614 -20.07 3.05 68.60
C ASN A 614 -19.52 1.63 68.39
N LEU A 615 -19.70 0.75 69.38
CA LEU A 615 -19.25 -0.64 69.33
C LEU A 615 -20.00 -1.39 68.23
N PHE A 616 -21.32 -1.22 68.18
CA PHE A 616 -22.13 -1.89 67.19
C PHE A 616 -21.98 -1.31 65.82
N ARG A 617 -21.58 -0.05 65.69
CA ARG A 617 -21.30 0.52 64.37
C ARG A 617 -20.01 -0.17 63.82
N MET A 618 -19.09 -0.59 64.69
CA MET A 618 -17.90 -1.34 64.30
C MET A 618 -18.30 -2.76 63.99
N MET A 619 -19.10 -3.38 64.88
CA MET A 619 -19.57 -4.76 64.75
C MET A 619 -20.30 -4.99 63.45
N HIS A 620 -21.09 -4.00 63.02
CA HIS A 620 -21.87 -4.08 61.79
C HIS A 620 -20.96 -4.30 60.57
N ARG A 621 -19.84 -3.58 60.53
CA ARG A 621 -18.89 -3.68 59.42
C ARG A 621 -17.83 -4.79 59.59
N ALA A 622 -17.60 -5.26 60.83
CA ALA A 622 -16.59 -6.28 61.10
C ALA A 622 -17.12 -7.70 61.00
N VAL A 623 -18.29 -7.99 61.61
CA VAL A 623 -18.86 -9.34 61.57
C VAL A 623 -20.08 -9.43 60.62
N TYR A 624 -20.38 -10.66 60.16
CA TYR A 624 -21.47 -11.00 59.25
C TYR A 624 -21.35 -10.28 57.92
N ARG A 625 -20.17 -10.40 57.32
CA ARG A 625 -19.83 -9.88 56.00
C ARG A 625 -19.82 -11.09 55.07
N LYS A 626 -20.37 -10.94 53.86
CA LYS A 626 -20.38 -12.04 52.91
C LYS A 626 -18.99 -12.38 52.34
N THR A 627 -17.97 -11.55 52.64
CA THR A 627 -16.58 -11.61 52.18
C THR A 627 -15.79 -12.89 52.60
N THR A 628 -14.64 -13.10 51.94
CA THR A 628 -13.69 -14.19 52.15
C THR A 628 -13.04 -14.08 53.55
N ASN A 629 -12.75 -15.24 54.17
CA ASN A 629 -12.11 -15.38 55.49
C ASN A 629 -12.90 -14.79 56.65
N ASN A 630 -14.07 -14.16 56.38
CA ASN A 630 -14.90 -13.54 57.42
C ASN A 630 -15.50 -14.54 58.39
N GLN A 631 -15.75 -15.77 57.93
CA GLN A 631 -16.30 -16.84 58.78
C GLN A 631 -15.47 -17.08 60.06
N LEU A 632 -14.18 -16.68 60.06
CA LEU A 632 -13.28 -16.87 61.21
C LEU A 632 -13.58 -15.97 62.39
N ILE A 633 -13.83 -14.67 62.15
CA ILE A 633 -14.13 -13.75 63.24
C ILE A 633 -15.62 -13.63 63.56
N THR A 634 -16.48 -14.45 62.94
CA THR A 634 -17.91 -14.40 63.22
C THR A 634 -18.38 -15.69 63.91
N ASP A 635 -18.60 -15.61 65.23
CA ASP A 635 -19.06 -16.73 66.03
C ASP A 635 -20.52 -16.45 66.35
N LYS A 636 -21.45 -17.31 65.85
CA LYS A 636 -22.86 -17.09 66.12
C LYS A 636 -23.21 -17.26 67.59
N GLY A 637 -22.56 -18.21 68.25
CA GLY A 637 -22.77 -18.48 69.67
C GLY A 637 -22.33 -17.31 70.53
N LEU A 638 -21.07 -16.88 70.37
CA LEU A 638 -20.49 -15.76 71.08
C LEU A 638 -21.32 -14.49 70.86
N LEU A 639 -21.71 -14.21 69.60
CA LEU A 639 -22.53 -13.05 69.27
C LEU A 639 -23.88 -13.12 69.92
N ASN A 640 -24.49 -14.31 69.96
CA ASN A 640 -25.80 -14.50 70.56
C ASN A 640 -25.77 -14.23 72.07
N ASN A 641 -24.88 -14.91 72.82
CA ASN A 641 -24.78 -14.74 74.26
C ASN A 641 -24.57 -13.28 74.70
N ARG A 642 -23.80 -12.50 73.91
CA ARG A 642 -23.56 -11.10 74.23
C ARG A 642 -24.73 -10.20 73.82
N ILE A 643 -25.26 -10.34 72.58
CA ILE A 643 -26.38 -9.51 72.11
C ILE A 643 -27.62 -9.74 72.97
N ILE A 644 -27.92 -10.99 73.35
CA ILE A 644 -29.07 -11.27 74.21
C ILE A 644 -28.87 -10.70 75.61
N SER A 645 -27.66 -10.85 76.16
CA SER A 645 -27.37 -10.33 77.49
C SER A 645 -27.47 -8.80 77.55
N MET A 646 -26.90 -8.11 76.56
CA MET A 646 -26.92 -6.65 76.49
C MET A 646 -28.33 -6.08 76.48
N LEU A 647 -29.22 -6.72 75.70
CA LEU A 647 -30.61 -6.29 75.55
C LEU A 647 -31.40 -6.34 76.86
N MET A 648 -31.02 -7.25 77.77
CA MET A 648 -31.66 -7.41 79.08
C MET A 648 -31.08 -6.54 80.19
N LEU A 649 -30.15 -5.66 79.86
CA LEU A 649 -29.53 -4.78 80.85
C LEU A 649 -29.85 -3.33 80.52
N ILE A 650 -29.79 -2.97 79.24
CA ILE A 650 -30.12 -1.62 78.80
C ILE A 650 -31.35 -1.67 77.90
N GLU A 651 -32.18 -0.62 77.96
CA GLU A 651 -33.35 -0.54 77.11
C GLU A 651 -32.93 0.25 75.88
N ILE A 652 -33.00 -0.37 74.71
CA ILE A 652 -32.59 0.29 73.48
C ILE A 652 -33.81 0.63 72.67
N PRO A 653 -34.04 1.93 72.40
CA PRO A 653 -35.23 2.32 71.63
C PRO A 653 -35.13 1.95 70.15
N THR A 654 -36.26 1.55 69.55
CA THR A 654 -36.35 1.13 68.13
C THR A 654 -35.92 2.24 67.18
N GLU A 655 -36.26 3.49 67.53
CA GLU A 655 -35.94 4.71 66.82
C GLU A 655 -34.44 4.86 66.51
N THR A 656 -33.58 4.47 67.48
CA THR A 656 -32.12 4.56 67.37
C THR A 656 -31.50 3.65 66.30
N GLU A 657 -30.31 4.04 65.82
CA GLU A 657 -29.54 3.23 64.87
C GLU A 657 -28.83 2.06 65.58
N LEU A 658 -28.64 2.15 66.92
CA LEU A 658 -28.04 1.09 67.75
C LEU A 658 -28.94 -0.14 67.65
N TYR A 659 -30.27 0.04 67.82
CA TYR A 659 -31.26 -1.03 67.70
C TYR A 659 -31.20 -1.64 66.30
N THR A 660 -31.05 -0.80 65.29
CA THR A 660 -30.94 -1.19 63.89
C THR A 660 -29.74 -2.12 63.69
N ASP A 661 -28.55 -1.73 64.19
CA ASP A 661 -27.36 -2.55 64.04
C ASP A 661 -27.38 -3.83 64.88
N VAL A 662 -27.88 -3.75 66.13
CA VAL A 662 -27.96 -4.88 67.05
C VAL A 662 -28.89 -5.94 66.50
N MET A 663 -30.07 -5.51 66.02
CA MET A 663 -31.07 -6.44 65.51
C MET A 663 -30.72 -7.04 64.17
N ASN A 664 -29.87 -6.39 63.37
CA ASN A 664 -29.44 -6.96 62.08
C ASN A 664 -28.47 -8.12 62.32
N ILE A 665 -27.58 -7.98 63.33
CA ILE A 665 -26.64 -9.03 63.72
C ILE A 665 -27.38 -10.16 64.45
N LEU A 666 -28.38 -9.82 65.28
CA LEU A 666 -29.19 -10.84 65.96
C LEU A 666 -30.05 -11.61 64.96
N MET A 667 -30.53 -10.94 63.90
CA MET A 667 -31.30 -11.59 62.85
C MET A 667 -30.43 -12.55 62.04
N GLU A 668 -29.16 -12.20 61.84
CA GLU A 668 -28.19 -13.01 61.12
C GLU A 668 -27.81 -14.24 61.93
N VAL A 669 -27.73 -14.12 63.28
CA VAL A 669 -27.44 -15.26 64.17
C VAL A 669 -28.65 -16.20 64.14
N PHE A 670 -29.86 -15.62 64.24
CA PHE A 670 -31.13 -16.34 64.21
C PHE A 670 -31.31 -17.08 62.88
N ASP A 671 -30.88 -16.46 61.77
CA ASP A 671 -30.95 -17.09 60.47
C ASP A 671 -29.98 -18.28 60.39
N GLU A 672 -28.80 -18.15 61.00
CA GLU A 672 -27.79 -19.22 61.04
C GLU A 672 -28.27 -20.44 61.81
N ASP A 673 -28.92 -20.23 62.97
CA ASP A 673 -29.47 -21.33 63.78
C ASP A 673 -30.66 -20.83 64.60
N GLN A 674 -31.86 -20.87 64.00
CA GLN A 674 -33.11 -20.42 64.62
C GLN A 674 -33.37 -21.09 65.96
N THR A 675 -33.07 -22.39 66.04
CA THR A 675 -33.28 -23.29 67.18
C THR A 675 -32.37 -22.98 68.38
N TYR A 676 -31.11 -22.65 68.12
CA TYR A 676 -30.16 -22.34 69.18
C TYR A 676 -30.55 -21.04 69.87
N VAL A 677 -30.97 -20.04 69.08
CA VAL A 677 -31.37 -18.73 69.61
C VAL A 677 -32.58 -18.83 70.52
N ILE A 678 -33.59 -19.62 70.13
CA ILE A 678 -34.80 -19.74 70.94
C ILE A 678 -34.59 -20.58 72.21
N SER A 679 -33.92 -21.74 72.11
CA SER A 679 -33.66 -22.58 73.28
C SER A 679 -32.84 -21.84 74.34
N TYR A 680 -31.94 -20.93 73.89
CA TYR A 680 -31.10 -20.13 74.78
C TYR A 680 -31.97 -19.10 75.53
N ILE A 681 -32.74 -18.25 74.81
CA ILE A 681 -33.58 -17.26 75.48
C ILE A 681 -34.72 -17.92 76.30
N ALA A 682 -35.04 -19.20 76.05
CA ALA A 682 -36.02 -19.92 76.85
C ALA A 682 -35.38 -20.30 78.19
N LYS A 683 -34.10 -20.69 78.17
CA LYS A 683 -33.39 -21.02 79.42
C LYS A 683 -33.11 -19.76 80.23
N VAL A 684 -32.82 -18.63 79.56
CA VAL A 684 -32.56 -17.37 80.24
C VAL A 684 -33.82 -16.83 80.92
N ILE A 685 -34.97 -16.83 80.19
CA ILE A 685 -36.22 -16.28 80.72
C ILE A 685 -36.74 -17.02 81.96
N ASP A 686 -36.69 -18.39 81.99
CA ASP A 686 -37.16 -19.10 83.19
C ASP A 686 -36.12 -19.04 84.34
N ARG A 687 -34.86 -18.70 84.03
CA ARG A 687 -33.82 -18.52 85.04
C ARG A 687 -34.11 -17.21 85.81
N VAL A 688 -34.58 -16.14 85.11
CA VAL A 688 -34.94 -14.87 85.73
C VAL A 688 -36.21 -14.98 86.61
N MET A 689 -37.11 -15.93 86.26
CA MET A 689 -38.33 -16.17 87.03
C MET A 689 -38.06 -16.86 88.35
N LYS A 690 -37.04 -17.73 88.40
CA LYS A 690 -36.63 -18.38 89.64
C LYS A 690 -35.94 -17.37 90.59
N ASN A 691 -35.35 -16.30 90.04
CA ASN A 691 -34.68 -15.22 90.77
C ASN A 691 -35.70 -14.30 91.51
N LYS A 692 -35.19 -13.25 92.19
CA LYS A 692 -35.98 -12.28 92.94
C LYS A 692 -37.02 -11.61 92.04
N VAL A 693 -38.28 -11.61 92.48
CA VAL A 693 -39.39 -11.01 91.73
C VAL A 693 -39.38 -9.49 91.92
N THR A 694 -38.43 -8.81 91.26
CA THR A 694 -38.27 -7.35 91.37
C THR A 694 -38.64 -6.64 90.06
N LEU A 695 -38.94 -5.33 90.15
CA LEU A 695 -39.33 -4.50 89.01
C LEU A 695 -38.29 -4.46 87.89
N GLU A 696 -37.01 -4.52 88.25
CA GLU A 696 -35.93 -4.54 87.25
C GLU A 696 -35.88 -5.91 86.55
N ASN A 697 -36.14 -7.00 87.29
CA ASN A 697 -36.19 -8.36 86.74
C ASN A 697 -37.42 -8.55 85.83
N ILE A 698 -38.48 -7.74 86.04
CA ILE A 698 -39.69 -7.72 85.22
C ILE A 698 -39.32 -7.20 83.84
N GLU A 699 -38.58 -6.09 83.78
CA GLU A 699 -38.15 -5.50 82.51
C GLU A 699 -37.19 -6.40 81.73
N LYS A 700 -36.50 -7.33 82.40
CA LYS A 700 -35.60 -8.29 81.76
C LYS A 700 -36.44 -9.34 81.01
N ILE A 701 -37.54 -9.78 81.62
CA ILE A 701 -38.47 -10.74 81.03
C ILE A 701 -39.31 -10.08 79.93
N LYS A 702 -39.67 -8.80 80.10
CA LYS A 702 -40.44 -8.07 79.11
C LYS A 702 -39.58 -7.85 77.87
N ARG A 703 -38.32 -7.42 78.06
CA ARG A 703 -37.41 -7.18 76.95
C ARG A 703 -37.00 -8.46 76.23
N ILE A 704 -36.95 -9.59 76.94
CA ILE A 704 -36.62 -10.86 76.29
C ILE A 704 -37.81 -11.39 75.46
N LEU A 705 -39.04 -11.03 75.84
CA LEU A 705 -40.21 -11.40 75.05
C LEU A 705 -40.33 -10.47 73.85
N LEU A 706 -40.07 -9.18 74.04
CA LEU A 706 -40.10 -8.22 72.94
C LEU A 706 -39.06 -8.51 71.85
N ILE A 707 -37.98 -9.24 72.21
CA ILE A 707 -36.96 -9.58 71.21
C ILE A 707 -37.35 -10.87 70.49
N VAL A 708 -37.92 -11.86 71.20
CA VAL A 708 -38.37 -13.08 70.51
C VAL A 708 -39.55 -12.76 69.56
N ASN A 709 -40.36 -11.74 69.90
CA ASN A 709 -41.46 -11.29 69.06
C ASN A 709 -40.94 -10.66 67.78
N TYR A 710 -39.87 -9.86 67.87
CA TYR A 710 -39.29 -9.24 66.68
C TYR A 710 -38.67 -10.31 65.79
N LEU A 711 -38.01 -11.31 66.37
CA LEU A 711 -37.38 -12.39 65.61
C LEU A 711 -38.38 -13.24 64.84
N ILE A 712 -39.54 -13.51 65.46
CA ILE A 712 -40.62 -14.33 64.88
C ILE A 712 -41.41 -13.58 63.80
N PHE A 713 -41.69 -12.29 64.02
CA PHE A 713 -42.39 -11.49 63.04
C PHE A 713 -41.50 -11.26 61.81
N LYS A 714 -40.22 -10.90 62.02
CA LYS A 714 -39.30 -10.64 60.91
C LYS A 714 -38.74 -11.88 60.21
N ASN A 715 -39.09 -13.08 60.69
CA ASN A 715 -38.61 -14.31 60.08
C ASN A 715 -39.42 -14.71 58.83
N GLU A 716 -38.72 -14.93 57.72
CA GLU A 716 -39.38 -15.34 56.48
C GLU A 716 -39.48 -16.88 56.36
N GLU A 717 -38.36 -17.58 56.14
CA GLU A 717 -38.38 -19.04 56.04
C GLU A 717 -38.14 -19.66 57.42
N THR A 718 -38.90 -20.72 57.76
CA THR A 718 -38.77 -21.34 59.08
C THR A 718 -38.35 -22.79 58.96
N CYS A 719 -37.42 -23.22 59.81
CA CYS A 719 -36.96 -24.60 59.79
C CYS A 719 -37.83 -25.49 60.68
N GLU A 720 -37.82 -26.79 60.38
CA GLU A 720 -38.59 -27.82 61.06
C GLU A 720 -38.20 -27.99 62.52
N GLU A 721 -36.89 -27.99 62.82
CA GLU A 721 -36.41 -28.16 64.18
C GLU A 721 -36.88 -27.04 65.12
N PHE A 722 -37.08 -25.83 64.57
CA PHE A 722 -37.57 -24.68 65.33
C PHE A 722 -39.05 -24.92 65.68
N ILE A 723 -39.83 -25.40 64.72
CA ILE A 723 -41.23 -25.70 64.90
C ILE A 723 -41.41 -26.84 65.89
N LYS A 724 -40.57 -27.88 65.81
CA LYS A 724 -40.64 -28.99 66.75
C LYS A 724 -40.20 -28.61 68.17
N HIS A 725 -39.39 -27.55 68.31
CA HIS A 725 -39.01 -27.02 69.62
C HIS A 725 -40.20 -26.27 70.23
N CYS A 726 -40.96 -25.53 69.40
CA CYS A 726 -42.13 -24.78 69.84
C CYS A 726 -43.26 -25.69 70.28
N THR A 727 -43.42 -26.83 69.60
CA THR A 727 -44.46 -27.82 69.96
C THR A 727 -43.99 -28.79 71.07
N SER A 728 -42.71 -28.74 71.47
CA SER A 728 -42.14 -29.61 72.48
C SER A 728 -42.67 -29.30 73.88
N LYS A 729 -42.74 -30.34 74.74
CA LYS A 729 -43.16 -30.23 76.12
C LYS A 729 -42.17 -29.42 76.98
N GLY A 730 -40.89 -29.41 76.60
CA GLY A 730 -39.87 -28.67 77.31
C GLY A 730 -40.05 -27.18 77.16
N PHE A 731 -40.36 -26.74 75.94
CA PHE A 731 -40.55 -25.32 75.67
C PHE A 731 -41.90 -24.86 76.18
N LEU A 732 -42.96 -25.62 75.90
CA LEU A 732 -44.31 -25.27 76.36
C LEU A 732 -44.41 -25.20 77.87
N GLN A 733 -43.64 -26.03 78.60
CA GLN A 733 -43.62 -26.00 80.07
C GLN A 733 -43.04 -24.68 80.58
N ILE A 734 -42.03 -24.12 79.88
CA ILE A 734 -41.44 -22.84 80.22
C ILE A 734 -42.45 -21.72 79.97
N VAL A 735 -43.20 -21.80 78.84
CA VAL A 735 -44.27 -20.86 78.45
C VAL A 735 -45.37 -20.82 79.52
N LYS A 736 -45.70 -21.98 80.07
CA LYS A 736 -46.70 -22.10 81.14
C LYS A 736 -46.22 -21.34 82.38
N ARG A 737 -44.94 -21.50 82.75
CA ARG A 737 -44.36 -20.78 83.88
C ARG A 737 -44.34 -19.26 83.70
N ILE A 738 -44.37 -18.79 82.43
CA ILE A 738 -44.42 -17.36 82.11
C ILE A 738 -45.80 -16.84 82.45
N SER A 739 -46.85 -17.57 82.05
CA SER A 739 -48.23 -17.18 82.39
C SER A 739 -48.46 -17.19 83.91
N GLN A 740 -47.73 -18.03 84.65
CA GLN A 740 -47.86 -18.10 86.09
C GLN A 740 -47.16 -16.92 86.73
N TYR A 741 -45.97 -16.56 86.24
CA TYR A 741 -45.19 -15.42 86.74
C TYR A 741 -45.92 -14.12 86.46
N PHE A 742 -46.48 -13.98 85.25
CA PHE A 742 -47.20 -12.79 84.82
C PHE A 742 -48.51 -12.59 85.57
N ASP A 743 -49.27 -13.66 85.81
CA ASP A 743 -50.54 -13.56 86.55
C ASP A 743 -50.32 -13.42 88.08
N ASN A 744 -49.12 -13.76 88.58
CA ASN A 744 -48.78 -13.56 89.99
C ASN A 744 -48.66 -12.07 90.27
N LEU A 745 -48.08 -11.31 89.33
CA LEU A 745 -47.90 -9.85 89.39
C LEU A 745 -49.23 -9.08 89.57
N LYS A 746 -50.37 -9.73 89.27
CA LYS A 746 -51.69 -9.17 89.42
C LYS A 746 -52.24 -9.29 90.87
N LYS A 747 -51.48 -9.91 91.80
CA LYS A 747 -51.91 -10.04 93.19
C LYS A 747 -51.49 -8.80 94.00
N ASP A 748 -50.24 -8.36 93.85
CA ASP A 748 -49.76 -7.18 94.54
C ASP A 748 -49.90 -5.97 93.62
N THR A 749 -50.99 -5.20 93.78
CA THR A 749 -51.26 -4.01 92.95
C THR A 749 -50.29 -2.84 93.27
N ALA A 750 -49.68 -2.85 94.48
CA ALA A 750 -48.72 -1.83 94.89
C ALA A 750 -47.43 -1.96 94.08
N LEU A 751 -47.01 -3.21 93.81
CA LEU A 751 -45.83 -3.55 93.04
C LEU A 751 -46.06 -3.32 91.54
N VAL A 752 -47.08 -4.00 90.95
CA VAL A 752 -47.43 -3.88 89.53
C VAL A 752 -48.83 -3.27 89.39
N SER A 753 -48.90 -2.04 88.84
CA SER A 753 -50.17 -1.34 88.63
C SER A 753 -51.07 -2.06 87.63
N VAL A 754 -52.38 -1.79 87.65
CA VAL A 754 -53.30 -2.43 86.71
C VAL A 754 -52.97 -2.09 85.26
N ALA A 755 -52.48 -0.87 85.02
CA ALA A 755 -52.10 -0.43 83.67
C ALA A 755 -50.87 -1.16 83.20
N LYS A 756 -49.89 -1.39 84.10
CA LYS A 756 -48.67 -2.14 83.76
C LYS A 756 -49.00 -3.61 83.53
N ASN A 757 -49.92 -4.18 84.36
CA ASN A 757 -50.38 -5.55 84.25
C ASN A 757 -51.21 -5.80 82.99
N GLU A 758 -51.89 -4.77 82.49
CA GLU A 758 -52.66 -4.86 81.26
C GLU A 758 -51.69 -4.93 80.06
N SER A 759 -50.62 -4.13 80.11
CA SER A 759 -49.56 -4.11 79.10
C SER A 759 -48.81 -5.44 79.11
N LEU A 760 -48.56 -6.00 80.29
CA LEU A 760 -47.87 -7.28 80.45
C LEU A 760 -48.72 -8.41 79.90
N THR A 761 -50.05 -8.36 80.15
CA THR A 761 -50.96 -9.38 79.63
C THR A 761 -51.01 -9.31 78.11
N ASN A 762 -51.03 -8.09 77.56
CA ASN A 762 -51.04 -7.87 76.12
C ASN A 762 -49.75 -8.32 75.44
N LEU A 763 -48.61 -8.31 76.17
CA LEU A 763 -47.33 -8.78 75.65
C LEU A 763 -47.37 -10.32 75.58
N TYR A 764 -47.89 -10.96 76.63
CA TYR A 764 -47.98 -12.41 76.70
C TYR A 764 -48.79 -12.97 75.56
N TYR A 765 -49.98 -12.39 75.29
CA TYR A 765 -50.82 -12.91 74.21
C TYR A 765 -50.25 -12.62 72.83
N SER A 766 -49.47 -11.54 72.69
CA SER A 766 -48.80 -11.21 71.42
C SER A 766 -47.67 -12.21 71.14
N PHE A 767 -46.99 -12.66 72.22
CA PHE A 767 -45.90 -13.62 72.16
C PHE A 767 -46.41 -15.01 71.75
N THR A 768 -47.47 -15.48 72.41
CA THR A 768 -48.04 -16.78 72.11
C THR A 768 -48.67 -16.79 70.73
N MET A 769 -49.33 -15.69 70.34
CA MET A 769 -49.93 -15.58 69.00
C MET A 769 -48.85 -15.65 67.92
N GLY A 770 -47.67 -15.11 68.21
CA GLY A 770 -46.53 -15.14 67.30
C GLY A 770 -46.04 -16.57 67.07
N ILE A 771 -45.93 -17.36 68.14
CA ILE A 771 -45.50 -18.75 68.00
C ILE A 771 -46.60 -19.59 67.32
N LEU A 772 -47.88 -19.26 67.57
CA LEU A 772 -48.99 -19.94 66.92
C LEU A 772 -48.96 -19.67 65.42
N LYS A 773 -48.62 -18.43 65.02
CA LYS A 773 -48.55 -18.00 63.63
C LYS A 773 -47.47 -18.71 62.86
N THR A 774 -46.27 -18.86 63.46
CA THR A 774 -45.17 -19.52 62.76
C THR A 774 -45.41 -21.02 62.60
N VAL A 775 -46.12 -21.64 63.56
CA VAL A 775 -46.45 -23.07 63.45
C VAL A 775 -47.49 -23.27 62.33
N TYR A 776 -48.47 -22.36 62.24
CA TYR A 776 -49.50 -22.44 61.21
C TYR A 776 -48.94 -22.16 59.81
N ARG A 777 -48.07 -21.16 59.70
CA ARG A 777 -47.47 -20.79 58.42
C ARG A 777 -46.57 -21.91 57.86
N TYR A 778 -45.77 -22.56 58.72
CA TYR A 778 -44.84 -23.61 58.34
C TYR A 778 -45.47 -24.74 57.51
N SER A 779 -44.86 -25.08 56.34
CA SER A 779 -45.33 -26.17 55.47
C SER A 779 -45.06 -27.52 56.13
N LYS A 780 -45.82 -28.58 55.76
CA LYS A 780 -45.66 -29.90 56.37
C LYS A 780 -46.09 -29.91 57.86
N THR A 781 -46.98 -28.98 58.25
CA THR A 781 -47.46 -28.89 59.63
C THR A 781 -48.74 -29.73 59.76
N ASN A 782 -48.73 -30.68 60.72
CA ASN A 782 -49.89 -31.55 60.93
C ASN A 782 -51.06 -30.78 61.48
N ALA A 783 -52.28 -31.24 61.16
CA ALA A 783 -53.48 -30.60 61.65
C ALA A 783 -53.57 -30.74 63.17
N LYS A 784 -53.30 -31.95 63.70
CA LYS A 784 -53.33 -32.17 65.15
C LYS A 784 -52.16 -31.53 65.89
N GLU A 785 -51.03 -31.33 65.20
CA GLU A 785 -49.89 -30.68 65.81
C GLU A 785 -50.20 -29.20 66.08
N TYR A 786 -50.93 -28.54 65.16
CA TYR A 786 -51.33 -27.16 65.37
C TYR A 786 -52.45 -27.10 66.42
N LEU A 787 -53.41 -28.03 66.33
CA LEU A 787 -54.53 -28.08 67.28
C LEU A 787 -54.11 -28.42 68.71
N LYS A 788 -52.90 -28.96 68.91
CA LYS A 788 -52.43 -29.26 70.25
C LYS A 788 -52.06 -27.96 70.95
N ILE A 789 -51.36 -27.06 70.25
CA ILE A 789 -50.98 -25.77 70.81
C ILE A 789 -52.22 -24.89 70.93
N PHE A 790 -53.06 -24.86 69.86
CA PHE A 790 -54.31 -24.09 69.84
C PHE A 790 -55.21 -24.54 70.99
N GLY A 791 -55.31 -25.84 71.20
CA GLY A 791 -56.08 -26.43 72.28
C GLY A 791 -55.63 -25.95 73.64
N LEU A 792 -54.36 -26.25 73.99
CA LEU A 792 -53.75 -25.87 75.26
C LEU A 792 -53.85 -24.36 75.56
N LEU A 793 -53.53 -23.53 74.56
CA LEU A 793 -53.52 -22.08 74.70
C LEU A 793 -54.91 -21.46 74.86
N VAL A 794 -55.88 -21.92 74.06
CA VAL A 794 -57.24 -21.40 74.14
C VAL A 794 -57.91 -21.89 75.42
N GLU A 795 -57.68 -23.15 75.80
CA GLU A 795 -58.27 -23.72 77.02
C GLU A 795 -57.74 -23.02 78.27
N ASP A 796 -56.47 -22.61 78.27
CA ASP A 796 -55.89 -21.90 79.39
C ASP A 796 -56.46 -20.48 79.44
N LEU A 797 -56.56 -19.82 78.28
CA LEU A 797 -57.11 -18.47 78.16
C LEU A 797 -58.55 -18.43 78.67
N LEU A 798 -59.34 -19.46 78.34
CA LEU A 798 -60.74 -19.53 78.74
C LEU A 798 -60.96 -19.80 80.22
N SER A 799 -59.99 -20.46 80.88
CA SER A 799 -60.06 -20.71 82.31
C SER A 799 -59.79 -19.42 83.10
N LYS A 800 -58.87 -18.59 82.61
CA LYS A 800 -58.48 -17.32 83.20
C LYS A 800 -59.70 -16.36 83.29
N THR A 801 -60.55 -16.31 82.25
CA THR A 801 -61.74 -15.44 82.27
C THR A 801 -62.90 -16.00 83.13
N GLU A 802 -62.58 -16.92 84.07
CA GLU A 802 -63.52 -17.52 85.01
C GLU A 802 -62.97 -17.42 86.46
N GLN A 803 -62.10 -16.43 86.74
CA GLN A 803 -61.49 -16.27 88.06
C GLN A 803 -62.05 -15.05 88.84
N ILE A 804 -61.47 -14.76 90.03
CA ILE A 804 -61.82 -13.64 90.91
C ILE A 804 -61.45 -12.30 90.26
N ASP A 805 -60.31 -12.27 89.54
CA ASP A 805 -59.78 -11.09 88.85
C ASP A 805 -60.37 -10.86 87.44
N HIS A 806 -61.50 -10.14 87.35
CA HIS A 806 -62.15 -9.80 86.06
C HIS A 806 -61.60 -8.51 85.44
N LEU A 807 -60.60 -7.87 86.05
CA LEU A 807 -60.02 -6.59 85.67
C LEU A 807 -59.27 -6.62 84.33
N TYR A 808 -58.69 -7.78 84.02
CA TYR A 808 -57.93 -7.93 82.77
C TYR A 808 -58.69 -8.75 81.73
N TYR A 809 -60.04 -8.82 81.84
CA TYR A 809 -60.93 -9.56 80.94
C TYR A 809 -60.88 -9.04 79.50
N THR A 810 -60.84 -7.72 79.32
CA THR A 810 -60.76 -7.13 77.98
C THR A 810 -59.43 -7.44 77.30
N GLN A 811 -58.37 -7.62 78.09
CA GLN A 811 -57.03 -7.93 77.60
C GLN A 811 -56.94 -9.39 77.16
N ARG A 812 -57.61 -10.30 77.87
CA ARG A 812 -57.61 -11.72 77.51
C ARG A 812 -58.50 -11.94 76.31
N MET A 813 -59.66 -11.26 76.26
CA MET A 813 -60.60 -11.35 75.14
C MET A 813 -59.96 -10.84 73.86
N HIS A 814 -59.19 -9.75 73.96
CA HIS A 814 -58.47 -9.23 72.80
C HIS A 814 -57.43 -10.25 72.31
N GLY A 815 -56.80 -10.96 73.24
CA GLY A 815 -55.84 -12.00 72.95
C GLY A 815 -56.48 -13.17 72.23
N LEU A 816 -57.61 -13.66 72.77
CA LEU A 816 -58.38 -14.75 72.17
C LEU A 816 -58.87 -14.41 70.76
N LYS A 817 -59.16 -13.13 70.49
CA LYS A 817 -59.57 -12.70 69.17
C LYS A 817 -58.45 -12.96 68.16
N ASN A 818 -57.21 -12.63 68.52
CA ASN A 818 -56.05 -12.85 67.67
C ASN A 818 -55.64 -14.32 67.56
N TYR A 819 -55.98 -15.12 68.56
CA TYR A 819 -55.71 -16.56 68.59
C TYR A 819 -56.53 -17.25 67.47
N ILE A 820 -57.85 -16.98 67.46
CA ILE A 820 -58.83 -17.51 66.52
C ILE A 820 -58.51 -17.05 65.08
N MET A 821 -58.05 -15.80 64.96
CA MET A 821 -57.71 -15.15 63.70
C MET A 821 -56.54 -15.82 62.94
N VAL A 822 -55.72 -16.62 63.64
CA VAL A 822 -54.58 -17.28 63.00
C VAL A 822 -55.01 -18.25 61.92
N ASP A 823 -55.94 -19.17 62.26
CA ASP A 823 -56.47 -20.15 61.31
C ASP A 823 -57.25 -19.46 60.19
N LYS A 824 -56.58 -19.20 59.08
CA LYS A 824 -57.13 -18.46 57.97
C LYS A 824 -56.61 -19.01 56.65
N SER A 825 -57.43 -18.93 55.61
CA SER A 825 -57.06 -19.31 54.24
C SER A 825 -55.90 -18.38 53.79
N PRO A 826 -54.97 -18.85 52.92
CA PRO A 826 -53.83 -17.99 52.51
C PRO A 826 -54.17 -16.62 51.90
N GLN A 827 -55.46 -16.35 51.61
CA GLN A 827 -56.00 -15.10 51.07
C GLN A 827 -55.43 -14.79 49.69
N GLN A 828 -55.82 -15.62 48.73
CA GLN A 828 -55.42 -15.47 47.35
C GLN A 828 -56.63 -14.97 46.54
N TYR A 829 -57.83 -15.51 46.81
CA TYR A 829 -59.07 -15.03 46.22
C TYR A 829 -59.50 -13.76 47.00
N PRO A 830 -60.01 -12.70 46.32
CA PRO A 830 -60.41 -11.48 47.06
C PRO A 830 -61.52 -11.70 48.09
N GLN A 831 -61.15 -11.55 49.39
CA GLN A 831 -62.00 -11.75 50.59
C GLN A 831 -62.45 -13.22 50.72
N LYS A 832 -61.51 -14.06 51.15
CA LYS A 832 -61.66 -15.50 51.34
C LYS A 832 -61.21 -15.79 52.76
N ASN A 833 -62.15 -15.83 53.74
CA ASN A 833 -61.75 -16.05 55.12
C ASN A 833 -62.59 -17.11 55.86
N GLU A 834 -62.16 -18.37 55.81
CA GLU A 834 -62.82 -19.43 56.55
C GLU A 834 -61.81 -20.30 57.31
N PHE A 835 -62.28 -21.03 58.32
CA PHE A 835 -61.43 -21.88 59.14
C PHE A 835 -61.02 -23.13 58.41
N VAL A 836 -59.72 -23.27 58.20
CA VAL A 836 -59.12 -24.40 57.51
C VAL A 836 -59.16 -25.66 58.38
N VAL A 837 -58.74 -25.57 59.66
CA VAL A 837 -58.72 -26.75 60.52
C VAL A 837 -59.48 -26.58 61.86
N THR A 838 -59.37 -25.42 62.51
CA THR A 838 -59.97 -25.19 63.83
C THR A 838 -61.50 -25.07 63.88
N GLN A 839 -62.22 -25.33 62.77
CA GLN A 839 -63.68 -25.21 62.80
C GLN A 839 -64.34 -26.25 63.68
N GLU A 840 -63.95 -27.51 63.55
CA GLU A 840 -64.54 -28.58 64.34
C GLU A 840 -64.12 -28.51 65.81
N TYR A 841 -62.88 -28.06 66.09
CA TYR A 841 -62.38 -27.94 67.47
C TYR A 841 -63.21 -26.91 68.24
N LEU A 842 -63.32 -25.67 67.72
CA LEU A 842 -64.05 -24.57 68.36
C LEU A 842 -65.55 -24.82 68.44
N MET A 843 -66.10 -25.57 67.48
CA MET A 843 -67.51 -25.93 67.53
C MET A 843 -67.75 -26.91 68.67
N GLY A 844 -66.87 -27.89 68.81
CA GLY A 844 -66.93 -28.89 69.87
C GLY A 844 -66.81 -28.30 71.27
N ILE A 845 -65.86 -27.37 71.47
CA ILE A 845 -65.68 -26.75 72.78
C ILE A 845 -66.77 -25.70 73.13
N ASN A 846 -67.78 -25.53 72.25
CA ASN A 846 -68.92 -24.64 72.40
C ASN A 846 -68.55 -23.19 72.69
N LEU A 847 -67.71 -22.61 71.82
CA LEU A 847 -67.26 -21.23 71.97
C LEU A 847 -68.42 -20.24 71.87
N SER A 848 -69.37 -20.51 70.98
CA SER A 848 -70.56 -19.66 70.83
C SER A 848 -71.45 -19.73 72.07
N GLU A 849 -71.55 -20.92 72.68
CA GLU A 849 -72.33 -21.18 73.88
C GLU A 849 -71.71 -20.51 75.10
N THR A 850 -70.37 -20.57 75.22
CA THR A 850 -69.68 -19.91 76.34
C THR A 850 -69.72 -18.40 76.15
N LEU A 851 -69.62 -17.90 74.90
CA LEU A 851 -69.71 -16.46 74.62
C LEU A 851 -71.11 -15.93 74.99
N MET A 852 -72.15 -16.77 74.82
CA MET A 852 -73.52 -16.46 75.18
C MET A 852 -73.66 -16.38 76.70
N GLU A 853 -72.98 -17.27 77.43
CA GLU A 853 -72.99 -17.27 78.89
C GLU A 853 -72.21 -16.07 79.44
N HIS A 854 -71.14 -15.66 78.74
CA HIS A 854 -70.33 -14.50 79.09
C HIS A 854 -71.16 -13.22 79.00
N ALA A 855 -72.08 -13.14 78.03
CA ALA A 855 -72.97 -11.98 77.84
C ALA A 855 -74.07 -11.91 78.90
N LYS A 856 -74.58 -13.07 79.34
CA LYS A 856 -75.61 -13.12 80.37
C LYS A 856 -75.06 -12.80 81.75
N ASN A 857 -73.84 -13.29 82.04
CA ASN A 857 -73.20 -13.06 83.33
C ASN A 857 -72.86 -11.59 83.53
N SER A 858 -72.25 -10.93 82.52
CA SER A 858 -71.85 -9.54 82.64
C SER A 858 -73.04 -8.60 82.74
N VAL A 859 -74.11 -8.89 82.00
CA VAL A 859 -75.30 -8.05 82.05
C VAL A 859 -76.04 -8.24 83.41
N SER A 860 -75.88 -9.41 84.06
CA SER A 860 -76.45 -9.67 85.38
C SER A 860 -75.72 -8.83 86.45
N MET A 861 -74.41 -8.60 86.29
CA MET A 861 -73.67 -7.75 87.21
C MET A 861 -74.12 -6.27 87.12
N LEU A 862 -74.66 -5.86 85.95
CA LEU A 862 -75.19 -4.52 85.77
C LEU A 862 -76.55 -4.37 86.48
N LYS A 863 -77.34 -5.46 86.58
CA LYS A 863 -78.62 -5.48 87.31
C LYS A 863 -78.33 -5.34 88.80
N ASP A 864 -77.30 -6.07 89.30
CA ASP A 864 -76.88 -6.02 90.70
C ASP A 864 -76.05 -4.76 91.04
N GLU A 865 -75.84 -3.85 90.06
CA GLU A 865 -75.08 -2.61 90.17
C GLU A 865 -73.64 -2.85 90.65
N LYS A 866 -73.09 -4.04 90.39
CA LYS A 866 -71.72 -4.39 90.79
C LYS A 866 -70.67 -4.09 89.70
N ILE A 867 -71.07 -3.35 88.64
CA ILE A 867 -70.18 -2.96 87.56
C ILE A 867 -70.60 -1.61 86.99
N THR A 868 -69.62 -0.78 86.62
CA THR A 868 -69.85 0.56 86.04
C THR A 868 -70.57 0.42 84.69
N MET A 869 -71.42 1.40 84.32
CA MET A 869 -72.09 1.36 83.03
C MET A 869 -71.08 1.44 81.89
N ASP A 870 -70.04 2.28 82.04
CA ASP A 870 -68.97 2.44 81.07
C ASP A 870 -68.17 1.15 80.95
N ALA A 871 -67.90 0.50 82.08
CA ALA A 871 -67.16 -0.76 82.15
C ALA A 871 -67.92 -1.88 81.47
N HIS A 872 -69.26 -1.90 81.61
CA HIS A 872 -70.10 -2.92 81.02
C HIS A 872 -70.11 -2.84 79.50
N LYS A 873 -70.11 -1.62 78.95
CA LYS A 873 -70.07 -1.40 77.50
C LYS A 873 -68.73 -1.86 76.89
N LYS A 874 -67.64 -1.85 77.68
CA LYS A 874 -66.33 -2.34 77.23
C LYS A 874 -66.35 -3.88 77.15
N VAL A 875 -67.11 -4.54 78.03
CA VAL A 875 -67.30 -5.99 78.05
C VAL A 875 -68.10 -6.39 76.81
N VAL A 876 -69.13 -5.61 76.46
CA VAL A 876 -69.96 -5.83 75.28
C VAL A 876 -69.07 -5.81 74.02
N SER A 877 -68.20 -4.80 73.91
CA SER A 877 -67.26 -4.68 72.80
C SER A 877 -66.36 -5.90 72.70
N SER A 878 -65.86 -6.40 73.84
CA SER A 878 -64.99 -7.58 73.89
C SER A 878 -65.71 -8.85 73.43
N ILE A 879 -66.94 -9.07 73.89
CA ILE A 879 -67.71 -10.24 73.50
C ILE A 879 -68.05 -10.19 72.02
N LEU A 880 -68.46 -9.01 71.52
CA LEU A 880 -68.80 -8.83 70.11
C LEU A 880 -67.59 -8.93 69.19
N GLU A 881 -66.40 -8.55 69.69
CA GLU A 881 -65.17 -8.61 68.89
C GLU A 881 -64.76 -10.05 68.66
N VAL A 882 -64.83 -10.88 69.72
CA VAL A 882 -64.47 -12.29 69.63
C VAL A 882 -65.48 -13.04 68.76
N LEU A 883 -66.77 -12.76 68.98
CA LEU A 883 -67.85 -13.38 68.23
C LEU A 883 -67.72 -13.12 66.74
N SER A 884 -67.50 -11.86 66.34
CA SER A 884 -67.34 -11.49 64.93
C SER A 884 -66.25 -12.31 64.23
N ILE A 885 -65.12 -12.52 64.90
CA ILE A 885 -64.01 -13.28 64.34
C ILE A 885 -64.32 -14.76 64.28
N TYR A 886 -65.02 -15.30 65.28
CA TYR A 886 -65.41 -16.69 65.30
C TYR A 886 -66.42 -17.00 64.18
N VAL A 887 -67.45 -16.17 64.02
CA VAL A 887 -68.47 -16.41 63.00
C VAL A 887 -67.98 -16.12 61.57
N ARG A 888 -66.85 -15.43 61.41
CA ARG A 888 -66.29 -15.16 60.09
C ARG A 888 -65.71 -16.44 59.47
N GLY A 889 -65.13 -17.29 60.31
CA GLY A 889 -64.50 -18.53 59.88
C GLY A 889 -65.41 -19.72 59.70
N ILE A 890 -66.67 -19.63 60.14
CA ILE A 890 -67.60 -20.75 60.00
C ILE A 890 -68.11 -20.87 58.57
N LYS A 891 -67.89 -22.04 57.92
CA LYS A 891 -68.29 -22.26 56.54
C LYS A 891 -69.79 -22.27 56.34
N ASN A 892 -70.25 -21.49 55.35
CA ASN A 892 -71.64 -21.26 54.94
C ASN A 892 -72.59 -21.12 56.15
N LEU A 893 -72.17 -20.29 57.12
CA LEU A 893 -72.96 -19.94 58.29
C LEU A 893 -74.04 -19.00 57.78
N PHE A 894 -75.32 -19.32 58.04
CA PHE A 894 -76.49 -18.59 57.54
C PHE A 894 -76.65 -18.84 56.02
N VAL A 895 -76.31 -20.09 55.58
CA VAL A 895 -76.40 -20.57 54.20
C VAL A 895 -76.95 -22.00 54.27
N PRO A 896 -78.09 -22.26 53.63
CA PRO A 896 -78.74 -23.58 53.77
C PRO A 896 -78.16 -24.77 52.98
N VAL A 897 -77.67 -25.83 53.69
CA VAL A 897 -77.15 -27.10 53.14
C VAL A 897 -77.53 -28.25 54.10
N LYS A 898 -78.41 -29.17 53.65
CA LYS A 898 -78.95 -30.29 54.44
C LYS A 898 -77.94 -31.14 55.24
N GLU A 899 -76.78 -31.48 54.66
CA GLU A 899 -75.84 -32.36 55.36
C GLU A 899 -75.27 -31.76 56.68
N PRO A 900 -74.47 -30.67 56.70
CA PRO A 900 -73.89 -30.21 57.97
C PRO A 900 -74.66 -29.15 58.75
N LYS A 901 -76.00 -29.05 58.55
CA LYS A 901 -76.78 -28.05 59.28
C LYS A 901 -77.13 -28.45 60.71
N LYS A 902 -76.30 -29.27 61.34
CA LYS A 902 -76.53 -29.73 62.70
C LYS A 902 -76.05 -28.69 63.75
N LYS A 903 -74.73 -28.53 63.89
CA LYS A 903 -74.07 -27.66 64.84
C LYS A 903 -73.89 -26.24 64.31
N VAL A 904 -73.81 -26.07 62.99
CA VAL A 904 -73.68 -24.74 62.39
C VAL A 904 -74.94 -23.91 62.68
N CYS A 905 -76.12 -24.55 62.60
CA CYS A 905 -77.42 -23.95 62.86
C CYS A 905 -77.54 -23.48 64.31
N GLU A 906 -76.93 -24.20 65.24
CA GLU A 906 -76.93 -23.85 66.66
C GLU A 906 -76.20 -22.51 66.88
N ILE A 907 -75.10 -22.30 66.14
CA ILE A 907 -74.31 -21.07 66.19
C ILE A 907 -75.10 -19.87 65.64
N GLU A 908 -75.93 -20.10 64.61
CA GLU A 908 -76.78 -19.05 64.04
C GLU A 908 -77.72 -18.49 65.09
N GLU A 909 -78.30 -19.38 65.90
CA GLU A 909 -79.21 -19.01 66.96
C GLU A 909 -78.47 -18.35 68.12
N HIS A 910 -77.24 -18.80 68.41
CA HIS A 910 -76.38 -18.21 69.44
C HIS A 910 -76.11 -16.76 69.13
N VAL A 911 -75.83 -16.45 67.85
CA VAL A 911 -75.56 -15.09 67.38
C VAL A 911 -76.75 -14.18 67.67
N LEU A 912 -77.95 -14.64 67.32
CA LEU A 912 -79.17 -13.88 67.54
C LEU A 912 -79.43 -13.65 69.02
N ILE A 913 -79.23 -14.67 69.85
CA ILE A 913 -79.42 -14.55 71.30
C ILE A 913 -78.43 -13.55 71.91
N ILE A 914 -77.15 -13.68 71.58
CA ILE A 914 -76.09 -12.78 72.07
C ILE A 914 -76.40 -11.33 71.73
N VAL A 915 -76.67 -11.04 70.45
CA VAL A 915 -76.99 -9.70 69.97
C VAL A 915 -78.24 -9.16 70.66
N GLU A 916 -79.30 -9.99 70.77
CA GLU A 916 -80.56 -9.61 71.43
C GLU A 916 -80.32 -9.13 72.85
N LEU A 917 -79.45 -9.82 73.60
CA LEU A 917 -79.15 -9.46 74.97
C LEU A 917 -78.42 -8.13 75.10
N LEU A 918 -77.40 -7.91 74.27
CA LEU A 918 -76.57 -6.72 74.37
C LEU A 918 -76.91 -5.63 73.35
N MET A 919 -78.14 -5.61 72.84
CA MET A 919 -78.55 -4.62 71.84
C MET A 919 -78.54 -3.18 72.37
N ASP A 920 -79.06 -2.98 73.57
CA ASP A 920 -79.12 -1.66 74.18
C ASP A 920 -77.73 -1.14 74.56
N TYR A 921 -76.85 -2.05 74.97
CA TYR A 921 -75.55 -1.68 75.47
C TYR A 921 -74.46 -1.55 74.42
N ILE A 922 -74.82 -1.30 73.13
CA ILE A 922 -73.78 -1.07 72.13
C ILE A 922 -73.38 0.42 72.14
N ASP A 923 -72.22 0.72 71.57
CA ASP A 923 -71.68 2.07 71.57
C ASP A 923 -70.97 2.35 70.23
N LYS A 924 -70.26 3.48 70.11
CA LYS A 924 -69.42 3.86 68.97
C LYS A 924 -68.34 2.75 68.74
N SER A 925 -67.92 2.06 69.82
CA SER A 925 -66.94 0.99 69.83
C SER A 925 -67.55 -0.37 69.45
N SER A 926 -68.72 -0.70 70.01
CA SER A 926 -69.37 -1.98 69.75
C SER A 926 -70.03 -2.08 68.38
N ILE A 927 -70.47 -0.93 67.82
CA ILE A 927 -71.16 -0.90 66.53
C ILE A 927 -70.31 -1.41 65.38
N GLU A 928 -68.99 -1.29 65.47
CA GLU A 928 -68.10 -1.76 64.42
C GLU A 928 -68.18 -3.30 64.36
N HIS A 929 -68.20 -3.96 65.53
CA HIS A 929 -68.26 -5.41 65.61
C HIS A 929 -69.63 -5.94 65.22
N LEU A 930 -70.70 -5.21 65.57
CA LEU A 930 -72.06 -5.60 65.20
C LEU A 930 -72.20 -5.61 63.67
N LEU A 931 -71.63 -4.60 63.00
CA LEU A 931 -71.66 -4.51 61.53
C LEU A 931 -70.96 -5.72 60.91
N ASN A 932 -69.80 -6.14 61.45
CA ASN A 932 -69.05 -7.28 60.93
C ASN A 932 -69.75 -8.61 61.14
N ILE A 933 -70.57 -8.72 62.19
CA ILE A 933 -71.35 -9.93 62.44
C ILE A 933 -72.49 -9.99 61.41
N VAL A 934 -73.13 -8.84 61.14
CA VAL A 934 -74.20 -8.76 60.15
C VAL A 934 -73.61 -8.95 58.74
N LYS A 935 -72.41 -8.41 58.48
CA LYS A 935 -71.72 -8.56 57.20
C LYS A 935 -71.41 -10.04 56.93
N THR A 936 -71.04 -10.81 57.96
CA THR A 936 -70.77 -12.23 57.79
C THR A 936 -72.09 -13.01 57.67
N ALA A 937 -73.15 -12.60 58.40
CA ALA A 937 -74.46 -13.26 58.31
C ALA A 937 -75.08 -13.12 56.91
N PHE A 938 -74.80 -12.00 56.23
CA PHE A 938 -75.31 -11.75 54.88
C PHE A 938 -74.24 -11.92 53.81
N PHE A 939 -73.14 -12.64 54.09
CA PHE A 939 -71.99 -12.81 53.19
C PHE A 939 -72.33 -13.22 51.76
N VAL A 940 -73.09 -14.31 51.56
CA VAL A 940 -73.40 -14.77 50.21
C VAL A 940 -74.14 -13.70 49.37
N THR A 941 -75.03 -12.93 49.99
CA THR A 941 -75.75 -11.87 49.29
C THR A 941 -74.85 -10.64 49.08
N LEU A 942 -74.10 -10.27 50.13
CA LEU A 942 -73.18 -9.12 50.15
C LEU A 942 -72.02 -9.28 49.15
N ARG A 943 -71.10 -10.24 49.36
CA ARG A 943 -69.98 -10.45 48.43
C ARG A 943 -70.35 -11.19 47.14
N LYS A 944 -71.64 -11.50 46.94
CA LYS A 944 -72.19 -12.14 45.75
C LYS A 944 -71.53 -13.49 45.41
N GLN A 945 -71.90 -14.52 46.15
CA GLN A 945 -71.44 -15.89 45.88
C GLN A 945 -72.56 -16.68 45.14
N ILE A 946 -73.82 -16.38 45.48
CA ILE A 946 -75.08 -16.91 44.97
C ILE A 946 -75.27 -16.73 43.45
N THR A 947 -76.27 -17.42 42.85
CA THR A 947 -76.54 -17.29 41.42
C THR A 947 -77.60 -16.20 41.10
N LYS A 948 -77.92 -15.33 42.09
CA LYS A 948 -78.92 -14.26 42.02
C LYS A 948 -80.35 -14.83 42.02
N GLU A 949 -80.66 -15.75 41.09
CA GLU A 949 -81.94 -16.46 41.04
C GLU A 949 -82.02 -17.46 42.21
N MET A 950 -80.88 -18.07 42.59
CA MET A 950 -80.78 -18.99 43.71
C MET A 950 -80.97 -18.24 45.03
N ASP A 951 -80.39 -17.03 45.13
CA ASP A 951 -80.50 -16.16 46.30
C ASP A 951 -81.96 -15.84 46.62
N ARG A 952 -82.79 -15.66 45.57
CA ARG A 952 -84.21 -15.37 45.72
C ARG A 952 -84.94 -16.58 46.29
N GLU A 953 -84.71 -17.77 45.72
CA GLU A 953 -85.32 -19.01 46.21
C GLU A 953 -84.83 -19.45 47.59
N ASN A 954 -83.66 -18.94 48.01
CA ASN A 954 -83.06 -19.20 49.30
C ASN A 954 -83.81 -18.48 50.42
N GLU A 955 -84.47 -17.34 50.13
CA GLU A 955 -85.19 -16.50 51.10
C GLU A 955 -86.17 -17.25 52.02
N GLY A 956 -86.75 -18.34 51.53
CA GLY A 956 -87.66 -19.15 52.33
C GLY A 956 -86.93 -20.21 53.13
N SER A 957 -85.86 -19.82 53.83
CA SER A 957 -85.06 -20.77 54.63
C SER A 957 -85.00 -20.37 56.10
N ALA A 958 -84.67 -21.33 56.97
CA ALA A 958 -84.48 -21.08 58.40
C ALA A 958 -83.27 -20.16 58.58
N GLU A 959 -82.21 -20.38 57.78
CA GLU A 959 -80.98 -19.59 57.78
C GLU A 959 -81.26 -18.18 57.28
N TYR A 960 -82.00 -18.05 56.17
CA TYR A 960 -82.31 -16.75 55.60
C TYR A 960 -83.24 -15.92 56.47
N LYS A 961 -84.18 -16.58 57.17
CA LYS A 961 -85.08 -15.86 58.07
C LYS A 961 -84.35 -15.45 59.36
N ARG A 962 -83.34 -16.22 59.81
CA ARG A 962 -82.55 -15.91 61.00
C ARG A 962 -81.69 -14.68 60.77
N ARG A 963 -81.09 -14.56 59.57
CA ARG A 963 -80.27 -13.39 59.26
C ARG A 963 -81.10 -12.13 59.14
N ASN A 964 -82.37 -12.26 58.70
CA ASN A 964 -83.25 -11.11 58.56
C ASN A 964 -83.61 -10.49 59.91
N ILE A 965 -83.73 -11.32 60.96
CA ILE A 965 -83.99 -10.77 62.30
C ILE A 965 -82.74 -10.09 62.88
N LEU A 966 -81.54 -10.57 62.49
CA LEU A 966 -80.28 -9.95 62.88
C LEU A 966 -80.17 -8.55 62.23
N GLY A 967 -80.66 -8.42 61.00
CA GLY A 967 -80.69 -7.14 60.29
C GLY A 967 -81.62 -6.17 60.99
N SER A 968 -82.78 -6.68 61.47
CA SER A 968 -83.76 -5.89 62.22
C SER A 968 -83.19 -5.40 63.55
N PHE A 969 -82.29 -6.18 64.17
CA PHE A 969 -81.61 -5.78 65.41
C PHE A 969 -80.65 -4.63 65.08
N PHE A 970 -79.89 -4.77 63.99
CA PHE A 970 -78.90 -3.81 63.52
C PHE A 970 -79.50 -2.48 63.14
N ILE A 971 -80.66 -2.49 62.48
CA ILE A 971 -81.33 -1.25 62.07
C ILE A 971 -81.81 -0.51 63.32
N SER A 972 -82.50 -1.22 64.23
CA SER A 972 -83.00 -0.68 65.49
C SER A 972 -81.86 -0.10 66.34
N VAL A 973 -80.72 -0.78 66.34
CA VAL A 973 -79.53 -0.38 67.06
C VAL A 973 -78.98 0.92 66.47
N PHE A 974 -78.93 1.03 65.14
CA PHE A 974 -78.42 2.20 64.44
C PHE A 974 -79.32 3.40 64.64
N LEU A 975 -80.64 3.18 64.63
CA LEU A 975 -81.62 4.26 64.78
C LEU A 975 -81.68 4.86 66.17
N ASN A 976 -81.27 4.10 67.19
CA ASN A 976 -81.26 4.63 68.56
C ASN A 976 -79.88 5.14 69.00
N LEU A 977 -79.04 5.52 68.02
CA LEU A 977 -77.69 6.04 68.20
C LEU A 977 -77.59 7.47 67.67
N PRO A 978 -76.81 8.33 68.34
CA PRO A 978 -76.68 9.72 67.87
C PRO A 978 -75.74 9.89 66.68
N LYS A 979 -75.63 11.14 66.19
CA LYS A 979 -74.81 11.57 65.06
C LYS A 979 -73.35 11.11 65.14
N GLU A 980 -72.75 11.12 66.35
CA GLU A 980 -71.35 10.72 66.53
C GLU A 980 -71.11 9.21 66.31
N GLU A 981 -71.97 8.38 66.91
CA GLU A 981 -71.87 6.93 66.86
C GLU A 981 -72.15 6.36 65.46
N THR A 982 -73.23 6.83 64.82
CA THR A 982 -73.67 6.40 63.50
C THR A 982 -72.68 6.71 62.37
N GLU A 983 -72.01 7.88 62.44
CA GLU A 983 -71.06 8.35 61.43
C GLU A 983 -70.01 7.31 61.03
N ALA A 984 -69.66 6.41 61.94
CA ALA A 984 -68.68 5.36 61.69
C ALA A 984 -69.14 4.40 60.59
N VAL A 985 -70.43 4.04 60.59
CA VAL A 985 -71.00 3.11 59.60
C VAL A 985 -72.15 3.77 58.84
N LEU A 986 -72.00 5.05 58.48
CA LEU A 986 -73.05 5.77 57.76
C LEU A 986 -73.17 5.26 56.33
N LYS A 987 -72.03 4.95 55.68
CA LYS A 987 -72.07 4.43 54.32
C LYS A 987 -71.47 3.03 54.21
N SER A 988 -72.20 2.03 54.70
CA SER A 988 -71.77 0.63 54.59
C SER A 988 -72.49 -0.06 53.43
N ASP A 989 -71.94 -1.17 52.95
CA ASP A 989 -72.57 -1.91 51.85
C ASP A 989 -73.76 -2.76 52.30
N ILE A 990 -73.91 -3.00 53.63
CA ILE A 990 -75.03 -3.77 54.17
C ILE A 990 -76.37 -3.06 53.97
N PHE A 991 -76.38 -1.73 53.92
CA PHE A 991 -77.61 -0.98 53.74
C PHE A 991 -78.20 -1.15 52.33
N THR A 992 -77.39 -1.53 51.33
CA THR A 992 -77.89 -1.83 49.99
C THR A 992 -78.85 -3.04 49.99
N ILE A 993 -78.71 -3.93 50.99
CA ILE A 993 -79.52 -5.12 51.21
C ILE A 993 -80.61 -4.82 52.26
N LEU A 994 -80.23 -4.22 53.41
CA LEU A 994 -81.15 -3.89 54.49
C LEU A 994 -82.27 -2.94 54.06
N VAL A 995 -81.90 -1.79 53.48
CA VAL A 995 -82.85 -0.76 53.05
C VAL A 995 -83.54 -1.10 51.69
N LYS A 996 -83.11 -2.21 51.03
CA LYS A 996 -83.72 -2.70 49.78
C LYS A 996 -85.21 -3.03 49.95
N ASN A 997 -85.66 -3.30 51.18
CA ASN A 997 -87.05 -3.54 51.47
C ASN A 997 -87.68 -2.15 51.68
N LYS A 998 -88.79 -1.86 50.95
CA LYS A 998 -89.50 -0.57 51.02
C LYS A 998 -89.93 -0.18 52.44
N LYS A 999 -90.34 -1.16 53.27
CA LYS A 999 -90.74 -0.94 54.66
C LYS A 999 -89.55 -0.49 55.51
N THR A 1000 -88.38 -1.16 55.40
CA THR A 1000 -87.21 -0.74 56.17
C THR A 1000 -86.67 0.61 55.68
N PHE A 1001 -86.86 0.93 54.38
CA PHE A 1001 -86.43 2.19 53.79
C PHE A 1001 -87.24 3.36 54.37
N LYS A 1002 -88.54 3.14 54.60
CA LYS A 1002 -89.39 4.17 55.20
C LYS A 1002 -89.10 4.35 56.70
N GLN A 1003 -88.66 3.28 57.37
CA GLN A 1003 -88.33 3.29 58.79
C GLN A 1003 -87.15 4.21 59.04
N VAL A 1004 -86.12 4.11 58.20
CA VAL A 1004 -84.94 4.94 58.35
C VAL A 1004 -85.15 6.37 57.84
N TYR A 1005 -86.01 6.56 56.83
CA TYR A 1005 -86.31 7.89 56.32
C TYR A 1005 -87.04 8.70 57.38
N ASN A 1006 -88.02 8.06 58.06
CA ASN A 1006 -88.80 8.67 59.15
C ASN A 1006 -87.95 8.98 60.39
N LYS A 1007 -86.79 8.31 60.54
CA LYS A 1007 -85.84 8.57 61.62
C LYS A 1007 -84.76 9.61 61.20
N ASN A 1008 -85.03 10.35 60.10
CA ASN A 1008 -84.23 11.44 59.56
C ASN A 1008 -82.73 11.14 59.39
N CYS A 1009 -82.39 10.02 58.76
CA CYS A 1009 -80.99 9.70 58.50
C CYS A 1009 -80.78 9.66 56.99
N PHE A 1010 -81.10 10.78 56.36
CA PHE A 1010 -81.02 11.06 54.93
C PHE A 1010 -79.66 10.74 54.31
N GLY A 1011 -78.58 10.91 55.06
CA GLY A 1011 -77.23 10.63 54.59
C GLY A 1011 -77.07 9.18 54.22
N LEU A 1012 -77.32 8.29 55.18
CA LEU A 1012 -77.29 6.84 55.02
C LEU A 1012 -78.06 6.36 53.76
N LEU A 1013 -79.26 6.93 53.56
CA LEU A 1013 -80.10 6.56 52.42
C LEU A 1013 -79.51 7.05 51.11
N GLN A 1014 -78.88 8.23 51.10
CA GLN A 1014 -78.30 8.77 49.88
C GLN A 1014 -77.24 7.85 49.31
N TYR A 1015 -76.31 7.43 50.16
CA TYR A 1015 -75.22 6.54 49.77
C TYR A 1015 -75.73 5.20 49.32
N ALA A 1016 -76.75 4.66 50.00
CA ALA A 1016 -77.31 3.36 49.66
C ALA A 1016 -78.08 3.41 48.35
N ALA A 1017 -78.74 4.54 48.05
CA ALA A 1017 -79.50 4.68 46.82
C ALA A 1017 -78.58 4.82 45.63
N ILE A 1018 -77.48 5.58 45.78
CA ILE A 1018 -76.49 5.79 44.73
C ILE A 1018 -75.91 4.46 44.23
N LYS A 1019 -75.79 3.46 45.13
CA LYS A 1019 -75.25 2.13 44.82
C LYS A 1019 -76.25 1.09 44.31
N GLU A 1020 -77.46 1.04 44.89
CA GLU A 1020 -78.46 0.04 44.48
C GLU A 1020 -79.71 0.64 43.83
N SER A 1021 -80.06 0.13 42.64
CA SER A 1021 -81.23 0.55 41.85
C SER A 1021 -82.54 0.26 42.56
N ARG A 1022 -82.60 -0.86 43.30
CA ARG A 1022 -83.79 -1.26 44.03
C ARG A 1022 -84.05 -0.32 45.21
N VAL A 1023 -82.98 0.16 45.87
CA VAL A 1023 -83.03 1.11 46.97
C VAL A 1023 -83.39 2.50 46.42
N PHE A 1024 -82.78 2.88 45.28
CA PHE A 1024 -83.06 4.15 44.62
C PHE A 1024 -84.52 4.23 44.15
N SER A 1025 -85.10 3.09 43.73
CA SER A 1025 -86.49 2.97 43.29
C SER A 1025 -87.46 3.52 44.35
N HIS A 1026 -87.14 3.27 45.62
CA HIS A 1026 -87.95 3.73 46.75
C HIS A 1026 -87.74 5.22 47.03
N LEU A 1027 -86.54 5.73 46.79
CA LEU A 1027 -86.21 7.14 46.97
C LEU A 1027 -86.96 8.01 45.96
N VAL A 1028 -87.19 7.50 44.73
CA VAL A 1028 -87.94 8.20 43.67
C VAL A 1028 -89.32 8.60 44.17
N SER A 1029 -89.96 7.68 44.90
CA SER A 1029 -91.30 7.84 45.49
C SER A 1029 -91.37 8.99 46.51
N PHE A 1030 -90.25 9.32 47.16
CA PHE A 1030 -90.20 10.40 48.14
C PHE A 1030 -89.97 11.77 47.55
N ILE A 1031 -89.28 11.87 46.40
CA ILE A 1031 -88.97 13.14 45.74
C ILE A 1031 -90.15 14.11 45.66
N PRO A 1032 -91.37 13.69 45.21
CA PRO A 1032 -92.48 14.66 45.15
C PRO A 1032 -92.91 15.17 46.52
N LYS A 1033 -92.88 14.29 47.52
CA LYS A 1033 -93.25 14.63 48.88
C LYS A 1033 -92.24 15.63 49.48
N MET A 1034 -90.94 15.32 49.38
CA MET A 1034 -89.92 16.15 49.98
C MET A 1034 -89.60 17.43 49.21
N THR A 1035 -90.16 17.62 48.00
CA THR A 1035 -89.95 18.85 47.21
C THR A 1035 -90.47 20.10 47.95
N LYS A 1036 -91.52 19.94 48.78
CA LYS A 1036 -92.12 21.03 49.55
C LYS A 1036 -91.24 21.46 50.74
N GLN A 1037 -90.48 20.52 51.32
CA GLN A 1037 -89.62 20.83 52.46
C GLN A 1037 -88.24 21.38 52.08
N VAL A 1038 -87.89 21.40 50.78
CA VAL A 1038 -86.58 21.88 50.29
C VAL A 1038 -86.34 23.36 50.63
N GLY A 1039 -87.37 24.17 50.51
CA GLY A 1039 -87.29 25.57 50.92
C GLY A 1039 -87.42 25.58 52.43
N ALA A 1040 -86.47 26.24 53.13
CA ALA A 1040 -86.39 26.29 54.61
C ALA A 1040 -86.19 24.88 55.18
N SER A 1041 -85.15 24.20 54.71
CA SER A 1041 -84.86 22.83 55.10
C SER A 1041 -84.00 22.71 56.35
N THR A 1042 -82.90 23.51 56.42
CA THR A 1042 -81.90 23.58 57.50
C THR A 1042 -81.12 22.26 57.72
N ASP A 1043 -81.48 21.18 57.03
CA ASP A 1043 -80.78 19.91 57.15
C ASP A 1043 -80.02 19.67 55.87
N PRO A 1044 -78.69 19.82 55.90
CA PRO A 1044 -77.90 19.64 54.68
C PRO A 1044 -77.95 18.24 54.06
N ALA A 1045 -78.03 17.18 54.89
CA ALA A 1045 -78.11 15.79 54.38
C ALA A 1045 -79.41 15.54 53.62
N PHE A 1046 -80.48 16.22 54.03
CA PHE A 1046 -81.79 16.15 53.41
C PHE A 1046 -81.73 16.83 52.05
N LEU A 1047 -81.12 18.03 51.98
CA LEU A 1047 -80.97 18.77 50.73
C LEU A 1047 -80.10 17.99 49.76
N LYS A 1048 -79.00 17.40 50.27
CA LYS A 1048 -78.08 16.61 49.46
C LYS A 1048 -78.79 15.37 48.91
N LEU A 1049 -79.61 14.69 49.74
CA LEU A 1049 -80.37 13.51 49.32
C LEU A 1049 -81.32 13.86 48.17
N TYR A 1050 -81.96 15.02 48.28
CA TYR A 1050 -82.92 15.50 47.29
C TYR A 1050 -82.24 15.84 45.97
N ALA A 1051 -81.13 16.60 46.01
CA ALA A 1051 -80.40 17.00 44.82
C ALA A 1051 -79.83 15.78 44.09
N VAL A 1052 -79.28 14.81 44.87
CA VAL A 1052 -78.74 13.57 44.34
C VAL A 1052 -79.85 12.72 43.72
N GLY A 1053 -81.00 12.65 44.36
CA GLY A 1053 -82.14 11.90 43.87
C GLY A 1053 -82.63 12.41 42.53
N LEU A 1054 -82.59 13.73 42.33
CA LEU A 1054 -83.02 14.35 41.09
C LEU A 1054 -82.08 14.05 39.93
N VAL A 1055 -80.76 14.18 40.13
CA VAL A 1055 -79.81 13.95 39.05
C VAL A 1055 -79.69 12.47 38.70
N PHE A 1056 -79.83 11.58 39.68
CA PHE A 1056 -79.76 10.14 39.41
C PHE A 1056 -81.00 9.68 38.66
N VAL A 1057 -82.17 10.24 38.99
CA VAL A 1057 -83.41 9.89 38.29
C VAL A 1057 -83.44 10.48 36.87
N ALA A 1058 -82.63 11.51 36.59
CA ALA A 1058 -82.51 12.10 35.27
C ALA A 1058 -81.64 11.21 34.38
N MET A 1059 -80.55 10.64 34.94
CA MET A 1059 -79.66 9.72 34.23
C MET A 1059 -80.34 8.38 33.96
N ARG A 1060 -81.19 7.94 34.89
CA ARG A 1060 -81.95 6.70 34.73
C ARG A 1060 -82.92 6.87 33.54
N ASP A 1061 -83.52 8.07 33.41
CA ASP A 1061 -84.43 8.46 32.33
C ASP A 1061 -83.74 8.50 30.97
N THR A 1062 -82.42 8.74 30.93
CA THR A 1062 -81.64 8.73 29.70
C THR A 1062 -81.69 7.33 29.08
N LEU A 1063 -81.60 6.30 29.93
CA LEU A 1063 -81.68 4.93 29.47
C LEU A 1063 -83.15 4.45 29.34
N LYS A 1064 -83.84 5.04 28.34
CA LYS A 1064 -85.22 4.88 27.83
C LYS A 1064 -86.37 5.14 28.83
N LYS A 1065 -86.07 5.67 30.03
CA LYS A 1065 -87.09 5.94 31.06
C LYS A 1065 -87.95 7.19 30.80
N THR A 1066 -87.29 8.29 30.40
CA THR A 1066 -87.71 9.66 30.06
C THR A 1066 -88.91 10.24 30.89
N THR A 1067 -90.15 9.74 30.70
CA THR A 1067 -91.36 10.26 31.35
C THR A 1067 -91.27 10.62 32.86
N VAL A 1068 -90.42 9.94 33.65
CA VAL A 1068 -90.30 10.14 35.10
C VAL A 1068 -89.96 11.58 35.54
N LEU A 1069 -88.83 12.16 35.07
CA LEU A 1069 -88.38 13.51 35.45
C LEU A 1069 -89.34 14.63 34.98
N SER A 1070 -90.16 14.35 33.97
CA SER A 1070 -91.16 15.29 33.47
C SER A 1070 -92.21 15.50 34.56
N ARG A 1071 -92.67 14.39 35.19
CA ARG A 1071 -93.69 14.37 36.25
C ARG A 1071 -93.38 15.21 37.49
N PHE A 1072 -92.10 15.49 37.75
CA PHE A 1072 -91.72 16.29 38.92
C PHE A 1072 -92.11 17.73 38.75
N ILE A 1073 -93.18 18.15 39.43
CA ILE A 1073 -93.70 19.51 39.34
C ILE A 1073 -93.71 20.15 40.74
N GLY A 1074 -93.26 21.41 40.83
CA GLY A 1074 -93.22 22.12 42.09
C GLY A 1074 -92.55 23.48 42.04
N ASN A 1075 -92.48 24.16 43.18
CA ASN A 1075 -91.85 25.47 43.30
C ASN A 1075 -91.08 25.54 44.61
N ILE A 1076 -89.77 25.81 44.51
CA ILE A 1076 -88.93 25.89 45.69
C ILE A 1076 -88.40 27.31 45.93
N VAL A 1077 -88.65 27.82 47.13
CA VAL A 1077 -88.16 29.11 47.56
C VAL A 1077 -87.38 28.95 48.87
N PHE A 1078 -86.04 29.06 48.78
CA PHE A 1078 -85.11 28.87 49.90
C PHE A 1078 -85.12 29.97 50.93
N ALA A 1079 -85.14 29.60 52.20
CA ALA A 1079 -85.14 30.57 53.29
C ALA A 1079 -83.72 31.05 53.60
N GLU A 1080 -83.61 32.24 54.23
CA GLU A 1080 -82.33 32.82 54.62
C GLU A 1080 -81.57 31.87 55.55
N SER A 1081 -80.27 31.75 55.33
CA SER A 1081 -79.45 30.91 56.20
C SER A 1081 -78.13 31.56 56.54
N THR A 1082 -77.84 31.63 57.85
CA THR A 1082 -76.58 32.15 58.36
C THR A 1082 -75.50 31.03 58.43
N CYS A 1083 -75.92 29.75 58.38
CA CYS A 1083 -75.04 28.58 58.41
C CYS A 1083 -74.48 28.27 57.04
N PRO A 1084 -73.15 28.12 56.94
CA PRO A 1084 -72.54 27.81 55.64
C PRO A 1084 -72.79 26.40 55.14
N ALA A 1085 -72.98 25.45 56.05
CA ALA A 1085 -73.26 24.06 55.67
C ALA A 1085 -74.62 23.95 54.98
N VAL A 1086 -75.59 24.76 55.44
CA VAL A 1086 -76.93 24.79 54.88
C VAL A 1086 -76.91 25.53 53.55
N VAL A 1087 -76.20 26.68 53.49
CA VAL A 1087 -76.09 27.48 52.27
C VAL A 1087 -75.45 26.67 51.15
N GLU A 1088 -74.45 25.84 51.48
CA GLU A 1088 -73.82 24.98 50.48
C GLU A 1088 -74.83 23.95 49.96
N ALA A 1089 -75.55 23.29 50.88
CA ALA A 1089 -76.54 22.29 50.49
C ALA A 1089 -77.67 22.88 49.67
N GLN A 1090 -78.10 24.12 49.97
CA GLN A 1090 -79.14 24.84 49.22
C GLN A 1090 -78.65 25.05 47.77
N GLY A 1091 -77.40 25.50 47.64
CA GLY A 1091 -76.73 25.71 46.37
C GLY A 1091 -76.59 24.46 45.55
N ILE A 1092 -76.34 23.31 46.21
CA ILE A 1092 -76.24 22.03 45.52
C ILE A 1092 -77.58 21.69 44.85
N VAL A 1093 -78.70 21.98 45.55
CA VAL A 1093 -80.05 21.75 45.04
C VAL A 1093 -80.28 22.62 43.81
N ILE A 1094 -79.87 23.89 43.87
CA ILE A 1094 -80.02 24.81 42.74
C ILE A 1094 -79.19 24.32 41.57
N LEU A 1095 -77.91 24.00 41.81
CA LEU A 1095 -76.99 23.48 40.80
C LEU A 1095 -77.56 22.27 40.07
N ALA A 1096 -78.25 21.39 40.81
CA ALA A 1096 -78.88 20.22 40.22
C ALA A 1096 -80.09 20.63 39.37
N ILE A 1097 -81.03 21.43 39.91
CA ILE A 1097 -82.22 21.86 39.17
C ILE A 1097 -81.85 22.62 37.90
N VAL A 1098 -80.88 23.53 38.02
CA VAL A 1098 -80.37 24.37 36.92
C VAL A 1098 -79.77 23.49 35.79
N LYS A 1099 -78.78 22.62 36.12
CA LYS A 1099 -78.11 21.79 35.12
C LYS A 1099 -79.03 20.74 34.49
N LEU A 1100 -80.04 20.29 35.22
CA LEU A 1100 -80.99 19.33 34.67
C LEU A 1100 -81.93 20.00 33.69
N LYS A 1101 -82.28 21.28 33.91
CA LYS A 1101 -83.14 22.00 32.97
C LYS A 1101 -82.42 22.32 31.63
N ILE A 1102 -81.08 22.07 31.55
CA ILE A 1102 -80.24 22.28 30.36
C ILE A 1102 -80.50 21.19 29.32
N GLU A 1103 -80.48 19.92 29.73
CA GLU A 1103 -80.67 18.80 28.81
C GLU A 1103 -82.00 18.05 28.98
N TYR A 1104 -82.69 18.26 30.10
CA TYR A 1104 -83.93 17.56 30.40
C TYR A 1104 -85.13 18.49 30.62
N ASN A 1105 -86.33 17.91 30.82
CA ASN A 1105 -87.52 18.70 31.09
C ASN A 1105 -87.98 18.54 32.54
N LEU A 1106 -87.50 19.46 33.41
CA LEU A 1106 -87.81 19.50 34.82
C LEU A 1106 -88.81 20.64 35.10
N ALA A 1107 -90.00 20.28 35.61
CA ALA A 1107 -91.07 21.24 35.87
C ALA A 1107 -91.00 21.95 37.23
N ILE A 1108 -89.86 21.83 37.95
CA ILE A 1108 -89.67 22.49 39.24
C ILE A 1108 -89.12 23.89 39.02
N THR A 1109 -89.91 24.90 39.36
CA THR A 1109 -89.58 26.31 39.14
C THR A 1109 -88.96 26.92 40.40
N ILE A 1110 -87.75 27.45 40.28
CA ILE A 1110 -87.05 28.05 41.42
C ILE A 1110 -86.70 29.52 41.20
N GLU A 1111 -86.40 30.24 42.29
CA GLU A 1111 -85.99 31.63 42.25
C GLU A 1111 -84.58 31.74 41.68
N ASP A 1112 -84.33 32.78 40.86
CA ASP A 1112 -83.08 33.10 40.15
C ASP A 1112 -81.83 32.68 40.90
N PRO A 1113 -81.00 31.80 40.31
CA PRO A 1113 -79.78 31.35 41.00
C PRO A 1113 -78.87 32.45 41.53
N ILE A 1114 -78.97 33.68 40.97
CA ILE A 1114 -78.16 34.81 41.42
C ILE A 1114 -78.54 35.23 42.85
N ILE A 1115 -79.79 35.01 43.27
CA ILE A 1115 -80.23 35.35 44.63
C ILE A 1115 -79.47 34.54 45.68
N HIS A 1116 -79.18 33.27 45.39
CA HIS A 1116 -78.45 32.42 46.30
C HIS A 1116 -76.95 32.44 46.02
N LEU A 1117 -76.53 32.69 44.78
CA LEU A 1117 -75.11 32.77 44.44
C LEU A 1117 -74.47 33.94 45.19
N ASN A 1118 -75.18 35.07 45.30
CA ASN A 1118 -74.73 36.25 46.04
C ASN A 1118 -74.57 35.94 47.53
N ARG A 1119 -75.45 35.09 48.07
CA ARG A 1119 -75.41 34.65 49.46
C ARG A 1119 -74.13 33.86 49.71
N ILE A 1120 -73.72 33.00 48.75
CA ILE A 1120 -72.49 32.20 48.84
C ILE A 1120 -71.25 33.09 48.88
N TYR A 1121 -71.26 34.17 48.11
CA TYR A 1121 -70.17 35.12 48.08
C TYR A 1121 -70.04 35.87 49.40
N ALA A 1122 -71.17 36.23 50.02
CA ALA A 1122 -71.15 36.96 51.29
C ALA A 1122 -70.71 36.07 52.45
N ILE A 1123 -71.16 34.80 52.48
CA ILE A 1123 -70.83 33.85 53.54
C ILE A 1123 -69.43 33.26 53.41
N VAL A 1124 -68.78 33.36 52.24
CA VAL A 1124 -67.44 32.78 52.06
C VAL A 1124 -66.38 33.52 52.91
N GLU A 1125 -66.62 34.80 53.27
CA GLU A 1125 -65.67 35.55 54.09
C GLU A 1125 -65.61 35.04 55.54
N THR A 1126 -66.79 34.84 56.16
CA THR A 1126 -66.92 34.44 57.55
C THR A 1126 -66.86 32.93 57.80
N ALA A 1127 -67.31 32.12 56.86
CA ALA A 1127 -67.35 30.68 57.04
C ALA A 1127 -65.99 30.03 57.06
N GLU A 1128 -65.86 28.90 57.78
CA GLU A 1128 -64.64 28.09 57.81
C GLU A 1128 -64.76 27.02 56.71
N GLN A 1129 -63.62 26.54 56.16
CA GLN A 1129 -63.60 25.55 55.07
C GLN A 1129 -64.37 26.11 53.84
N LYS A 1130 -63.80 27.18 53.27
CA LYS A 1130 -64.33 27.97 52.17
C LYS A 1130 -64.28 27.31 50.78
N GLU A 1131 -63.36 26.35 50.59
CA GLU A 1131 -63.18 25.69 49.29
C GLU A 1131 -64.48 25.12 48.71
N GLY A 1132 -65.24 24.39 49.53
CA GLY A 1132 -66.50 23.79 49.14
C GLY A 1132 -67.53 24.76 48.59
N LEU A 1133 -67.49 26.00 49.08
CA LEU A 1133 -68.39 27.06 48.63
C LEU A 1133 -67.90 27.65 47.33
N VAL A 1134 -66.59 27.86 47.19
CA VAL A 1134 -66.03 28.44 45.97
C VAL A 1134 -66.21 27.50 44.79
N ILE A 1135 -66.04 26.19 45.03
CA ILE A 1135 -66.24 25.19 43.98
C ILE A 1135 -67.71 25.21 43.53
N LEU A 1136 -68.64 25.18 44.50
CA LEU A 1136 -70.08 25.19 44.25
C LEU A 1136 -70.53 26.42 43.49
N ALA A 1137 -70.11 27.63 43.94
CA ALA A 1137 -70.53 28.86 43.28
C ALA A 1137 -70.00 28.93 41.86
N ASN A 1138 -68.75 28.48 41.66
CA ASN A 1138 -68.14 28.50 40.33
C ASN A 1138 -68.76 27.49 39.37
N LEU A 1139 -69.20 26.34 39.90
CA LEU A 1139 -69.90 25.33 39.12
C LEU A 1139 -71.32 25.77 38.78
N LEU A 1140 -71.96 26.49 39.69
CA LEU A 1140 -73.30 27.01 39.48
C LEU A 1140 -73.26 28.11 38.41
N ILE A 1141 -72.22 28.97 38.43
CA ILE A 1141 -72.03 30.02 37.42
C ILE A 1141 -71.87 29.37 36.05
N ARG A 1142 -71.01 28.33 35.98
CA ARG A 1142 -70.75 27.59 34.76
C ARG A 1142 -72.04 26.96 34.21
N ARG A 1143 -72.80 26.27 35.07
CA ARG A 1143 -74.04 25.61 34.65
C ARG A 1143 -75.16 26.57 34.23
N VAL A 1144 -75.08 27.83 34.66
CA VAL A 1144 -76.08 28.81 34.27
C VAL A 1144 -75.74 29.28 32.84
N ILE A 1145 -74.47 29.68 32.60
CA ILE A 1145 -73.96 30.21 31.33
C ILE A 1145 -73.80 29.18 30.20
N GLU A 1146 -73.27 28.00 30.52
CA GLU A 1146 -73.04 26.92 29.55
C GLU A 1146 -74.31 26.36 28.94
N SER A 1147 -74.36 26.25 27.61
CA SER A 1147 -75.50 25.72 26.86
C SER A 1147 -75.43 24.19 26.73
N LYS A 1148 -76.48 23.55 26.20
CA LYS A 1148 -76.50 22.11 26.00
C LYS A 1148 -75.41 21.70 25.01
N GLU A 1149 -75.22 22.51 23.95
CA GLU A 1149 -74.23 22.32 22.89
C GLU A 1149 -72.80 22.44 23.44
N ALA A 1150 -72.59 23.41 24.33
CA ALA A 1150 -71.31 23.64 24.95
C ALA A 1150 -70.97 22.54 25.98
N ALA A 1151 -72.00 22.02 26.70
CA ALA A 1151 -71.80 20.95 27.68
C ALA A 1151 -71.46 19.64 26.99
N LYS A 1152 -72.13 19.37 25.84
CA LYS A 1152 -71.86 18.17 25.05
C LYS A 1152 -70.45 18.25 24.46
N GLU A 1153 -70.08 19.43 23.94
CA GLU A 1153 -68.75 19.62 23.38
C GLU A 1153 -67.65 19.58 24.44
N ALA A 1154 -67.97 19.90 25.70
CA ALA A 1154 -67.00 19.81 26.79
C ALA A 1154 -66.72 18.35 27.11
N VAL A 1155 -67.76 17.49 27.07
CA VAL A 1155 -67.64 16.05 27.31
C VAL A 1155 -66.94 15.36 26.13
N ASP A 1156 -67.35 15.70 24.88
CA ASP A 1156 -66.74 15.17 23.66
C ASP A 1156 -65.24 15.46 23.63
N THR A 1157 -64.82 16.63 24.11
CA THR A 1157 -63.41 17.02 24.17
C THR A 1157 -62.63 16.20 25.19
N ILE A 1158 -63.26 15.84 26.32
CA ILE A 1158 -62.63 15.03 27.36
C ILE A 1158 -62.34 13.60 26.85
N ILE A 1159 -63.26 13.06 26.05
CA ILE A 1159 -63.09 11.72 25.47
C ILE A 1159 -62.08 11.73 24.32
N LYS A 1160 -61.96 12.84 23.58
CA LYS A 1160 -61.01 12.97 22.48
C LYS A 1160 -59.54 12.82 22.94
N ASN A 1161 -59.25 13.09 24.22
CA ASN A 1161 -57.91 12.96 24.78
C ASN A 1161 -57.52 11.48 24.88
N LYS A 1162 -58.49 10.62 25.24
CA LYS A 1162 -58.30 9.16 25.36
C LYS A 1162 -58.59 8.41 24.03
N HIS A 1163 -58.56 9.12 22.91
CA HIS A 1163 -58.78 8.57 21.57
C HIS A 1163 -57.48 8.64 20.78
N LEU A 1164 -56.72 9.73 20.93
CA LEU A 1164 -55.43 9.93 20.27
C LEU A 1164 -54.42 8.87 20.69
N GLY A 1165 -54.39 8.54 21.98
CA GLY A 1165 -53.47 7.57 22.57
C GLY A 1165 -53.45 6.22 21.91
N LYS A 1166 -54.55 5.86 21.20
CA LYS A 1166 -54.79 4.61 20.45
C LYS A 1166 -54.33 3.33 21.19
N SER A 1167 -54.37 3.36 22.54
CA SER A 1167 -53.95 2.26 23.42
C SER A 1167 -54.94 1.06 23.40
N ARG A 1168 -54.67 0.00 24.21
CA ARG A 1168 -55.50 -1.20 24.27
C ARG A 1168 -56.89 -0.96 24.89
N MET A 1169 -56.98 -0.30 26.08
CA MET A 1169 -58.21 0.03 26.84
C MET A 1169 -59.31 -1.04 26.72
N TYR A 1170 -58.97 -2.24 27.19
CA TYR A 1170 -59.71 -3.51 27.11
C TYR A 1170 -61.17 -3.49 27.63
N THR A 1171 -61.44 -2.97 28.85
CA THR A 1171 -62.80 -3.06 29.40
C THR A 1171 -63.57 -1.75 29.36
N VAL A 1172 -64.91 -1.89 29.31
CA VAL A 1172 -65.88 -0.82 29.33
C VAL A 1172 -65.84 -0.17 30.71
N HIS A 1173 -65.78 -0.99 31.79
CA HIS A 1173 -65.71 -0.53 33.17
C HIS A 1173 -64.53 0.41 33.39
N THR A 1174 -63.39 0.15 32.72
CA THR A 1174 -62.22 1.02 32.85
C THR A 1174 -62.52 2.39 32.26
N VAL A 1175 -63.07 2.44 31.03
CA VAL A 1175 -63.41 3.69 30.35
C VAL A 1175 -64.48 4.46 31.15
N CYS A 1176 -65.43 3.75 31.73
CA CYS A 1176 -66.50 4.37 32.50
C CYS A 1176 -66.05 4.91 33.85
N SER A 1177 -65.30 4.12 34.64
CA SER A 1177 -64.84 4.60 35.95
C SER A 1177 -63.68 5.61 35.84
N ASN A 1178 -62.91 5.58 34.73
CA ASN A 1178 -61.84 6.55 34.50
C ASN A 1178 -62.45 7.89 34.08
N LEU A 1179 -63.45 7.84 33.20
CA LEU A 1179 -64.14 9.05 32.76
C LEU A 1179 -65.46 9.23 33.50
N ARG A 1180 -65.51 8.86 34.80
CA ARG A 1180 -66.73 8.98 35.60
C ARG A 1180 -67.19 10.42 35.76
N ASN A 1181 -66.26 11.38 35.70
CA ASN A 1181 -66.60 12.80 35.79
C ASN A 1181 -67.34 13.24 34.53
N ALA A 1182 -66.85 12.81 33.36
CA ALA A 1182 -67.42 13.11 32.06
C ALA A 1182 -68.79 12.47 31.89
N LEU A 1183 -68.93 11.25 32.42
CA LEU A 1183 -70.12 10.43 32.45
C LEU A 1183 -71.21 11.17 33.22
N PHE A 1184 -70.86 11.70 34.39
CA PHE A 1184 -71.77 12.40 35.30
C PHE A 1184 -72.09 13.83 34.89
N TYR A 1185 -71.33 14.40 33.94
CA TYR A 1185 -71.59 15.75 33.47
C TYR A 1185 -72.85 15.74 32.62
N SER A 1186 -72.91 14.83 31.66
CA SER A 1186 -74.07 14.66 30.79
C SER A 1186 -74.01 13.28 30.19
N ILE A 1187 -74.66 12.31 30.84
CA ILE A 1187 -74.67 10.92 30.41
C ILE A 1187 -75.30 10.73 29.03
N SER A 1188 -76.23 11.61 28.65
CA SER A 1188 -76.86 11.58 27.34
C SER A 1188 -75.82 11.88 26.26
N SER A 1189 -74.92 12.85 26.52
CA SER A 1189 -73.85 13.22 25.60
C SER A 1189 -72.73 12.16 25.59
N PHE A 1190 -72.45 11.58 26.76
CA PHE A 1190 -71.43 10.55 26.94
C PHE A 1190 -71.81 9.29 26.17
N LEU A 1191 -73.10 8.93 26.17
CA LEU A 1191 -73.57 7.74 25.46
C LEU A 1191 -73.54 7.95 23.94
N GLU A 1192 -73.79 9.19 23.47
CA GLU A 1192 -73.76 9.51 22.05
C GLU A 1192 -72.38 9.33 21.46
N TYR A 1193 -71.32 9.71 22.20
CA TYR A 1193 -69.97 9.61 21.68
C TYR A 1193 -69.51 8.17 21.53
N LEU A 1194 -69.71 7.34 22.56
CA LEU A 1194 -69.28 5.94 22.51
C LEU A 1194 -70.05 5.11 21.50
N SER A 1195 -71.35 5.36 21.33
CA SER A 1195 -72.18 4.58 20.41
C SER A 1195 -71.81 4.75 18.93
N SER A 1196 -71.46 5.97 18.50
CA SER A 1196 -71.11 6.20 17.10
C SER A 1196 -69.59 6.22 16.88
N ASN A 1197 -68.87 6.96 17.74
CA ASN A 1197 -67.41 7.01 17.66
C ASN A 1197 -66.86 5.95 18.60
N PHE A 1198 -67.17 4.68 18.32
CA PHE A 1198 -66.75 3.52 19.11
C PHE A 1198 -65.25 3.45 19.28
N GLU A 1199 -64.78 3.00 20.45
CA GLU A 1199 -63.34 2.92 20.73
C GLU A 1199 -62.80 1.48 20.48
N CYS A 1200 -61.55 1.20 20.91
CA CYS A 1200 -60.96 -0.12 20.78
C CYS A 1200 -61.21 -0.93 22.06
N ILE A 1201 -62.43 -0.86 22.59
CA ILE A 1201 -62.79 -1.59 23.80
C ILE A 1201 -63.12 -3.02 23.42
N SER A 1202 -62.47 -3.97 24.08
CA SER A 1202 -62.67 -5.38 23.82
C SER A 1202 -64.05 -5.84 24.32
N ALA A 1203 -64.36 -5.54 25.60
CA ALA A 1203 -65.62 -5.92 26.27
C ALA A 1203 -65.89 -7.43 26.21
N GLY A 1204 -64.83 -8.22 26.22
CA GLY A 1204 -64.91 -9.68 26.16
C GLY A 1204 -65.31 -10.27 24.82
N TRP A 1205 -65.20 -9.49 23.72
CA TRP A 1205 -65.58 -9.98 22.39
C TRP A 1205 -64.69 -9.35 21.30
N GLU A 1206 -63.50 -9.91 21.01
CA GLU A 1206 -62.55 -9.37 20.02
C GLU A 1206 -62.29 -7.84 20.27
N GLU A 1207 -62.53 -6.91 19.29
CA GLU A 1207 -62.33 -5.47 19.49
C GLU A 1207 -63.16 -4.64 18.48
N ILE A 1208 -63.55 -3.40 18.86
CA ILE A 1208 -64.34 -2.54 17.97
C ILE A 1208 -63.43 -1.70 17.04
N ARG A 1209 -63.92 -1.41 15.81
CA ARG A 1209 -63.28 -0.70 14.70
C ARG A 1209 -62.44 0.56 15.08
N HIS A 1210 -63.03 1.50 15.85
CA HIS A 1210 -62.37 2.74 16.29
C HIS A 1210 -61.91 3.62 15.08
N LYS A 1211 -60.81 4.40 15.20
CA LYS A 1211 -60.32 5.24 14.11
C LYS A 1211 -58.82 5.05 13.93
N ILE A 1242 -59.74 27.83 18.88
CA ILE A 1242 -60.82 28.82 18.83
C ILE A 1242 -62.12 28.27 19.48
N LYS A 1243 -62.44 28.73 20.72
CA LYS A 1243 -63.62 28.28 21.44
C LYS A 1243 -64.92 28.97 21.01
N ILE A 1244 -65.56 28.47 19.94
CA ILE A 1244 -66.82 29.04 19.47
C ILE A 1244 -68.03 28.20 19.90
N TYR A 1245 -68.63 28.52 21.05
CA TYR A 1245 -69.79 27.80 21.55
C TYR A 1245 -71.08 28.47 21.09
N SER A 1246 -72.19 27.71 21.06
CA SER A 1246 -73.48 28.27 20.66
C SER A 1246 -74.52 28.20 21.79
N GLY A 1247 -75.26 29.29 21.94
CA GLY A 1247 -76.34 29.37 22.94
C GLY A 1247 -75.97 29.69 24.37
N LEU A 1248 -74.83 30.35 24.62
CA LEU A 1248 -74.45 30.71 25.98
C LEU A 1248 -75.33 31.83 26.55
N ASN A 1249 -75.51 31.84 27.87
CA ASN A 1249 -76.35 32.82 28.57
C ASN A 1249 -75.46 33.86 29.22
N ALA A 1250 -74.99 34.84 28.43
CA ALA A 1250 -74.04 35.86 28.86
C ALA A 1250 -74.55 36.92 29.83
N GLU A 1251 -75.81 36.84 30.26
CA GLU A 1251 -76.38 37.82 31.18
C GLU A 1251 -75.69 37.77 32.55
N LEU A 1252 -75.27 36.58 32.99
CA LEU A 1252 -74.59 36.37 34.27
C LEU A 1252 -73.15 36.93 34.24
N PHE A 1253 -72.51 36.91 33.06
CA PHE A 1253 -71.14 37.43 32.94
C PHE A 1253 -71.12 38.92 33.17
N ARG A 1254 -72.05 39.66 32.54
CA ARG A 1254 -72.16 41.11 32.69
C ARG A 1254 -72.53 41.46 34.13
N THR A 1255 -73.45 40.68 34.71
CA THR A 1255 -73.92 40.84 36.08
C THR A 1255 -72.75 40.75 37.06
N LEU A 1256 -71.92 39.70 36.93
CA LEU A 1256 -70.77 39.46 37.80
C LEU A 1256 -69.63 40.42 37.55
N PHE A 1257 -69.48 40.87 36.30
CA PHE A 1257 -68.44 41.81 35.93
C PHE A 1257 -68.69 43.16 36.60
N VAL A 1258 -69.96 43.57 36.69
CA VAL A 1258 -70.29 44.85 37.31
C VAL A 1258 -70.95 44.63 38.68
N HIS A 1259 -70.27 43.90 39.59
CA HIS A 1259 -70.86 43.71 40.92
C HIS A 1259 -70.30 44.68 41.96
N ARG A 1260 -68.96 44.70 42.13
CA ARG A 1260 -68.26 45.54 43.11
C ARG A 1260 -68.61 45.19 44.55
N ALA A 1261 -67.93 44.20 45.12
CA ALA A 1261 -68.16 43.85 46.51
C ALA A 1261 -67.39 44.82 47.42
N THR A 1262 -67.87 45.01 48.65
CA THR A 1262 -67.19 45.87 49.62
C THR A 1262 -66.12 45.05 50.35
N GLY A 1263 -66.50 43.85 50.76
CA GLY A 1263 -65.64 42.91 51.49
C GLY A 1263 -64.40 42.47 50.75
N LYS A 1264 -63.27 42.48 51.46
CA LYS A 1264 -61.94 42.10 50.99
C LYS A 1264 -61.87 40.69 50.36
N MET A 1265 -62.44 39.69 51.03
CA MET A 1265 -62.44 38.30 50.60
C MET A 1265 -63.37 38.08 49.40
N GLU A 1266 -64.62 38.57 49.50
CA GLU A 1266 -65.65 38.42 48.47
C GLU A 1266 -65.16 38.89 47.09
N GLN A 1267 -64.38 39.99 47.08
CA GLN A 1267 -63.83 40.51 45.85
C GLN A 1267 -62.83 39.53 45.24
N ILE A 1268 -61.99 38.88 46.06
CA ILE A 1268 -61.02 37.92 45.56
C ILE A 1268 -61.73 36.74 44.87
N VAL A 1269 -62.80 36.22 45.49
CA VAL A 1269 -63.56 35.10 44.95
C VAL A 1269 -64.31 35.49 43.69
N ARG A 1270 -64.88 36.71 43.69
CA ARG A 1270 -65.61 37.21 42.55
C ARG A 1270 -64.70 37.45 41.35
N ILE A 1271 -63.50 38.03 41.58
CA ILE A 1271 -62.55 38.24 40.48
C ILE A 1271 -61.97 36.91 40.00
N HIS A 1272 -61.81 35.94 40.93
CA HIS A 1272 -61.37 34.59 40.60
C HIS A 1272 -62.39 33.93 39.66
N SER A 1273 -63.69 34.11 39.94
CA SER A 1273 -64.77 33.56 39.13
C SER A 1273 -64.72 34.06 37.70
N LEU A 1274 -64.49 35.37 37.53
CA LEU A 1274 -64.39 35.98 36.21
C LEU A 1274 -63.21 35.40 35.44
N CYS A 1275 -62.10 35.08 36.15
CA CYS A 1275 -60.91 34.48 35.56
C CYS A 1275 -61.22 33.10 34.98
N LEU A 1276 -62.07 32.34 35.68
CA LEU A 1276 -62.46 31.01 35.19
C LEU A 1276 -63.34 31.12 33.96
N LEU A 1277 -64.24 32.11 33.93
CA LEU A 1277 -65.13 32.31 32.80
C LEU A 1277 -64.37 32.74 31.57
N VAL A 1278 -63.37 33.62 31.74
CA VAL A 1278 -62.53 34.09 30.63
C VAL A 1278 -61.83 32.90 29.96
N VAL A 1279 -61.38 31.92 30.76
CA VAL A 1279 -60.73 30.73 30.25
C VAL A 1279 -61.74 29.74 29.65
N SER A 1280 -62.80 29.39 30.39
CA SER A 1280 -63.82 28.42 29.96
C SER A 1280 -64.55 28.82 28.69
N PHE A 1281 -65.00 30.06 28.60
CA PHE A 1281 -65.73 30.54 27.43
C PHE A 1281 -65.22 31.94 27.10
N PRO A 1282 -64.11 32.06 26.36
CA PRO A 1282 -63.57 33.40 26.04
C PRO A 1282 -64.52 34.33 25.26
N GLN A 1283 -65.60 33.79 24.71
CA GLN A 1283 -66.57 34.57 23.95
C GLN A 1283 -67.43 35.52 24.80
N LEU A 1284 -67.39 35.39 26.13
CA LEU A 1284 -68.16 36.23 27.03
C LEU A 1284 -67.65 37.70 27.05
N ILE A 1285 -66.37 37.92 26.68
CA ILE A 1285 -65.76 39.23 26.63
C ILE A 1285 -66.40 40.07 25.51
N SER A 1286 -66.66 39.43 24.36
CA SER A 1286 -67.27 40.09 23.20
C SER A 1286 -68.70 40.60 23.46
N THR A 1287 -69.37 40.05 24.49
CA THR A 1287 -70.73 40.44 24.85
C THR A 1287 -70.79 41.85 25.48
N LEU A 1288 -69.69 42.27 26.13
CA LEU A 1288 -69.60 43.58 26.76
C LEU A 1288 -69.75 44.73 25.79
N VAL A 1289 -70.72 45.61 26.07
CA VAL A 1289 -71.01 46.84 25.32
C VAL A 1289 -69.87 47.83 25.59
N PRO A 1290 -69.42 48.65 24.62
CA PRO A 1290 -68.33 49.59 24.90
C PRO A 1290 -68.56 50.58 26.06
N GLU A 1291 -69.80 50.71 26.56
CA GLU A 1291 -70.06 51.54 27.74
C GLU A 1291 -69.47 50.80 28.96
N ASP A 1292 -69.73 49.48 29.06
CA ASP A 1292 -69.25 48.57 30.12
C ASP A 1292 -67.72 48.48 30.23
N TYR A 1293 -66.99 49.18 29.36
CA TYR A 1293 -65.54 49.22 29.43
C TYR A 1293 -65.06 50.05 30.63
N SER A 1294 -65.88 51.03 31.09
CA SER A 1294 -65.58 51.87 32.25
C SER A 1294 -65.40 51.06 33.56
N PHE A 1295 -66.07 49.89 33.65
CA PHE A 1295 -65.97 49.04 34.84
C PHE A 1295 -64.66 48.27 34.92
N PHE A 1296 -63.88 48.21 33.83
CA PHE A 1296 -62.56 47.56 33.79
C PHE A 1296 -61.59 48.29 34.70
N MET A 1297 -61.74 49.63 34.82
CA MET A 1297 -60.91 50.50 35.65
C MET A 1297 -60.70 49.96 37.06
N TYR A 1298 -61.72 49.31 37.62
CA TYR A 1298 -61.71 48.68 38.94
C TYR A 1298 -60.60 47.64 39.04
N PHE A 1299 -60.48 46.79 38.03
CA PHE A 1299 -59.47 45.73 38.02
C PHE A 1299 -58.08 46.31 37.96
N LEU A 1300 -57.88 47.38 37.19
CA LEU A 1300 -56.57 48.02 37.10
C LEU A 1300 -56.21 48.75 38.41
N GLU A 1301 -57.19 49.42 39.02
CA GLU A 1301 -57.00 50.20 40.24
C GLU A 1301 -56.63 49.36 41.46
N ASN A 1302 -57.36 48.26 41.73
CA ASN A 1302 -57.02 47.42 42.89
C ASN A 1302 -55.83 46.46 42.61
N HIS A 1303 -55.30 46.43 41.36
CA HIS A 1303 -54.08 45.70 41.01
C HIS A 1303 -52.88 46.63 41.25
N ALA A 1304 -53.02 47.93 40.99
CA ALA A 1304 -51.98 48.91 41.23
C ALA A 1304 -51.80 49.25 42.72
N ALA A 1305 -52.73 48.81 43.59
CA ALA A 1305 -52.71 49.04 45.04
C ALA A 1305 -51.50 48.40 45.72
N TYR A 1306 -50.99 47.30 45.17
CA TYR A 1306 -49.83 46.61 45.72
C TYR A 1306 -48.83 46.33 44.61
N SER A 1307 -47.57 46.78 44.78
CA SER A 1307 -46.51 46.51 43.80
C SER A 1307 -45.94 45.15 44.13
N LYS A 1308 -46.01 44.21 43.18
CA LYS A 1308 -45.49 42.86 43.42
C LYS A 1308 -43.98 42.88 43.62
N SER A 1309 -43.28 43.71 42.83
CA SER A 1309 -41.85 43.84 42.92
C SER A 1309 -41.40 44.51 44.21
N LEU A 1310 -41.66 45.82 44.40
CA LEU A 1310 -41.29 46.51 45.63
C LEU A 1310 -42.20 46.02 46.75
N LYS A 1311 -41.70 45.08 47.59
CA LYS A 1311 -42.49 44.55 48.69
C LYS A 1311 -42.64 45.63 49.75
N PRO A 1312 -43.87 46.09 50.01
CA PRO A 1312 -44.06 47.15 51.01
C PRO A 1312 -44.28 46.61 52.43
N SER A 1313 -44.03 47.46 53.43
CA SER A 1313 -44.21 47.10 54.83
C SER A 1313 -45.70 47.22 55.21
N ALA A 1314 -46.13 46.40 56.20
CA ALA A 1314 -47.50 46.34 56.71
C ALA A 1314 -48.54 45.97 55.65
N PHE A 1315 -48.17 45.10 54.70
CA PHE A 1315 -49.11 44.65 53.67
C PHE A 1315 -49.86 43.42 54.20
N GLN A 1316 -51.08 43.18 53.70
CA GLN A 1316 -51.83 42.01 54.10
C GLN A 1316 -51.94 41.02 52.92
N GLN A 1317 -51.85 39.70 53.18
CA GLN A 1317 -51.95 38.69 52.12
C GLN A 1317 -53.28 38.78 51.38
N GLU A 1318 -54.36 39.26 52.04
CA GLU A 1318 -55.66 39.47 51.41
C GLU A 1318 -55.53 40.54 50.32
N ASP A 1319 -54.80 41.63 50.62
CA ASP A 1319 -54.55 42.71 49.68
C ASP A 1319 -53.67 42.27 48.52
N LYS A 1320 -52.73 41.36 48.77
CA LYS A 1320 -51.82 40.85 47.75
C LYS A 1320 -52.51 39.98 46.72
N THR A 1321 -53.31 38.98 47.16
CA THR A 1321 -54.03 38.11 46.22
C THR A 1321 -55.17 38.86 45.51
N LEU A 1322 -55.75 39.89 46.16
CA LEU A 1322 -56.78 40.73 45.55
C LEU A 1322 -56.14 41.48 44.37
N ALA A 1323 -54.94 42.05 44.59
CA ALA A 1323 -54.21 42.76 43.55
C ALA A 1323 -53.79 41.79 42.45
N TYR A 1324 -53.34 40.58 42.82
CA TYR A 1324 -52.92 39.57 41.86
C TYR A 1324 -54.03 39.12 40.93
N TRP A 1325 -55.14 38.61 41.48
CA TRP A 1325 -56.23 38.11 40.63
C TRP A 1325 -56.88 39.19 39.80
N SER A 1326 -56.83 40.45 40.24
CA SER A 1326 -57.37 41.57 39.47
C SER A 1326 -56.51 41.80 38.22
N GLY A 1327 -55.20 41.74 38.40
CA GLY A 1327 -54.26 41.89 37.29
C GLY A 1327 -54.24 40.66 36.41
N HIS A 1328 -54.44 39.48 37.02
CA HIS A 1328 -54.49 38.20 36.33
C HIS A 1328 -55.69 38.13 35.40
N PHE A 1329 -56.82 38.70 35.81
CA PHE A 1329 -58.03 38.77 34.99
C PHE A 1329 -57.73 39.57 33.72
N ILE A 1330 -56.98 40.67 33.85
CA ILE A 1330 -56.59 41.51 32.74
C ILE A 1330 -55.69 40.76 31.77
N MET A 1331 -54.60 40.12 32.25
CA MET A 1331 -53.72 39.37 31.35
C MET A 1331 -54.37 38.10 30.79
N LEU A 1332 -55.43 37.59 31.44
CA LEU A 1332 -56.16 36.44 30.93
C LEU A 1332 -57.01 36.85 29.72
N ILE A 1333 -57.53 38.09 29.73
CA ILE A 1333 -58.32 38.66 28.63
C ILE A 1333 -57.41 38.82 27.41
N PHE A 1334 -56.20 39.33 27.62
CA PHE A 1334 -55.26 39.54 26.53
C PHE A 1334 -54.73 38.23 25.95
N ASN A 1335 -54.74 37.13 26.72
CA ASN A 1335 -54.19 35.88 26.20
C ASN A 1335 -55.20 34.84 25.74
N HIS A 1336 -56.40 34.83 26.32
CA HIS A 1336 -57.41 33.84 25.92
C HIS A 1336 -58.37 34.34 24.86
N THR A 1337 -58.38 35.65 24.55
CA THR A 1337 -59.29 36.23 23.55
C THR A 1337 -58.51 36.93 22.40
N THR A 1338 -59.21 37.22 21.30
CA THR A 1338 -58.63 37.95 20.17
C THR A 1338 -59.45 39.22 19.86
N TYR A 1339 -60.09 39.81 20.89
CA TYR A 1339 -60.91 41.00 20.72
C TYR A 1339 -60.04 42.23 20.82
N VAL A 1340 -59.60 42.72 19.66
CA VAL A 1340 -58.70 43.85 19.52
C VAL A 1340 -59.19 45.12 20.20
N GLU A 1341 -60.47 45.50 20.02
CA GLU A 1341 -60.99 46.74 20.60
C GLU A 1341 -61.09 46.71 22.13
N VAL A 1342 -61.26 45.53 22.72
CA VAL A 1342 -61.32 45.39 24.17
C VAL A 1342 -59.91 45.58 24.73
N LYS A 1343 -58.91 44.95 24.10
CA LYS A 1343 -57.51 45.05 24.50
C LYS A 1343 -56.99 46.48 24.32
N LYS A 1344 -57.42 47.16 23.24
CA LYS A 1344 -57.05 48.54 22.93
C LYS A 1344 -57.57 49.49 24.01
N TYR A 1345 -58.78 49.21 24.56
CA TYR A 1345 -59.32 50.03 25.63
C TYR A 1345 -58.51 49.80 26.90
N ILE A 1346 -58.23 48.53 27.24
CA ILE A 1346 -57.47 48.22 28.44
C ILE A 1346 -56.09 48.85 28.40
N LEU A 1347 -55.34 48.62 27.32
CA LEU A 1347 -54.00 49.19 27.18
C LEU A 1347 -54.01 50.71 27.27
N GLU A 1348 -55.08 51.36 26.82
CA GLU A 1348 -55.21 52.81 26.88
C GLU A 1348 -55.27 53.27 28.34
N LYS A 1349 -56.07 52.58 29.16
CA LYS A 1349 -56.19 52.92 30.57
C LYS A 1349 -54.97 52.48 31.40
N VAL A 1350 -54.28 51.42 30.95
CA VAL A 1350 -53.06 50.97 31.62
C VAL A 1350 -51.97 52.01 31.38
N LEU A 1351 -51.82 52.47 30.11
CA LEU A 1351 -50.83 53.48 29.73
C LEU A 1351 -51.12 54.84 30.37
N GLU A 1352 -52.41 55.15 30.61
CA GLU A 1352 -52.80 56.40 31.26
C GLU A 1352 -52.37 56.39 32.74
N LEU A 1353 -52.49 55.23 33.39
CA LEU A 1353 -52.16 55.03 34.79
C LEU A 1353 -50.67 54.86 35.04
N LEU A 1354 -49.95 54.26 34.09
CA LEU A 1354 -48.52 53.96 34.21
C LEU A 1354 -47.65 55.12 34.74
N PRO A 1355 -47.71 56.36 34.19
CA PRO A 1355 -46.81 57.41 34.69
C PRO A 1355 -47.36 58.25 35.83
N THR A 1356 -48.42 57.79 36.52
CA THR A 1356 -49.01 58.55 37.64
C THR A 1356 -48.12 58.52 38.91
N SER A 1357 -47.46 57.40 39.18
CA SER A 1357 -46.57 57.28 40.34
C SER A 1357 -45.44 56.27 40.09
N ILE A 1358 -44.40 56.21 40.97
CA ILE A 1358 -43.35 55.20 40.80
C ILE A 1358 -43.94 53.81 41.03
N ASN A 1359 -44.89 53.69 41.98
CA ASN A 1359 -45.58 52.44 42.31
C ASN A 1359 -46.36 51.98 41.07
N ALA A 1360 -47.10 52.91 40.42
CA ALA A 1360 -47.87 52.64 39.21
C ALA A 1360 -46.99 52.34 38.01
N THR A 1361 -45.82 52.96 37.93
CA THR A 1361 -44.87 52.73 36.85
C THR A 1361 -44.33 51.32 36.97
N VAL A 1362 -43.98 50.89 38.18
CA VAL A 1362 -43.46 49.56 38.40
C VAL A 1362 -44.53 48.50 38.13
N ILE A 1363 -45.70 48.59 38.80
CA ILE A 1363 -46.75 47.58 38.67
C ILE A 1363 -47.33 47.47 37.24
N PHE A 1364 -47.42 48.59 36.48
CA PHE A 1364 -48.00 48.55 35.14
C PHE A 1364 -47.01 48.16 34.08
N SER A 1365 -45.73 48.52 34.24
CA SER A 1365 -44.72 48.10 33.29
C SER A 1365 -44.55 46.58 33.36
N GLU A 1366 -44.65 46.01 34.57
CA GLU A 1366 -44.60 44.58 34.82
C GLU A 1366 -45.88 43.91 34.30
N LEU A 1367 -47.04 44.57 34.42
CA LEU A 1367 -48.31 44.03 33.94
C LEU A 1367 -48.30 43.93 32.42
N ILE A 1368 -47.81 44.97 31.72
CA ILE A 1368 -47.70 44.97 30.26
C ILE A 1368 -46.73 43.86 29.81
N GLN A 1369 -45.66 43.62 30.59
CA GLN A 1369 -44.72 42.57 30.30
C GLN A 1369 -45.40 41.20 30.51
N GLU A 1370 -46.15 41.01 31.62
CA GLU A 1370 -46.85 39.76 31.98
C GLU A 1370 -47.86 39.29 30.93
N ILE A 1371 -48.44 40.23 30.20
CA ILE A 1371 -49.36 39.96 29.09
C ILE A 1371 -48.63 39.19 27.96
N LEU A 1372 -47.34 39.45 27.80
CA LEU A 1372 -46.53 38.82 26.78
C LEU A 1372 -45.76 37.62 27.33
N THR A 1373 -45.16 37.73 28.54
CA THR A 1373 -44.39 36.63 29.15
C THR A 1373 -45.27 35.38 29.36
N MET A 1374 -46.53 35.58 29.78
CA MET A 1374 -47.49 34.49 29.88
C MET A 1374 -47.96 34.37 28.45
N ARG A 1375 -47.47 33.36 27.70
CA ARG A 1375 -47.85 33.25 26.29
C ARG A 1375 -48.76 32.08 26.10
N PHE A 1376 -50.05 32.34 26.02
CA PHE A 1376 -51.06 31.31 25.89
C PHE A 1376 -51.00 30.67 24.51
N SER A 1377 -50.96 31.49 23.46
CA SER A 1377 -50.89 31.00 22.07
C SER A 1377 -49.93 31.88 21.26
N LYS A 1378 -49.41 31.36 20.13
CA LYS A 1378 -48.51 32.16 19.29
C LYS A 1378 -49.27 33.26 18.56
N ASN A 1379 -50.49 32.97 18.10
CA ASN A 1379 -51.30 33.99 17.42
C ASN A 1379 -51.80 35.05 18.41
N THR A 1380 -52.10 34.65 19.66
CA THR A 1380 -52.55 35.59 20.68
C THR A 1380 -51.39 36.47 21.15
N PHE A 1381 -50.19 35.87 21.29
CA PHE A 1381 -48.99 36.61 21.69
C PHE A 1381 -48.60 37.61 20.59
N ASP A 1382 -48.58 37.16 19.33
CA ASP A 1382 -48.22 38.05 18.22
C ASP A 1382 -49.22 39.18 18.02
N GLU A 1383 -50.47 39.01 18.47
CA GLU A 1383 -51.50 40.05 18.40
C GLU A 1383 -51.17 41.12 19.46
N ASN A 1384 -50.84 40.68 20.68
CA ASN A 1384 -50.47 41.58 21.78
C ASN A 1384 -49.13 42.27 21.53
N THR A 1385 -48.22 41.59 20.82
CA THR A 1385 -46.90 42.10 20.46
C THR A 1385 -47.03 43.22 19.44
N ALA A 1386 -47.80 43.00 18.36
CA ALA A 1386 -47.99 44.04 17.36
C ALA A 1386 -48.86 45.20 17.87
N LEU A 1387 -49.64 44.97 18.96
CA LEU A 1387 -50.50 45.97 19.58
C LEU A 1387 -49.70 46.91 20.47
N VAL A 1388 -48.79 46.38 21.32
CA VAL A 1388 -48.00 47.24 22.20
C VAL A 1388 -47.08 48.18 21.43
N LYS A 1389 -46.63 47.81 20.22
CA LYS A 1389 -45.81 48.71 19.41
C LYS A 1389 -46.69 49.78 18.74
N GLU A 1390 -47.93 49.42 18.38
CA GLU A 1390 -48.88 50.36 17.79
C GLU A 1390 -49.29 51.41 18.85
N MET A 1391 -49.50 50.94 20.10
CA MET A 1391 -49.89 51.73 21.28
C MET A 1391 -48.77 52.63 21.83
N ASN A 1392 -47.52 52.41 21.39
CA ASN A 1392 -46.34 53.15 21.81
C ASN A 1392 -46.08 52.99 23.29
N CYS A 1393 -46.24 51.75 23.80
CA CYS A 1393 -46.03 51.38 25.19
C CYS A 1393 -44.64 51.73 25.64
N LEU A 1394 -43.62 51.43 24.81
CA LEU A 1394 -42.23 51.71 25.14
C LEU A 1394 -41.99 53.19 25.40
N GLU A 1395 -42.51 54.06 24.53
CA GLU A 1395 -42.36 55.51 24.68
C GLU A 1395 -42.92 55.99 26.00
N VAL A 1396 -44.02 55.37 26.49
CA VAL A 1396 -44.65 55.73 27.76
C VAL A 1396 -43.79 55.31 28.95
N MET A 1397 -43.31 54.05 28.98
CA MET A 1397 -42.50 53.59 30.11
C MET A 1397 -41.10 54.19 30.12
N ILE A 1398 -40.53 54.48 28.93
CA ILE A 1398 -39.21 55.11 28.85
C ILE A 1398 -39.33 56.53 29.43
N ARG A 1399 -40.30 57.32 28.94
CA ARG A 1399 -40.53 58.68 29.42
C ARG A 1399 -40.85 58.69 30.91
N SER A 1400 -41.61 57.71 31.38
CA SER A 1400 -41.97 57.61 32.79
C SER A 1400 -40.73 57.39 33.65
N THR A 1401 -39.83 56.49 33.23
CA THR A 1401 -38.58 56.20 33.97
C THR A 1401 -37.62 57.40 33.93
N MET A 1402 -37.59 58.10 32.79
CA MET A 1402 -36.74 59.27 32.64
C MET A 1402 -37.21 60.41 33.55
N GLN A 1403 -38.53 60.54 33.76
CA GLN A 1403 -39.05 61.59 34.63
C GLN A 1403 -38.83 61.27 36.10
N ILE A 1404 -39.01 60.00 36.49
CA ILE A 1404 -38.78 59.58 37.89
C ILE A 1404 -37.31 59.55 38.29
N ASP A 1405 -36.39 59.80 37.34
CA ASP A 1405 -34.97 59.87 37.62
C ASP A 1405 -34.68 60.92 38.70
N ASN A 1406 -34.15 60.43 39.82
CA ASN A 1406 -33.78 61.29 40.93
C ASN A 1406 -32.64 60.69 41.72
N ARG A 1407 -31.82 61.57 42.26
CA ARG A 1407 -30.67 61.16 43.04
C ARG A 1407 -31.15 60.75 44.41
N ARG A 1408 -31.40 59.45 44.54
CA ARG A 1408 -31.92 58.78 45.73
C ARG A 1408 -31.35 57.35 45.70
N LYS A 1409 -30.81 56.83 46.83
CA LYS A 1409 -30.21 55.48 46.86
C LYS A 1409 -31.17 54.35 46.40
N ASP A 1410 -32.48 54.62 46.48
CA ASP A 1410 -33.55 53.75 46.07
C ASP A 1410 -33.65 53.64 44.52
N TYR A 1411 -33.14 54.64 43.78
CA TYR A 1411 -33.17 54.71 42.33
C TYR A 1411 -32.46 53.57 41.66
N GLY A 1412 -31.35 53.15 42.23
CA GLY A 1412 -30.59 52.02 41.71
C GLY A 1412 -31.38 50.73 41.78
N SER A 1413 -32.19 50.57 42.85
CA SER A 1413 -33.05 49.40 43.09
C SER A 1413 -34.18 49.42 42.09
N ILE A 1414 -34.83 50.59 41.92
CA ILE A 1414 -35.96 50.80 41.02
C ILE A 1414 -35.56 50.60 39.56
N MET A 1415 -34.33 50.97 39.21
CA MET A 1415 -33.83 50.77 37.86
C MET A 1415 -33.67 49.31 37.56
N GLU A 1416 -33.09 48.53 38.48
CA GLU A 1416 -32.93 47.08 38.30
C GLU A 1416 -34.27 46.37 38.11
N ILE A 1417 -35.40 47.01 38.49
CA ILE A 1417 -36.76 46.52 38.36
C ILE A 1417 -37.38 46.96 37.05
N LEU A 1418 -37.32 48.28 36.74
CA LEU A 1418 -37.92 48.85 35.55
C LEU A 1418 -37.24 48.47 34.26
N THR A 1419 -35.94 48.16 34.29
CA THR A 1419 -35.24 47.80 33.07
C THR A 1419 -35.66 46.44 32.55
N LYS A 1420 -36.03 45.50 33.45
CA LYS A 1420 -36.44 44.14 33.07
C LYS A 1420 -37.64 44.12 32.09
N PRO A 1421 -38.78 44.81 32.36
CA PRO A 1421 -39.85 44.83 31.38
C PRO A 1421 -39.53 45.63 30.11
N MET A 1422 -38.83 46.79 30.21
CA MET A 1422 -38.48 47.53 28.99
C MET A 1422 -37.32 46.88 28.21
N GLU A 1423 -36.65 45.85 28.76
CA GLU A 1423 -35.61 45.14 28.03
C GLU A 1423 -36.29 44.06 27.19
N TYR A 1424 -37.22 43.29 27.82
CA TYR A 1424 -37.98 42.23 27.18
C TYR A 1424 -38.77 42.80 26.02
N ILE A 1425 -39.49 43.91 26.25
CA ILE A 1425 -40.32 44.54 25.24
C ILE A 1425 -39.50 45.09 24.06
N THR A 1426 -38.33 45.71 24.31
CA THR A 1426 -37.49 46.21 23.21
C THR A 1426 -36.88 45.09 22.38
N ARG A 1427 -36.62 43.94 23.03
CA ARG A 1427 -36.06 42.72 22.45
C ARG A 1427 -37.05 42.01 21.51
N ILE A 1428 -38.34 41.92 21.89
CA ILE A 1428 -39.36 41.31 21.04
C ILE A 1428 -39.52 42.13 19.75
N LEU A 1429 -39.51 43.46 19.90
CA LEU A 1429 -39.63 44.38 18.79
C LEU A 1429 -38.32 44.57 17.98
N ALA A 1430 -37.23 43.89 18.38
CA ALA A 1430 -35.96 43.91 17.65
C ALA A 1430 -35.87 42.67 16.76
N VAL A 1431 -36.29 41.49 17.28
CA VAL A 1431 -36.32 40.21 16.56
C VAL A 1431 -37.58 40.15 15.68
N ASP A 1432 -37.53 39.47 14.51
CA ASP A 1432 -38.71 39.39 13.63
C ASP A 1432 -39.93 38.76 14.32
N GLU A 1433 -41.13 39.02 13.78
CA GLU A 1433 -42.38 38.50 14.35
C GLU A 1433 -42.39 36.98 14.58
N LYS A 1434 -41.71 36.21 13.72
CA LYS A 1434 -41.64 34.76 13.76
C LYS A 1434 -40.86 34.22 14.98
N GLU A 1435 -39.65 34.73 15.20
CA GLU A 1435 -38.85 34.29 16.34
C GLU A 1435 -39.13 35.09 17.63
N ALA A 1436 -40.19 35.92 17.64
CA ALA A 1436 -40.55 36.74 18.78
C ALA A 1436 -41.15 35.93 19.93
N PHE A 1437 -41.93 34.90 19.59
CA PHE A 1437 -42.59 34.06 20.56
C PHE A 1437 -41.59 33.27 21.38
N TYR A 1438 -40.61 32.69 20.70
CA TYR A 1438 -39.57 31.86 21.32
C TYR A 1438 -38.61 32.64 22.22
N GLU A 1439 -38.69 33.98 22.23
CA GLU A 1439 -37.81 34.80 23.07
C GLU A 1439 -38.25 34.77 24.52
N GLU A 1440 -37.34 34.38 25.41
CA GLU A 1440 -37.59 34.30 26.85
C GLU A 1440 -37.22 35.58 27.61
N VAL A 1441 -37.58 35.67 28.89
CA VAL A 1441 -37.32 36.85 29.70
C VAL A 1441 -35.86 36.92 30.14
N THR A 1442 -35.25 38.11 30.02
CA THR A 1442 -33.86 38.44 30.39
C THR A 1442 -32.85 37.37 29.87
N GLN A 1443 -32.75 37.26 28.53
CA GLN A 1443 -31.84 36.34 27.85
C GLN A 1443 -30.46 36.99 27.80
N GLN A 1524 -57.05 29.75 69.35
CA GLN A 1524 -56.50 29.57 68.01
C GLN A 1524 -56.97 30.66 67.03
N SER A 1525 -56.58 31.93 67.28
CA SER A 1525 -56.90 33.07 66.42
C SER A 1525 -55.77 33.30 65.41
N SER A 1526 -54.51 33.16 65.85
CA SER A 1526 -53.36 33.23 64.94
C SER A 1526 -53.22 31.93 64.13
N SER A 1527 -53.71 30.79 64.68
CA SER A 1527 -53.74 29.48 64.00
C SER A 1527 -54.87 29.43 62.95
N GLU A 1528 -55.90 30.28 63.08
CA GLU A 1528 -56.99 30.38 62.12
C GLU A 1528 -56.66 31.43 61.03
N GLN A 1529 -55.82 32.46 61.36
CA GLN A 1529 -55.38 33.47 60.40
C GLN A 1529 -54.43 32.84 59.37
N SER A 1530 -53.58 31.90 59.82
CA SER A 1530 -52.70 31.15 58.91
C SER A 1530 -53.48 30.19 58.00
N GLU A 1531 -54.71 29.80 58.40
CA GLU A 1531 -55.57 28.92 57.63
C GLU A 1531 -56.28 29.70 56.52
N LYS A 1532 -56.73 30.94 56.80
CA LYS A 1532 -57.40 31.74 55.78
C LYS A 1532 -56.41 32.32 54.77
N ASN A 1533 -55.15 32.57 55.20
CA ASN A 1533 -54.13 33.11 54.30
C ASN A 1533 -53.61 32.03 53.36
N GLU A 1534 -53.50 30.80 53.84
CA GLU A 1534 -53.07 29.68 52.98
C GLU A 1534 -54.15 29.29 51.97
N PHE A 1535 -55.43 29.67 52.22
CA PHE A 1535 -56.54 29.41 51.31
C PHE A 1535 -56.40 30.34 50.10
N LEU A 1536 -56.05 31.61 50.33
CA LEU A 1536 -55.86 32.59 49.25
C LEU A 1536 -54.76 32.21 48.27
N LYS A 1537 -53.79 31.42 48.71
CA LYS A 1537 -52.72 30.95 47.84
C LYS A 1537 -53.22 29.75 47.01
N SER A 1538 -54.02 28.86 47.63
CA SER A 1538 -54.57 27.66 47.00
C SER A 1538 -55.57 27.93 45.88
N LEU A 1539 -56.27 29.10 45.89
CA LEU A 1539 -57.23 29.37 44.81
C LEU A 1539 -56.51 29.53 43.50
N CYS A 1540 -57.01 28.80 42.50
CA CYS A 1540 -56.37 28.73 41.19
C CYS A 1540 -57.37 28.37 40.11
N ILE A 1541 -56.94 28.49 38.86
CA ILE A 1541 -57.75 28.06 37.72
C ILE A 1541 -57.45 26.57 37.51
N LEU A 1542 -58.49 25.74 37.53
CA LEU A 1542 -58.35 24.29 37.39
C LEU A 1542 -58.68 23.89 35.95
N PRO A 1543 -58.10 22.78 35.45
CA PRO A 1543 -58.48 22.31 34.11
C PRO A 1543 -59.94 21.90 34.06
N ILE A 1544 -60.56 21.97 32.88
CA ILE A 1544 -61.98 21.65 32.74
C ILE A 1544 -62.25 20.17 33.10
N SER A 1545 -61.30 19.27 32.86
CA SER A 1545 -61.45 17.85 33.22
C SER A 1545 -61.62 17.73 34.74
N LYS A 1546 -60.78 18.45 35.51
CA LYS A 1546 -60.77 18.44 36.97
C LYS A 1546 -61.96 19.20 37.58
N LEU A 1547 -62.40 20.26 36.90
CA LEU A 1547 -63.52 21.10 37.34
C LEU A 1547 -64.86 20.34 37.23
N ILE A 1548 -65.01 19.57 36.16
CA ILE A 1548 -66.17 18.69 35.93
C ILE A 1548 -66.18 17.56 36.98
N GLY A 1549 -64.99 17.09 37.34
CA GLY A 1549 -64.80 16.06 38.37
C GLY A 1549 -65.19 16.56 39.74
N LYS A 1550 -64.92 17.85 40.02
CA LYS A 1550 -65.31 18.46 41.29
C LYS A 1550 -66.85 18.49 41.45
N GLU A 1551 -67.58 18.59 40.33
CA GLU A 1551 -69.04 18.54 40.30
C GLU A 1551 -69.51 17.13 40.62
N MET A 1552 -68.97 16.13 39.89
CA MET A 1552 -69.29 14.72 40.11
C MET A 1552 -69.01 14.30 41.56
N GLU A 1553 -67.97 14.88 42.19
CA GLU A 1553 -67.62 14.57 43.57
C GLU A 1553 -68.78 14.85 44.56
N ILE A 1554 -69.59 15.89 44.30
CA ILE A 1554 -70.67 16.25 45.21
C ILE A 1554 -71.90 15.34 45.06
N PHE A 1555 -72.15 14.86 43.83
CA PHE A 1555 -73.29 14.00 43.57
C PHE A 1555 -73.01 12.52 43.76
N ASN A 1556 -71.80 12.08 43.43
CA ASN A 1556 -71.40 10.67 43.51
C ASN A 1556 -70.83 10.31 44.88
N ALA A 1557 -70.14 11.27 45.52
CA ALA A 1557 -69.52 11.14 46.85
C ALA A 1557 -68.47 10.03 46.98
N ASP A 1558 -67.40 10.11 46.15
CA ASP A 1558 -66.22 9.24 46.12
C ASP A 1558 -66.49 7.74 46.00
N GLU A 1559 -67.62 7.37 45.42
CA GLU A 1559 -67.96 5.98 45.19
C GLU A 1559 -67.44 5.64 43.81
N ARG A 1560 -66.59 4.61 43.69
CA ARG A 1560 -66.01 4.23 42.41
C ARG A 1560 -67.06 3.72 41.39
N MET A 1561 -68.19 3.17 41.88
CA MET A 1561 -69.25 2.73 40.97
C MET A 1561 -70.68 2.89 41.49
N PRO A 1562 -71.40 3.90 40.98
CA PRO A 1562 -72.84 4.01 41.28
C PRO A 1562 -73.64 3.03 40.40
N PHE A 1563 -74.93 2.83 40.72
CA PHE A 1563 -75.78 1.92 39.94
C PHE A 1563 -75.99 2.42 38.48
N VAL A 1564 -75.89 3.74 38.27
CA VAL A 1564 -76.04 4.38 36.97
C VAL A 1564 -74.88 3.97 36.03
N GLN A 1565 -73.67 3.80 36.58
CA GLN A 1565 -72.54 3.36 35.78
C GLN A 1565 -72.76 1.93 35.30
N LYS A 1566 -73.29 1.05 36.18
CA LYS A 1566 -73.58 -0.37 35.88
C LYS A 1566 -74.53 -0.52 34.70
N ILE A 1567 -75.69 0.17 34.72
CA ILE A 1567 -76.66 0.08 33.66
C ILE A 1567 -76.15 0.75 32.36
N LEU A 1568 -75.23 1.72 32.47
CA LEU A 1568 -74.65 2.39 31.30
C LEU A 1568 -73.74 1.44 30.54
N GLU A 1569 -72.88 0.70 31.27
CA GLU A 1569 -71.95 -0.25 30.67
C GLU A 1569 -72.66 -1.27 29.78
N GLY A 1570 -73.80 -1.76 30.24
CA GLY A 1570 -74.62 -2.73 29.54
C GLY A 1570 -75.24 -2.18 28.27
N SER A 1571 -75.58 -0.88 28.29
CA SER A 1571 -76.15 -0.19 27.14
C SER A 1571 -75.08 -0.03 26.06
N ILE A 1572 -73.83 0.30 26.47
CA ILE A 1572 -72.68 0.49 25.59
C ILE A 1572 -72.41 -0.77 24.77
N ILE A 1573 -72.28 -1.93 25.43
CA ILE A 1573 -72.04 -3.22 24.78
C ILE A 1573 -73.20 -3.61 23.85
N SER A 1574 -74.43 -3.37 24.29
CA SER A 1574 -75.62 -3.67 23.50
C SER A 1574 -75.76 -2.76 22.27
N ASN A 1575 -75.14 -1.57 22.29
CA ASN A 1575 -75.17 -0.65 21.17
C ASN A 1575 -74.20 -1.02 20.06
N LEU A 1576 -73.04 -1.64 20.40
CA LEU A 1576 -72.03 -1.98 19.40
C LEU A 1576 -72.29 -3.28 18.62
N GLN A 1577 -73.54 -3.47 18.15
CA GLN A 1577 -73.90 -4.67 17.39
C GLN A 1577 -74.40 -4.28 16.01
N ILE A 1767 -23.74 39.92 13.90
CA ILE A 1767 -22.55 40.47 13.22
C ILE A 1767 -22.97 41.17 11.90
N ALA A 1768 -23.98 40.62 11.21
CA ALA A 1768 -24.52 41.20 9.97
C ALA A 1768 -25.48 42.38 10.28
N GLU A 1769 -25.76 43.24 9.29
CA GLU A 1769 -26.64 44.40 9.46
C GLU A 1769 -28.06 43.98 9.81
N ARG A 1770 -28.75 44.77 10.62
CA ARG A 1770 -30.13 44.49 11.00
C ARG A 1770 -30.97 45.74 10.86
N GLU A 1771 -32.01 45.70 10.03
CA GLU A 1771 -32.87 46.88 9.83
C GLU A 1771 -34.24 46.54 10.39
N ALA A 1772 -34.46 46.88 11.66
CA ALA A 1772 -35.72 46.58 12.34
C ALA A 1772 -36.70 47.80 12.39
N ALA A 1773 -37.97 47.57 12.81
CA ALA A 1773 -38.95 48.65 12.98
C ALA A 1773 -38.52 49.50 14.15
N ALA A 1774 -38.54 50.83 14.00
CA ALA A 1774 -38.17 51.73 15.09
C ALA A 1774 -39.18 51.61 16.23
N SER A 1775 -38.84 50.83 17.26
CA SER A 1775 -39.71 50.61 18.41
C SER A 1775 -39.84 51.82 19.34
N VAL A 1776 -38.93 52.80 19.22
CA VAL A 1776 -38.90 54.00 20.05
C VAL A 1776 -38.65 55.24 19.13
N PRO A 1777 -39.41 56.34 19.31
CA PRO A 1777 -39.16 57.53 18.49
C PRO A 1777 -37.81 58.12 18.82
N ILE A 1778 -37.04 58.49 17.79
CA ILE A 1778 -35.66 58.99 17.89
C ILE A 1778 -35.43 60.15 18.89
N ASP A 1779 -36.46 60.99 19.17
CA ASP A 1779 -36.29 62.11 20.11
C ASP A 1779 -35.96 61.66 21.56
N ILE A 1780 -36.64 60.62 22.05
CA ILE A 1780 -36.41 60.16 23.43
C ILE A 1780 -35.14 59.32 23.59
N VAL A 1781 -34.47 58.92 22.49
CA VAL A 1781 -33.25 58.11 22.65
C VAL A 1781 -32.09 58.98 23.15
N PHE A 1782 -32.11 60.31 22.92
CA PHE A 1782 -31.06 61.18 23.44
C PHE A 1782 -31.18 61.26 24.97
N GLY A 1783 -32.40 61.47 25.46
CA GLY A 1783 -32.67 61.55 26.88
C GLY A 1783 -32.43 60.23 27.58
N LEU A 1784 -32.69 59.11 26.88
CA LEU A 1784 -32.46 57.76 27.38
C LEU A 1784 -30.97 57.53 27.55
N ILE A 1785 -30.16 57.91 26.56
CA ILE A 1785 -28.69 57.78 26.60
C ILE A 1785 -28.11 58.53 27.81
N HIS A 1786 -28.48 59.80 27.99
CA HIS A 1786 -27.96 60.59 29.11
C HIS A 1786 -28.53 60.17 30.47
N MET A 1787 -29.58 59.35 30.49
CA MET A 1787 -30.12 58.82 31.74
C MET A 1787 -29.27 57.62 32.15
N VAL A 1788 -28.90 56.74 31.20
CA VAL A 1788 -28.06 55.58 31.51
C VAL A 1788 -26.63 56.02 31.84
N LEU A 1789 -26.15 57.10 31.23
CA LEU A 1789 -24.80 57.60 31.48
C LEU A 1789 -24.67 58.12 32.91
N GLN A 1790 -25.66 58.88 33.38
CA GLN A 1790 -25.64 59.40 34.75
C GLN A 1790 -26.36 58.38 35.61
N CYS A 1791 -25.90 57.12 35.55
CA CYS A 1791 -26.55 56.04 36.27
C CYS A 1791 -25.59 54.90 36.58
N GLY A 1792 -25.54 54.50 37.85
CA GLY A 1792 -24.72 53.38 38.29
C GLY A 1792 -25.44 52.08 38.07
N ASN A 1793 -24.67 50.98 37.83
CA ASN A 1793 -25.20 49.64 37.56
C ASN A 1793 -26.06 49.71 36.29
N ARG A 1794 -25.41 50.00 35.18
CA ARG A 1794 -26.09 50.21 33.91
C ARG A 1794 -25.94 49.07 32.92
N ARG A 1795 -25.60 47.86 33.37
CA ARG A 1795 -25.46 46.71 32.46
C ARG A 1795 -26.75 46.43 31.66
N ASN A 1796 -27.89 46.21 32.34
CA ASN A 1796 -29.17 45.98 31.65
C ASN A 1796 -29.69 47.24 30.93
N LEU A 1797 -29.19 48.43 31.29
CA LEU A 1797 -29.55 49.65 30.61
C LEU A 1797 -28.89 49.68 29.22
N TYR A 1798 -27.66 49.15 29.10
CA TYR A 1798 -26.95 49.06 27.82
C TYR A 1798 -27.68 48.08 26.88
N ARG A 1799 -28.29 47.02 27.45
CA ARG A 1799 -29.06 46.01 26.72
C ARG A 1799 -30.22 46.68 25.99
N ILE A 1800 -30.90 47.63 26.65
CA ILE A 1800 -32.03 48.35 26.04
C ILE A 1800 -31.54 49.25 24.91
N ILE A 1801 -30.35 49.86 25.06
CA ILE A 1801 -29.74 50.69 24.00
C ILE A 1801 -29.44 49.82 22.77
N HIS A 1802 -29.01 48.57 22.98
CA HIS A 1802 -28.72 47.64 21.91
C HIS A 1802 -30.01 47.17 21.24
N ASN A 1803 -31.05 46.89 22.04
CA ASN A 1803 -32.33 46.43 21.51
C ASN A 1803 -33.03 47.51 20.70
N ILE A 1804 -32.94 48.78 21.12
CA ILE A 1804 -33.53 49.88 20.34
C ILE A 1804 -32.68 50.17 19.10
N SER A 1805 -31.35 49.93 19.17
CA SER A 1805 -30.47 50.13 18.03
C SER A 1805 -30.57 49.01 16.99
N ALA A 1806 -31.60 48.14 17.07
CA ALA A 1806 -31.84 47.10 16.07
C ALA A 1806 -32.12 47.79 14.72
N ASN A 1807 -32.94 48.87 14.71
CA ASN A 1807 -33.12 49.62 13.47
C ASN A 1807 -31.89 50.53 13.26
N LYS A 1808 -31.48 50.64 12.01
CA LYS A 1808 -30.34 51.40 11.54
C LYS A 1808 -30.30 52.85 12.05
N GLU A 1809 -31.41 53.60 11.91
CA GLU A 1809 -31.52 55.01 12.30
C GLU A 1809 -31.26 55.27 13.78
N VAL A 1810 -31.82 54.43 14.65
CA VAL A 1810 -31.60 54.58 16.09
C VAL A 1810 -30.18 54.15 16.47
N ARG A 1811 -29.64 53.12 15.80
CA ARG A 1811 -28.27 52.67 16.04
C ARG A 1811 -27.29 53.81 15.70
N ILE A 1812 -27.51 54.47 14.57
CA ILE A 1812 -26.68 55.56 14.10
C ILE A 1812 -26.76 56.72 15.09
N PHE A 1813 -27.99 57.09 15.48
CA PHE A 1813 -28.19 58.19 16.42
C PHE A 1813 -27.63 57.92 17.82
N SER A 1814 -27.61 56.65 18.25
CA SER A 1814 -27.10 56.30 19.57
C SER A 1814 -25.61 56.35 19.61
N VAL A 1815 -24.94 55.83 18.58
CA VAL A 1815 -23.49 55.84 18.56
C VAL A 1815 -22.96 57.24 18.42
N GLU A 1816 -23.61 58.08 17.60
CA GLU A 1816 -23.17 59.46 17.44
C GLU A 1816 -23.47 60.28 18.69
N THR A 1817 -24.55 59.95 19.43
CA THR A 1817 -24.84 60.62 20.71
C THR A 1817 -23.72 60.31 21.70
N LEU A 1818 -23.30 59.04 21.73
CA LEU A 1818 -22.24 58.52 22.58
C LEU A 1818 -20.91 59.19 22.28
N VAL A 1819 -20.49 59.28 21.00
CA VAL A 1819 -19.22 59.94 20.67
C VAL A 1819 -19.32 61.48 20.90
N ASN A 1820 -20.52 62.05 20.77
CA ASN A 1820 -20.71 63.48 21.03
C ASN A 1820 -20.55 63.78 22.52
N SER A 1821 -21.03 62.88 23.39
CA SER A 1821 -20.90 63.05 24.84
C SER A 1821 -19.44 62.94 25.27
N ILE A 1822 -18.68 62.05 24.63
CA ILE A 1822 -17.26 61.85 24.89
C ILE A 1822 -16.51 63.13 24.55
N TYR A 1823 -16.79 63.67 23.36
CA TYR A 1823 -16.13 64.85 22.80
C TYR A 1823 -16.32 66.12 23.64
N GLN A 1824 -17.58 66.54 23.85
CA GLN A 1824 -17.92 67.75 24.58
C GLN A 1824 -17.47 67.78 26.05
N ALA A 1825 -17.26 66.60 26.65
CA ALA A 1825 -16.85 66.53 28.05
C ALA A 1825 -15.35 66.72 28.28
N VAL A 1826 -14.49 66.28 27.34
CA VAL A 1826 -13.04 66.43 27.52
C VAL A 1826 -12.44 67.54 26.65
N VAL A 1827 -12.79 67.60 25.35
CA VAL A 1827 -12.22 68.63 24.47
C VAL A 1827 -12.78 70.04 24.77
N GLU A 1828 -13.98 70.11 25.36
CA GLU A 1828 -14.61 71.39 25.69
C GLU A 1828 -14.84 71.58 27.19
N GLY A 1829 -14.96 70.49 27.93
CA GLY A 1829 -15.21 70.55 29.37
C GLY A 1829 -16.65 70.88 29.67
N VAL A 1853 -24.49 66.88 40.63
CA VAL A 1853 -24.32 66.31 39.29
C VAL A 1853 -23.02 65.48 39.19
N ILE A 1854 -22.91 64.62 38.15
CA ILE A 1854 -21.72 63.76 37.95
C ILE A 1854 -20.57 64.55 37.24
N ALA A 1855 -19.32 64.15 37.52
CA ALA A 1855 -18.11 64.76 36.99
C ALA A 1855 -17.84 64.43 35.50
N PRO A 1856 -17.14 65.32 34.76
CA PRO A 1856 -16.82 65.00 33.36
C PRO A 1856 -15.91 63.78 33.22
N GLU A 1857 -15.04 63.53 34.21
CA GLU A 1857 -14.15 62.37 34.24
C GLU A 1857 -15.01 61.09 34.28
N VAL A 1858 -16.01 61.09 35.17
CA VAL A 1858 -16.93 59.97 35.34
C VAL A 1858 -17.77 59.76 34.10
N ILE A 1859 -18.36 60.83 33.55
CA ILE A 1859 -19.21 60.76 32.37
C ILE A 1859 -18.42 60.37 31.11
N THR A 1860 -17.12 60.71 31.04
CA THR A 1860 -16.28 60.33 29.91
C THR A 1860 -15.95 58.85 30.02
N LYS A 1861 -15.59 58.38 31.23
CA LYS A 1861 -15.29 56.98 31.45
C LYS A 1861 -16.53 56.11 31.20
N ARG A 1862 -17.73 56.61 31.58
CA ARG A 1862 -18.99 55.91 31.36
C ARG A 1862 -19.42 55.94 29.90
N GLY A 1863 -19.07 57.00 29.18
CA GLY A 1863 -19.39 57.11 27.77
C GLY A 1863 -18.61 56.10 26.96
N PHE A 1864 -17.33 55.92 27.30
CA PHE A 1864 -16.48 54.95 26.65
C PHE A 1864 -16.93 53.53 26.97
N GLU A 1865 -17.35 53.29 28.22
CA GLU A 1865 -17.83 52.00 28.71
C GLU A 1865 -19.06 51.52 27.92
N ALA A 1866 -19.94 52.45 27.51
CA ALA A 1866 -21.13 52.11 26.75
C ALA A 1866 -20.80 51.88 25.28
N LEU A 1867 -19.94 52.73 24.70
CA LEU A 1867 -19.55 52.63 23.30
C LEU A 1867 -18.85 51.31 23.02
N THR A 1868 -17.94 50.92 23.91
CA THR A 1868 -17.17 49.68 23.78
C THR A 1868 -18.03 48.44 23.98
N TYR A 1869 -19.04 48.52 24.86
CA TYR A 1869 -19.90 47.38 25.12
C TYR A 1869 -20.73 47.07 23.88
N LEU A 1870 -21.31 48.10 23.26
CA LEU A 1870 -22.17 47.95 22.09
C LEU A 1870 -21.42 47.45 20.87
N CYS A 1871 -20.18 47.89 20.67
CA CYS A 1871 -19.37 47.44 19.54
C CYS A 1871 -18.96 45.96 19.65
N THR A 1872 -18.89 45.44 20.88
CA THR A 1872 -18.56 44.04 21.13
C THR A 1872 -19.79 43.20 20.77
N LYS A 1873 -20.95 43.52 21.36
CA LYS A 1873 -22.20 42.83 21.04
C LYS A 1873 -22.73 43.40 19.72
N SER A 1874 -23.14 42.51 18.79
CA SER A 1874 -23.69 42.86 17.46
C SER A 1874 -22.65 43.34 16.45
N SER A 1875 -21.76 44.28 16.82
CA SER A 1875 -20.69 44.82 15.99
C SER A 1875 -21.17 45.55 14.72
N ASP A 1876 -22.49 45.61 14.46
CA ASP A 1876 -22.98 46.45 13.36
C ASP A 1876 -22.97 47.96 13.75
N PHE A 1877 -22.54 48.25 14.99
CA PHE A 1877 -22.27 49.56 15.57
C PHE A 1877 -20.90 50.03 15.07
N THR A 1878 -19.92 49.09 14.90
CA THR A 1878 -18.60 49.42 14.34
C THR A 1878 -18.75 49.89 12.89
N THR A 1879 -19.71 49.32 12.13
CA THR A 1879 -19.94 49.72 10.74
C THR A 1879 -20.50 51.15 10.64
N VAL A 1880 -21.07 51.70 11.73
CA VAL A 1880 -21.55 53.09 11.77
C VAL A 1880 -20.35 54.06 11.73
N PHE A 1881 -19.19 53.63 12.26
CA PHE A 1881 -17.97 54.43 12.20
C PHE A 1881 -17.45 54.53 10.76
N SER A 1882 -17.73 53.52 9.91
CA SER A 1882 -17.35 53.59 8.49
C SER A 1882 -18.32 54.54 7.72
N TYR A 1883 -19.58 54.69 8.19
CA TYR A 1883 -20.56 55.57 7.54
C TYR A 1883 -20.23 57.02 7.82
N ASN A 1884 -19.81 57.34 9.05
CA ASN A 1884 -19.52 58.74 9.36
C ASN A 1884 -18.06 59.12 9.21
N THR A 1885 -17.14 58.27 9.72
CA THR A 1885 -15.67 58.45 9.72
C THR A 1885 -15.27 59.55 10.68
N GLU A 1886 -15.94 60.70 10.62
CA GLU A 1886 -15.73 61.84 11.52
C GLU A 1886 -15.96 61.43 13.00
N LEU A 1887 -16.75 60.36 13.23
CA LEU A 1887 -16.95 59.84 14.57
C LEU A 1887 -15.61 59.34 15.14
N ILE A 1888 -14.79 58.70 14.29
CA ILE A 1888 -13.47 58.19 14.68
C ILE A 1888 -12.54 59.34 15.01
N ASN A 1889 -12.56 60.42 14.22
CA ASN A 1889 -11.71 61.59 14.47
C ASN A 1889 -12.08 62.29 15.77
N LYS A 1890 -13.37 62.27 16.17
CA LYS A 1890 -13.80 62.87 17.43
C LYS A 1890 -13.33 61.98 18.62
N ILE A 1891 -13.30 60.65 18.43
CA ILE A 1891 -12.78 59.73 19.45
C ILE A 1891 -11.26 59.94 19.58
N LEU A 1892 -10.58 60.12 18.45
CA LEU A 1892 -9.15 60.36 18.38
C LEU A 1892 -8.77 61.68 19.03
N GLN A 1893 -9.55 62.75 18.78
CA GLN A 1893 -9.30 64.07 19.37
C GLN A 1893 -9.50 64.06 20.89
N ALA A 1894 -10.43 63.23 21.37
CA ALA A 1894 -10.73 63.09 22.79
C ALA A 1894 -9.93 61.93 23.39
N THR A 1895 -8.60 62.01 23.32
CA THR A 1895 -7.73 60.98 23.87
C THR A 1895 -6.51 61.65 24.51
N ASN A 1896 -6.56 61.86 25.82
CA ASN A 1896 -5.45 62.48 26.54
C ASN A 1896 -4.69 61.42 27.40
N LYS A 1897 -3.86 61.86 28.37
CA LYS A 1897 -3.11 60.94 29.23
C LYS A 1897 -4.01 60.11 30.15
N ARG A 1898 -5.22 60.58 30.43
CA ARG A 1898 -6.17 59.84 31.26
C ARG A 1898 -7.05 58.92 30.40
N THR A 1899 -7.46 59.42 29.23
CA THR A 1899 -8.37 58.75 28.29
C THR A 1899 -7.77 57.65 27.43
N ILE A 1900 -6.44 57.70 27.20
CA ILE A 1900 -5.72 56.75 26.37
C ILE A 1900 -6.09 55.26 26.63
N SER A 1901 -6.26 54.88 27.90
CA SER A 1901 -6.59 53.51 28.26
C SER A 1901 -7.94 53.05 27.69
N GLU A 1902 -8.96 53.89 27.87
CA GLU A 1902 -10.33 53.62 27.43
C GLU A 1902 -10.46 53.74 25.92
N SER A 1903 -9.78 54.74 25.35
CA SER A 1903 -9.83 55.07 23.93
C SER A 1903 -9.21 54.01 23.02
N VAL A 1904 -8.08 53.42 23.45
CA VAL A 1904 -7.43 52.39 22.65
C VAL A 1904 -8.27 51.12 22.60
N LYS A 1905 -8.90 50.77 23.74
CA LYS A 1905 -9.77 49.59 23.81
C LYS A 1905 -10.96 49.71 22.87
N LEU A 1906 -11.51 50.92 22.70
CA LEU A 1906 -12.63 51.15 21.79
C LEU A 1906 -12.18 51.00 20.34
N LEU A 1907 -11.07 51.66 19.98
CA LEU A 1907 -10.56 51.67 18.61
C LEU A 1907 -10.13 50.31 18.10
N SER A 1908 -9.76 49.38 19.00
CA SER A 1908 -9.39 48.03 18.58
C SER A 1908 -10.61 47.33 17.97
N THR A 1909 -11.78 47.49 18.59
CA THR A 1909 -13.02 46.89 18.07
C THR A 1909 -13.57 47.73 16.92
N VAL A 1910 -13.41 49.06 16.98
CA VAL A 1910 -13.85 50.00 15.94
C VAL A 1910 -13.16 49.71 14.59
N GLY A 1911 -11.90 49.30 14.64
CA GLY A 1911 -11.11 48.96 13.47
C GLY A 1911 -11.72 47.95 12.52
N ASP A 1912 -12.72 47.20 13.00
CA ASP A 1912 -13.44 46.18 12.23
C ASP A 1912 -14.20 46.71 11.01
N CYS A 1913 -14.49 48.03 10.97
CA CYS A 1913 -15.19 48.59 9.81
C CYS A 1913 -14.31 48.55 8.56
N PHE A 1914 -13.00 48.85 8.75
CA PHE A 1914 -12.00 48.82 7.69
C PHE A 1914 -11.86 47.43 7.07
N ASN A 1915 -12.09 46.36 7.88
CA ASN A 1915 -11.95 44.95 7.52
C ASN A 1915 -12.54 44.58 6.17
N ASN A 1916 -13.82 44.90 5.94
CA ASN A 1916 -14.45 44.55 4.67
C ASN A 1916 -14.03 45.48 3.52
N ASP A 1917 -12.93 46.24 3.68
CA ASP A 1917 -12.41 47.22 2.73
C ASP A 1917 -13.50 48.26 2.41
N LYS A 1918 -14.25 48.69 3.44
CA LYS A 1918 -15.34 49.64 3.32
C LYS A 1918 -15.15 50.84 4.27
N VAL A 1919 -14.16 51.68 3.97
CA VAL A 1919 -13.85 52.87 4.78
C VAL A 1919 -14.32 54.17 4.05
N ALA A 1920 -14.34 54.15 2.69
CA ALA A 1920 -14.73 55.21 1.76
C ALA A 1920 -13.67 56.33 1.65
N GLU A 1921 -13.35 57.05 2.74
CA GLU A 1921 -12.33 58.11 2.69
C GLU A 1921 -11.21 57.83 3.71
N PRO A 1922 -10.30 56.87 3.45
CA PRO A 1922 -9.24 56.58 4.43
C PRO A 1922 -8.17 57.66 4.56
N GLU A 1923 -8.00 58.48 3.52
CA GLU A 1923 -7.03 59.57 3.51
C GLU A 1923 -7.39 60.69 4.53
N ASN A 1924 -8.68 60.78 4.93
CA ASN A 1924 -9.16 61.81 5.83
C ASN A 1924 -9.58 61.23 7.18
N ILE A 1925 -8.80 60.27 7.72
CA ILE A 1925 -9.13 59.63 9.00
C ILE A 1925 -8.30 60.19 10.19
N GLU A 1926 -7.25 61.01 9.93
CA GLU A 1926 -6.45 61.62 11.00
C GLU A 1926 -5.74 60.57 11.85
N VAL A 1927 -5.31 59.48 11.20
CA VAL A 1927 -4.65 58.31 11.80
C VAL A 1927 -3.29 58.69 12.44
N ARG A 1928 -2.65 59.79 12.01
CA ARG A 1928 -1.38 60.27 12.59
C ARG A 1928 -1.51 60.54 14.10
N LYS A 1929 -2.72 60.86 14.59
CA LYS A 1929 -2.99 61.07 16.00
C LYS A 1929 -2.83 59.74 16.72
N TYR A 1930 -3.38 58.66 16.13
CA TYR A 1930 -3.33 57.30 16.65
C TYR A 1930 -1.92 56.76 16.77
N ILE A 1931 -1.13 56.79 15.69
CA ILE A 1931 0.24 56.28 15.73
C ILE A 1931 1.09 57.03 16.78
N GLY A 1932 0.78 58.29 17.03
CA GLY A 1932 1.47 59.08 18.03
C GLY A 1932 1.07 58.79 19.46
N PHE A 1933 0.02 57.97 19.67
CA PHE A 1933 -0.39 57.59 21.02
C PHE A 1933 0.71 56.81 21.76
N LEU A 1934 1.72 56.30 21.03
CA LEU A 1934 2.86 55.60 21.59
C LEU A 1934 3.69 56.45 22.56
N GLU A 1935 3.52 57.77 22.54
CA GLU A 1935 4.22 58.66 23.48
C GLU A 1935 3.67 58.47 24.90
N TYR A 1936 2.36 58.20 25.03
CA TYR A 1936 1.71 57.98 26.32
C TYR A 1936 2.19 56.68 26.96
N ASP A 1937 2.15 56.61 28.29
CA ASP A 1937 2.52 55.39 29.01
C ASP A 1937 1.43 54.37 28.73
N MET A 1938 1.80 53.11 28.51
CA MET A 1938 0.83 52.08 28.20
C MET A 1938 1.06 50.80 28.97
N THR A 1939 -0.02 50.16 29.37
CA THR A 1939 0.05 48.85 29.98
C THR A 1939 0.17 47.83 28.83
N ASP A 1940 0.57 46.60 29.16
CA ASP A 1940 0.68 45.55 28.14
C ASP A 1940 -0.71 45.20 27.59
N ASP A 1941 -1.78 45.39 28.40
CA ASP A 1941 -3.16 45.15 27.99
C ASP A 1941 -3.61 46.25 27.04
N THR A 1942 -3.32 47.53 27.34
CA THR A 1942 -3.69 48.61 26.40
C THR A 1942 -2.84 48.51 25.13
N PHE A 1943 -1.59 48.04 25.23
CA PHE A 1943 -0.75 47.84 24.05
C PHE A 1943 -1.26 46.70 23.18
N LYS A 1944 -1.87 45.67 23.80
CA LYS A 1944 -2.46 44.53 23.06
C LYS A 1944 -3.57 45.07 22.14
N HIS A 1945 -4.42 45.98 22.65
CA HIS A 1945 -5.50 46.60 21.88
C HIS A 1945 -4.95 47.61 20.85
N PHE A 1946 -3.75 48.15 21.08
CA PHE A 1946 -3.12 49.09 20.16
C PHE A 1946 -2.74 48.36 18.90
N CYS A 1947 -2.12 47.19 19.02
CA CYS A 1947 -1.74 46.41 17.87
C CYS A 1947 -2.93 45.98 17.03
N GLU A 1948 -4.12 45.82 17.65
CA GLU A 1948 -5.33 45.42 16.93
C GLU A 1948 -5.76 46.43 15.87
N PHE A 1949 -5.80 47.72 16.21
CA PHE A 1949 -6.15 48.74 15.24
C PHE A 1949 -5.05 48.87 14.17
N ILE A 1950 -3.78 48.65 14.56
CA ILE A 1950 -2.64 48.71 13.65
C ILE A 1950 -2.72 47.55 12.64
N LYS A 1951 -3.17 46.37 13.08
CA LYS A 1951 -3.31 45.20 12.19
C LYS A 1951 -4.44 45.43 11.20
N LYS A 1952 -5.55 46.01 11.67
CA LYS A 1952 -6.72 46.24 10.82
C LYS A 1952 -6.57 47.43 9.86
N THR A 1953 -5.54 48.26 10.03
CA THR A 1953 -5.34 49.42 9.18
C THR A 1953 -4.00 49.46 8.47
N ASP A 1954 -3.14 48.45 8.65
CA ASP A 1954 -1.81 48.44 8.04
C ASP A 1954 -1.83 48.53 6.49
N ARG A 1955 -2.78 47.84 5.82
CA ARG A 1955 -2.86 47.93 4.35
C ARG A 1955 -3.33 49.32 3.85
N PHE A 1956 -3.75 50.20 4.77
CA PHE A 1956 -4.17 51.52 4.42
C PHE A 1956 -3.12 52.56 4.79
N TYR A 1957 -2.44 52.39 5.93
CA TYR A 1957 -1.48 53.40 6.39
C TYR A 1957 -0.05 52.91 6.59
N ARG A 1958 0.33 51.79 5.97
CA ARG A 1958 1.68 51.23 6.12
C ARG A 1958 2.82 52.26 5.96
N PRO A 1959 2.87 53.13 4.91
CA PRO A 1959 3.99 54.09 4.81
C PRO A 1959 4.03 55.19 5.87
N MET A 1960 2.86 55.56 6.39
CA MET A 1960 2.76 56.57 7.42
C MET A 1960 3.17 55.93 8.75
N TYR A 1961 2.64 54.72 9.05
CA TYR A 1961 2.94 53.97 10.25
C TYR A 1961 4.44 53.71 10.33
N LEU A 1962 5.05 53.23 9.23
CA LEU A 1962 6.48 52.93 9.17
C LEU A 1962 7.31 54.17 9.43
N LEU A 1963 6.90 55.31 8.87
CA LEU A 1963 7.62 56.57 9.07
C LEU A 1963 7.81 56.93 10.54
N TYR A 1964 6.75 56.80 11.35
CA TYR A 1964 6.86 57.11 12.78
C TYR A 1964 7.73 56.08 13.51
N LEU A 1965 7.37 54.79 13.38
CA LEU A 1965 8.00 53.66 14.08
C LEU A 1965 9.50 53.52 13.80
N MET A 1966 9.90 53.56 12.52
CA MET A 1966 11.31 53.46 12.16
C MET A 1966 12.15 54.63 12.69
N GLY A 1967 11.52 55.78 12.86
CA GLY A 1967 12.20 56.97 13.36
C GLY A 1967 12.31 56.94 14.87
N GLY A 1968 11.22 56.57 15.55
CA GLY A 1968 11.19 56.49 17.00
C GLY A 1968 12.15 55.47 17.56
N SER A 1969 12.23 54.31 16.89
CA SER A 1969 13.15 53.25 17.30
C SER A 1969 14.61 53.65 17.02
N LYS A 1970 14.86 54.38 15.94
CA LYS A 1970 16.21 54.85 15.62
C LYS A 1970 16.67 55.93 16.62
N LYS A 1971 15.74 56.78 17.07
CA LYS A 1971 16.04 57.81 18.06
C LYS A 1971 16.23 57.18 19.44
N SER A 1972 15.45 56.13 19.76
CA SER A 1972 15.57 55.39 21.01
C SER A 1972 16.90 54.67 21.06
N LEU A 1973 17.34 54.08 19.93
CA LEU A 1973 18.62 53.39 19.85
C LEU A 1973 19.81 54.34 19.95
N GLU A 1974 19.63 55.62 19.53
CA GLU A 1974 20.64 56.65 19.66
C GLU A 1974 20.82 56.91 21.17
N GLU A 1975 19.70 57.09 21.90
CA GLU A 1975 19.64 57.34 23.33
C GLU A 1975 20.34 56.29 24.17
N CYS A 1976 20.21 55.00 23.82
CA CYS A 1976 20.90 53.94 24.56
C CYS A 1976 22.40 54.11 24.34
N LEU A 1977 22.81 54.28 23.08
CA LEU A 1977 24.20 54.43 22.71
C LEU A 1977 24.84 55.66 23.35
N ASP A 1978 24.08 56.74 23.53
CA ASP A 1978 24.61 57.96 24.14
C ASP A 1978 24.83 57.80 25.65
N LYS A 1979 23.90 57.14 26.32
CA LYS A 1979 24.03 56.89 27.76
C LYS A 1979 24.57 55.48 28.04
N LYS A 1980 25.36 54.91 27.10
CA LYS A 1980 25.89 53.55 27.21
C LYS A 1980 26.81 53.34 28.40
N ALA A 1981 27.46 54.41 28.88
CA ALA A 1981 28.37 54.35 30.02
C ALA A 1981 27.65 54.02 31.33
N GLU A 1982 26.38 54.42 31.45
CA GLU A 1982 25.57 54.15 32.64
C GLU A 1982 24.25 53.46 32.27
N PHE A 1983 24.22 52.74 31.14
CA PHE A 1983 23.02 52.04 30.69
C PHE A 1983 22.74 50.81 31.55
N ASN A 1984 21.53 50.73 32.06
CA ASN A 1984 21.07 49.61 32.87
C ASN A 1984 19.73 49.23 32.28
N SER A 1985 19.56 47.98 31.80
CA SER A 1985 18.27 47.58 31.23
C SER A 1985 17.13 47.54 32.24
N HIS A 1986 17.46 47.55 33.55
CA HIS A 1986 16.43 47.59 34.59
C HIS A 1986 16.05 49.06 34.84
N THR A 1987 17.06 49.94 34.95
CA THR A 1987 16.88 51.37 35.16
C THR A 1987 16.18 52.01 33.97
N HIS A 1988 16.61 51.62 32.77
CA HIS A 1988 16.08 52.10 31.51
C HIS A 1988 15.08 51.07 30.97
N HIS A 1989 14.13 50.64 31.82
CA HIS A 1989 13.15 49.65 31.41
C HIS A 1989 12.10 50.19 30.45
N LYS A 1990 11.29 51.19 30.85
CA LYS A 1990 10.25 51.75 29.99
C LYS A 1990 10.75 52.17 28.60
N GLY A 1991 12.03 52.56 28.54
CA GLY A 1991 12.67 52.95 27.29
C GLY A 1991 12.82 51.77 26.36
N ILE A 1992 13.37 50.66 26.88
CA ILE A 1992 13.54 49.45 26.06
C ILE A 1992 12.20 48.77 25.77
N ILE A 1993 11.18 49.00 26.62
CA ILE A 1993 9.85 48.45 26.41
C ILE A 1993 9.22 49.18 25.25
N LYS A 1994 9.27 50.51 25.25
CA LYS A 1994 8.72 51.29 24.14
C LYS A 1994 9.45 50.99 22.83
N LEU A 1995 10.76 50.67 22.90
CA LEU A 1995 11.55 50.31 21.74
C LEU A 1995 11.09 48.95 21.20
N VAL A 1996 10.99 47.93 22.07
CA VAL A 1996 10.54 46.62 21.61
C VAL A 1996 9.06 46.68 21.10
N ARG A 1997 8.27 47.65 21.59
CA ARG A 1997 6.89 47.84 21.16
C ARG A 1997 6.82 48.40 19.76
N MET A 1998 7.72 49.32 19.42
CA MET A 1998 7.75 49.91 18.07
C MET A 1998 8.26 48.91 17.05
N LEU A 1999 9.29 48.13 17.42
CA LEU A 1999 9.91 47.13 16.56
C LEU A 1999 8.97 46.01 16.20
N SER A 2000 8.16 45.59 17.17
CA SER A 2000 7.16 44.55 16.94
C SER A 2000 6.07 45.10 16.02
N LEU A 2001 5.65 46.34 16.24
CA LEU A 2001 4.63 46.96 15.41
C LEU A 2001 5.04 47.03 13.94
N VAL A 2002 6.35 47.25 13.68
CA VAL A 2002 6.90 47.28 12.32
C VAL A 2002 6.80 45.91 11.68
N ASN A 2003 7.11 44.85 12.45
CA ASN A 2003 7.08 43.48 11.95
C ASN A 2003 5.67 43.04 11.55
N ILE A 2004 4.64 43.57 12.22
CA ILE A 2004 3.25 43.26 11.94
C ILE A 2004 2.88 43.64 10.50
N MET A 2005 3.23 44.86 10.07
CA MET A 2005 2.91 45.35 8.72
C MET A 2005 3.96 44.98 7.68
N GLY A 2006 5.21 44.88 8.11
CA GLY A 2006 6.31 44.58 7.21
C GLY A 2006 6.88 45.79 6.51
N ILE A 2007 8.09 45.66 5.99
CA ILE A 2007 8.74 46.77 5.30
C ILE A 2007 8.20 46.89 3.87
N THR A 2008 8.42 48.07 3.30
CA THR A 2008 8.14 48.38 1.90
C THR A 2008 9.51 48.45 1.19
N GLU A 2009 9.53 48.33 -0.14
CA GLU A 2009 10.79 48.38 -0.87
C GLU A 2009 11.63 49.65 -0.57
N THR A 2010 10.95 50.73 -0.11
CA THR A 2010 11.54 52.03 0.22
C THR A 2010 12.28 51.96 1.56
N TYR A 2011 11.66 51.32 2.55
CA TYR A 2011 12.25 51.22 3.89
C TYR A 2011 13.29 50.09 4.03
N LEU A 2012 13.78 49.53 2.91
CA LEU A 2012 14.78 48.48 2.97
C LEU A 2012 16.12 49.05 3.43
N ASP A 2013 16.48 50.24 2.97
CA ASP A 2013 17.72 50.88 3.40
C ASP A 2013 17.63 51.23 4.89
N SER A 2014 16.46 51.71 5.32
CA SER A 2014 16.13 52.14 6.67
C SER A 2014 16.12 50.99 7.66
N LEU A 2015 15.64 49.82 7.22
CA LEU A 2015 15.52 48.58 8.01
C LEU A 2015 16.88 48.05 8.42
N MET A 2016 17.83 48.04 7.48
CA MET A 2016 19.17 47.55 7.74
C MET A 2016 19.99 48.50 8.63
N GLU A 2017 19.61 49.78 8.67
CA GLU A 2017 20.28 50.76 9.53
C GLU A 2017 20.02 50.41 10.99
N LEU A 2018 18.78 50.01 11.32
CA LEU A 2018 18.37 49.61 12.66
C LEU A 2018 19.03 48.28 13.05
N ARG A 2019 19.02 47.29 12.13
CA ARG A 2019 19.64 45.96 12.31
C ARG A 2019 21.16 46.05 12.56
N GLU A 2020 21.77 47.20 12.26
CA GLU A 2020 23.19 47.40 12.45
C GLU A 2020 23.47 48.70 13.22
N MET A 2021 22.73 48.93 14.32
CA MET A 2021 22.96 50.10 15.16
C MET A 2021 24.11 49.80 16.11
N PRO A 2022 25.01 50.76 16.35
CA PRO A 2022 26.18 50.48 17.19
C PRO A 2022 25.89 50.05 18.62
N PHE A 2023 24.76 50.51 19.20
CA PHE A 2023 24.41 50.10 20.56
C PHE A 2023 24.26 48.59 20.68
N TRP A 2024 23.79 47.91 19.59
CA TRP A 2024 23.64 46.46 19.60
C TRP A 2024 24.98 45.79 19.90
N GLU A 2025 26.05 46.15 19.16
CA GLU A 2025 27.37 45.58 19.41
C GLU A 2025 27.88 45.87 20.82
N TYR A 2026 27.77 47.13 21.26
CA TYR A 2026 28.25 47.54 22.58
C TYR A 2026 27.55 46.78 23.70
N TYR A 2027 26.24 46.57 23.56
CA TYR A 2027 25.48 45.88 24.57
C TYR A 2027 25.88 44.42 24.74
N PHE A 2028 25.86 43.62 23.67
CA PHE A 2028 26.20 42.19 23.78
C PHE A 2028 27.70 41.89 23.97
N ASN A 2029 28.58 42.91 23.83
CA ASN A 2029 30.01 42.69 24.00
C ASN A 2029 30.62 43.40 25.22
N ILE A 2030 29.88 44.33 25.85
CA ILE A 2030 30.41 45.06 27.01
C ILE A 2030 29.43 45.06 28.21
N ILE A 2031 28.18 45.53 27.99
CA ILE A 2031 27.16 45.64 29.06
C ILE A 2031 26.63 44.29 29.53
N LEU A 2032 26.14 43.46 28.60
CA LEU A 2032 25.59 42.13 28.87
C LEU A 2032 26.41 41.30 29.86
N PRO A 2033 27.75 41.15 29.69
CA PRO A 2033 28.51 40.35 30.67
C PRO A 2033 28.43 40.86 32.11
N LYS A 2034 28.40 42.19 32.30
CA LYS A 2034 28.31 42.78 33.63
C LYS A 2034 26.87 42.69 34.16
N GLU A 2035 25.89 42.83 33.27
CA GLU A 2035 24.48 42.74 33.61
C GLU A 2035 24.08 41.32 34.01
N LYS A 2036 24.78 40.30 33.50
CA LYS A 2036 24.46 38.92 33.83
C LYS A 2036 24.70 38.67 35.31
N GLU A 2037 25.83 39.16 35.83
CA GLU A 2037 26.17 38.95 37.24
C GLU A 2037 25.37 39.85 38.21
N SER A 2038 24.68 40.88 37.72
CA SER A 2038 23.95 41.80 38.59
C SER A 2038 22.41 41.76 38.44
N LEU A 2039 21.93 41.84 37.21
CA LEU A 2039 20.50 41.91 36.94
C LEU A 2039 19.82 40.57 36.79
N TYR A 2040 18.50 40.56 36.99
CA TYR A 2040 17.68 39.37 36.83
C TYR A 2040 17.40 39.14 35.34
N ALA A 2041 17.30 37.88 34.91
CA ALA A 2041 17.08 37.48 33.51
C ALA A 2041 15.93 38.22 32.85
N SER A 2042 14.88 38.47 33.62
CA SER A 2042 13.69 39.19 33.21
C SER A 2042 14.02 40.60 32.68
N SER A 2043 15.02 41.25 33.29
CA SER A 2043 15.45 42.59 32.91
C SER A 2043 16.33 42.59 31.65
N ILE A 2044 17.06 41.50 31.40
CA ILE A 2044 17.96 41.33 30.25
C ILE A 2044 17.20 40.97 28.97
N LEU A 2045 16.14 40.16 29.12
CA LEU A 2045 15.28 39.72 28.03
C LEU A 2045 14.86 40.86 27.06
N PRO A 2046 14.31 42.01 27.51
CA PRO A 2046 13.86 43.02 26.54
C PRO A 2046 14.84 43.40 25.43
N LEU A 2047 16.16 43.36 25.69
CA LEU A 2047 17.11 43.71 24.65
C LEU A 2047 17.30 42.60 23.65
N PHE A 2048 17.21 41.35 24.11
CA PHE A 2048 17.24 40.19 23.23
C PHE A 2048 15.98 40.12 22.39
N LYS A 2049 14.83 40.58 22.92
CA LYS A 2049 13.57 40.60 22.20
C LYS A 2049 13.65 41.65 21.10
N ALA A 2050 13.98 42.91 21.44
CA ALA A 2050 14.06 43.98 20.44
C ALA A 2050 15.09 43.68 19.35
N PHE A 2051 16.17 42.95 19.71
CA PHE A 2051 17.21 42.57 18.77
C PHE A 2051 16.74 41.45 17.86
N VAL A 2052 16.09 40.42 18.42
CA VAL A 2052 15.59 39.33 17.58
C VAL A 2052 14.48 39.84 16.66
N ILE A 2053 13.66 40.79 17.13
CA ILE A 2053 12.59 41.34 16.31
C ILE A 2053 13.12 42.04 15.05
N VAL A 2054 14.17 42.89 15.14
CA VAL A 2054 14.70 43.55 13.93
C VAL A 2054 15.11 42.57 12.84
N HIS A 2055 15.84 41.51 13.22
CA HIS A 2055 16.29 40.52 12.25
C HIS A 2055 15.21 39.47 11.90
N THR A 2056 14.00 39.60 12.48
CA THR A 2056 12.81 38.78 12.19
C THR A 2056 11.93 39.51 11.14
N ILE A 2057 11.92 40.88 11.15
CA ILE A 2057 11.15 41.71 10.22
C ILE A 2057 11.32 41.27 8.77
N GLN A 2058 10.21 41.23 8.03
CA GLN A 2058 10.23 40.83 6.62
C GLN A 2058 9.65 41.91 5.72
N MET A 2059 9.95 41.85 4.41
CA MET A 2059 9.41 42.81 3.46
C MET A 2059 8.12 42.22 2.94
N TYR A 2060 6.99 42.90 3.18
CA TYR A 2060 5.70 42.38 2.74
C TYR A 2060 5.22 43.20 1.55
N ILE A 2061 4.75 42.52 0.50
CA ILE A 2061 4.29 43.17 -0.72
C ILE A 2061 2.84 43.70 -0.60
N GLY A 2062 1.87 42.81 -0.42
CA GLY A 2062 0.47 43.23 -0.33
C GLY A 2062 -0.52 42.09 -0.25
N ARG A 2063 -1.80 42.44 -0.07
CA ARG A 2063 -2.93 41.51 0.07
C ARG A 2063 -3.40 40.99 -1.29
N ASN A 2064 -2.62 40.09 -1.89
CA ASN A 2064 -2.96 39.48 -3.17
C ASN A 2064 -4.14 38.50 -2.98
N GLU A 2065 -4.10 37.75 -1.86
CA GLU A 2065 -5.16 36.80 -1.50
C GLU A 2065 -6.43 37.54 -1.03
N ASN A 2066 -7.48 36.79 -0.60
CA ASN A 2066 -8.72 37.43 -0.15
C ASN A 2066 -8.52 38.13 1.20
N ILE A 2067 -7.69 37.54 2.08
CA ILE A 2067 -7.43 38.11 3.40
C ILE A 2067 -5.93 38.23 3.67
N ASN A 2068 -5.15 37.16 3.37
CA ASN A 2068 -3.72 37.15 3.66
C ASN A 2068 -2.88 38.03 2.71
N GLU A 2069 -1.83 38.65 3.29
CA GLU A 2069 -0.90 39.55 2.61
C GLU A 2069 0.49 38.88 2.53
N PHE A 2070 1.05 38.79 1.30
CA PHE A 2070 2.31 38.09 1.02
C PHE A 2070 3.58 38.68 1.66
N SER A 2071 4.49 37.79 2.10
CA SER A 2071 5.75 38.12 2.76
C SER A 2071 7.01 37.74 1.93
N GLU A 2072 8.18 38.28 2.32
CA GLU A 2072 9.49 38.03 1.69
C GLU A 2072 10.57 38.24 2.75
N ILE A 2073 11.56 37.34 2.85
CA ILE A 2073 12.62 37.49 3.86
C ILE A 2073 13.85 38.28 3.36
N PRO A 2074 14.08 39.52 3.82
CA PRO A 2074 15.31 40.25 3.41
C PRO A 2074 16.49 39.82 4.31
N ASN A 2075 17.72 39.79 3.75
CA ASN A 2075 18.89 39.33 4.51
C ASN A 2075 19.87 40.45 4.89
N SER A 2076 20.67 40.20 5.93
CA SER A 2076 21.69 41.13 6.45
C SER A 2076 23.14 40.72 6.03
N ASP A 2077 24.14 41.62 6.17
CA ASP A 2077 25.52 41.27 5.79
C ASP A 2077 26.58 41.52 6.89
N SER A 2078 26.89 42.79 7.21
CA SER A 2078 27.91 43.16 8.19
C SER A 2078 27.47 42.97 9.65
N SER A 2079 26.18 42.62 9.88
CA SER A 2079 25.58 42.45 11.21
C SER A 2079 26.08 41.22 11.94
N ILE A 2080 26.13 41.34 13.26
CA ILE A 2080 26.58 40.28 14.15
C ILE A 2080 25.39 39.48 14.74
N TYR A 2081 24.27 39.39 14.00
CA TYR A 2081 23.08 38.71 14.49
C TYR A 2081 23.29 37.22 14.71
N TYR A 2082 23.61 36.47 13.66
CA TYR A 2082 23.83 35.02 13.78
C TYR A 2082 24.95 34.70 14.78
N SER A 2083 25.95 35.59 14.89
CA SER A 2083 27.08 35.48 15.79
C SER A 2083 26.67 35.63 17.26
N VAL A 2084 25.82 36.64 17.58
CA VAL A 2084 25.32 36.93 18.93
C VAL A 2084 24.33 35.86 19.40
N VAL A 2085 23.44 35.45 18.49
CA VAL A 2085 22.42 34.45 18.75
C VAL A 2085 23.05 33.09 19.05
N GLU A 2086 24.13 32.71 18.33
CA GLU A 2086 24.79 31.44 18.63
C GLU A 2086 25.70 31.55 19.85
N LYS A 2087 26.22 32.74 20.17
CA LYS A 2087 27.05 32.89 21.36
C LYS A 2087 26.20 32.83 22.62
N GLU A 2088 25.02 33.47 22.59
CA GLU A 2088 24.11 33.50 23.74
C GLU A 2088 22.97 32.48 23.60
N LYS A 2089 23.18 31.40 22.84
CA LYS A 2089 22.14 30.40 22.65
C LYS A 2089 21.66 29.74 23.96
N ASP A 2090 22.47 29.79 25.01
CA ASP A 2090 22.12 29.20 26.30
C ASP A 2090 21.18 30.14 27.08
N LEU A 2091 21.51 31.45 27.13
CA LEU A 2091 20.67 32.45 27.82
C LEU A 2091 19.37 32.66 27.07
N ILE A 2092 19.38 32.57 25.74
CA ILE A 2092 18.17 32.68 24.93
C ILE A 2092 17.24 31.54 25.29
N ASN A 2093 17.78 30.30 25.37
CA ASN A 2093 16.98 29.14 25.74
C ASN A 2093 16.45 29.20 27.17
N THR A 2094 17.18 29.86 28.07
CA THR A 2094 16.78 30.08 29.45
C THR A 2094 15.51 30.95 29.49
N PHE A 2095 15.45 31.98 28.61
CA PHE A 2095 14.28 32.86 28.50
C PHE A 2095 13.09 32.06 28.01
N ILE A 2096 13.30 31.16 27.03
CA ILE A 2096 12.25 30.33 26.43
C ILE A 2096 11.76 29.25 27.41
N GLN A 2097 12.63 28.83 28.39
CA GLN A 2097 12.26 27.88 29.45
C GLN A 2097 11.17 28.56 30.26
N ALA A 2098 11.47 29.80 30.72
CA ALA A 2098 10.60 30.61 31.56
C ALA A 2098 9.34 31.02 30.87
N ASP A 2099 9.43 31.34 29.58
CA ASP A 2099 8.27 31.74 28.81
C ASP A 2099 8.28 31.11 27.45
N PRO A 2100 7.52 30.01 27.28
CA PRO A 2100 7.50 29.34 25.97
C PRO A 2100 6.71 30.11 24.91
N ASP A 2101 5.83 31.03 25.33
CA ASP A 2101 5.09 31.85 24.37
C ASP A 2101 5.96 32.88 23.66
N LEU A 2102 7.28 32.86 23.87
CA LEU A 2102 8.17 33.76 23.16
C LEU A 2102 8.34 33.28 21.73
N LEU A 2103 8.39 31.95 21.49
CA LEU A 2103 8.47 31.39 20.14
C LEU A 2103 7.23 31.69 19.25
N PHE A 2104 6.20 32.29 19.84
CA PHE A 2104 4.98 32.69 19.17
C PHE A 2104 4.83 34.22 19.13
N HIS A 2105 5.85 34.98 19.60
CA HIS A 2105 5.84 36.42 19.63
C HIS A 2105 7.24 36.98 19.32
N ALA A 2106 8.04 37.44 20.30
CA ALA A 2106 9.32 38.08 19.99
C ALA A 2106 10.34 37.21 19.31
N PHE A 2107 10.48 35.96 19.75
CA PHE A 2107 11.44 35.03 19.17
C PHE A 2107 10.78 34.07 18.18
N ALA A 2108 9.66 34.48 17.57
CA ALA A 2108 8.98 33.63 16.59
C ALA A 2108 9.84 33.37 15.36
N GLY A 2109 10.63 34.38 14.97
CA GLY A 2109 11.53 34.30 13.82
C GLY A 2109 12.92 33.82 14.13
N LEU A 2110 13.07 33.13 15.26
CA LEU A 2110 14.34 32.53 15.63
C LEU A 2110 14.56 31.31 14.75
N GLN A 2111 15.84 31.01 14.48
CA GLN A 2111 16.16 29.81 13.71
C GLN A 2111 15.95 28.64 14.65
N LYS A 2112 15.04 27.72 14.30
CA LYS A 2112 14.75 26.58 15.18
C LYS A 2112 16.02 25.74 15.50
N LYS A 2113 17.13 26.00 14.79
CA LYS A 2113 18.44 25.40 15.00
C LYS A 2113 18.89 25.74 16.45
N ILE A 2114 18.75 27.02 16.86
CA ILE A 2114 19.14 27.58 18.15
C ILE A 2114 18.46 26.93 19.37
N LEU A 2115 17.27 26.39 19.16
CA LEU A 2115 16.49 25.77 20.22
C LEU A 2115 17.10 24.47 20.71
N ASP A 2116 17.25 24.34 22.04
CA ASP A 2116 17.73 23.10 22.66
C ASP A 2116 16.60 22.08 22.59
N PHE A 2117 16.92 20.78 22.50
CA PHE A 2117 15.91 19.72 22.38
C PHE A 2117 14.68 19.90 23.27
N ASP A 2118 14.85 20.22 24.57
CA ASP A 2118 13.68 20.41 25.44
C ASP A 2118 12.73 21.50 24.94
N ASN A 2119 13.22 22.73 24.75
CA ASN A 2119 12.42 23.85 24.24
C ASN A 2119 11.87 23.59 22.85
N LYS A 2120 12.65 22.91 22.01
CA LYS A 2120 12.29 22.55 20.65
C LYS A 2120 11.12 21.58 20.65
N ARG A 2121 11.13 20.62 21.58
CA ARG A 2121 10.07 19.63 21.74
C ARG A 2121 8.83 20.26 22.38
N ILE A 2122 9.04 21.16 23.35
CA ILE A 2122 7.92 21.86 23.99
C ILE A 2122 7.13 22.69 22.98
N TYR A 2123 7.86 23.41 22.10
CA TYR A 2123 7.29 24.25 21.03
C TYR A 2123 6.57 23.38 19.99
N PHE A 2124 7.13 22.20 19.68
CA PHE A 2124 6.54 21.23 18.75
C PHE A 2124 5.16 20.82 19.27
N TYR A 2125 5.03 20.60 20.58
CA TYR A 2125 3.77 20.21 21.18
C TYR A 2125 2.77 21.35 21.26
N LYS A 2126 3.22 22.59 21.45
CA LYS A 2126 2.32 23.74 21.48
C LYS A 2126 1.71 23.95 20.09
N LYS A 2127 2.55 23.83 19.04
CA LYS A 2127 2.16 24.00 17.65
C LYS A 2127 1.23 22.91 17.11
N ILE A 2128 1.40 21.65 17.53
CA ILE A 2128 0.52 20.58 17.04
C ILE A 2128 -0.84 20.62 17.77
N ARG A 2129 -0.83 20.94 19.07
CA ARG A 2129 -2.05 21.00 19.86
C ARG A 2129 -2.90 22.24 19.60
N GLU A 2130 -2.32 23.31 19.04
CA GLU A 2130 -3.09 24.53 18.75
C GLU A 2130 -4.18 24.31 17.68
N ASP A 2131 -4.05 23.24 16.87
CA ASP A 2131 -5.04 22.91 15.85
C ASP A 2131 -6.07 21.97 16.48
N VAL A 2132 -7.06 22.57 17.16
CA VAL A 2132 -8.06 21.81 17.89
C VAL A 2132 -9.10 21.16 16.98
N GLN A 2133 -9.14 19.83 17.02
CA GLN A 2133 -10.11 19.04 16.26
C GLN A 2133 -10.70 17.97 17.18
N LEU A 2134 -12.02 17.71 17.04
CA LEU A 2134 -12.74 16.74 17.87
C LEU A 2134 -12.03 15.39 18.01
N ARG A 2135 -11.82 14.96 19.27
CA ARG A 2135 -11.12 13.71 19.57
C ARG A 2135 -12.08 12.64 20.08
N PRO A 2136 -12.53 11.74 19.19
CA PRO A 2136 -13.51 10.73 19.61
C PRO A 2136 -12.91 9.48 20.23
N THR A 2137 -13.50 9.01 21.32
CA THR A 2137 -13.03 7.81 21.98
C THR A 2137 -13.49 6.58 21.19
N ILE A 2138 -12.52 5.83 20.61
CA ILE A 2138 -12.85 4.63 19.83
C ILE A 2138 -12.19 3.38 20.43
N SER A 2139 -13.01 2.36 20.73
CA SER A 2139 -12.60 1.11 21.36
C SER A 2139 -11.75 0.20 20.48
N LEU A 2140 -10.72 -0.43 21.08
CA LEU A 2140 -9.83 -1.34 20.38
C LEU A 2140 -9.74 -2.67 21.13
N MET A 2141 -10.16 -3.76 20.48
CA MET A 2141 -10.13 -5.09 21.09
C MET A 2141 -8.92 -5.89 20.62
N VAL A 2142 -7.95 -6.12 21.52
CA VAL A 2142 -6.72 -6.84 21.19
C VAL A 2142 -6.52 -8.06 22.08
N GLN A 2143 -5.89 -9.09 21.52
CA GLN A 2143 -5.55 -10.29 22.29
C GLN A 2143 -4.13 -10.12 22.82
N ARG A 2144 -3.80 -10.68 23.99
CA ARG A 2144 -2.43 -10.57 24.53
C ARG A 2144 -1.38 -11.15 23.56
N GLY A 2145 -1.75 -12.24 22.88
CA GLY A 2145 -0.88 -12.91 21.91
C GLY A 2145 -0.64 -12.15 20.62
N ALA A 2146 -1.71 -11.61 20.02
CA ALA A 2146 -1.60 -10.88 18.76
C ALA A 2146 -2.05 -9.43 18.90
N VAL A 2147 -1.31 -8.63 19.67
CA VAL A 2147 -1.58 -7.20 19.85
C VAL A 2147 -1.34 -6.46 18.53
N PHE A 2148 -0.31 -6.87 17.77
CA PHE A 2148 0.04 -6.26 16.49
C PHE A 2148 -1.01 -6.52 15.43
N GLU A 2149 -1.38 -7.80 15.21
CA GLU A 2149 -2.35 -8.11 14.17
C GLU A 2149 -3.73 -7.58 14.53
N ASP A 2150 -4.19 -7.74 15.79
CA ASP A 2150 -5.51 -7.21 16.18
C ASP A 2150 -5.57 -5.66 16.09
N THR A 2151 -4.41 -4.96 16.13
CA THR A 2151 -4.39 -3.51 15.99
C THR A 2151 -4.33 -3.16 14.51
N PHE A 2152 -3.46 -3.84 13.75
CA PHE A 2152 -3.31 -3.61 12.31
C PHE A 2152 -4.63 -3.80 11.58
N HIS A 2153 -5.35 -4.85 11.94
CA HIS A 2153 -6.62 -5.16 11.31
C HIS A 2153 -7.65 -4.03 11.46
N GLN A 2154 -7.73 -3.38 12.63
CA GLN A 2154 -8.72 -2.31 12.85
C GLN A 2154 -8.24 -0.94 12.40
N LEU A 2155 -7.04 -0.54 12.83
CA LEU A 2155 -6.48 0.78 12.52
C LEU A 2155 -6.30 1.04 11.05
N MET A 2156 -5.91 0.01 10.27
CA MET A 2156 -5.68 0.19 8.84
C MET A 2156 -6.96 0.32 8.03
N ARG A 2157 -8.13 0.03 8.62
CA ARG A 2157 -9.41 0.29 7.96
C ARG A 2157 -9.71 1.83 7.98
N LEU A 2158 -9.17 2.54 8.99
CA LEU A 2158 -9.27 3.99 9.16
C LEU A 2158 -8.19 4.68 8.31
N ASN A 2159 -8.24 6.02 8.24
CA ASN A 2159 -7.24 6.79 7.53
C ASN A 2159 -6.37 7.57 8.55
N GLY A 2160 -5.32 8.23 8.07
CA GLY A 2160 -4.43 9.00 8.94
C GLY A 2160 -5.12 10.03 9.80
N GLU A 2161 -6.08 10.77 9.22
CA GLU A 2161 -6.80 11.80 9.97
C GLU A 2161 -7.61 11.18 11.10
N GLN A 2162 -8.25 10.03 10.82
CA GLN A 2162 -9.07 9.28 11.78
C GLN A 2162 -8.23 8.70 12.92
N VAL A 2163 -7.06 8.14 12.59
CA VAL A 2163 -6.17 7.54 13.59
C VAL A 2163 -5.42 8.59 14.42
N ARG A 2164 -5.18 9.78 13.87
CA ARG A 2164 -4.48 10.85 14.58
C ARG A 2164 -5.32 11.43 15.72
N ASN A 2165 -6.59 11.72 15.45
CA ASN A 2165 -7.47 12.33 16.44
C ASN A 2165 -8.18 11.36 17.38
N ALA A 2166 -8.03 10.05 17.18
CA ALA A 2166 -8.74 9.08 18.02
C ALA A 2166 -8.22 8.98 19.44
N LYS A 2167 -9.13 8.76 20.38
CA LYS A 2167 -8.76 8.54 21.78
C LYS A 2167 -8.94 7.04 21.90
N PHE A 2168 -7.88 6.28 21.62
CA PHE A 2168 -7.97 4.83 21.61
C PHE A 2168 -8.27 4.21 22.96
N ASN A 2169 -9.47 3.63 23.09
CA ASN A 2169 -9.87 2.97 24.33
C ASN A 2169 -9.50 1.50 24.24
N ILE A 2170 -8.28 1.17 24.66
CA ILE A 2170 -7.73 -0.17 24.60
C ILE A 2170 -8.41 -1.13 25.57
N LYS A 2171 -8.83 -2.31 25.10
CA LYS A 2171 -9.50 -3.30 25.94
C LYS A 2171 -8.90 -4.67 25.67
N PHE A 2172 -7.88 -5.06 26.46
CA PHE A 2172 -7.23 -6.37 26.29
C PHE A 2172 -8.23 -7.47 26.61
N ALA A 2173 -8.38 -8.43 25.69
CA ALA A 2173 -9.33 -9.54 25.80
C ALA A 2173 -9.12 -10.41 27.03
N GLY A 2174 -10.21 -10.70 27.74
CA GLY A 2174 -10.19 -11.53 28.94
C GLY A 2174 -9.67 -10.83 30.19
N GLU A 2175 -8.42 -10.39 30.14
CA GLU A 2175 -7.74 -9.72 31.24
C GLU A 2175 -8.21 -8.29 31.49
N GLU A 2176 -9.09 -8.10 32.48
CA GLU A 2176 -9.58 -6.76 32.82
C GLU A 2176 -9.27 -6.45 34.28
N GLY A 2177 -8.06 -5.96 34.55
CA GLY A 2177 -7.66 -5.66 35.91
C GLY A 2177 -6.84 -4.39 36.11
N VAL A 2178 -6.87 -3.47 35.13
CA VAL A 2178 -6.11 -2.22 35.26
C VAL A 2178 -6.89 -1.00 34.65
N ASP A 2179 -6.41 0.24 34.90
CA ASP A 2179 -7.03 1.48 34.41
C ASP A 2179 -6.81 1.70 32.91
N ALA A 2180 -7.67 2.55 32.27
CA ALA A 2180 -7.59 2.88 30.85
C ALA A 2180 -6.28 3.54 30.41
N GLY A 2181 -5.62 4.22 31.34
CA GLY A 2181 -4.33 4.86 31.11
C GLY A 2181 -3.18 3.86 31.08
N GLY A 2182 -3.34 2.76 31.81
CA GLY A 2182 -2.38 1.66 31.87
C GLY A 2182 -2.53 0.77 30.65
N LEU A 2183 -3.78 0.54 30.21
CA LEU A 2183 -4.09 -0.26 29.02
C LEU A 2183 -3.55 0.44 27.77
N THR A 2184 -3.70 1.77 27.70
CA THR A 2184 -3.22 2.62 26.60
C THR A 2184 -1.72 2.47 26.45
N ARG A 2185 -1.01 2.47 27.58
CA ARG A 2185 0.44 2.31 27.63
C ARG A 2185 0.84 0.89 27.29
N GLU A 2186 0.20 -0.09 27.91
CA GLU A 2186 0.51 -1.50 27.65
C GLU A 2186 0.30 -1.87 26.19
N TRP A 2187 -0.67 -1.23 25.52
CA TRP A 2187 -0.92 -1.45 24.09
C TRP A 2187 0.27 -0.97 23.27
N TYR A 2188 0.80 0.25 23.56
CA TYR A 2188 1.97 0.75 22.84
C TYR A 2188 3.17 -0.14 23.13
N SER A 2189 3.35 -0.50 24.41
CA SER A 2189 4.46 -1.33 24.84
C SER A 2189 4.44 -2.69 24.18
N GLU A 2190 3.27 -3.30 24.03
CA GLU A 2190 3.16 -4.63 23.40
C GLU A 2190 3.41 -4.57 21.91
N LEU A 2191 2.98 -3.47 21.26
CA LEU A 2191 3.16 -3.28 19.81
C LEU A 2191 4.64 -3.16 19.49
N SER A 2192 5.40 -2.41 20.32
CA SER A 2192 6.83 -2.26 20.11
C SER A 2192 7.59 -3.56 20.33
N LYS A 2193 7.10 -4.46 21.20
CA LYS A 2193 7.75 -5.75 21.41
C LYS A 2193 7.45 -6.67 20.23
N GLU A 2194 6.21 -6.64 19.73
CA GLU A 2194 5.81 -7.51 18.64
C GLU A 2194 6.31 -7.09 17.27
N MET A 2195 6.56 -5.78 17.02
CA MET A 2195 7.01 -5.38 15.69
C MET A 2195 8.41 -5.90 15.38
N PHE A 2196 9.29 -5.84 16.37
CA PHE A 2196 10.65 -6.33 16.22
C PHE A 2196 10.75 -7.86 16.46
N ASN A 2197 9.61 -8.55 16.29
CA ASN A 2197 9.36 -9.98 16.48
C ASN A 2197 10.11 -10.82 15.46
N ALA A 2198 10.50 -12.03 15.87
CA ALA A 2198 11.19 -12.98 15.02
C ALA A 2198 10.22 -13.57 14.01
N ASN A 2199 8.97 -13.84 14.43
CA ASN A 2199 7.99 -14.38 13.50
C ASN A 2199 7.46 -13.30 12.55
N TYR A 2200 7.43 -12.02 12.99
CA TYR A 2200 7.04 -10.94 12.09
C TYR A 2200 8.16 -10.67 11.10
N ALA A 2201 9.42 -10.76 11.56
CA ALA A 2201 10.63 -10.60 10.76
C ALA A 2201 10.66 -9.30 9.99
N LEU A 2202 10.11 -8.24 10.59
CA LEU A 2202 10.08 -6.96 9.93
C LEU A 2202 11.42 -6.27 10.08
N PHE A 2203 12.08 -6.39 11.25
CA PHE A 2203 13.37 -5.76 11.50
C PHE A 2203 14.42 -6.76 11.97
N THR A 2204 15.67 -6.48 11.62
CA THR A 2204 16.84 -7.24 12.03
C THR A 2204 17.64 -6.38 13.03
N PRO A 2205 18.06 -6.95 14.17
CA PRO A 2205 18.76 -6.13 15.16
C PRO A 2205 20.19 -5.77 14.77
N ILE A 2206 20.71 -4.69 15.39
CA ILE A 2206 22.09 -4.20 15.29
C ILE A 2206 22.49 -3.80 16.73
N GLY A 2207 22.39 -4.75 17.62
CA GLY A 2207 22.63 -4.51 19.03
C GLY A 2207 21.34 -3.98 19.63
N SER A 2208 21.41 -2.87 20.37
CA SER A 2208 20.22 -2.29 20.98
C SER A 2208 19.18 -1.78 19.95
N SER A 2209 19.65 -1.28 18.80
CA SER A 2209 18.78 -0.77 17.75
C SER A 2209 18.37 -1.83 16.71
N TYR A 2210 17.41 -1.49 15.82
CA TYR A 2210 16.92 -2.35 14.74
C TYR A 2210 16.88 -1.60 13.43
N GLN A 2211 17.03 -2.33 12.35
CA GLN A 2211 16.86 -1.78 11.01
C GLN A 2211 15.94 -2.71 10.22
N PRO A 2212 15.19 -2.22 9.21
CA PRO A 2212 14.31 -3.13 8.46
C PRO A 2212 15.04 -4.37 7.89
N ASN A 2213 14.32 -5.46 7.74
CA ASN A 2213 14.86 -6.70 7.19
C ASN A 2213 15.05 -6.51 5.68
N HIS A 2214 16.01 -7.21 5.07
CA HIS A 2214 16.29 -7.09 3.63
C HIS A 2214 15.03 -7.14 2.74
N ILE A 2215 15.01 -6.30 1.70
CA ILE A 2215 13.89 -6.22 0.79
C ILE A 2215 13.54 -7.57 0.13
N SER A 2216 14.49 -8.53 0.09
CA SER A 2216 14.20 -9.86 -0.47
C SER A 2216 13.46 -10.73 0.56
N HIS A 2217 13.79 -10.57 1.84
CA HIS A 2217 13.13 -11.30 2.92
C HIS A 2217 11.76 -10.70 3.26
N ILE A 2218 11.58 -9.38 3.05
CA ILE A 2218 10.31 -8.72 3.33
C ILE A 2218 9.26 -9.06 2.23
N ASN A 2219 8.13 -9.65 2.64
CA ASN A 2219 7.10 -10.08 1.69
C ASN A 2219 6.33 -8.95 1.03
N PRO A 2220 5.97 -9.09 -0.27
CA PRO A 2220 5.26 -8.00 -0.97
C PRO A 2220 3.97 -7.51 -0.31
N GLU A 2221 3.11 -8.44 0.15
CA GLU A 2221 1.87 -8.05 0.80
C GLU A 2221 2.08 -7.46 2.21
N HIS A 2222 3.22 -7.80 2.85
CA HIS A 2222 3.67 -7.39 4.18
C HIS A 2222 4.34 -6.04 4.23
N LEU A 2223 4.65 -5.44 3.07
CA LEU A 2223 5.29 -4.12 3.05
C LEU A 2223 4.44 -3.05 3.75
N VAL A 2224 3.10 -3.25 3.74
CA VAL A 2224 2.05 -2.44 4.36
C VAL A 2224 2.21 -2.37 5.89
N TYR A 2225 2.91 -3.37 6.50
CA TYR A 2225 3.18 -3.43 7.93
C TYR A 2225 4.07 -2.27 8.35
N PHE A 2226 4.96 -1.79 7.45
CA PHE A 2226 5.82 -0.64 7.73
C PHE A 2226 5.01 0.65 7.78
N LYS A 2227 3.95 0.77 6.97
CA LYS A 2227 3.07 1.95 7.01
C LYS A 2227 2.35 2.02 8.33
N PHE A 2228 1.91 0.84 8.84
CA PHE A 2228 1.25 0.69 10.10
C PHE A 2228 2.19 1.03 11.27
N ILE A 2229 3.49 0.63 11.20
CA ILE A 2229 4.48 0.99 12.24
C ILE A 2229 4.62 2.52 12.28
N GLY A 2230 4.59 3.16 11.10
CA GLY A 2230 4.63 4.61 10.95
C GLY A 2230 3.46 5.25 11.65
N ARG A 2231 2.26 4.67 11.48
CA ARG A 2231 1.05 5.18 12.12
C ARG A 2231 1.12 5.00 13.65
N ILE A 2232 1.67 3.87 14.12
CA ILE A 2232 1.80 3.64 15.56
C ILE A 2232 2.79 4.62 16.19
N ILE A 2233 4.04 4.67 15.69
CA ILE A 2233 5.07 5.58 16.20
C ILE A 2233 4.69 7.05 16.01
N GLY A 2234 3.96 7.35 14.95
CA GLY A 2234 3.49 8.70 14.69
C GLY A 2234 2.43 9.11 15.68
N LYS A 2235 1.49 8.20 15.95
CA LYS A 2235 0.41 8.43 16.91
C LYS A 2235 0.98 8.48 18.33
N ALA A 2236 2.02 7.67 18.63
CA ALA A 2236 2.67 7.67 19.94
C ALA A 2236 3.27 9.04 20.22
N VAL A 2237 3.98 9.63 19.23
CA VAL A 2237 4.57 10.97 19.39
C VAL A 2237 3.45 11.99 19.55
N TYR A 2238 2.45 11.93 18.69
CA TYR A 2238 1.30 12.84 18.73
C TYR A 2238 0.61 12.86 20.09
N ASP A 2239 0.57 11.71 20.75
CA ASP A 2239 -0.08 11.57 22.05
C ASP A 2239 0.90 11.66 23.22
N GLU A 2240 2.09 12.26 23.03
CA GLU A 2240 3.13 12.39 24.04
C GLU A 2240 3.39 11.07 24.78
N MET A 2241 3.60 10.02 23.98
CA MET A 2241 3.84 8.67 24.46
C MET A 2241 5.17 8.18 23.92
N THR A 2242 6.03 7.66 24.79
CA THR A 2242 7.34 7.17 24.38
C THR A 2242 7.25 5.72 23.91
N VAL A 2243 8.02 5.35 22.88
CA VAL A 2243 8.03 3.96 22.40
C VAL A 2243 9.45 3.39 22.45
N ASP A 2244 9.57 2.08 22.71
CA ASP A 2244 10.89 1.46 22.74
C ASP A 2244 11.41 1.16 21.35
N CYS A 2245 11.08 2.02 20.39
CA CYS A 2245 11.50 1.85 19.02
C CYS A 2245 12.72 2.68 18.68
N HIS A 2246 13.90 2.05 18.89
CA HIS A 2246 15.20 2.63 18.58
C HIS A 2246 15.64 2.01 17.28
N PHE A 2247 15.96 2.86 16.31
CA PHE A 2247 16.35 2.43 14.98
C PHE A 2247 17.79 2.85 14.66
N THR A 2248 18.26 2.47 13.46
CA THR A 2248 19.58 2.86 13.00
C THR A 2248 19.59 4.37 12.72
N ARG A 2249 20.79 4.97 12.66
CA ARG A 2249 20.89 6.40 12.34
C ARG A 2249 20.44 6.64 10.92
N ALA A 2250 20.74 5.72 10.00
CA ALA A 2250 20.31 5.81 8.61
C ALA A 2250 18.78 5.82 8.48
N PHE A 2251 18.09 5.10 9.37
CA PHE A 2251 16.63 5.06 9.41
C PHE A 2251 16.10 6.47 9.81
N TYR A 2252 16.60 7.02 10.93
CA TYR A 2252 16.23 8.33 11.44
C TYR A 2252 16.56 9.43 10.44
N LYS A 2253 17.65 9.28 9.67
CA LYS A 2253 18.07 10.23 8.65
C LYS A 2253 17.06 10.17 7.49
N ARG A 2254 16.76 8.97 6.98
CA ARG A 2254 15.81 8.78 5.89
C ARG A 2254 14.40 9.26 6.24
N VAL A 2255 13.92 9.09 7.48
CA VAL A 2255 12.59 9.62 7.86
C VAL A 2255 12.59 11.15 7.74
N LEU A 2256 13.67 11.79 8.21
CA LEU A 2256 13.84 13.23 8.14
C LEU A 2256 14.25 13.77 6.75
N SER A 2257 14.47 12.88 5.78
CA SER A 2257 14.87 13.15 4.40
C SER A 2257 16.29 13.77 4.34
N ILE A 2258 17.19 13.23 5.18
CA ILE A 2258 18.61 13.59 5.31
C ILE A 2258 19.42 12.48 4.68
N PRO A 2259 20.35 12.80 3.76
CA PRO A 2259 21.10 11.74 3.09
C PRO A 2259 22.12 11.01 3.94
N VAL A 2260 22.22 9.69 3.70
CA VAL A 2260 23.14 8.79 4.36
C VAL A 2260 24.58 9.15 3.98
N ASP A 2261 25.42 9.39 4.99
CA ASP A 2261 26.84 9.66 4.75
C ASP A 2261 27.68 8.39 5.03
N LEU A 2262 29.00 8.48 4.85
CA LEU A 2262 29.87 7.32 5.02
C LEU A 2262 29.91 6.79 6.46
N THR A 2263 29.54 7.63 7.46
CA THR A 2263 29.53 7.22 8.86
C THR A 2263 28.54 6.09 9.14
N ASP A 2264 27.42 6.09 8.43
CA ASP A 2264 26.41 5.03 8.59
C ASP A 2264 26.92 3.67 8.04
N VAL A 2265 27.80 3.73 7.03
CA VAL A 2265 28.40 2.55 6.41
C VAL A 2265 29.43 1.87 7.35
N GLU A 2266 30.15 2.66 8.16
CA GLU A 2266 31.19 2.17 9.09
C GLU A 2266 30.73 1.04 10.03
N ALA A 2267 29.56 1.21 10.65
CA ALA A 2267 29.05 0.21 11.57
C ALA A 2267 28.78 -1.12 10.83
N LEU A 2268 28.09 -1.05 9.67
CA LEU A 2268 27.67 -2.18 8.85
C LEU A 2268 28.82 -2.95 8.15
N ASP A 2269 29.72 -2.24 7.45
CA ASP A 2269 30.82 -2.88 6.74
C ASP A 2269 32.05 -1.98 6.88
N PRO A 2270 32.93 -2.27 7.85
CA PRO A 2270 34.08 -1.41 8.09
C PRO A 2270 35.13 -1.42 6.99
N GLU A 2271 35.26 -2.52 6.25
CA GLU A 2271 36.21 -2.58 5.14
C GLU A 2271 35.66 -1.87 3.89
N PHE A 2272 34.32 -1.83 3.73
CA PHE A 2272 33.66 -1.05 2.68
C PHE A 2272 33.90 0.45 2.98
N HIS A 2273 33.84 0.82 4.27
CA HIS A 2273 34.09 2.17 4.78
C HIS A 2273 35.57 2.54 4.62
N ARG A 2274 36.49 1.60 4.95
CA ARG A 2274 37.94 1.81 4.85
C ARG A 2274 38.43 1.87 3.39
N SER A 2275 37.71 1.21 2.46
CA SER A 2275 38.08 1.26 1.06
C SER A 2275 37.66 2.60 0.45
N LEU A 2276 36.47 3.10 0.84
CA LEU A 2276 35.96 4.37 0.35
C LEU A 2276 36.74 5.55 0.89
N VAL A 2277 37.18 5.49 2.16
CA VAL A 2277 37.93 6.60 2.74
C VAL A 2277 39.24 6.86 1.98
N TRP A 2278 39.97 5.79 1.60
CA TRP A 2278 41.21 5.95 0.83
C TRP A 2278 40.90 6.58 -0.54
N ILE A 2279 39.81 6.15 -1.16
CA ILE A 2279 39.36 6.66 -2.45
C ILE A 2279 39.09 8.18 -2.37
N LEU A 2280 38.37 8.61 -1.33
CA LEU A 2280 38.01 10.02 -1.14
C LEU A 2280 39.18 10.92 -0.69
N GLU A 2281 40.16 10.36 0.01
CA GLU A 2281 41.31 11.13 0.51
C GLU A 2281 42.46 11.26 -0.47
N ASN A 2282 42.78 10.19 -1.20
CA ASN A 2282 43.94 10.19 -2.10
C ASN A 2282 43.62 10.45 -3.57
N ASP A 2283 44.62 10.89 -4.34
CA ASP A 2283 44.53 11.18 -5.79
C ASP A 2283 44.50 9.89 -6.60
N ILE A 2284 43.39 9.16 -6.52
CA ILE A 2284 43.23 7.86 -7.16
C ILE A 2284 43.02 7.94 -8.70
N GLU A 2285 42.82 9.15 -9.27
CA GLU A 2285 42.61 9.35 -10.71
C GLU A 2285 43.49 8.49 -11.64
N ASN A 2286 44.81 8.40 -11.36
CA ASN A 2286 45.71 7.63 -12.20
C ASN A 2286 45.45 6.11 -12.09
N VAL A 2287 45.51 5.56 -10.86
CA VAL A 2287 45.33 4.13 -10.60
C VAL A 2287 43.92 3.79 -10.15
N LEU A 2288 42.92 4.24 -10.92
CA LEU A 2288 41.53 3.95 -10.60
C LEU A 2288 41.01 2.74 -11.36
N ASP A 2289 41.04 2.79 -12.72
CA ASP A 2289 40.60 1.73 -13.64
C ASP A 2289 39.25 1.11 -13.22
N MET A 2290 38.31 1.99 -12.82
CA MET A 2290 37.00 1.60 -12.31
C MET A 2290 35.86 2.46 -12.88
N THR A 2291 34.76 1.80 -13.28
CA THR A 2291 33.57 2.48 -13.80
C THR A 2291 32.63 2.94 -12.67
N PHE A 2292 31.74 3.89 -12.99
CA PHE A 2292 30.75 4.45 -12.07
C PHE A 2292 29.64 3.44 -11.72
N SER A 2293 29.41 2.44 -12.57
CA SER A 2293 28.41 1.41 -12.31
C SER A 2293 28.96 0.31 -11.37
N ILE A 2294 28.06 -0.44 -10.71
CA ILE A 2294 28.47 -1.48 -9.78
C ILE A 2294 27.84 -2.85 -10.08
N GLU A 2295 28.63 -3.91 -9.96
CA GLU A 2295 28.20 -5.28 -10.23
C GLU A 2295 27.58 -5.99 -9.04
N GLN A 2296 26.23 -6.01 -8.97
CA GLN A 2296 25.50 -6.70 -7.92
C GLN A 2296 25.08 -8.08 -8.44
N ASP A 2297 25.73 -9.15 -7.94
CA ASP A 2297 25.47 -10.52 -8.37
C ASP A 2297 24.07 -11.04 -8.00
N ARG A 2298 23.26 -11.40 -9.01
CA ARG A 2298 21.92 -11.95 -8.74
C ARG A 2298 21.93 -13.49 -8.80
N PHE A 2299 22.99 -14.07 -8.20
CA PHE A 2299 23.29 -15.50 -8.05
C PHE A 2299 23.61 -16.19 -9.40
N GLY A 2300 22.63 -16.33 -10.29
CA GLY A 2300 22.85 -16.95 -11.58
C GLY A 2300 23.67 -16.08 -12.50
N ILE A 2301 23.26 -14.81 -12.63
CA ILE A 2301 23.97 -13.83 -13.46
C ILE A 2301 24.03 -12.47 -12.73
N THR A 2302 25.14 -11.74 -12.91
CA THR A 2302 25.32 -10.45 -12.26
C THR A 2302 24.61 -9.32 -13.00
N GLU A 2303 23.76 -8.57 -12.29
CA GLU A 2303 23.04 -7.44 -12.89
C GLU A 2303 23.75 -6.12 -12.53
N ILE A 2304 24.26 -5.42 -13.54
CA ILE A 2304 24.99 -4.16 -13.39
C ILE A 2304 24.03 -3.02 -13.10
N ILE A 2305 24.24 -2.30 -11.99
CA ILE A 2305 23.34 -1.21 -11.60
C ILE A 2305 23.94 0.19 -11.84
N ASP A 2306 23.21 1.05 -12.58
CA ASP A 2306 23.63 2.42 -12.85
C ASP A 2306 23.25 3.31 -11.66
N LEU A 2307 24.16 4.18 -11.21
CA LEU A 2307 23.86 5.10 -10.12
C LEU A 2307 23.18 6.40 -10.61
N LYS A 2308 23.27 6.69 -11.91
CA LYS A 2308 22.66 7.86 -12.56
C LYS A 2308 22.35 7.55 -14.06
N GLU A 2309 21.92 8.56 -14.86
CA GLU A 2309 21.64 8.34 -16.28
C GLU A 2309 22.93 7.96 -17.00
N ASN A 2310 22.95 6.74 -17.60
CA ASN A 2310 24.09 6.16 -18.31
C ASN A 2310 25.30 6.02 -17.37
N GLY A 2311 25.04 5.53 -16.16
CA GLY A 2311 26.05 5.36 -15.12
C GLY A 2311 27.12 4.34 -15.42
N ARG A 2312 26.85 3.39 -16.31
CA ARG A 2312 27.84 2.37 -16.67
C ARG A 2312 28.94 2.91 -17.60
N ASN A 2313 28.60 3.91 -18.43
CA ASN A 2313 29.56 4.54 -19.35
C ASN A 2313 30.38 5.64 -18.69
N ILE A 2314 29.89 6.22 -17.58
CA ILE A 2314 30.57 7.28 -16.84
C ILE A 2314 31.75 6.71 -16.04
N ALA A 2315 32.90 7.37 -16.07
CA ALA A 2315 34.08 6.92 -15.33
C ALA A 2315 34.21 7.63 -13.97
N VAL A 2316 35.04 7.10 -13.04
CA VAL A 2316 35.22 7.73 -11.74
C VAL A 2316 36.47 8.63 -11.76
N THR A 2317 36.32 9.90 -11.35
CA THR A 2317 37.41 10.88 -11.36
C THR A 2317 37.63 11.54 -9.97
N ASN A 2318 38.67 12.39 -9.82
CA ASN A 2318 38.90 13.15 -8.58
C ASN A 2318 37.74 14.16 -8.34
N GLU A 2319 37.08 14.63 -9.41
CA GLU A 2319 35.96 15.56 -9.28
C GLU A 2319 34.73 14.77 -8.82
N ASN A 2320 34.45 13.64 -9.51
CA ASN A 2320 33.31 12.76 -9.22
C ASN A 2320 33.56 11.80 -8.06
N LYS A 2321 34.63 12.00 -7.26
CA LYS A 2321 34.92 11.10 -6.15
C LYS A 2321 33.92 11.30 -5.01
N ARG A 2322 33.42 12.54 -4.81
CA ARG A 2322 32.40 12.79 -3.79
C ARG A 2322 31.08 12.22 -4.27
N GLU A 2323 30.74 12.44 -5.55
CA GLU A 2323 29.51 11.95 -6.17
C GLU A 2323 29.43 10.42 -6.12
N TYR A 2324 30.50 9.72 -6.52
CA TYR A 2324 30.50 8.27 -6.51
C TYR A 2324 30.40 7.72 -5.09
N VAL A 2325 31.16 8.29 -4.15
CA VAL A 2325 31.15 7.81 -2.76
C VAL A 2325 29.79 8.07 -2.08
N GLU A 2326 29.18 9.26 -2.28
CA GLU A 2326 27.87 9.55 -1.68
C GLU A 2326 26.74 8.74 -2.33
N LEU A 2327 26.92 8.33 -3.61
CA LEU A 2327 25.94 7.53 -4.36
C LEU A 2327 26.04 6.06 -3.98
N VAL A 2328 27.26 5.55 -3.77
CA VAL A 2328 27.48 4.17 -3.37
C VAL A 2328 27.00 3.95 -1.92
N CYS A 2329 27.04 4.98 -1.05
CA CYS A 2329 26.54 4.86 0.32
C CYS A 2329 25.01 4.70 0.30
N ARG A 2330 24.34 5.42 -0.60
CA ARG A 2330 22.90 5.33 -0.74
C ARG A 2330 22.45 4.04 -1.47
N PHE A 2331 23.33 3.44 -2.29
CA PHE A 2331 22.98 2.22 -3.00
C PHE A 2331 23.42 0.94 -2.27
N LYS A 2332 24.14 1.06 -1.14
CA LYS A 2332 24.57 -0.10 -0.35
C LYS A 2332 23.56 -0.44 0.74
N LEU A 2333 22.93 0.59 1.34
CA LEU A 2333 21.95 0.36 2.38
C LEU A 2333 20.57 0.89 2.02
N VAL A 2334 20.48 2.13 1.49
CA VAL A 2334 19.22 2.78 1.17
C VAL A 2334 18.48 2.09 -0.01
N ARG A 2335 19.20 1.30 -0.85
CA ARG A 2335 18.52 0.60 -1.94
C ARG A 2335 17.81 -0.65 -1.45
N VAL A 2336 18.38 -1.35 -0.47
CA VAL A 2336 17.71 -2.54 0.09
C VAL A 2336 16.84 -2.23 1.34
N ILE A 2337 16.61 -0.91 1.62
CA ILE A 2337 15.82 -0.36 2.74
C ILE A 2337 14.97 0.88 2.27
N GLU A 2338 14.80 1.06 0.94
CA GLU A 2338 14.01 2.18 0.42
C GLU A 2338 12.51 1.97 0.55
N ARG A 2339 11.97 0.85 0.00
CA ARG A 2339 10.54 0.53 0.04
C ARG A 2339 10.01 0.33 1.46
N GLN A 2340 10.86 -0.14 2.36
CA GLN A 2340 10.51 -0.34 3.77
C GLN A 2340 10.34 1.03 4.42
N LEU A 2341 11.29 1.96 4.17
CA LEU A 2341 11.31 3.31 4.72
C LEU A 2341 10.23 4.22 4.16
N SER A 2342 9.94 4.14 2.85
CA SER A 2342 8.90 4.91 2.17
C SER A 2342 7.51 4.61 2.71
N ALA A 2343 7.30 3.36 3.12
CA ALA A 2343 6.05 2.92 3.71
C ALA A 2343 5.95 3.47 5.14
N PHE A 2344 7.05 3.40 5.92
CA PHE A 2344 7.08 3.92 7.28
C PHE A 2344 6.79 5.41 7.29
N ALA A 2345 7.50 6.17 6.45
CA ALA A 2345 7.35 7.61 6.35
C ALA A 2345 5.94 7.97 5.91
N GLU A 2346 5.34 7.19 4.99
CA GLU A 2346 3.97 7.46 4.54
C GLU A 2346 2.98 7.45 5.72
N GLY A 2347 3.06 6.42 6.53
CA GLY A 2347 2.20 6.27 7.69
C GLY A 2347 2.57 7.18 8.85
N PHE A 2348 3.83 7.58 8.92
CA PHE A 2348 4.32 8.43 9.99
C PHE A 2348 3.85 9.85 9.74
N PHE A 2349 4.11 10.35 8.54
CA PHE A 2349 3.71 11.68 8.16
C PHE A 2349 2.23 11.82 7.86
N GLU A 2350 1.47 10.70 7.74
CA GLU A 2350 0.02 10.83 7.64
C GLU A 2350 -0.61 11.06 9.04
N ILE A 2351 0.21 11.18 10.11
CA ILE A 2351 -0.20 11.51 11.48
C ILE A 2351 0.49 12.85 11.85
N LEU A 2352 1.82 12.91 11.72
CA LEU A 2352 2.57 14.12 12.08
C LEU A 2352 2.84 15.05 10.90
N ASP A 2353 2.91 16.38 11.12
CA ASP A 2353 3.18 17.32 10.04
C ASP A 2353 4.65 17.17 9.65
N VAL A 2354 4.92 16.99 8.35
CA VAL A 2354 6.27 16.82 7.82
C VAL A 2354 7.15 18.00 8.19
N ASP A 2355 6.60 19.21 8.06
CA ASP A 2355 7.26 20.49 8.32
C ASP A 2355 7.55 20.70 9.81
N MET A 2356 6.66 20.18 10.69
CA MET A 2356 6.81 20.26 12.16
C MET A 2356 7.94 19.36 12.62
N LEU A 2357 7.86 18.07 12.30
CA LEU A 2357 8.85 17.10 12.70
C LEU A 2357 10.23 17.34 12.07
N LYS A 2358 10.29 18.02 10.93
CA LYS A 2358 11.58 18.26 10.26
C LYS A 2358 12.55 19.08 11.10
N MET A 2359 12.04 19.91 12.04
CA MET A 2359 12.87 20.74 12.93
C MET A 2359 13.76 19.94 13.91
N PHE A 2360 13.62 18.61 13.93
CA PHE A 2360 14.42 17.76 14.80
C PHE A 2360 15.57 17.14 14.04
N ASN A 2361 16.71 16.99 14.72
CA ASN A 2361 17.94 16.37 14.21
C ASN A 2361 17.74 14.86 14.03
N GLU A 2362 18.63 14.19 13.28
CA GLU A 2362 18.57 12.72 13.17
C GLU A 2362 18.79 12.06 14.54
N LYS A 2363 19.41 12.78 15.49
CA LYS A 2363 19.63 12.31 16.85
C LYS A 2363 18.43 12.70 17.71
N GLU A 2364 17.93 13.93 17.55
CA GLU A 2364 16.77 14.40 18.31
C GLU A 2364 15.47 13.67 17.99
N LEU A 2365 15.36 13.07 16.79
CA LEU A 2365 14.19 12.31 16.42
C LEU A 2365 14.08 11.08 17.31
N GLU A 2366 15.22 10.43 17.61
CA GLU A 2366 15.23 9.26 18.50
C GLU A 2366 14.76 9.65 19.88
N LEU A 2367 15.17 10.83 20.37
CA LEU A 2367 14.76 11.34 21.67
C LEU A 2367 13.29 11.75 21.69
N LEU A 2368 12.75 12.21 20.56
CA LEU A 2368 11.36 12.63 20.49
C LEU A 2368 10.49 11.38 20.60
N ILE A 2369 10.81 10.34 19.80
CA ILE A 2369 10.11 9.07 19.66
C ILE A 2369 10.17 8.19 20.92
N SER A 2370 11.37 8.00 21.45
CA SER A 2370 11.65 7.08 22.54
C SER A 2370 11.73 7.75 23.91
N GLY A 2371 12.06 9.03 23.96
CA GLY A 2371 12.23 9.80 25.19
C GLY A 2371 13.65 10.27 25.44
N LEU A 2372 13.86 11.18 26.40
CA LEU A 2372 15.22 11.63 26.73
C LEU A 2372 15.71 10.96 28.04
N PRO A 2373 16.68 10.03 27.96
CA PRO A 2373 17.14 9.37 29.18
C PRO A 2373 17.95 10.26 30.12
N GLU A 2374 17.65 10.14 31.42
CA GLU A 2374 18.40 10.82 32.50
C GLU A 2374 19.53 9.81 32.80
N ILE A 2375 20.66 10.04 32.17
CA ILE A 2375 21.84 9.16 32.08
C ILE A 2375 22.89 9.42 33.20
N ASP A 2376 23.04 8.44 34.13
CA ASP A 2376 23.93 8.47 35.31
C ASP A 2376 25.41 8.42 34.95
N VAL A 2377 26.11 9.56 35.12
CA VAL A 2377 27.53 9.64 34.78
C VAL A 2377 28.40 8.74 35.66
N ASP A 2378 27.98 8.53 36.90
CA ASP A 2378 28.71 7.67 37.82
C ASP A 2378 28.67 6.22 37.33
N ASP A 2379 27.51 5.78 36.88
CA ASP A 2379 27.32 4.44 36.33
C ASP A 2379 28.09 4.29 35.01
N TRP A 2380 28.16 5.38 34.23
CA TRP A 2380 28.89 5.45 32.97
C TRP A 2380 30.38 5.29 33.24
N ARG A 2381 30.93 6.02 34.23
CA ARG A 2381 32.36 5.93 34.53
C ARG A 2381 32.72 4.63 35.20
N ASN A 2382 31.80 4.05 35.99
CA ASN A 2382 32.08 2.78 36.65
C ASN A 2382 32.16 1.62 35.67
N ASN A 2383 31.52 1.73 34.50
CA ASN A 2383 31.52 0.66 33.52
C ASN A 2383 32.04 1.12 32.17
N THR A 2384 33.13 1.92 32.20
CA THR A 2384 33.84 2.42 31.04
C THR A 2384 35.25 1.89 31.11
N ILE A 2385 35.73 1.21 30.06
CA ILE A 2385 37.10 0.68 30.05
C ILE A 2385 38.02 1.60 29.21
N TYR A 2386 39.32 1.70 29.56
CA TYR A 2386 40.22 2.60 28.83
C TYR A 2386 41.35 1.87 28.15
N PHE A 2387 41.87 2.47 27.05
CA PHE A 2387 43.00 1.96 26.26
C PHE A 2387 43.89 3.14 25.94
N GLY A 2388 45.15 3.05 26.36
CA GLY A 2388 46.08 4.17 26.21
C GLY A 2388 45.98 5.16 27.36
N TYR A 2389 44.86 5.11 28.13
CA TYR A 2389 44.57 5.94 29.29
C TYR A 2389 44.21 5.07 30.52
N THR A 2390 44.07 5.72 31.68
CA THR A 2390 43.63 5.15 32.95
C THR A 2390 42.49 6.06 33.48
N SER A 2391 41.73 5.59 34.49
CA SER A 2391 40.67 6.41 35.09
C SER A 2391 41.18 7.76 35.60
N ASP A 2392 42.49 7.83 35.92
CA ASP A 2392 43.20 8.99 36.42
C ASP A 2392 44.02 9.75 35.37
N SER A 2393 43.93 9.37 34.08
CA SER A 2393 44.63 10.11 33.01
C SER A 2393 44.03 11.51 32.94
N GLN A 2394 44.85 12.57 32.86
CA GLN A 2394 44.33 13.95 32.82
C GLN A 2394 43.28 14.18 31.74
N VAL A 2395 43.50 13.57 30.57
CA VAL A 2395 42.59 13.63 29.43
C VAL A 2395 41.22 13.06 29.85
N ILE A 2396 41.23 11.90 30.56
CA ILE A 2396 40.06 11.18 31.07
C ILE A 2396 39.36 11.95 32.17
N ARG A 2397 40.13 12.51 33.11
CA ARG A 2397 39.59 13.31 34.19
C ARG A 2397 38.86 14.54 33.66
N TRP A 2398 39.35 15.13 32.55
CA TRP A 2398 38.68 16.24 31.89
C TRP A 2398 37.43 15.76 31.17
N TYR A 2399 37.51 14.58 30.52
CA TYR A 2399 36.41 13.95 29.81
C TYR A 2399 35.23 13.75 30.74
N TRP A 2400 35.49 13.18 31.93
CA TRP A 2400 34.41 12.96 32.89
C TRP A 2400 33.86 14.23 33.47
N ARG A 2401 34.72 15.24 33.67
CA ARG A 2401 34.31 16.55 34.16
C ARG A 2401 33.37 17.19 33.13
N ALA A 2402 33.73 17.09 31.84
CA ALA A 2402 32.94 17.59 30.73
C ALA A 2402 31.59 16.86 30.70
N VAL A 2403 31.57 15.50 30.77
CA VAL A 2403 30.32 14.72 30.78
C VAL A 2403 29.45 15.08 31.99
N ARG A 2404 30.05 15.33 33.17
CA ARG A 2404 29.28 15.73 34.35
C ARG A 2404 28.58 17.06 34.11
N ASN A 2405 29.29 18.00 33.46
CA ASN A 2405 28.79 19.33 33.13
C ASN A 2405 27.75 19.33 32.01
N PHE A 2406 27.80 18.32 31.13
CA PHE A 2406 26.84 18.24 30.03
C PHE A 2406 25.42 18.15 30.51
N SER A 2407 24.52 18.72 29.73
CA SER A 2407 23.10 18.64 30.02
C SER A 2407 22.64 17.20 29.75
N MET A 2408 21.44 16.83 30.23
CA MET A 2408 20.91 15.51 29.95
C MET A 2408 20.77 15.25 28.43
N GLU A 2409 20.58 16.33 27.64
CA GLU A 2409 20.49 16.30 26.19
C GLU A 2409 21.89 16.00 25.60
N GLU A 2410 22.92 16.74 26.03
CA GLU A 2410 24.27 16.54 25.53
C GLU A 2410 24.79 15.15 25.90
N ARG A 2411 24.51 14.68 27.12
CA ARG A 2411 24.93 13.35 27.55
C ARG A 2411 24.30 12.26 26.67
N ALA A 2412 23.00 12.39 26.34
CA ALA A 2412 22.31 11.45 25.47
C ALA A 2412 22.88 11.52 24.05
N LYS A 2413 23.23 12.72 23.54
CA LYS A 2413 23.85 12.86 22.20
C LYS A 2413 25.29 12.29 22.16
N LEU A 2414 26.00 12.30 23.31
CA LEU A 2414 27.32 11.69 23.41
C LEU A 2414 27.18 10.16 23.48
N LEU A 2415 26.11 9.64 24.10
CA LEU A 2415 25.87 8.21 24.13
C LEU A 2415 25.53 7.75 22.72
N GLN A 2416 24.59 8.42 22.03
CA GLN A 2416 24.26 8.02 20.67
C GLN A 2416 25.35 8.34 19.66
N PHE A 2417 26.38 9.14 20.01
CA PHE A 2417 27.49 9.35 19.11
C PHE A 2417 28.43 8.11 19.12
N ALA A 2418 28.84 7.69 20.32
CA ALA A 2418 29.78 6.59 20.47
C ALA A 2418 29.17 5.20 20.38
N THR A 2419 27.86 5.07 20.62
CA THR A 2419 27.21 3.76 20.54
C THR A 2419 26.24 3.70 19.38
N GLY A 2420 25.56 4.79 19.09
CA GLY A 2420 24.57 4.84 18.02
C GLY A 2420 23.13 4.85 18.49
N THR A 2421 22.92 4.79 19.81
CA THR A 2421 21.57 4.80 20.37
C THR A 2421 21.48 5.51 21.71
N SER A 2422 20.29 6.03 22.02
CA SER A 2422 19.98 6.62 23.33
C SER A 2422 19.61 5.50 24.34
N LYS A 2423 19.28 4.28 23.83
CA LYS A 2423 18.90 3.09 24.56
C LYS A 2423 19.99 2.71 25.52
N LEU A 2424 19.58 2.51 26.75
CA LEU A 2424 20.47 2.04 27.79
C LEU A 2424 19.82 0.85 28.45
N PRO A 2425 20.62 -0.19 28.75
CA PRO A 2425 20.05 -1.35 29.43
C PRO A 2425 19.49 -0.99 30.81
N LEU A 2426 18.60 -1.83 31.36
CA LEU A 2426 18.02 -1.57 32.66
C LEU A 2426 19.07 -1.60 33.80
N GLU A 2427 20.06 -2.51 33.72
CA GLU A 2427 21.20 -2.57 34.65
C GLU A 2427 22.05 -1.28 34.55
N GLY A 2428 22.11 -0.72 33.34
CA GLY A 2428 22.87 0.47 33.03
C GLY A 2428 24.04 0.14 32.13
N PHE A 2429 25.06 1.01 32.15
CA PHE A 2429 26.27 0.86 31.35
C PHE A 2429 27.05 -0.43 31.63
N ALA A 2430 26.62 -1.21 32.65
CA ALA A 2430 27.30 -2.43 33.02
C ALA A 2430 27.03 -3.52 32.00
N GLY A 2431 25.77 -3.66 31.61
CA GLY A 2431 25.36 -4.64 30.62
C GLY A 2431 25.18 -4.04 29.25
N LEU A 2432 26.01 -3.04 28.94
CA LEU A 2432 25.98 -2.37 27.66
C LEU A 2432 26.37 -3.36 26.57
N ARG A 2433 25.68 -3.29 25.44
CA ARG A 2433 25.98 -4.21 24.36
C ARG A 2433 26.09 -3.53 23.01
N CYS A 2434 26.95 -4.06 22.17
CA CYS A 2434 27.15 -3.59 20.81
C CYS A 2434 26.61 -4.69 19.83
N GLN A 2435 26.83 -4.54 18.51
CA GLN A 2435 26.39 -5.53 17.53
C GLN A 2435 27.13 -6.86 17.74
N ASN A 2436 28.41 -6.78 18.15
CA ASN A 2436 29.27 -7.93 18.41
C ASN A 2436 29.24 -8.28 19.92
N GLY A 2437 28.05 -8.71 20.38
CA GLY A 2437 27.81 -9.12 21.76
C GLY A 2437 27.76 -7.97 22.75
N ASN A 2438 28.20 -8.21 23.99
CA ASN A 2438 28.22 -7.17 25.00
C ASN A 2438 29.53 -6.41 24.93
N GLN A 2439 29.49 -5.10 25.24
CA GLN A 2439 30.68 -4.28 25.22
C GLN A 2439 30.54 -3.07 26.13
N LYS A 2440 31.31 -3.01 27.23
CA LYS A 2440 31.30 -1.86 28.13
C LYS A 2440 31.97 -0.73 27.37
N PHE A 2441 31.41 0.48 27.42
CA PHE A 2441 31.94 1.68 26.73
C PHE A 2441 33.47 1.77 26.77
N GLN A 2442 34.16 1.78 25.62
CA GLN A 2442 35.63 1.84 25.65
C GLN A 2442 36.18 3.16 25.11
N ILE A 2443 37.09 3.80 25.85
CA ILE A 2443 37.71 5.05 25.42
C ILE A 2443 39.16 4.77 25.08
N HIS A 2444 39.59 5.12 23.86
CA HIS A 2444 40.96 4.86 23.42
C HIS A 2444 41.76 6.14 23.20
N LYS A 2445 43.10 6.06 23.25
CA LYS A 2445 43.98 7.19 22.93
C LYS A 2445 43.95 7.23 21.41
N ALA A 2446 43.40 8.30 20.83
CA ALA A 2446 43.19 8.39 19.39
C ALA A 2446 44.43 8.61 18.54
N SER A 2447 45.61 8.78 19.14
CA SER A 2447 46.84 9.00 18.38
C SER A 2447 46.74 10.21 17.42
N GLY A 2448 46.04 11.24 17.89
CA GLY A 2448 45.87 12.49 17.16
C GLY A 2448 46.23 13.66 18.05
N GLY A 2449 46.68 14.75 17.43
CA GLY A 2449 47.06 15.94 18.19
C GLY A 2449 45.88 16.64 18.85
N SER A 2450 46.16 17.68 19.62
CA SER A 2450 45.11 18.47 20.26
C SER A 2450 44.11 19.10 19.26
N SER A 2451 44.46 19.13 17.97
CA SER A 2451 43.63 19.68 16.92
C SER A 2451 42.52 18.71 16.51
N ARG A 2452 42.87 17.41 16.32
CA ARG A 2452 41.97 16.36 15.87
C ARG A 2452 40.69 16.17 16.73
N LEU A 2453 39.63 15.64 16.11
CA LEU A 2453 38.34 15.41 16.75
C LEU A 2453 38.13 13.98 17.29
N PRO A 2454 37.25 13.78 18.29
CA PRO A 2454 36.99 12.43 18.78
C PRO A 2454 36.23 11.59 17.74
N THR A 2455 36.80 10.43 17.34
CA THR A 2455 36.21 9.52 16.34
C THR A 2455 35.46 8.43 17.07
N ALA A 2456 34.25 8.06 16.63
CA ALA A 2456 33.53 6.97 17.29
C ALA A 2456 33.46 5.72 16.42
N HIS A 2457 33.34 4.55 17.05
CA HIS A 2457 33.21 3.26 16.37
C HIS A 2457 32.06 2.53 17.04
N THR A 2458 30.84 2.86 16.64
CA THR A 2458 29.59 2.34 17.17
C THR A 2458 29.49 0.80 17.21
N ALA A 2459 30.33 0.13 16.42
CA ALA A 2459 30.34 -1.33 16.38
C ALA A 2459 30.81 -1.98 17.69
N PHE A 2460 31.51 -1.20 18.55
CA PHE A 2460 32.10 -1.68 19.82
C PHE A 2460 31.97 -0.64 20.94
N ASN A 2461 31.01 0.30 20.86
CA ASN A 2461 30.80 1.38 21.84
C ASN A 2461 32.13 2.07 22.15
N GLN A 2462 32.89 2.36 21.08
CA GLN A 2462 34.23 2.86 21.22
C GLN A 2462 34.35 4.33 20.89
N LEU A 2463 35.01 5.11 21.74
CA LEU A 2463 35.24 6.53 21.51
C LEU A 2463 36.73 6.81 21.54
N ASP A 2464 37.29 7.23 20.41
CA ASP A 2464 38.72 7.53 20.31
C ASP A 2464 38.98 9.01 20.62
N LEU A 2465 39.44 9.29 21.83
CA LEU A 2465 39.70 10.62 22.36
C LEU A 2465 41.17 10.97 22.17
N PRO A 2466 41.52 11.92 21.29
CA PRO A 2466 42.94 12.31 21.15
C PRO A 2466 43.49 13.07 22.36
N GLU A 2467 44.82 13.15 22.49
CA GLU A 2467 45.43 13.83 23.63
C GLU A 2467 45.23 15.34 23.59
N TYR A 2468 44.21 15.85 24.31
CA TYR A 2468 43.99 17.30 24.37
C TYR A 2468 44.95 17.96 25.37
N ASP A 2469 45.08 19.28 25.28
CA ASP A 2469 46.00 20.04 26.13
C ASP A 2469 45.28 20.81 27.25
N SER A 2470 43.98 21.04 27.12
CA SER A 2470 43.21 21.75 28.14
C SER A 2470 41.78 21.22 28.23
N TYR A 2471 41.12 21.45 29.37
CA TYR A 2471 39.75 21.02 29.58
C TYR A 2471 38.83 21.71 28.61
N GLU A 2472 38.99 23.02 28.40
CA GLU A 2472 38.15 23.80 27.47
C GLU A 2472 38.29 23.36 26.03
N GLN A 2473 39.48 22.82 25.66
CA GLN A 2473 39.76 22.31 24.33
C GLN A 2473 39.01 21.00 24.14
N LEU A 2474 39.09 20.10 25.13
CA LEU A 2474 38.40 18.82 25.08
C LEU A 2474 36.89 19.02 25.11
N VAL A 2475 36.39 19.92 25.96
CA VAL A 2475 34.96 20.14 26.08
C VAL A 2475 34.37 20.72 24.80
N LYS A 2476 35.15 21.51 24.03
CA LYS A 2476 34.65 22.08 22.78
C LYS A 2476 34.72 21.08 21.64
N ALA A 2477 35.77 20.26 21.61
CA ALA A 2477 35.89 19.23 20.61
C ALA A 2477 34.92 18.08 20.85
N LEU A 2478 34.49 17.84 22.11
CA LEU A 2478 33.51 16.82 22.43
C LEU A 2478 32.17 17.29 21.88
N LEU A 2479 31.79 18.54 22.21
CA LEU A 2479 30.54 19.18 21.80
C LEU A 2479 30.36 19.27 20.28
N PHE A 2480 31.47 19.47 19.55
CA PHE A 2480 31.39 19.56 18.10
C PHE A 2480 31.08 18.19 17.49
N SER A 2481 31.72 17.13 18.01
CA SER A 2481 31.57 15.76 17.54
C SER A 2481 30.16 15.23 17.70
N LEU A 2482 29.57 15.39 18.90
CA LEU A 2482 28.23 14.89 19.14
C LEU A 2482 27.20 15.64 18.26
N GLU A 2483 27.39 16.95 18.09
CA GLU A 2483 26.50 17.74 17.26
C GLU A 2483 26.67 17.39 15.75
N GLU A 2484 27.60 18.06 15.02
CA GLU A 2484 27.85 17.86 13.60
C GLU A 2484 26.58 18.09 12.72
N GLY B 1 31.47 -28.99 -76.39
CA GLY B 1 31.72 -30.00 -75.36
C GLY B 1 30.46 -30.71 -74.93
N PRO B 2 30.39 -32.03 -75.12
CA PRO B 2 29.19 -32.78 -74.71
C PRO B 2 29.17 -33.13 -73.23
N MET B 3 28.02 -33.65 -72.75
CA MET B 3 27.82 -34.05 -71.35
C MET B 3 28.76 -35.16 -70.90
N LYS B 4 29.24 -35.07 -69.66
CA LYS B 4 30.12 -36.08 -69.09
C LYS B 4 29.43 -36.81 -67.93
N ILE B 5 29.53 -38.15 -67.91
CA ILE B 5 28.95 -38.96 -66.84
C ILE B 5 29.84 -38.86 -65.62
N PRO B 16 12.18 -42.28 -69.43
CA PRO B 16 11.50 -42.93 -68.31
C PRO B 16 10.01 -43.18 -68.59
N GLY B 17 9.40 -42.24 -69.30
CA GLY B 17 8.00 -42.19 -69.67
C GLY B 17 7.69 -42.82 -71.01
N LYS B 18 6.63 -42.33 -71.66
CA LYS B 18 6.19 -42.85 -72.95
C LYS B 18 6.31 -41.74 -73.97
N GLN B 19 5.77 -40.55 -73.63
CA GLN B 19 5.89 -39.38 -74.49
C GLN B 19 7.34 -38.91 -74.46
N ILE B 20 7.98 -38.95 -73.26
CA ILE B 20 9.36 -38.55 -73.03
C ILE B 20 10.30 -39.51 -73.76
N SER B 21 10.05 -40.81 -73.67
CA SER B 21 10.87 -41.80 -74.37
C SER B 21 10.75 -41.61 -75.88
N ASN B 22 9.53 -41.36 -76.37
CA ASN B 22 9.27 -41.15 -77.79
C ASN B 22 9.96 -39.88 -78.32
N THR B 23 9.84 -38.76 -77.62
CA THR B 23 10.46 -37.51 -78.07
C THR B 23 12.00 -37.61 -78.03
N ILE B 24 12.55 -38.40 -77.09
CA ILE B 24 13.98 -38.59 -76.98
C ILE B 24 14.45 -39.45 -78.16
N LYS B 25 13.73 -40.55 -78.44
CA LYS B 25 14.05 -41.47 -79.54
C LYS B 25 13.89 -40.81 -80.91
N GLN B 26 12.86 -39.98 -81.06
CA GLN B 26 12.58 -39.26 -82.30
C GLN B 26 13.70 -38.28 -82.63
N LEU B 27 14.12 -37.46 -81.65
CA LEU B 27 15.22 -36.50 -81.87
C LEU B 27 16.57 -37.17 -82.11
N SER B 28 16.75 -38.39 -81.58
CA SER B 28 17.97 -39.16 -81.77
C SER B 28 18.01 -39.75 -83.19
N ASN B 29 16.88 -40.30 -83.67
CA ASN B 29 16.79 -40.94 -84.99
C ASN B 29 16.65 -39.98 -86.18
N LEU B 30 15.68 -39.04 -86.13
CA LEU B 30 15.35 -38.07 -87.19
C LEU B 30 16.54 -37.48 -87.93
N PRO B 31 16.45 -37.39 -89.27
CA PRO B 31 17.55 -36.77 -90.02
C PRO B 31 17.63 -35.26 -89.72
N GLU B 32 18.83 -34.68 -89.81
CA GLU B 32 19.06 -33.26 -89.49
C GLU B 32 18.09 -32.29 -90.18
N GLU B 33 17.54 -32.66 -91.32
CA GLU B 33 16.61 -31.82 -92.06
C GLU B 33 15.24 -31.79 -91.40
N GLU B 34 14.79 -32.95 -90.88
CA GLU B 34 13.49 -33.10 -90.23
C GLU B 34 13.48 -32.68 -88.74
N LEU B 35 14.65 -32.39 -88.16
CA LEU B 35 14.74 -31.97 -86.77
C LEU B 35 14.09 -30.61 -86.46
N PRO B 36 14.30 -29.54 -87.25
CA PRO B 36 13.68 -28.24 -86.91
C PRO B 36 12.16 -28.20 -87.06
N THR B 37 11.59 -29.11 -87.86
CA THR B 37 10.13 -29.18 -88.04
C THR B 37 9.47 -29.80 -86.80
N TYR B 38 10.14 -30.78 -86.15
CA TYR B 38 9.64 -31.44 -84.95
C TYR B 38 9.91 -30.60 -83.70
N LEU B 39 11.07 -29.93 -83.65
CA LEU B 39 11.41 -29.06 -82.52
C LEU B 39 10.45 -27.87 -82.40
N ASN B 40 9.96 -27.39 -83.54
CA ASN B 40 9.01 -26.28 -83.59
C ASN B 40 7.70 -26.72 -82.92
N ASN B 41 7.20 -27.93 -83.26
CA ASN B 41 5.95 -28.52 -82.74
C ASN B 41 5.87 -28.53 -81.24
N ILE B 42 7.01 -28.69 -80.57
CA ILE B 42 7.06 -28.69 -79.12
C ILE B 42 7.08 -27.24 -78.64
N TYR B 43 5.89 -26.61 -78.60
CA TYR B 43 5.69 -25.23 -78.19
C TYR B 43 5.66 -25.08 -76.68
N GLU B 44 5.09 -26.07 -75.99
CA GLU B 44 4.97 -26.02 -74.54
C GLU B 44 5.15 -27.38 -73.89
N TRP B 45 5.54 -27.38 -72.62
CA TRP B 45 5.76 -28.60 -71.87
C TRP B 45 4.49 -28.96 -71.13
N ARG B 46 3.65 -29.82 -71.74
CA ARG B 46 2.42 -30.26 -71.10
C ARG B 46 2.65 -31.69 -70.64
N CYS B 47 3.71 -31.88 -69.86
CA CYS B 47 4.11 -33.18 -69.37
C CYS B 47 4.83 -33.07 -68.01
N ALA B 48 5.12 -34.21 -67.37
CA ALA B 48 5.83 -34.21 -66.09
C ALA B 48 7.26 -33.78 -66.29
N LYS B 49 7.85 -33.15 -65.28
CA LYS B 49 9.23 -32.66 -65.37
C LYS B 49 10.18 -33.82 -65.52
N THR B 50 11.06 -33.76 -66.52
CA THR B 50 12.02 -34.83 -66.78
C THR B 50 13.35 -34.61 -65.98
N ASP B 51 14.35 -35.51 -66.13
CA ASP B 51 15.68 -35.39 -65.51
C ASP B 51 16.67 -35.31 -66.69
N LEU B 52 17.59 -34.33 -66.68
CA LEU B 52 18.54 -34.12 -67.78
C LEU B 52 19.43 -35.32 -68.12
N LEU B 53 19.45 -36.34 -67.25
CA LEU B 53 20.23 -37.56 -67.45
C LEU B 53 19.69 -38.38 -68.63
N TYR B 54 18.36 -38.37 -68.83
CA TYR B 54 17.69 -39.11 -69.90
C TYR B 54 17.94 -38.51 -71.28
N TRP B 55 18.21 -37.20 -71.34
CA TRP B 55 18.44 -36.49 -72.58
C TRP B 55 19.92 -36.30 -72.87
N VAL B 56 20.79 -37.20 -72.38
CA VAL B 56 22.23 -37.06 -72.62
C VAL B 56 22.57 -37.16 -74.11
N ASP B 57 22.17 -38.25 -74.76
CA ASP B 57 22.42 -38.42 -76.19
C ASP B 57 21.65 -37.42 -77.07
N VAL B 58 20.58 -36.81 -76.53
CA VAL B 58 19.78 -35.82 -77.25
C VAL B 58 20.54 -34.49 -77.28
N LEU B 59 21.06 -34.06 -76.12
CA LEU B 59 21.85 -32.84 -76.05
C LEU B 59 23.30 -32.99 -76.53
N ASP B 60 23.77 -34.25 -76.70
CA ASP B 60 25.09 -34.53 -77.25
C ASP B 60 25.04 -34.23 -78.76
N ARG B 61 23.96 -34.65 -79.44
CA ARG B 61 23.76 -34.39 -80.87
C ARG B 61 23.48 -32.90 -81.11
N PHE B 62 22.77 -32.24 -80.19
CA PHE B 62 22.47 -30.82 -80.29
C PHE B 62 23.76 -30.01 -80.12
N ASP B 63 24.65 -30.44 -79.23
CA ASP B 63 25.96 -29.78 -79.06
C ASP B 63 26.77 -29.96 -80.35
N GLU B 64 26.76 -31.17 -80.92
CA GLU B 64 27.47 -31.50 -82.14
C GLU B 64 27.01 -30.72 -83.36
N ILE B 65 25.69 -30.55 -83.56
CA ILE B 65 25.20 -29.77 -84.70
C ILE B 65 25.51 -28.28 -84.49
N LEU B 66 25.48 -27.78 -83.25
CA LEU B 66 25.82 -26.39 -82.97
C LEU B 66 27.34 -26.15 -83.16
N LYS B 67 28.16 -27.16 -82.84
CA LYS B 67 29.61 -27.13 -83.02
C LYS B 67 29.97 -27.16 -84.51
N ALA B 68 29.16 -27.88 -85.32
CA ALA B 68 29.35 -27.96 -86.76
C ALA B 68 29.05 -26.63 -87.46
N VAL B 69 28.16 -25.80 -86.87
CA VAL B 69 27.79 -24.49 -87.40
C VAL B 69 28.86 -23.44 -87.07
N VAL B 70 29.34 -23.42 -85.82
CA VAL B 70 30.36 -22.46 -85.40
C VAL B 70 31.75 -22.80 -85.99
N THR B 71 32.02 -24.08 -86.26
CA THR B 71 33.29 -24.46 -86.91
C THR B 71 33.24 -24.27 -88.44
N GLU B 72 32.04 -24.08 -89.02
CA GLU B 72 31.87 -23.85 -90.45
C GLU B 72 31.80 -22.36 -90.75
N TYR B 73 31.04 -21.60 -89.95
CA TYR B 73 30.89 -20.16 -90.18
C TYR B 73 32.01 -19.31 -89.60
N GLY B 74 32.46 -19.67 -88.40
CA GLY B 74 33.52 -18.95 -87.68
C GLY B 74 33.11 -18.70 -86.24
N LEU B 75 34.02 -18.98 -85.28
CA LEU B 75 33.73 -18.79 -83.86
C LEU B 75 33.66 -17.29 -83.50
N GLY B 76 34.77 -16.58 -83.77
CA GLY B 76 34.89 -15.16 -83.50
C GLY B 76 34.85 -14.31 -84.75
N GLN B 77 35.29 -14.88 -85.88
CA GLN B 77 35.34 -14.18 -87.16
C GLN B 77 33.98 -14.00 -87.86
N PHE B 78 33.16 -15.08 -87.94
CA PHE B 78 31.88 -15.11 -88.66
C PHE B 78 32.15 -14.79 -90.13
N GLN B 79 32.94 -15.64 -90.76
CA GLN B 79 33.36 -15.52 -92.15
C GLN B 79 32.17 -15.35 -93.10
N ASN B 80 31.30 -16.36 -93.20
CA ASN B 80 30.16 -16.30 -94.10
C ASN B 80 29.06 -15.43 -93.53
N LYS B 81 28.99 -14.17 -93.99
CA LYS B 81 27.95 -13.23 -93.54
C LYS B 81 26.53 -13.80 -93.85
N PRO B 82 26.19 -14.21 -95.11
CA PRO B 82 24.84 -14.75 -95.35
C PRO B 82 24.63 -16.12 -94.71
N MET B 83 23.90 -16.16 -93.61
CA MET B 83 23.61 -17.40 -92.90
C MET B 83 22.39 -18.06 -93.53
N LYS B 84 22.57 -19.24 -94.14
CA LYS B 84 21.53 -20.02 -94.81
C LYS B 84 20.30 -20.20 -93.93
N GLU B 85 19.09 -20.15 -94.53
CA GLU B 85 17.83 -20.31 -93.81
C GLU B 85 17.68 -21.71 -93.20
N SER B 86 18.34 -22.73 -93.79
CA SER B 86 18.30 -24.08 -93.22
C SER B 86 19.16 -24.16 -91.95
N ASP B 87 20.30 -23.44 -91.94
CA ASP B 87 21.19 -23.39 -90.78
C ASP B 87 20.56 -22.51 -89.71
N LYS B 88 20.12 -21.29 -90.07
CA LYS B 88 19.47 -20.31 -89.19
C LYS B 88 18.27 -20.90 -88.48
N GLU B 89 17.40 -21.62 -89.20
CA GLU B 89 16.22 -22.21 -88.59
C GLU B 89 16.50 -23.50 -87.82
N MET B 90 17.68 -24.13 -88.04
CA MET B 90 18.09 -25.31 -87.31
C MET B 90 18.54 -24.88 -85.91
N VAL B 91 19.45 -23.90 -85.82
CA VAL B 91 19.93 -23.38 -84.55
C VAL B 91 18.83 -22.66 -83.78
N TYR B 92 17.89 -21.99 -84.48
CA TYR B 92 16.76 -21.35 -83.81
C TYR B 92 15.89 -22.40 -83.11
N ALA B 93 15.70 -23.55 -83.76
CA ALA B 93 14.92 -24.64 -83.19
C ALA B 93 15.66 -25.33 -82.06
N ILE B 94 16.99 -25.41 -82.12
CA ILE B 94 17.77 -26.03 -81.05
C ILE B 94 17.72 -25.16 -79.79
N LEU B 95 18.08 -23.87 -79.91
CA LEU B 95 18.12 -22.92 -78.79
C LEU B 95 16.79 -22.70 -78.12
N LYS B 96 15.70 -22.79 -78.89
CA LYS B 96 14.37 -22.59 -78.34
C LYS B 96 13.98 -23.83 -77.52
N PHE B 97 14.22 -25.02 -78.07
CA PHE B 97 13.88 -26.25 -77.38
C PHE B 97 14.74 -26.46 -76.16
N GLN B 98 16.02 -26.10 -76.21
CA GLN B 98 16.93 -26.25 -75.09
C GLN B 98 16.44 -25.55 -73.83
N LYS B 99 15.92 -24.33 -73.97
CA LYS B 99 15.38 -23.54 -72.86
C LYS B 99 14.14 -24.21 -72.28
N LEU B 100 13.22 -24.66 -73.13
CA LEU B 100 12.00 -25.35 -72.70
C LEU B 100 12.37 -26.65 -71.96
N LEU B 101 13.36 -27.37 -72.49
CA LEU B 101 13.80 -28.63 -71.91
C LEU B 101 14.43 -28.40 -70.54
N VAL B 102 15.42 -27.50 -70.42
CA VAL B 102 16.08 -27.27 -69.14
C VAL B 102 15.19 -26.55 -68.12
N GLU B 103 14.13 -25.86 -68.56
CA GLU B 103 13.20 -25.22 -67.63
C GLU B 103 12.43 -26.31 -66.87
N ASN B 104 11.97 -27.32 -67.61
CA ASN B 104 11.17 -28.39 -67.05
C ASN B 104 11.98 -29.66 -66.82
N SER B 105 13.27 -29.53 -66.46
CA SER B 105 14.10 -30.70 -66.18
C SER B 105 14.89 -30.58 -64.88
N SER B 106 15.24 -31.74 -64.31
CA SER B 106 15.99 -31.91 -63.07
C SER B 106 17.49 -31.97 -63.42
N ASN B 107 18.36 -31.50 -62.51
CA ASN B 107 19.81 -31.48 -62.72
C ASN B 107 20.13 -30.59 -63.92
N LYS B 108 19.68 -29.35 -63.86
CA LYS B 108 19.90 -28.39 -64.96
C LYS B 108 21.39 -28.15 -65.20
N SER B 109 22.21 -28.19 -64.12
CA SER B 109 23.66 -28.00 -64.15
C SER B 109 24.41 -29.00 -65.05
N MET B 110 23.75 -30.10 -65.44
CA MET B 110 24.34 -31.11 -66.33
C MET B 110 24.50 -30.62 -67.77
N PHE B 111 23.75 -29.56 -68.16
CA PHE B 111 23.83 -29.00 -69.50
C PHE B 111 25.22 -28.47 -69.79
N SER B 112 26.03 -29.24 -70.52
CA SER B 112 27.40 -28.88 -70.84
C SER B 112 27.61 -28.36 -72.27
N SER B 113 26.54 -27.92 -72.92
CA SER B 113 26.63 -27.39 -74.28
C SER B 113 26.61 -25.85 -74.28
N PHE B 114 27.10 -25.21 -73.21
CA PHE B 114 27.08 -23.75 -73.11
C PHE B 114 28.17 -23.05 -73.91
N ASP B 115 29.27 -23.75 -74.16
CA ASP B 115 30.41 -23.25 -74.93
C ASP B 115 30.01 -22.98 -76.39
N VAL B 116 29.11 -23.81 -76.94
CA VAL B 116 28.63 -23.69 -78.31
C VAL B 116 27.42 -22.73 -78.46
N VAL B 117 26.74 -22.37 -77.35
CA VAL B 117 25.60 -21.45 -77.42
C VAL B 117 26.09 -20.01 -77.50
N GLU B 118 27.16 -19.67 -76.74
CA GLU B 118 27.72 -18.33 -76.66
C GLU B 118 28.01 -17.64 -78.01
N PRO B 119 28.66 -18.27 -79.03
CA PRO B 119 28.94 -17.52 -80.28
C PRO B 119 27.73 -16.93 -80.98
N PHE B 120 26.54 -17.52 -80.76
CA PHE B 120 25.32 -17.02 -81.38
C PHE B 120 24.87 -15.67 -80.81
N ILE B 121 25.26 -15.34 -79.58
CA ILE B 121 24.96 -14.06 -78.96
C ILE B 121 25.63 -12.93 -79.78
N TYR B 122 26.86 -13.17 -80.22
CA TYR B 122 27.65 -12.19 -80.96
C TYR B 122 27.63 -12.49 -82.46
N SER B 123 26.50 -13.01 -82.96
CA SER B 123 26.34 -13.35 -84.37
C SER B 123 25.69 -12.17 -85.14
N PHE B 124 25.47 -12.32 -86.44
CA PHE B 124 24.85 -11.26 -87.23
C PHE B 124 23.34 -11.42 -87.33
N GLU B 125 22.84 -12.67 -87.25
CA GLU B 125 21.40 -12.90 -87.27
C GLU B 125 20.89 -12.75 -85.85
N LEU B 126 20.23 -11.61 -85.58
CA LEU B 126 19.74 -11.25 -84.25
C LEU B 126 18.71 -12.22 -83.68
N ASP B 127 17.93 -12.92 -84.53
CA ASP B 127 16.96 -13.91 -84.05
C ASP B 127 17.62 -14.99 -83.19
N LEU B 128 18.86 -15.36 -83.51
CA LEU B 128 19.59 -16.37 -82.76
C LEU B 128 20.22 -15.80 -81.52
N ALA B 129 20.68 -14.54 -81.57
CA ALA B 129 21.29 -13.87 -80.43
C ALA B 129 20.28 -13.75 -79.28
N ILE B 130 19.02 -13.44 -79.62
CA ILE B 130 17.92 -13.30 -78.68
C ILE B 130 17.64 -14.64 -78.03
N GLU B 131 17.54 -15.69 -78.84
CA GLU B 131 17.26 -17.02 -78.33
C GLU B 131 18.41 -17.61 -77.53
N ALA B 132 19.66 -17.23 -77.84
CA ALA B 132 20.81 -17.70 -77.09
C ALA B 132 20.85 -17.00 -75.74
N LEU B 133 20.58 -15.67 -75.72
CA LEU B 133 20.55 -14.88 -74.49
C LEU B 133 19.42 -15.29 -73.56
N TYR B 134 18.28 -15.78 -74.09
CA TYR B 134 17.16 -16.22 -73.25
C TYR B 134 17.52 -17.47 -72.45
N LEU B 135 18.37 -18.33 -73.00
CA LEU B 135 18.83 -19.55 -72.34
C LEU B 135 19.83 -19.17 -71.25
N VAL B 136 20.73 -18.21 -71.53
CA VAL B 136 21.74 -17.74 -70.57
C VAL B 136 21.06 -16.97 -69.43
N SER B 137 20.04 -16.18 -69.75
CA SER B 137 19.31 -15.37 -68.77
C SER B 137 18.53 -16.23 -67.78
N PHE B 138 17.84 -17.27 -68.28
CA PHE B 138 17.14 -18.17 -67.37
C PHE B 138 18.17 -18.96 -66.56
N PHE B 139 19.24 -19.44 -67.20
CA PHE B 139 20.26 -20.21 -66.51
C PHE B 139 20.89 -19.46 -65.36
N ALA B 140 21.19 -18.17 -65.57
CA ALA B 140 21.78 -17.31 -64.54
C ALA B 140 20.84 -17.14 -63.34
N SER B 141 19.52 -17.17 -63.56
CA SER B 141 18.53 -17.04 -62.48
C SER B 141 18.62 -18.16 -61.45
N LYS B 142 19.07 -19.35 -61.87
CA LYS B 142 19.16 -20.48 -60.97
C LYS B 142 20.51 -20.56 -60.25
N ILE B 143 21.36 -19.51 -60.29
CA ILE B 143 22.66 -19.55 -59.60
C ILE B 143 22.49 -19.44 -58.09
N HIS B 144 21.52 -18.64 -57.64
CA HIS B 144 21.22 -18.47 -56.22
C HIS B 144 20.44 -19.67 -55.62
N ILE B 145 19.76 -20.47 -56.49
CA ILE B 145 18.94 -21.61 -56.11
C ILE B 145 19.69 -22.97 -56.09
N GLN B 146 20.33 -23.33 -57.22
CA GLN B 146 21.03 -24.60 -57.41
C GLN B 146 22.43 -24.59 -56.81
N ARG B 147 23.18 -23.49 -57.02
CA ARG B 147 24.56 -23.20 -56.57
C ARG B 147 25.62 -24.01 -57.38
N SER B 148 25.28 -25.23 -57.83
CA SER B 148 26.19 -26.03 -58.66
C SER B 148 26.06 -25.71 -60.17
N ILE B 149 25.21 -24.76 -60.52
CA ILE B 149 24.97 -24.36 -61.89
C ILE B 149 26.03 -23.37 -62.43
N LYS B 150 26.87 -22.80 -61.55
CA LYS B 150 27.91 -21.84 -61.98
C LYS B 150 28.96 -22.53 -62.85
N THR B 151 29.25 -23.81 -62.55
CA THR B 151 30.22 -24.64 -63.28
C THR B 151 29.70 -24.91 -64.70
N SER B 152 28.38 -25.10 -64.86
CA SER B 152 27.72 -25.33 -66.15
C SER B 152 27.79 -24.08 -67.06
N MET B 153 27.81 -22.88 -66.46
CA MET B 153 27.92 -21.62 -67.22
C MET B 153 29.38 -21.19 -67.41
N ALA B 154 30.35 -21.80 -66.67
CA ALA B 154 31.79 -21.53 -66.79
C ALA B 154 32.38 -21.89 -68.16
N LEU B 155 31.61 -22.60 -69.02
CA LEU B 155 31.97 -22.95 -70.40
C LEU B 155 31.98 -21.70 -71.31
N MET B 156 31.22 -20.65 -70.93
CA MET B 156 31.16 -19.38 -71.65
C MET B 156 31.58 -18.24 -70.71
N LYS B 157 32.29 -17.24 -71.24
CA LYS B 157 32.73 -16.12 -70.43
C LYS B 157 31.58 -15.14 -70.24
N MET B 158 31.19 -14.90 -68.99
CA MET B 158 30.09 -14.00 -68.68
C MET B 158 30.47 -12.54 -68.81
N GLU B 159 31.71 -12.19 -68.45
CA GLU B 159 32.28 -10.84 -68.51
C GLU B 159 32.31 -10.22 -69.91
N THR B 160 32.23 -11.07 -70.95
CA THR B 160 32.19 -10.66 -72.35
C THR B 160 30.82 -10.04 -72.71
N LEU B 161 29.77 -10.32 -71.93
CA LEU B 161 28.42 -9.80 -72.18
C LEU B 161 28.23 -8.33 -71.81
N LYS B 162 29.20 -7.72 -71.11
CA LYS B 162 29.12 -6.31 -70.72
C LYS B 162 29.09 -5.37 -71.95
N THR B 163 29.53 -5.86 -73.12
CA THR B 163 29.59 -5.12 -74.36
C THR B 163 28.19 -4.83 -74.92
N LEU B 164 27.25 -5.77 -74.72
CA LEU B 164 25.86 -5.65 -75.18
C LEU B 164 25.04 -4.67 -74.35
N ILE B 165 25.44 -4.46 -73.08
CA ILE B 165 24.77 -3.60 -72.11
C ILE B 165 24.49 -2.18 -72.61
N GLU B 166 25.45 -1.57 -73.33
CA GLU B 166 25.37 -0.20 -73.86
C GLU B 166 24.01 0.19 -74.42
N ARG B 167 23.58 1.44 -74.13
CA ARG B 167 22.29 1.97 -74.55
C ARG B 167 22.21 2.14 -76.05
N VAL B 168 21.18 1.56 -76.65
CA VAL B 168 20.97 1.65 -78.08
C VAL B 168 20.44 3.02 -78.47
N LYS B 169 21.26 3.78 -79.21
CA LYS B 169 20.91 5.12 -79.67
C LYS B 169 20.72 5.10 -81.19
N GLU B 170 20.16 6.19 -81.75
CA GLU B 170 19.95 6.27 -83.20
C GLU B 170 21.22 6.74 -83.91
N LYS B 171 22.06 5.78 -84.34
CA LYS B 171 23.36 6.00 -84.99
C LYS B 171 24.22 6.92 -84.12
N PRO B 172 24.78 6.40 -83.01
CA PRO B 172 25.54 7.28 -82.11
C PRO B 172 27.01 7.48 -82.52
N GLN B 173 27.83 6.41 -82.52
CA GLN B 173 29.23 6.54 -82.89
C GLN B 173 29.54 5.75 -84.14
N SER B 174 30.05 6.44 -85.15
CA SER B 174 30.45 5.78 -86.39
C SER B 174 31.75 5.03 -86.17
N MET B 175 32.65 5.57 -85.33
CA MET B 175 33.92 4.95 -85.05
C MET B 175 33.98 4.43 -83.63
N TYR B 176 34.54 3.23 -83.45
CA TYR B 176 34.71 2.59 -82.17
C TYR B 176 36.13 2.84 -81.68
N THR B 177 36.31 3.17 -80.39
CA THR B 177 37.63 3.42 -79.83
C THR B 177 38.19 2.16 -79.18
N TYR B 178 39.39 1.75 -79.57
CA TYR B 178 40.04 0.57 -79.01
C TYR B 178 41.18 0.95 -78.06
N TYR B 179 41.74 -0.01 -77.31
CA TYR B 179 42.91 0.25 -76.47
C TYR B 179 43.79 -0.99 -76.48
N ASP B 180 44.96 -0.87 -77.13
CA ASP B 180 45.86 -1.99 -77.33
C ASP B 180 47.00 -2.08 -76.31
N GLU B 181 47.52 -3.29 -76.10
CA GLU B 181 48.63 -3.53 -75.18
C GLU B 181 49.97 -3.18 -75.85
N THR B 182 51.06 -3.08 -75.05
CA THR B 182 52.45 -2.76 -75.43
C THR B 182 52.59 -1.29 -75.90
N THR B 183 51.93 -0.90 -77.02
CA THR B 183 51.99 0.48 -77.50
C THR B 183 51.15 1.42 -76.62
N ASN B 184 50.06 0.89 -76.02
CA ASN B 184 49.15 1.58 -75.12
C ASN B 184 48.58 2.87 -75.69
N ASN B 185 47.94 2.78 -76.86
CA ASN B 185 47.34 3.94 -77.52
C ASN B 185 45.92 3.64 -77.98
N CYS B 186 45.08 4.68 -78.05
CA CYS B 186 43.68 4.52 -78.43
C CYS B 186 43.31 5.29 -79.71
N LYS B 187 42.70 4.60 -80.69
CA LYS B 187 42.31 5.24 -81.93
C LYS B 187 40.87 4.91 -82.37
N ARG B 188 40.29 5.73 -83.25
CA ARG B 188 38.92 5.53 -83.73
C ARG B 188 38.96 4.90 -85.13
N VAL B 189 38.21 3.82 -85.34
CA VAL B 189 38.18 3.15 -86.64
C VAL B 189 36.83 3.35 -87.35
N SER B 190 36.83 3.98 -88.54
CA SER B 190 35.61 4.22 -89.29
C SER B 190 35.03 2.95 -89.87
N ILE B 191 33.81 2.60 -89.46
CA ILE B 191 33.16 1.37 -89.91
C ILE B 191 32.14 1.60 -91.05
N LYS B 192 32.08 2.82 -91.61
CA LYS B 192 31.15 3.14 -92.69
C LYS B 192 31.48 2.46 -94.03
N LYS B 193 32.51 1.59 -94.08
CA LYS B 193 32.84 0.91 -95.33
C LYS B 193 31.75 -0.10 -95.72
N ALA B 194 31.48 -1.10 -94.86
CA ALA B 194 30.43 -2.11 -95.02
C ALA B 194 30.32 -2.74 -96.44
N VAL B 195 31.45 -3.12 -97.06
CA VAL B 195 31.41 -3.72 -98.40
C VAL B 195 32.06 -5.11 -98.48
N LYS B 196 32.77 -5.56 -97.42
CA LYS B 196 33.41 -6.87 -97.44
C LYS B 196 32.89 -7.80 -96.34
N LYS B 197 32.30 -8.95 -96.72
CA LYS B 197 31.73 -9.96 -95.83
C LYS B 197 32.65 -10.42 -94.69
N GLY B 198 33.95 -10.47 -94.96
CA GLY B 198 34.94 -10.84 -93.96
C GLY B 198 35.24 -9.71 -93.01
N ILE B 199 36.05 -8.74 -93.44
CA ILE B 199 36.40 -7.59 -92.62
C ILE B 199 35.78 -6.31 -93.20
N TYR B 200 34.81 -5.70 -92.49
CA TYR B 200 34.11 -4.49 -92.92
C TYR B 200 34.85 -3.17 -92.54
N SER B 201 36.06 -3.27 -91.96
CA SER B 201 36.90 -2.17 -91.50
C SER B 201 36.17 -1.23 -90.53
N PRO B 208 40.57 -6.49 -83.61
CA PRO B 208 41.79 -7.26 -83.35
C PRO B 208 42.11 -7.41 -81.85
N SER B 209 43.23 -8.11 -81.53
CA SER B 209 43.81 -8.37 -80.20
C SER B 209 42.78 -8.63 -79.08
N GLN B 210 41.94 -9.68 -79.24
CA GLN B 210 40.91 -10.13 -78.31
C GLN B 210 39.72 -9.18 -78.15
N GLU B 211 39.86 -7.90 -78.56
CA GLU B 211 38.75 -6.95 -78.48
C GLU B 211 37.73 -7.19 -79.63
N ILE B 212 37.73 -8.41 -80.21
CA ILE B 212 36.90 -8.84 -81.33
C ILE B 212 35.40 -8.85 -81.02
N ARG B 213 34.98 -9.45 -79.90
CA ARG B 213 33.55 -9.52 -79.56
C ARG B 213 32.93 -8.14 -79.34
N ARG B 214 33.68 -7.23 -78.69
CA ARG B 214 33.20 -5.86 -78.44
C ARG B 214 33.03 -5.12 -79.77
N PHE B 215 34.00 -5.29 -80.69
CA PHE B 215 33.93 -4.65 -81.99
C PHE B 215 32.74 -5.18 -82.80
N ILE B 216 32.44 -6.49 -82.73
CA ILE B 216 31.31 -7.10 -83.44
C ILE B 216 30.00 -6.39 -83.09
N HIS B 217 29.76 -6.16 -81.79
CA HIS B 217 28.55 -5.48 -81.35
C HIS B 217 28.49 -4.06 -81.85
N ALA B 218 29.61 -3.29 -81.71
CA ALA B 218 29.70 -1.91 -82.18
C ALA B 218 29.32 -1.76 -83.65
N ILE B 219 29.55 -2.80 -84.46
CA ILE B 219 29.20 -2.85 -85.87
C ILE B 219 27.68 -2.91 -86.04
N ARG B 220 27.03 -3.84 -85.31
CA ARG B 220 25.59 -4.07 -85.36
C ARG B 220 24.78 -2.87 -84.86
N LEU B 221 25.31 -2.11 -83.88
CA LEU B 221 24.63 -0.95 -83.31
C LEU B 221 24.43 0.17 -84.35
N HIS B 222 25.47 0.49 -85.12
CA HIS B 222 25.38 1.54 -86.13
C HIS B 222 24.87 1.02 -87.48
N GLU B 223 25.33 -0.17 -87.91
CA GLU B 223 24.94 -0.72 -89.20
C GLU B 223 23.54 -1.29 -89.26
N MET B 224 23.13 -2.06 -88.25
CA MET B 224 21.82 -2.70 -88.28
C MET B 224 20.73 -1.85 -87.63
N ALA B 225 20.34 -0.78 -88.30
CA ALA B 225 19.27 0.08 -87.79
C ALA B 225 17.87 -0.39 -88.22
N GLU B 226 17.78 -1.46 -89.03
CA GLU B 226 16.52 -2.04 -89.50
C GLU B 226 15.95 -2.94 -88.39
N GLN B 227 16.81 -3.77 -87.77
CA GLN B 227 16.42 -4.64 -86.67
C GLN B 227 16.83 -3.98 -85.34
N HIS B 228 16.62 -2.66 -85.21
CA HIS B 228 16.96 -1.91 -83.99
C HIS B 228 16.04 -2.24 -82.78
N GLU B 229 14.93 -2.92 -83.03
CA GLU B 229 13.96 -3.38 -82.05
C GLU B 229 14.53 -4.63 -81.37
N LYS B 230 14.92 -5.63 -82.18
CA LYS B 230 15.52 -6.89 -81.72
C LYS B 230 16.89 -6.66 -81.07
N LEU B 231 17.58 -5.61 -81.47
CA LEU B 231 18.87 -5.22 -80.91
C LEU B 231 18.66 -4.66 -79.50
N LYS B 232 17.60 -3.86 -79.32
CA LYS B 232 17.27 -3.22 -78.05
C LYS B 232 16.96 -4.25 -76.98
N ILE B 233 16.26 -5.33 -77.36
CA ILE B 233 15.91 -6.42 -76.43
C ILE B 233 17.10 -7.33 -76.11
N ILE B 234 18.17 -7.29 -76.92
CA ILE B 234 19.38 -8.07 -76.68
C ILE B 234 20.08 -7.50 -75.43
N ARG B 235 20.12 -6.16 -75.28
CA ARG B 235 20.74 -5.54 -74.12
C ARG B 235 19.99 -5.82 -72.82
N MET B 236 18.67 -6.04 -72.91
CA MET B 236 17.83 -6.31 -71.75
C MET B 236 18.05 -7.72 -71.24
N LEU B 237 18.24 -8.68 -72.15
CA LEU B 237 18.51 -10.06 -71.76
C LEU B 237 19.93 -10.14 -71.20
N ALA B 238 20.89 -9.49 -71.88
CA ALA B 238 22.27 -9.46 -71.42
C ALA B 238 22.39 -8.76 -70.06
N PHE B 239 21.55 -7.75 -69.81
CA PHE B 239 21.56 -7.06 -68.52
C PHE B 239 21.01 -7.99 -67.46
N SER B 240 19.87 -8.64 -67.75
CA SER B 240 19.22 -9.54 -66.81
C SER B 240 20.11 -10.72 -66.41
N ALA B 241 20.85 -11.32 -67.35
CA ALA B 241 21.76 -12.43 -67.01
C ALA B 241 22.91 -11.96 -66.12
N LEU B 242 23.37 -10.72 -66.32
CA LEU B 242 24.44 -10.14 -65.50
C LEU B 242 23.96 -9.65 -64.13
N VAL B 243 22.65 -9.36 -64.00
CA VAL B 243 22.05 -8.97 -62.73
C VAL B 243 22.08 -10.20 -61.82
N TYR B 244 21.67 -11.37 -62.35
CA TYR B 244 21.66 -12.63 -61.63
C TYR B 244 23.10 -13.05 -61.30
N TYR B 245 24.05 -12.85 -62.23
CA TYR B 245 25.45 -13.21 -62.04
C TYR B 245 26.08 -12.39 -60.88
N ASN B 246 26.50 -11.13 -61.12
CA ASN B 246 27.01 -10.28 -60.06
C ASN B 246 26.38 -8.87 -60.12
N TYR B 247 25.35 -8.66 -59.31
CA TYR B 247 24.65 -7.36 -59.23
C TYR B 247 25.63 -6.20 -58.89
N THR B 248 26.76 -6.53 -58.25
CA THR B 248 27.80 -5.60 -57.81
C THR B 248 28.56 -4.96 -58.98
N ASP B 249 29.24 -5.74 -59.85
CA ASP B 249 29.98 -5.17 -60.96
C ASP B 249 29.07 -4.91 -62.17
N LEU B 250 28.07 -4.05 -61.94
CA LEU B 250 27.03 -3.64 -62.88
C LEU B 250 26.89 -2.10 -62.90
N PRO B 251 26.32 -1.51 -63.97
CA PRO B 251 26.19 -0.04 -64.01
C PRO B 251 24.97 0.50 -63.27
N ILE B 252 24.69 -0.01 -62.05
CA ILE B 252 23.55 0.46 -61.27
C ILE B 252 23.86 1.79 -60.60
N ASP B 253 23.34 2.88 -61.15
CA ASP B 253 23.57 4.22 -60.63
C ASP B 253 22.23 4.89 -60.24
N SER B 254 22.29 6.10 -59.67
CA SER B 254 21.07 6.87 -59.38
C SER B 254 20.41 7.32 -60.71
N GLU B 255 21.21 7.47 -61.81
CA GLU B 255 20.78 7.80 -63.18
C GLU B 255 20.04 6.58 -63.78
N PHE B 256 20.45 5.35 -63.43
CA PHE B 256 19.78 4.13 -63.87
C PHE B 256 18.36 4.11 -63.31
N ILE B 257 18.18 4.46 -62.02
CA ILE B 257 16.87 4.48 -61.37
C ILE B 257 15.98 5.64 -61.87
N SER B 258 16.61 6.76 -62.23
CA SER B 258 15.88 7.92 -62.74
C SER B 258 15.34 7.72 -64.16
N ARG B 259 16.13 7.08 -65.06
CA ARG B 259 15.66 6.91 -66.44
C ARG B 259 15.62 5.46 -66.93
N ASP B 260 16.66 4.64 -66.70
CA ASP B 260 16.66 3.26 -67.21
C ASP B 260 15.57 2.40 -66.63
N LEU B 261 15.26 2.59 -65.35
CA LEU B 261 14.21 1.84 -64.65
C LEU B 261 12.80 2.20 -65.18
N PRO B 262 12.35 3.48 -65.23
CA PRO B 262 11.00 3.76 -65.76
C PRO B 262 10.85 3.56 -67.25
N GLU B 263 11.96 3.62 -68.02
CA GLU B 263 11.92 3.44 -69.47
C GLU B 263 11.56 2.00 -69.84
N THR B 264 12.10 1.02 -69.12
CA THR B 264 11.82 -0.38 -69.41
C THR B 264 10.41 -0.77 -69.01
N LEU B 265 9.88 -0.18 -67.90
CA LEU B 265 8.49 -0.41 -67.45
C LEU B 265 7.50 0.13 -68.48
N ALA B 266 7.85 1.23 -69.16
CA ALA B 266 7.03 1.86 -70.18
C ALA B 266 6.93 0.94 -71.40
N ILE B 267 8.04 0.25 -71.75
CA ILE B 267 8.13 -0.71 -72.85
C ILE B 267 7.17 -1.87 -72.62
N ILE B 268 7.15 -2.37 -71.38
CA ILE B 268 6.27 -3.44 -70.93
C ILE B 268 4.80 -3.08 -71.17
N ASN B 269 4.45 -1.82 -70.97
CA ASN B 269 3.07 -1.36 -71.11
C ASN B 269 2.69 -0.83 -72.50
N THR B 270 3.65 -0.64 -73.40
CA THR B 270 3.33 -0.07 -74.72
C THR B 270 3.87 -0.84 -75.94
N GLU B 271 5.15 -1.23 -75.93
CA GLU B 271 5.80 -1.89 -77.07
C GLU B 271 5.24 -3.27 -77.42
N SER B 272 5.56 -3.79 -78.63
CA SER B 272 5.09 -5.09 -79.12
C SER B 272 5.50 -6.24 -78.21
N TYR B 273 4.74 -7.35 -78.25
CA TYR B 273 4.96 -8.52 -77.41
C TYR B 273 6.40 -9.04 -77.43
N GLN B 274 7.07 -9.10 -78.60
CA GLN B 274 8.45 -9.56 -78.65
C GLN B 274 9.38 -8.68 -77.79
N MET B 275 9.10 -7.37 -77.78
CA MET B 275 9.88 -6.41 -77.01
C MET B 275 9.52 -6.42 -75.54
N ARG B 276 8.21 -6.32 -75.21
CA ARG B 276 7.78 -6.29 -73.81
C ARG B 276 7.99 -7.61 -73.08
N GLU B 277 8.24 -8.73 -73.79
CA GLU B 277 8.55 -10.01 -73.13
C GLU B 277 9.96 -9.93 -72.55
N ALA B 278 10.92 -9.35 -73.30
CA ALA B 278 12.31 -9.21 -72.87
C ALA B 278 12.49 -8.16 -71.78
N ALA B 279 11.69 -7.08 -71.83
CA ALA B 279 11.73 -6.03 -70.82
C ALA B 279 11.25 -6.57 -69.46
N VAL B 280 10.27 -7.49 -69.48
CA VAL B 280 9.75 -8.16 -68.30
C VAL B 280 10.84 -9.03 -67.68
N THR B 281 11.62 -9.73 -68.53
CA THR B 281 12.72 -10.58 -68.07
C THR B 281 13.75 -9.74 -67.31
N MET B 282 14.08 -8.54 -67.82
CA MET B 282 15.03 -7.63 -67.20
C MET B 282 14.51 -7.08 -65.86
N ILE B 283 13.22 -6.68 -65.80
CA ILE B 283 12.62 -6.16 -64.56
C ILE B 283 12.56 -7.27 -63.50
N ASP B 284 12.21 -8.48 -63.92
CA ASP B 284 12.13 -9.62 -63.03
C ASP B 284 13.48 -9.97 -62.42
N ALA B 285 14.58 -9.69 -63.12
CA ALA B 285 15.91 -9.98 -62.60
C ALA B 285 16.31 -9.03 -61.47
N ILE B 286 16.12 -7.71 -61.64
CA ILE B 286 16.45 -6.74 -60.59
C ILE B 286 15.43 -6.83 -59.42
N PHE B 287 14.23 -7.38 -59.68
CA PHE B 287 13.23 -7.64 -58.68
C PHE B 287 13.67 -8.87 -57.86
N ARG B 288 14.01 -9.98 -58.53
CA ARG B 288 14.43 -11.20 -57.84
C ARG B 288 15.74 -11.02 -57.09
N MET B 289 16.65 -10.18 -57.62
CA MET B 289 17.91 -9.92 -56.95
C MET B 289 17.81 -8.86 -55.84
N ARG B 290 16.61 -8.30 -55.63
CA ARG B 290 16.32 -7.28 -54.63
C ARG B 290 17.27 -6.09 -54.74
N ILE B 291 17.58 -5.64 -55.99
CA ILE B 291 18.50 -4.51 -56.16
C ILE B 291 17.71 -3.19 -56.16
N ARG B 292 18.03 -2.27 -55.21
CA ARG B 292 17.32 -1.01 -54.98
C ARG B 292 15.79 -1.18 -54.99
N HIS B 293 15.34 -2.36 -54.51
CA HIS B 293 13.99 -2.92 -54.44
C HIS B 293 12.92 -1.96 -53.93
N SER B 294 13.25 -1.09 -52.97
CA SER B 294 12.31 -0.12 -52.42
C SER B 294 11.85 0.84 -53.54
N ALA B 295 12.80 1.32 -54.35
CA ALA B 295 12.51 2.22 -55.47
C ALA B 295 11.92 1.49 -56.69
N VAL B 296 12.18 0.18 -56.82
CA VAL B 296 11.67 -0.66 -57.92
C VAL B 296 10.16 -0.79 -57.81
N ILE B 297 9.66 -1.15 -56.62
CA ILE B 297 8.21 -1.27 -56.36
C ILE B 297 7.55 0.10 -56.55
N ALA B 298 8.22 1.15 -56.08
CA ALA B 298 7.75 2.52 -56.20
C ALA B 298 7.64 2.96 -57.67
N ALA B 299 8.50 2.43 -58.55
CA ALA B 299 8.47 2.78 -59.96
C ALA B 299 7.29 2.16 -60.70
N MET B 300 6.85 0.98 -60.27
CA MET B 300 5.74 0.30 -60.93
C MET B 300 4.36 0.80 -60.50
N ASN B 301 4.27 1.64 -59.44
CA ASN B 301 3.01 2.16 -58.90
C ASN B 301 2.14 1.00 -58.40
N ALA B 302 2.76 0.07 -57.67
CA ALA B 302 2.11 -1.12 -57.17
C ALA B 302 0.92 -0.83 -56.25
N GLN B 303 1.02 0.23 -55.44
CA GLN B 303 -0.02 0.58 -54.48
C GLN B 303 -1.35 1.00 -55.17
N SER B 304 -1.27 1.53 -56.40
CA SER B 304 -2.44 2.05 -57.12
C SER B 304 -3.44 0.99 -57.59
N HIS B 305 -4.75 1.29 -57.40
CA HIS B 305 -5.87 0.45 -57.82
C HIS B 305 -5.79 0.08 -59.30
N GLU B 306 -5.28 1.00 -60.14
CA GLU B 306 -5.09 0.79 -61.57
C GLU B 306 -3.63 1.01 -61.97
N GLY B 307 -2.73 0.49 -61.15
CA GLY B 307 -1.31 0.60 -61.38
C GLY B 307 -0.84 -0.12 -62.62
N MET B 308 0.43 0.08 -62.97
CA MET B 308 1.04 -0.53 -64.13
C MET B 308 0.99 -2.06 -64.05
N ILE B 309 1.20 -2.60 -62.85
CA ILE B 309 1.19 -4.04 -62.60
C ILE B 309 -0.22 -4.61 -62.47
N MET B 310 -1.12 -3.84 -61.83
CA MET B 310 -2.52 -4.24 -61.60
C MET B 310 -3.32 -4.29 -62.89
N ASN B 311 -3.22 -3.24 -63.71
CA ASN B 311 -3.91 -3.15 -65.00
C ASN B 311 -3.35 -4.19 -65.96
N LEU B 312 -2.02 -4.42 -65.94
CA LEU B 312 -1.41 -5.42 -66.81
C LEU B 312 -1.88 -6.84 -66.51
N LEU B 313 -2.40 -7.10 -65.30
CA LEU B 313 -2.94 -8.42 -64.97
C LEU B 313 -4.26 -8.58 -65.71
N LYS B 314 -5.14 -7.59 -65.63
CA LYS B 314 -6.42 -7.66 -66.34
C LYS B 314 -6.22 -7.74 -67.86
N LYS B 315 -5.13 -7.16 -68.39
CA LYS B 315 -4.79 -7.22 -69.81
C LYS B 315 -4.60 -8.67 -70.24
N VAL B 316 -3.90 -9.48 -69.42
CA VAL B 316 -3.62 -10.88 -69.75
C VAL B 316 -4.84 -11.77 -69.52
N VAL B 317 -5.52 -11.57 -68.38
CA VAL B 317 -6.69 -12.36 -68.00
C VAL B 317 -7.83 -12.24 -69.01
N ASN B 318 -8.11 -11.03 -69.48
CA ASN B 318 -9.22 -10.80 -70.40
C ASN B 318 -8.87 -10.98 -71.89
N GLU B 319 -7.78 -10.35 -72.37
CA GLU B 319 -7.38 -10.49 -73.77
C GLU B 319 -6.70 -11.85 -74.04
N ASP B 320 -6.68 -12.29 -75.31
CA ASP B 320 -6.05 -13.56 -75.67
C ASP B 320 -4.62 -13.31 -76.15
N VAL B 321 -3.76 -12.78 -75.25
CA VAL B 321 -2.36 -12.45 -75.53
C VAL B 321 -1.51 -13.71 -75.76
N PRO B 322 -0.34 -13.63 -76.44
CA PRO B 322 0.46 -14.83 -76.68
C PRO B 322 0.83 -15.58 -75.41
N GLU B 323 0.92 -16.91 -75.48
CA GLU B 323 1.24 -17.73 -74.31
C GLU B 323 2.65 -17.47 -73.78
N HIS B 324 3.60 -17.05 -74.64
CA HIS B 324 4.94 -16.73 -74.15
C HIS B 324 4.86 -15.47 -73.29
N PHE B 325 4.11 -14.45 -73.75
CA PHE B 325 3.97 -13.23 -72.97
C PHE B 325 3.17 -13.46 -71.72
N ALA B 326 2.10 -14.27 -71.80
CA ALA B 326 1.28 -14.57 -70.63
C ALA B 326 2.09 -15.30 -69.57
N ILE B 327 2.91 -16.27 -69.98
CA ILE B 327 3.74 -17.01 -69.04
C ILE B 327 4.81 -16.13 -68.46
N VAL B 328 5.54 -15.41 -69.32
CA VAL B 328 6.60 -14.54 -68.85
C VAL B 328 6.07 -13.42 -67.91
N PHE B 329 4.79 -13.02 -68.07
CA PHE B 329 4.21 -12.03 -67.17
C PHE B 329 3.80 -12.71 -65.87
N PHE B 330 3.09 -13.84 -65.96
CA PHE B 330 2.65 -14.55 -64.77
C PHE B 330 3.79 -14.99 -63.89
N ASN B 331 5.00 -15.20 -64.47
CA ASN B 331 6.20 -15.57 -63.73
C ASN B 331 6.70 -14.38 -62.90
N PHE B 332 6.63 -13.18 -63.48
CA PHE B 332 7.01 -11.96 -62.80
C PHE B 332 6.00 -11.65 -61.71
N LEU B 333 4.70 -11.81 -62.00
CA LEU B 333 3.66 -11.58 -61.02
C LEU B 333 3.82 -12.46 -59.79
N SER B 334 4.19 -13.74 -59.99
CA SER B 334 4.42 -14.65 -58.88
C SER B 334 5.64 -14.25 -58.05
N SER B 335 6.65 -13.63 -58.69
CA SER B 335 7.82 -13.13 -57.95
C SER B 335 7.50 -11.87 -57.13
N CYS B 336 6.47 -11.09 -57.54
CA CYS B 336 5.98 -9.93 -56.80
C CYS B 336 5.26 -10.41 -55.56
N PHE B 337 4.44 -11.47 -55.71
CA PHE B 337 3.74 -12.07 -54.58
C PHE B 337 4.69 -12.69 -53.54
N ALA B 338 5.98 -12.86 -53.88
CA ALA B 338 7.00 -13.38 -52.98
C ALA B 338 7.65 -12.26 -52.16
N SER B 339 7.69 -11.03 -52.69
CA SER B 339 8.28 -9.89 -52.02
C SER B 339 7.37 -9.33 -50.92
N GLY B 340 7.87 -9.32 -49.69
CA GLY B 340 7.17 -8.79 -48.53
C GLY B 340 6.58 -7.39 -48.67
N PRO B 341 7.38 -6.37 -49.06
CA PRO B 341 6.80 -5.02 -49.21
C PRO B 341 5.98 -4.86 -50.51
N CYS B 342 6.32 -5.60 -51.58
CA CYS B 342 5.59 -5.50 -52.84
C CYS B 342 4.20 -6.07 -52.71
N VAL B 343 4.08 -7.23 -52.02
CA VAL B 343 2.81 -7.91 -51.76
C VAL B 343 1.88 -7.07 -50.85
N SER B 344 2.45 -6.15 -50.05
CA SER B 344 1.74 -5.22 -49.17
C SER B 344 1.18 -4.04 -50.00
N ALA B 345 1.93 -3.61 -51.03
CA ALA B 345 1.53 -2.53 -51.93
C ALA B 345 0.50 -3.06 -52.92
N LEU B 346 0.71 -4.27 -53.45
CA LEU B 346 -0.24 -4.91 -54.34
C LEU B 346 -1.58 -5.14 -53.62
N PHE B 347 -1.54 -5.42 -52.30
CA PHE B 347 -2.71 -5.63 -51.46
C PHE B 347 -3.57 -4.35 -51.40
N SER B 348 -2.92 -3.18 -51.29
CA SER B 348 -3.65 -1.91 -51.27
C SER B 348 -4.27 -1.57 -52.64
N ALA B 349 -3.74 -2.16 -53.74
CA ALA B 349 -4.29 -2.02 -55.09
C ALA B 349 -5.61 -2.83 -55.26
N GLY B 350 -5.79 -3.87 -54.43
CA GLY B 350 -6.99 -4.71 -54.44
C GLY B 350 -6.80 -6.02 -55.15
N ILE B 351 -5.58 -6.57 -55.09
CA ILE B 351 -5.25 -7.83 -55.76
C ILE B 351 -6.05 -8.99 -55.20
N VAL B 352 -6.23 -9.05 -53.86
CA VAL B 352 -7.00 -10.10 -53.19
C VAL B 352 -8.50 -9.99 -53.49
N GLN B 353 -8.99 -8.76 -53.65
CA GLN B 353 -10.37 -8.49 -54.01
C GLN B 353 -10.60 -8.84 -55.50
N TYR B 354 -9.58 -8.65 -56.35
CA TYR B 354 -9.68 -8.99 -57.78
C TYR B 354 -9.74 -10.49 -57.97
N VAL B 355 -8.75 -11.21 -57.43
CA VAL B 355 -8.66 -12.67 -57.54
C VAL B 355 -9.95 -13.35 -57.07
N CYS B 356 -10.52 -12.89 -55.94
CA CYS B 356 -11.77 -13.42 -55.40
C CYS B 356 -12.96 -13.26 -56.36
N ASN B 357 -13.15 -12.04 -56.88
CA ASN B 357 -14.27 -11.75 -57.77
C ASN B 357 -14.14 -12.36 -59.16
N THR B 358 -12.92 -12.41 -59.68
CA THR B 358 -12.63 -12.96 -61.01
C THR B 358 -12.96 -14.43 -61.09
N LEU B 359 -12.65 -15.18 -60.03
CA LEU B 359 -12.90 -16.61 -60.01
C LEU B 359 -14.36 -16.91 -59.74
N ARG B 360 -14.92 -16.36 -58.66
CA ARG B 360 -16.30 -16.65 -58.29
C ARG B 360 -17.35 -16.12 -59.26
N ASP B 361 -17.11 -14.96 -59.88
CA ASP B 361 -18.13 -14.35 -60.73
C ASP B 361 -17.95 -14.60 -62.23
N GLN B 362 -16.71 -14.48 -62.75
CA GLN B 362 -16.43 -14.65 -64.18
C GLN B 362 -16.10 -16.09 -64.61
N PRO B 363 -17.09 -16.79 -65.21
CA PRO B 363 -16.84 -18.17 -65.64
C PRO B 363 -16.34 -18.30 -67.10
N ASP B 364 -16.26 -17.20 -67.86
CA ASP B 364 -15.78 -17.27 -69.24
C ASP B 364 -14.28 -17.44 -69.38
N ILE B 365 -13.52 -17.32 -68.29
CA ILE B 365 -12.06 -17.46 -68.33
C ILE B 365 -11.66 -18.90 -68.60
N SER B 366 -10.55 -19.11 -69.33
CA SER B 366 -10.02 -20.43 -69.68
C SER B 366 -9.57 -21.19 -68.43
N TYR B 367 -9.47 -22.52 -68.52
CA TYR B 367 -9.02 -23.31 -67.38
C TYR B 367 -7.58 -23.03 -67.01
N ARG B 368 -6.75 -22.64 -67.99
CA ARG B 368 -5.36 -22.30 -67.73
C ARG B 368 -5.25 -20.94 -67.00
N LYS B 369 -5.97 -19.90 -67.48
CA LYS B 369 -5.93 -18.58 -66.82
C LYS B 369 -6.57 -18.61 -65.42
N ARG B 370 -7.60 -19.45 -65.21
CA ARG B 370 -8.21 -19.61 -63.88
C ARG B 370 -7.17 -20.21 -62.93
N MET B 371 -6.42 -21.21 -63.40
CA MET B 371 -5.35 -21.89 -62.68
C MET B 371 -4.19 -20.94 -62.41
N ARG B 372 -3.90 -20.03 -63.33
CA ARG B 372 -2.83 -19.05 -63.16
C ARG B 372 -3.15 -18.12 -61.99
N LEU B 373 -4.44 -17.77 -61.81
CA LEU B 373 -4.90 -16.94 -60.71
C LEU B 373 -4.77 -17.66 -59.35
N VAL B 374 -5.17 -18.95 -59.26
CA VAL B 374 -5.03 -19.75 -58.04
C VAL B 374 -3.54 -19.90 -57.68
N MET B 375 -2.69 -20.08 -58.70
CA MET B 375 -1.25 -20.20 -58.56
C MET B 375 -0.59 -18.96 -57.93
N GLY B 376 -1.17 -17.78 -58.20
CA GLY B 376 -0.70 -16.52 -57.64
C GLY B 376 -1.01 -16.45 -56.17
N ALA B 377 -2.24 -16.86 -55.79
CA ALA B 377 -2.70 -16.91 -54.41
C ALA B 377 -1.89 -17.91 -53.57
N ASN B 378 -1.38 -18.97 -54.20
CA ASN B 378 -0.50 -19.94 -53.54
C ASN B 378 0.80 -19.30 -53.02
N THR B 379 1.05 -18.02 -53.32
CA THR B 379 2.23 -17.30 -52.90
C THR B 379 1.84 -16.04 -52.12
N PHE B 380 0.87 -15.24 -52.63
CA PHE B 380 0.52 -14.01 -51.96
C PHE B 380 -0.17 -14.23 -50.60
N LEU B 381 -0.79 -15.40 -50.39
CA LEU B 381 -1.42 -15.69 -49.10
C LEU B 381 -0.40 -16.08 -48.03
N PHE B 382 0.78 -16.58 -48.45
CA PHE B 382 1.79 -17.00 -47.51
C PHE B 382 2.89 -15.96 -47.23
N THR B 383 2.97 -14.89 -48.06
CA THR B 383 4.01 -13.88 -47.88
C THR B 383 3.65 -12.89 -46.76
N LEU B 384 2.38 -12.48 -46.75
CA LEU B 384 1.91 -11.54 -45.76
C LEU B 384 0.64 -12.03 -45.07
N PRO B 385 0.52 -11.80 -43.75
CA PRO B 385 -0.70 -12.22 -43.05
C PRO B 385 -1.93 -11.38 -43.42
N ALA B 386 -1.73 -10.09 -43.65
CA ALA B 386 -2.80 -9.16 -44.02
C ALA B 386 -3.67 -9.62 -45.22
N PRO B 387 -3.11 -10.07 -46.36
CA PRO B 387 -3.97 -10.54 -47.46
C PRO B 387 -4.69 -11.85 -47.14
N PHE B 388 -4.10 -12.70 -46.26
CA PHE B 388 -4.76 -13.95 -45.88
C PHE B 388 -6.02 -13.67 -45.07
N THR B 389 -5.93 -12.77 -44.10
CA THR B 389 -7.09 -12.37 -43.28
C THR B 389 -8.19 -11.76 -44.16
N TRP B 390 -7.80 -11.05 -45.22
CA TRP B 390 -8.74 -10.46 -46.17
C TRP B 390 -9.37 -11.54 -47.04
N PHE B 391 -8.62 -12.57 -47.40
CA PHE B 391 -9.15 -13.68 -48.19
C PHE B 391 -10.24 -14.39 -47.39
N ILE B 392 -9.97 -14.65 -46.08
CA ILE B 392 -10.93 -15.29 -45.16
C ILE B 392 -12.20 -14.44 -45.01
N SER B 393 -12.04 -13.11 -44.92
CA SER B 393 -13.15 -12.16 -44.82
C SER B 393 -13.98 -12.06 -46.10
N GLU B 394 -13.32 -12.24 -47.26
CA GLU B 394 -14.01 -12.23 -48.54
C GLU B 394 -14.61 -13.61 -48.91
N ASN B 395 -14.49 -14.62 -47.98
CA ASN B 395 -14.94 -16.00 -48.09
C ASN B 395 -14.24 -16.72 -49.22
N GLY B 396 -12.92 -16.51 -49.30
CA GLY B 396 -12.07 -17.05 -50.33
C GLY B 396 -12.03 -18.56 -50.46
N ILE B 397 -12.11 -19.28 -49.34
CA ILE B 397 -12.08 -20.75 -49.39
C ILE B 397 -13.35 -21.25 -50.08
N ARG B 398 -14.52 -20.64 -49.77
CA ARG B 398 -15.79 -21.04 -50.38
C ARG B 398 -15.73 -20.85 -51.90
N ILE B 399 -15.02 -19.81 -52.37
CA ILE B 399 -14.83 -19.49 -53.79
C ILE B 399 -14.06 -20.63 -54.47
N LEU B 400 -12.99 -21.08 -53.83
CA LEU B 400 -12.18 -22.18 -54.34
C LEU B 400 -12.91 -23.53 -54.29
N SER B 401 -13.68 -23.80 -53.23
CA SER B 401 -14.42 -25.05 -53.12
C SER B 401 -15.51 -25.16 -54.17
N LYS B 402 -16.24 -24.05 -54.39
CA LYS B 402 -17.31 -23.96 -55.38
C LYS B 402 -16.73 -24.20 -56.75
N GLU B 403 -15.56 -23.59 -57.04
CA GLU B 403 -14.88 -23.73 -58.32
C GLU B 403 -14.37 -25.12 -58.54
N LEU B 404 -13.86 -25.78 -57.47
CA LEU B 404 -13.34 -27.15 -57.52
C LEU B 404 -14.44 -28.15 -57.82
N LEU B 405 -15.60 -28.10 -57.11
CA LEU B 405 -16.70 -29.04 -57.40
C LEU B 405 -17.19 -28.89 -58.83
N LEU B 406 -17.26 -27.63 -59.30
CA LEU B 406 -17.65 -27.34 -60.66
C LEU B 406 -16.70 -28.00 -61.67
N ALA B 407 -15.39 -27.78 -61.50
CA ALA B 407 -14.35 -28.35 -62.35
C ALA B 407 -14.31 -29.87 -62.32
N VAL B 408 -14.58 -30.50 -61.16
CA VAL B 408 -14.55 -31.96 -61.04
C VAL B 408 -15.68 -32.56 -61.85
N ASP B 409 -16.90 -32.01 -61.69
CA ASP B 409 -18.10 -32.48 -62.39
C ASP B 409 -17.93 -32.45 -63.90
N VAL B 410 -17.28 -31.39 -64.41
CA VAL B 410 -17.04 -31.22 -65.83
C VAL B 410 -16.20 -32.36 -66.39
N ALA B 411 -15.03 -32.63 -65.77
CA ALA B 411 -14.12 -33.67 -66.23
C ALA B 411 -14.69 -35.05 -66.12
N LEU B 412 -15.47 -35.31 -65.05
CA LEU B 412 -16.06 -36.62 -64.77
C LEU B 412 -16.82 -37.21 -65.93
N GLY B 413 -16.34 -38.36 -66.38
CA GLY B 413 -16.95 -39.09 -67.48
C GLY B 413 -16.47 -38.72 -68.86
N ASN B 414 -15.66 -37.68 -68.96
CA ASN B 414 -15.15 -37.22 -70.24
C ASN B 414 -13.67 -37.45 -70.36
N ILE B 415 -13.15 -37.46 -71.60
CA ILE B 415 -11.72 -37.65 -71.83
C ILE B 415 -10.94 -36.50 -71.18
N LYS B 416 -9.95 -36.85 -70.32
CA LYS B 416 -9.13 -35.93 -69.55
C LYS B 416 -8.73 -34.66 -70.29
N ASP B 417 -9.01 -33.52 -69.67
CA ASP B 417 -8.62 -32.24 -70.24
C ASP B 417 -7.43 -31.79 -69.42
N HIS B 418 -6.23 -31.78 -70.01
CA HIS B 418 -5.03 -31.40 -69.27
C HIS B 418 -5.15 -30.07 -68.54
N ASP B 419 -5.68 -29.05 -69.22
CA ASP B 419 -5.86 -27.73 -68.64
C ASP B 419 -6.78 -27.76 -67.41
N LEU B 420 -7.91 -28.49 -67.51
CA LEU B 420 -8.89 -28.63 -66.46
C LEU B 420 -8.31 -29.38 -65.28
N LEU B 421 -7.53 -30.45 -65.53
CA LEU B 421 -6.90 -31.21 -64.46
C LEU B 421 -5.80 -30.40 -63.75
N MET B 422 -5.12 -29.53 -64.50
CA MET B 422 -4.13 -28.64 -63.91
C MET B 422 -4.77 -27.60 -63.02
N TYR B 423 -5.99 -27.16 -63.36
CA TYR B 423 -6.74 -26.21 -62.56
C TYR B 423 -7.18 -26.91 -61.27
N ILE B 424 -7.67 -28.15 -61.36
CA ILE B 424 -8.04 -28.91 -60.17
C ILE B 424 -6.82 -29.13 -59.28
N ASN B 425 -5.66 -29.39 -59.90
CA ASN B 425 -4.38 -29.60 -59.23
C ASN B 425 -3.91 -28.31 -58.50
N SER B 426 -4.20 -27.12 -59.09
CA SER B 426 -3.83 -25.82 -58.51
C SER B 426 -4.69 -25.53 -57.28
N ILE B 427 -5.99 -25.87 -57.35
CA ILE B 427 -6.93 -25.73 -56.22
C ILE B 427 -6.55 -26.71 -55.11
N MET B 428 -6.14 -27.92 -55.50
CA MET B 428 -5.71 -28.93 -54.58
C MET B 428 -4.38 -28.62 -53.93
N LYS B 429 -3.49 -27.89 -54.61
CA LYS B 429 -2.23 -27.51 -54.01
C LYS B 429 -2.48 -26.42 -52.98
N ILE B 430 -3.24 -25.37 -53.34
CA ILE B 430 -3.51 -24.26 -52.43
C ILE B 430 -4.27 -24.67 -51.18
N ILE B 431 -5.15 -25.68 -51.24
CA ILE B 431 -5.88 -26.12 -50.05
C ILE B 431 -5.03 -27.01 -49.18
N SER B 432 -4.35 -28.01 -49.75
CA SER B 432 -3.47 -28.87 -48.97
C SER B 432 -2.35 -28.09 -48.32
N GLN B 433 -1.86 -27.01 -48.98
CA GLN B 433 -0.79 -26.18 -48.44
C GLN B 433 -1.30 -25.22 -47.38
N LEU B 434 -2.53 -24.72 -47.53
CA LEU B 434 -3.12 -23.84 -46.52
C LEU B 434 -3.35 -24.63 -45.24
N PHE B 435 -3.86 -25.86 -45.37
CA PHE B 435 -4.14 -26.75 -44.24
C PHE B 435 -2.84 -27.22 -43.59
N LYS B 436 -1.80 -27.48 -44.39
CA LYS B 436 -0.48 -27.88 -43.89
C LYS B 436 0.22 -26.73 -43.17
N ASN B 437 -0.02 -25.48 -43.62
CA ASN B 437 0.58 -24.33 -42.94
C ASN B 437 -0.19 -24.01 -41.66
N ALA B 438 0.52 -24.11 -40.53
CA ALA B 438 -0.02 -23.88 -39.21
C ALA B 438 -0.70 -22.52 -39.04
N GLY B 439 -0.05 -21.46 -39.52
CA GLY B 439 -0.57 -20.10 -39.38
C GLY B 439 -1.85 -19.83 -40.12
N THR B 440 -1.98 -20.41 -41.32
CA THR B 440 -3.16 -20.19 -42.14
C THR B 440 -4.22 -21.27 -41.98
N ALA B 441 -4.31 -21.87 -40.79
CA ALA B 441 -5.28 -22.92 -40.51
C ALA B 441 -6.74 -22.41 -40.45
N GLU B 442 -6.96 -21.08 -40.58
CA GLU B 442 -8.30 -20.45 -40.60
C GLU B 442 -9.11 -20.90 -41.84
N ALA B 443 -8.42 -21.38 -42.89
CA ALA B 443 -9.02 -21.89 -44.12
C ALA B 443 -9.96 -23.07 -43.85
N MET B 444 -9.67 -23.87 -42.81
CA MET B 444 -10.50 -25.01 -42.44
C MET B 444 -11.81 -24.60 -41.73
N ARG B 445 -12.23 -23.32 -41.81
CA ARG B 445 -13.43 -22.89 -41.10
C ARG B 445 -14.73 -23.32 -41.81
N GLY B 446 -14.85 -23.00 -43.09
CA GLY B 446 -16.05 -23.35 -43.84
C GLY B 446 -15.90 -24.61 -44.66
N PHE B 447 -15.25 -25.62 -44.07
CA PHE B 447 -14.98 -26.88 -44.74
C PHE B 447 -16.21 -27.77 -44.86
N LEU B 448 -16.89 -28.08 -43.75
CA LEU B 448 -18.06 -28.95 -43.80
C LEU B 448 -19.26 -28.29 -44.50
N GLU B 449 -19.37 -26.97 -44.43
CA GLU B 449 -20.43 -26.20 -45.07
C GLU B 449 -20.22 -26.19 -46.58
N GLY B 450 -18.98 -25.90 -46.99
CA GLY B 450 -18.58 -25.81 -48.39
C GLY B 450 -18.71 -27.06 -49.23
N GLU B 451 -18.35 -26.92 -50.51
CA GLU B 451 -18.39 -28.01 -51.48
C GLU B 451 -17.11 -28.88 -51.45
N PHE B 452 -16.24 -28.70 -50.46
CA PHE B 452 -15.02 -29.47 -50.37
C PHE B 452 -15.23 -30.94 -50.10
N PRO B 453 -16.02 -31.36 -49.09
CA PRO B 453 -16.17 -32.82 -48.86
C PRO B 453 -16.85 -33.56 -50.01
N ARG B 454 -17.75 -32.87 -50.71
CA ARG B 454 -18.49 -33.39 -51.85
C ARG B 454 -17.53 -33.65 -53.03
N ALA B 455 -16.71 -32.65 -53.39
CA ALA B 455 -15.73 -32.78 -54.47
C ALA B 455 -14.60 -33.76 -54.10
N ILE B 456 -14.19 -33.77 -52.83
CA ILE B 456 -13.13 -34.64 -52.34
C ILE B 456 -13.57 -36.11 -52.36
N SER B 457 -14.84 -36.38 -52.04
CA SER B 457 -15.38 -37.74 -52.09
C SER B 457 -15.51 -38.21 -53.54
N LEU B 458 -15.92 -37.29 -54.44
CA LEU B 458 -16.08 -37.57 -55.86
C LEU B 458 -14.76 -37.99 -56.51
N ILE B 459 -13.68 -37.27 -56.16
CA ILE B 459 -12.35 -37.53 -56.68
C ILE B 459 -11.89 -38.92 -56.27
N LEU B 460 -12.12 -39.28 -55.00
CA LEU B 460 -11.75 -40.57 -54.43
C LEU B 460 -12.48 -41.75 -55.07
N PHE B 461 -13.75 -41.54 -55.43
CA PHE B 461 -14.53 -42.58 -56.07
C PHE B 461 -14.07 -42.84 -57.51
N HIS B 462 -13.56 -41.81 -58.19
CA HIS B 462 -13.13 -41.94 -59.58
C HIS B 462 -11.69 -41.47 -59.71
N SER B 463 -10.81 -42.00 -58.85
CA SER B 463 -9.38 -41.66 -58.76
C SER B 463 -8.66 -41.71 -60.11
N GLU B 464 -8.99 -42.76 -60.88
CA GLU B 464 -8.52 -43.10 -62.22
C GLU B 464 -8.63 -41.94 -63.21
N GLU B 465 -9.61 -41.06 -63.00
CA GLU B 465 -9.89 -39.91 -63.84
C GLU B 465 -9.09 -38.66 -63.45
N PHE B 466 -8.15 -38.77 -62.51
CA PHE B 466 -7.36 -37.62 -62.07
C PHE B 466 -5.85 -37.93 -62.00
N THR B 467 -5.02 -36.91 -61.73
CA THR B 467 -3.57 -37.11 -61.59
C THR B 467 -3.28 -37.68 -60.18
N PRO B 468 -2.24 -38.54 -59.98
CA PRO B 468 -1.90 -38.96 -58.61
C PRO B 468 -1.41 -37.79 -57.76
N SER B 469 -0.90 -36.72 -58.38
CA SER B 469 -0.49 -35.51 -57.68
C SER B 469 -1.70 -34.78 -57.08
N ILE B 470 -2.90 -34.90 -57.70
CA ILE B 470 -4.14 -34.33 -57.17
C ILE B 470 -4.55 -35.18 -55.94
N LEU B 471 -4.51 -36.52 -56.08
CA LEU B 471 -4.83 -37.43 -54.98
C LEU B 471 -3.84 -37.35 -53.81
N ALA B 472 -2.63 -36.84 -54.05
CA ALA B 472 -1.65 -36.66 -53.01
C ALA B 472 -2.08 -35.46 -52.17
N TYR B 473 -2.48 -34.35 -52.82
CA TYR B 473 -2.96 -33.14 -52.15
C TYR B 473 -4.24 -33.43 -51.40
N LEU B 474 -5.11 -34.30 -51.94
CA LEU B 474 -6.35 -34.77 -51.34
C LEU B 474 -6.05 -35.36 -49.93
N PHE B 475 -5.02 -36.22 -49.81
CA PHE B 475 -4.66 -36.79 -48.52
C PHE B 475 -4.09 -35.73 -47.59
N SER B 476 -3.22 -34.85 -48.11
CA SER B 476 -2.64 -33.77 -47.30
C SER B 476 -3.66 -32.74 -46.83
N ALA B 477 -4.85 -32.73 -47.41
CA ALA B 477 -5.88 -31.80 -46.99
C ALA B 477 -6.82 -32.53 -46.04
N VAL B 478 -7.26 -33.76 -46.40
CA VAL B 478 -8.17 -34.51 -45.56
C VAL B 478 -7.52 -34.87 -44.24
N GLY B 479 -6.31 -35.38 -44.32
CA GLY B 479 -5.53 -35.74 -43.14
C GLY B 479 -5.25 -34.58 -42.22
N ASP B 480 -4.76 -33.45 -42.77
CA ASP B 480 -4.47 -32.28 -41.95
C ASP B 480 -5.73 -31.72 -41.30
N TYR B 481 -6.88 -31.83 -41.99
CA TYR B 481 -8.15 -31.37 -41.44
C TYR B 481 -8.58 -32.28 -40.30
N ILE B 482 -8.44 -33.61 -40.47
CA ILE B 482 -8.82 -34.57 -39.43
C ILE B 482 -7.95 -34.33 -38.19
N HIS B 483 -6.62 -34.25 -38.39
CA HIS B 483 -5.67 -34.02 -37.30
C HIS B 483 -5.89 -32.72 -36.55
N ASN B 484 -6.37 -31.68 -37.24
CA ASN B 484 -6.65 -30.40 -36.59
C ASN B 484 -7.85 -30.58 -35.61
N GLU B 485 -9.03 -30.91 -36.14
CA GLU B 485 -10.18 -31.16 -35.27
C GLU B 485 -10.76 -32.52 -35.53
N PRO B 486 -10.27 -33.54 -34.80
CA PRO B 486 -10.78 -34.91 -34.99
C PRO B 486 -12.23 -35.13 -34.59
N SER B 487 -12.86 -34.12 -33.97
CA SER B 487 -14.26 -34.18 -33.62
C SER B 487 -15.15 -34.22 -34.88
N ASN B 488 -14.65 -33.72 -36.03
CA ASN B 488 -15.39 -33.70 -37.28
C ASN B 488 -15.18 -34.95 -38.16
N LEU B 489 -14.41 -35.94 -37.67
CA LEU B 489 -14.21 -37.18 -38.42
C LEU B 489 -15.52 -37.90 -38.77
N PRO B 490 -16.53 -37.99 -37.86
CA PRO B 490 -17.79 -38.64 -38.27
C PRO B 490 -18.45 -37.97 -39.48
N PHE B 491 -18.32 -36.64 -39.61
CA PHE B 491 -18.87 -35.89 -40.73
C PHE B 491 -18.18 -36.25 -42.05
N ILE B 492 -16.86 -36.50 -41.98
CA ILE B 492 -16.06 -36.89 -43.13
C ILE B 492 -16.42 -38.31 -43.57
N ILE B 493 -16.66 -39.21 -42.61
CA ILE B 493 -17.07 -40.57 -42.94
C ILE B 493 -18.45 -40.54 -43.52
N GLU B 494 -19.37 -39.73 -42.92
CA GLU B 494 -20.74 -39.52 -43.35
C GLU B 494 -20.83 -38.96 -44.77
N ALA B 495 -19.84 -38.12 -45.16
CA ALA B 495 -19.76 -37.56 -46.51
C ALA B 495 -19.22 -38.58 -47.55
N GLY B 496 -19.04 -39.84 -47.14
CA GLY B 496 -18.52 -40.92 -47.98
C GLY B 496 -17.04 -40.82 -48.30
N ILE B 497 -16.31 -39.94 -47.62
CA ILE B 497 -14.90 -39.73 -47.90
C ILE B 497 -14.06 -40.98 -47.55
N PHE B 498 -14.46 -41.72 -46.49
CA PHE B 498 -13.74 -42.96 -46.17
C PHE B 498 -14.11 -44.06 -47.17
N ASP B 499 -15.36 -44.11 -47.60
CA ASP B 499 -15.82 -45.11 -48.57
C ASP B 499 -15.21 -44.89 -49.97
N GLY B 500 -14.97 -43.63 -50.30
CA GLY B 500 -14.32 -43.25 -51.55
C GLY B 500 -12.85 -43.62 -51.52
N PHE B 501 -12.21 -43.45 -50.34
CA PHE B 501 -10.81 -43.81 -50.13
C PHE B 501 -10.64 -45.31 -50.31
N VAL B 502 -11.57 -46.13 -49.79
CA VAL B 502 -11.48 -47.59 -49.93
C VAL B 502 -11.58 -47.98 -51.40
N MET B 503 -12.50 -47.33 -52.12
CA MET B 503 -12.69 -47.50 -53.55
C MET B 503 -11.41 -47.16 -54.32
N CYS B 504 -10.73 -46.09 -53.87
CA CYS B 504 -9.47 -45.58 -54.40
C CYS B 504 -8.36 -46.60 -54.20
N MET B 505 -8.33 -47.22 -53.02
CA MET B 505 -7.32 -48.22 -52.71
C MET B 505 -7.47 -49.51 -53.51
N LYS B 506 -8.61 -49.72 -54.19
CA LYS B 506 -8.81 -50.90 -55.04
C LYS B 506 -7.89 -50.75 -56.26
N LYS B 507 -7.75 -49.50 -56.80
CA LYS B 507 -6.87 -49.22 -57.92
C LYS B 507 -5.39 -49.35 -57.51
N GLU B 508 -4.53 -49.66 -58.49
CA GLU B 508 -3.08 -49.90 -58.27
C GLU B 508 -2.30 -48.67 -57.74
N LEU B 509 -1.05 -48.88 -57.29
CA LEU B 509 -0.18 -47.81 -56.78
C LEU B 509 0.49 -47.05 -57.93
N PRO B 510 0.40 -45.71 -57.93
CA PRO B 510 1.07 -44.94 -59.00
C PRO B 510 2.56 -44.70 -58.71
N GLU B 511 3.32 -44.39 -59.77
CA GLU B 511 4.74 -44.07 -59.62
C GLU B 511 4.89 -42.60 -59.25
N SER B 512 4.19 -42.18 -58.21
CA SER B 512 4.25 -40.81 -57.74
C SER B 512 4.66 -40.83 -56.28
N PRO B 513 5.85 -40.30 -55.98
CA PRO B 513 6.32 -40.28 -54.59
C PRO B 513 5.42 -39.45 -53.68
N ASP B 514 4.79 -38.39 -54.21
CA ASP B 514 3.88 -37.55 -53.42
C ASP B 514 2.69 -38.37 -52.92
N PHE B 515 2.16 -39.23 -53.80
CA PHE B 515 1.05 -40.10 -53.45
C PHE B 515 1.52 -41.11 -52.42
N LEU B 516 2.62 -41.82 -52.71
CA LEU B 516 3.20 -42.86 -51.84
C LEU B 516 3.55 -42.35 -50.44
N LEU B 517 4.10 -41.14 -50.35
CA LEU B 517 4.49 -40.57 -49.07
C LEU B 517 3.31 -40.06 -48.28
N GLU B 518 2.29 -39.53 -48.98
CA GLU B 518 1.12 -38.99 -48.31
C GLU B 518 0.10 -40.06 -47.89
N LEU B 519 0.17 -41.25 -48.48
CA LEU B 519 -0.76 -42.33 -48.17
C LEU B 519 -0.71 -42.78 -46.68
N PRO B 520 0.47 -43.02 -46.05
CA PRO B 520 0.47 -43.45 -44.65
C PRO B 520 -0.06 -42.39 -43.69
N ASN B 521 0.15 -41.11 -43.99
CA ASN B 521 -0.34 -40.03 -43.15
C ASN B 521 -1.85 -40.03 -43.09
N LEU B 522 -2.52 -40.33 -44.24
CA LEU B 522 -3.98 -40.40 -44.23
C LEU B 522 -4.43 -41.62 -43.49
N ILE B 523 -3.74 -42.77 -43.66
CA ILE B 523 -4.10 -43.98 -42.93
C ILE B 523 -4.00 -43.75 -41.41
N GLU B 524 -2.98 -43.04 -40.92
CA GLU B 524 -2.85 -42.75 -39.49
C GLU B 524 -3.93 -41.77 -38.98
N ALA B 525 -4.37 -40.86 -39.86
CA ALA B 525 -5.44 -39.92 -39.50
C ALA B 525 -6.81 -40.62 -39.54
N PHE B 526 -6.97 -41.68 -40.35
CA PHE B 526 -8.22 -42.46 -40.39
C PHE B 526 -8.31 -43.39 -39.19
N PHE B 527 -7.15 -43.87 -38.70
CA PHE B 527 -7.07 -44.75 -37.55
C PHE B 527 -7.56 -44.08 -36.24
N LEU B 528 -7.91 -42.78 -36.26
CA LEU B 528 -8.41 -42.12 -35.06
C LEU B 528 -9.78 -42.71 -34.67
N ASN B 529 -10.62 -43.04 -35.66
CA ASN B 529 -11.90 -43.69 -35.39
C ASN B 529 -11.67 -45.18 -35.28
N SER B 530 -12.10 -45.79 -34.16
CA SER B 530 -11.93 -47.22 -33.90
C SER B 530 -12.74 -48.09 -34.89
N GLU B 531 -13.85 -47.57 -35.39
CA GLU B 531 -14.66 -48.29 -36.38
C GLU B 531 -13.92 -48.36 -37.72
N LEU B 532 -13.16 -47.32 -38.06
CA LEU B 532 -12.40 -47.27 -39.29
C LEU B 532 -11.23 -48.25 -39.28
N ILE B 533 -10.65 -48.54 -38.10
CA ILE B 533 -9.55 -49.51 -38.04
C ILE B 533 -10.04 -50.90 -38.45
N LYS B 534 -11.26 -51.28 -38.04
CA LYS B 534 -11.85 -52.57 -38.42
C LYS B 534 -12.00 -52.65 -39.95
N LYS B 535 -12.39 -51.53 -40.59
CA LYS B 535 -12.53 -51.47 -42.04
C LYS B 535 -11.17 -51.49 -42.74
N ILE B 536 -10.18 -50.77 -42.23
CA ILE B 536 -8.84 -50.74 -42.83
C ILE B 536 -8.19 -52.12 -42.78
N ASP B 537 -8.40 -52.85 -41.67
CA ASP B 537 -7.89 -54.19 -41.49
C ASP B 537 -8.67 -55.16 -42.38
N GLU B 538 -9.99 -55.04 -42.39
CA GLU B 538 -10.89 -55.90 -43.15
C GLU B 538 -10.65 -55.77 -44.66
N GLU B 539 -10.53 -54.54 -45.15
CA GLU B 539 -10.32 -54.28 -46.57
C GLU B 539 -8.89 -54.48 -47.05
N ASN B 540 -7.95 -54.80 -46.15
CA ASN B 540 -6.54 -55.02 -46.46
C ASN B 540 -5.88 -53.82 -47.13
N ILE B 541 -6.28 -52.60 -46.75
CA ILE B 541 -5.74 -51.36 -47.30
C ILE B 541 -4.23 -51.22 -46.97
N LEU B 542 -3.78 -51.81 -45.84
CA LEU B 542 -2.36 -51.82 -45.45
C LEU B 542 -1.47 -52.55 -46.47
N ASP B 543 -2.06 -53.36 -47.37
CA ASP B 543 -1.32 -54.07 -48.41
C ASP B 543 -0.64 -53.13 -49.37
N ARG B 544 -1.21 -51.95 -49.59
CA ARG B 544 -0.62 -50.93 -50.44
C ARG B 544 0.70 -50.38 -49.86
N ILE B 545 0.94 -50.55 -48.54
CA ILE B 545 2.19 -50.10 -47.92
C ILE B 545 3.30 -51.15 -48.13
N PHE B 546 2.96 -52.43 -47.90
CA PHE B 546 3.92 -53.54 -48.02
C PHE B 546 4.21 -54.01 -49.42
N GLU B 547 3.24 -53.92 -50.34
CA GLU B 547 3.48 -54.37 -51.72
C GLU B 547 4.45 -53.46 -52.47
N SER B 548 4.53 -52.17 -52.08
CA SER B 548 5.45 -51.20 -52.69
C SER B 548 6.92 -51.67 -52.61
N PHE B 549 7.26 -52.45 -51.57
CA PHE B 549 8.61 -52.98 -51.39
C PHE B 549 8.99 -54.05 -52.40
N GLU B 550 8.01 -54.67 -53.09
CA GLU B 550 8.30 -55.69 -54.08
C GLU B 550 7.92 -55.31 -55.50
N ILE B 551 7.73 -54.01 -55.78
CA ILE B 551 7.43 -53.56 -57.14
C ILE B 551 8.70 -52.92 -57.72
N VAL B 552 9.26 -53.57 -58.75
CA VAL B 552 10.50 -53.18 -59.40
C VAL B 552 10.52 -51.73 -59.89
N ASN B 553 9.40 -51.28 -60.45
CA ASN B 553 9.30 -49.92 -60.98
C ASN B 553 9.35 -48.85 -59.92
N LEU B 554 8.77 -49.13 -58.75
CA LEU B 554 8.76 -48.19 -57.65
C LEU B 554 10.10 -48.08 -56.94
N SER B 555 10.91 -49.15 -56.93
CA SER B 555 12.20 -49.21 -56.22
C SER B 555 13.12 -47.97 -56.35
N ASN B 556 13.19 -47.32 -57.52
CA ASN B 556 14.04 -46.14 -57.68
C ASN B 556 13.48 -44.96 -56.93
N ILE B 557 12.14 -44.83 -56.89
CA ILE B 557 11.38 -43.77 -56.23
C ILE B 557 11.42 -43.94 -54.73
N ILE B 558 11.27 -45.17 -54.25
CA ILE B 558 11.35 -45.46 -52.82
C ILE B 558 12.77 -45.17 -52.30
N LEU B 559 13.80 -45.36 -53.15
CA LEU B 559 15.19 -45.08 -52.79
C LEU B 559 15.47 -43.59 -52.86
N MET B 560 15.13 -42.95 -54.00
CA MET B 560 15.32 -41.52 -54.28
C MET B 560 14.68 -40.66 -53.21
N TYR B 561 13.48 -41.05 -52.77
CA TYR B 561 12.73 -40.41 -51.68
C TYR B 561 12.88 -41.34 -50.45
N ASP B 562 12.80 -40.82 -49.20
CA ASP B 562 12.98 -41.71 -48.05
C ASP B 562 11.70 -42.44 -47.69
N ILE B 563 11.06 -43.05 -48.70
CA ILE B 563 9.82 -43.80 -48.61
C ILE B 563 9.99 -44.98 -47.68
N GLY B 564 11.10 -45.71 -47.85
CA GLY B 564 11.45 -46.86 -47.02
C GLY B 564 11.47 -46.52 -45.54
N ARG B 565 12.26 -45.51 -45.17
CA ARG B 565 12.36 -45.03 -43.79
C ARG B 565 11.00 -44.50 -43.25
N ALA B 566 10.23 -43.76 -44.09
CA ALA B 566 8.93 -43.18 -43.76
C ALA B 566 7.87 -44.22 -43.47
N TYR B 567 7.88 -45.34 -44.19
CA TYR B 567 6.93 -46.42 -43.95
C TYR B 567 7.22 -47.16 -42.66
N GLY B 568 8.49 -47.28 -42.31
CA GLY B 568 8.92 -47.93 -41.07
C GLY B 568 8.50 -47.11 -39.87
N ILE B 569 8.72 -45.79 -39.94
CA ILE B 569 8.31 -44.85 -38.88
C ILE B 569 6.79 -44.92 -38.67
N PHE B 570 6.06 -45.01 -39.79
CA PHE B 570 4.61 -45.14 -39.84
C PHE B 570 4.18 -46.43 -39.13
N LEU B 571 4.78 -47.59 -39.48
CA LEU B 571 4.44 -48.87 -38.85
C LEU B 571 4.72 -48.82 -37.34
N GLU B 572 5.81 -48.18 -36.95
CA GLU B 572 6.17 -48.04 -35.54
C GLU B 572 5.12 -47.22 -34.81
N ASN B 573 4.73 -46.06 -35.37
CA ASN B 573 3.75 -45.19 -34.73
C ASN B 573 2.37 -45.80 -34.71
N LEU B 574 2.00 -46.49 -35.79
CA LEU B 574 0.69 -47.13 -35.90
C LEU B 574 0.53 -48.25 -34.89
N VAL B 575 1.61 -49.01 -34.64
CA VAL B 575 1.56 -50.13 -33.71
C VAL B 575 1.65 -49.66 -32.25
N ARG B 576 2.44 -48.61 -31.97
CA ARG B 576 2.58 -48.08 -30.62
C ARG B 576 1.29 -47.36 -30.16
N HIS B 577 0.65 -46.59 -31.05
CA HIS B 577 -0.58 -45.89 -30.69
C HIS B 577 -1.79 -46.81 -30.73
N TYR B 578 -1.85 -47.75 -31.69
CA TYR B 578 -2.97 -48.69 -31.78
C TYR B 578 -2.45 -50.12 -31.96
N PRO B 579 -2.19 -50.84 -30.86
CA PRO B 579 -1.64 -52.19 -30.98
C PRO B 579 -2.60 -53.29 -31.45
N ILE B 580 -3.77 -52.91 -31.96
CA ILE B 580 -4.73 -53.89 -32.45
C ILE B 580 -4.28 -54.43 -33.82
N ILE B 581 -3.69 -53.56 -34.67
CA ILE B 581 -3.17 -53.95 -35.98
C ILE B 581 -1.86 -54.72 -35.91
N SER B 582 -1.25 -54.83 -34.73
CA SER B 582 0.01 -55.54 -34.52
C SER B 582 0.05 -56.92 -35.16
N LEU B 583 -1.08 -57.65 -35.14
CA LEU B 583 -1.14 -58.98 -35.72
C LEU B 583 -1.00 -58.96 -37.23
N THR B 584 -1.84 -58.16 -37.92
CA THR B 584 -1.79 -58.09 -39.38
C THR B 584 -0.54 -57.33 -39.87
N VAL B 585 0.04 -56.43 -39.05
CA VAL B 585 1.26 -55.71 -39.41
C VAL B 585 2.41 -56.68 -39.32
N LYS B 586 2.51 -57.44 -38.21
CA LYS B 586 3.55 -58.46 -38.04
C LYS B 586 3.42 -59.53 -39.13
N GLU B 587 2.19 -59.90 -39.47
CA GLU B 587 1.96 -60.89 -40.51
C GLU B 587 2.43 -60.39 -41.86
N LYS B 588 2.13 -59.13 -42.20
CA LYS B 588 2.53 -58.58 -43.49
C LYS B 588 4.01 -58.22 -43.54
N ILE B 589 4.66 -57.95 -42.40
CA ILE B 589 6.08 -57.62 -42.38
C ILE B 589 6.88 -58.86 -42.76
N TYR B 590 6.71 -59.94 -42.00
CA TYR B 590 7.46 -61.18 -42.22
C TYR B 590 7.02 -61.95 -43.47
N ASN B 591 5.86 -61.61 -44.04
CA ASN B 591 5.41 -62.19 -45.28
C ASN B 591 6.20 -61.51 -46.40
N THR B 592 6.30 -60.16 -46.36
CA THR B 592 7.04 -59.33 -47.32
C THR B 592 8.52 -59.68 -47.31
N MET B 593 9.08 -59.94 -46.13
CA MET B 593 10.47 -60.35 -45.99
C MET B 593 10.72 -61.65 -46.74
N LYS B 594 9.76 -62.59 -46.71
CA LYS B 594 9.90 -63.86 -47.42
C LYS B 594 9.69 -63.69 -48.92
N ASN B 595 8.79 -62.79 -49.32
CA ASN B 595 8.48 -62.53 -50.72
C ASN B 595 9.69 -61.93 -51.44
N LEU B 596 10.41 -61.01 -50.77
CA LEU B 596 11.61 -60.39 -51.34
C LEU B 596 12.80 -61.37 -51.35
N GLU B 597 12.88 -62.23 -50.34
CA GLU B 597 13.91 -63.28 -50.24
C GLU B 597 13.78 -64.24 -51.44
N SER B 598 12.53 -64.53 -51.86
CA SER B 598 12.22 -65.38 -53.00
C SER B 598 12.68 -64.78 -54.34
N MET B 599 12.75 -63.44 -54.42
CA MET B 599 13.19 -62.77 -55.62
C MET B 599 14.69 -62.84 -55.83
N ILE B 600 15.50 -63.01 -54.76
CA ILE B 600 16.97 -63.05 -54.85
C ILE B 600 17.50 -63.98 -55.97
N PRO B 601 17.09 -65.26 -56.05
CA PRO B 601 17.63 -66.12 -57.12
C PRO B 601 17.33 -65.65 -58.54
N ASN B 602 16.10 -65.18 -58.79
CA ASN B 602 15.69 -64.74 -60.13
C ASN B 602 15.78 -63.21 -60.35
N THR B 603 16.67 -62.51 -59.64
CA THR B 603 16.82 -61.05 -59.82
C THR B 603 18.28 -60.66 -59.96
N ASP B 604 18.56 -59.64 -60.80
CA ASP B 604 19.90 -59.08 -61.00
C ASP B 604 20.40 -58.54 -59.66
N PRO B 605 21.60 -58.95 -59.23
CA PRO B 605 22.10 -58.52 -57.92
C PRO B 605 22.12 -57.02 -57.64
N GLU B 606 22.34 -56.18 -58.66
CA GLU B 606 22.34 -54.73 -58.46
C GLU B 606 20.94 -54.26 -58.07
N LEU B 607 19.90 -54.79 -58.76
CA LEU B 607 18.50 -54.47 -58.50
C LEU B 607 18.00 -55.12 -57.22
N MET B 608 18.38 -56.38 -56.98
CA MET B 608 17.98 -57.12 -55.81
C MET B 608 18.50 -56.44 -54.54
N ARG B 609 19.76 -55.97 -54.56
CA ARG B 609 20.32 -55.27 -53.41
C ARG B 609 19.65 -53.92 -53.16
N LEU B 610 19.07 -53.29 -54.21
CA LEU B 610 18.33 -52.03 -54.14
C LEU B 610 16.99 -52.28 -53.46
N LEU B 611 16.29 -53.35 -53.86
CA LEU B 611 15.02 -53.77 -53.28
C LEU B 611 15.22 -54.08 -51.79
N LEU B 612 16.31 -54.80 -51.48
CA LEU B 612 16.63 -55.18 -50.11
C LEU B 612 17.03 -53.98 -49.29
N GLY B 613 17.74 -53.04 -49.89
CA GLY B 613 18.17 -51.82 -49.21
C GLY B 613 16.99 -51.00 -48.73
N ASN B 614 15.96 -50.90 -49.60
CA ASN B 614 14.71 -50.19 -49.32
C ASN B 614 13.91 -50.92 -48.25
N LEU B 615 13.85 -52.26 -48.33
CA LEU B 615 13.14 -53.08 -47.37
C LEU B 615 13.77 -52.94 -46.00
N PHE B 616 15.11 -53.04 -45.93
CA PHE B 616 15.82 -52.95 -44.66
C PHE B 616 15.87 -51.55 -44.12
N ARG B 617 15.74 -50.52 -44.98
CA ARG B 617 15.63 -49.15 -44.50
C ARG B 617 14.27 -48.98 -43.75
N MET B 618 13.22 -49.74 -44.13
CA MET B 618 11.94 -49.76 -43.46
C MET B 618 12.07 -50.60 -42.20
N MET B 619 12.67 -51.80 -42.31
CA MET B 619 12.87 -52.73 -41.20
C MET B 619 13.60 -52.09 -40.05
N HIS B 620 14.60 -51.25 -40.35
CA HIS B 620 15.41 -50.56 -39.35
C HIS B 620 14.53 -49.70 -38.44
N ARG B 621 13.58 -48.99 -39.02
CA ARG B 621 12.70 -48.10 -38.26
C ARG B 621 11.43 -48.80 -37.72
N ALA B 622 11.05 -49.95 -38.29
CA ALA B 622 9.85 -50.66 -37.86
C ALA B 622 10.08 -51.66 -36.75
N VAL B 623 11.13 -52.50 -36.87
CA VAL B 623 11.41 -53.49 -35.84
C VAL B 623 12.63 -53.09 -34.97
N TYR B 624 12.70 -53.65 -33.75
CA TYR B 624 13.74 -53.44 -32.76
C TYR B 624 13.86 -51.99 -32.34
N ARG B 625 12.72 -51.44 -31.94
CA ARG B 625 12.60 -50.11 -31.40
C ARG B 625 12.38 -50.29 -29.90
N LYS B 626 13.02 -49.45 -29.10
CA LYS B 626 12.88 -49.56 -27.64
C LYS B 626 11.47 -49.14 -27.14
N THR B 627 10.63 -48.57 -28.05
CA THR B 627 9.29 -48.03 -27.82
C THR B 627 8.23 -49.05 -27.31
N THR B 628 7.10 -48.53 -26.81
CA THR B 628 5.94 -49.25 -26.30
C THR B 628 5.26 -50.05 -27.42
N ASN B 629 4.70 -51.22 -27.07
CA ASN B 629 3.97 -52.15 -27.96
C ASN B 629 4.79 -52.71 -29.12
N ASN B 630 6.06 -52.29 -29.27
CA ASN B 630 6.94 -52.74 -30.36
C ASN B 630 7.27 -54.21 -30.28
N GLN B 631 7.30 -54.78 -29.08
CA GLN B 631 7.58 -56.20 -28.87
C GLN B 631 6.65 -57.12 -29.68
N LEU B 632 5.47 -56.63 -30.10
CA LEU B 632 4.50 -57.40 -30.86
C LEU B 632 4.90 -57.67 -32.30
N ILE B 633 5.40 -56.66 -33.02
CA ILE B 633 5.81 -56.86 -34.41
C ILE B 633 7.27 -57.27 -34.57
N THR B 634 7.99 -57.54 -33.46
CA THR B 634 9.39 -57.95 -33.56
C THR B 634 9.55 -59.41 -33.09
N ASP B 635 9.70 -60.33 -34.05
CA ASP B 635 9.87 -61.75 -33.78
C ASP B 635 11.34 -62.04 -34.02
N LYS B 636 12.10 -62.43 -32.98
CA LYS B 636 13.52 -62.72 -33.16
C LYS B 636 13.75 -63.94 -34.03
N GLY B 637 12.88 -64.95 -33.91
CA GLY B 637 12.97 -66.17 -34.70
C GLY B 637 12.73 -65.91 -36.16
N LEU B 638 11.60 -65.27 -36.49
CA LEU B 638 11.24 -64.91 -37.85
C LEU B 638 12.32 -64.03 -38.49
N LEU B 639 12.81 -63.02 -37.76
CA LEU B 639 13.85 -62.13 -38.23
C LEU B 639 15.14 -62.87 -38.49
N ASN B 640 15.49 -63.82 -37.62
CA ASN B 640 16.70 -64.60 -37.76
C ASN B 640 16.66 -65.46 -39.01
N ASN B 641 15.63 -66.30 -39.17
CA ASN B 641 15.52 -67.20 -40.32
C ASN B 641 15.58 -66.47 -41.67
N ARG B 642 15.02 -65.25 -41.75
CA ARG B 642 15.05 -64.46 -42.98
C ARG B 642 16.40 -63.76 -43.20
N ILE B 643 16.94 -63.07 -42.16
CA ILE B 643 18.22 -62.37 -42.27
C ILE B 643 19.36 -63.34 -42.58
N ILE B 644 19.38 -64.52 -41.94
CA ILE B 644 20.42 -65.51 -42.20
C ILE B 644 20.28 -66.09 -43.60
N SER B 645 19.05 -66.38 -44.03
CA SER B 645 18.82 -66.92 -45.37
C SER B 645 19.22 -65.95 -46.46
N MET B 646 18.85 -64.66 -46.32
CA MET B 646 19.17 -63.62 -47.30
C MET B 646 20.66 -63.47 -47.50
N LEU B 647 21.44 -63.50 -46.41
CA LEU B 647 22.89 -63.33 -46.44
C LEU B 647 23.61 -64.42 -47.21
N MET B 648 23.01 -65.63 -47.26
CA MET B 648 23.59 -66.78 -47.98
C MET B 648 23.15 -66.89 -49.43
N LEU B 649 22.41 -65.90 -49.95
CA LEU B 649 21.95 -65.91 -51.33
C LEU B 649 22.58 -64.74 -52.08
N ILE B 650 22.63 -63.57 -51.45
CA ILE B 650 23.24 -62.41 -52.06
C ILE B 650 24.47 -61.99 -51.24
N GLU B 651 25.48 -61.46 -51.92
CA GLU B 651 26.67 -60.98 -51.23
C GLU B 651 26.44 -59.50 -50.99
N ILE B 652 26.43 -59.09 -49.73
CA ILE B 652 26.22 -57.70 -49.37
C ILE B 652 27.51 -57.09 -48.90
N PRO B 653 28.02 -56.07 -49.60
CA PRO B 653 29.30 -55.46 -49.20
C PRO B 653 29.18 -54.64 -47.91
N THR B 654 30.24 -54.68 -47.07
CA THR B 654 30.30 -53.98 -45.78
C THR B 654 30.13 -52.47 -45.93
N GLU B 655 30.71 -51.93 -47.01
CA GLU B 655 30.69 -50.53 -47.42
C GLU B 655 29.25 -49.96 -47.47
N THR B 656 28.29 -50.76 -47.99
CA THR B 656 26.88 -50.36 -48.15
C THR B 656 26.15 -50.11 -46.84
N GLU B 657 25.08 -49.31 -46.90
CA GLU B 657 24.20 -49.05 -45.76
C GLU B 657 23.24 -50.24 -45.53
N LEU B 658 23.02 -51.11 -46.55
CA LEU B 658 22.18 -52.32 -46.45
C LEU B 658 22.83 -53.25 -45.42
N TYR B 659 24.15 -53.45 -45.51
CA TYR B 659 24.90 -54.28 -44.56
C TYR B 659 24.77 -53.69 -43.15
N THR B 660 24.84 -52.35 -43.05
CA THR B 660 24.72 -51.61 -41.81
C THR B 660 23.36 -51.90 -41.15
N ASP B 661 22.27 -51.81 -41.91
CA ASP B 661 20.92 -52.05 -41.38
C ASP B 661 20.65 -53.53 -41.07
N VAL B 662 21.10 -54.43 -41.94
CA VAL B 662 20.92 -55.88 -41.79
C VAL B 662 21.64 -56.36 -40.54
N MET B 663 22.90 -55.94 -40.36
CA MET B 663 23.71 -56.38 -39.23
C MET B 663 23.29 -55.78 -37.90
N ASN B 664 22.64 -54.61 -37.90
CA ASN B 664 22.16 -54.01 -36.65
C ASN B 664 20.96 -54.81 -36.11
N ILE B 665 20.09 -55.29 -37.02
CA ILE B 665 18.94 -56.12 -36.68
C ILE B 665 19.40 -57.54 -36.31
N LEU B 666 20.41 -58.06 -37.01
CA LEU B 666 20.97 -59.38 -36.68
C LEU B 666 21.69 -59.34 -35.32
N MET B 667 22.34 -58.21 -35.00
CA MET B 667 22.99 -58.04 -33.71
C MET B 667 21.97 -57.98 -32.57
N GLU B 668 20.81 -57.38 -32.84
CA GLU B 668 19.73 -57.26 -31.88
C GLU B 668 19.08 -58.62 -31.61
N VAL B 669 18.96 -59.46 -32.67
CA VAL B 669 18.41 -60.82 -32.55
C VAL B 669 19.39 -61.66 -31.72
N PHE B 670 20.68 -61.54 -32.02
CA PHE B 670 21.77 -62.22 -31.34
C PHE B 670 21.84 -61.81 -29.88
N ASP B 671 21.59 -60.53 -29.57
CA ASP B 671 21.59 -60.04 -28.21
C ASP B 671 20.40 -60.64 -27.44
N GLU B 672 19.23 -60.79 -28.10
CA GLU B 672 18.03 -61.36 -27.49
C GLU B 672 18.23 -62.84 -27.12
N ASP B 673 18.84 -63.63 -28.00
CA ASP B 673 19.12 -65.04 -27.73
C ASP B 673 20.34 -65.48 -28.54
N GLN B 674 21.54 -65.32 -27.95
CA GLN B 674 22.81 -65.66 -28.59
C GLN B 674 22.90 -67.11 -28.98
N THR B 675 22.31 -67.99 -28.15
CA THR B 675 22.29 -69.45 -28.30
C THR B 675 21.44 -69.91 -29.51
N TYR B 676 20.25 -69.30 -29.68
CA TYR B 676 19.37 -69.69 -30.76
C TYR B 676 19.99 -69.34 -32.11
N VAL B 677 20.64 -68.17 -32.21
CA VAL B 677 21.27 -67.72 -33.44
C VAL B 677 22.41 -68.64 -33.85
N ILE B 678 23.24 -69.08 -32.89
CA ILE B 678 24.37 -69.94 -33.21
C ILE B 678 23.93 -71.38 -33.54
N SER B 679 23.03 -72.00 -32.77
CA SER B 679 22.57 -73.36 -33.04
C SER B 679 21.89 -73.47 -34.41
N TYR B 680 21.22 -72.37 -34.84
CA TYR B 680 20.57 -72.30 -36.15
C TYR B 680 21.61 -72.27 -37.27
N ILE B 681 22.56 -71.32 -37.26
CA ILE B 681 23.58 -71.25 -38.31
C ILE B 681 24.53 -72.47 -38.27
N ALA B 682 24.58 -73.22 -37.15
CA ALA B 682 25.37 -74.44 -37.08
C ALA B 682 24.64 -75.55 -37.85
N LYS B 683 23.29 -75.60 -37.74
CA LYS B 683 22.52 -76.57 -38.48
C LYS B 683 22.50 -76.25 -39.96
N VAL B 684 22.46 -74.97 -40.32
CA VAL B 684 22.46 -74.55 -41.70
C VAL B 684 23.80 -74.85 -42.39
N ILE B 685 24.93 -74.53 -41.73
CA ILE B 685 26.26 -74.73 -42.29
C ILE B 685 26.59 -76.21 -42.57
N ASP B 686 26.26 -77.14 -41.65
CA ASP B 686 26.54 -78.56 -41.94
C ASP B 686 25.52 -79.17 -42.92
N ARG B 687 24.36 -78.52 -43.13
CA ARG B 687 23.38 -78.94 -44.11
C ARG B 687 23.93 -78.65 -45.52
N VAL B 688 24.63 -77.50 -45.71
CA VAL B 688 25.24 -77.11 -46.98
C VAL B 688 26.45 -78.01 -47.34
N MET B 689 27.13 -78.56 -46.32
CA MET B 689 28.26 -79.46 -46.50
C MET B 689 27.83 -80.83 -47.00
N LYS B 690 26.65 -81.30 -46.56
CA LYS B 690 26.10 -82.57 -47.04
C LYS B 690 25.64 -82.45 -48.51
N ASN B 691 25.29 -81.22 -48.95
CA ASN B 691 24.85 -80.91 -50.30
C ASN B 691 26.03 -80.98 -51.32
N LYS B 692 25.74 -80.64 -52.60
CA LYS B 692 26.68 -80.62 -53.71
C LYS B 692 27.86 -79.69 -53.42
N VAL B 693 29.08 -80.21 -53.55
CA VAL B 693 30.30 -79.43 -53.28
C VAL B 693 30.61 -78.51 -54.48
N THR B 694 29.84 -77.43 -54.62
CA THR B 694 29.98 -76.48 -55.72
C THR B 694 30.49 -75.13 -55.26
N LEU B 695 31.05 -74.34 -56.19
CA LEU B 695 31.61 -73.01 -55.93
C LEU B 695 30.62 -72.04 -55.29
N GLU B 696 29.34 -72.13 -55.68
CA GLU B 696 28.29 -71.28 -55.12
C GLU B 696 27.99 -71.70 -53.67
N ASN B 697 28.01 -73.03 -53.39
CA ASN B 697 27.78 -73.57 -52.05
C ASN B 697 28.97 -73.25 -51.11
N ILE B 698 30.17 -73.00 -51.68
CA ILE B 698 31.37 -72.60 -50.95
C ILE B 698 31.13 -71.20 -50.40
N GLU B 699 30.63 -70.27 -51.23
CA GLU B 699 30.35 -68.90 -50.80
C GLU B 699 29.23 -68.82 -49.76
N LYS B 700 28.36 -69.83 -49.68
CA LYS B 700 27.30 -69.90 -48.68
C LYS B 700 27.92 -70.21 -47.31
N ILE B 701 28.91 -71.11 -47.28
CA ILE B 701 29.63 -71.50 -46.07
C ILE B 701 30.62 -70.40 -45.64
N LYS B 702 31.23 -69.71 -46.61
CA LYS B 702 32.15 -68.62 -46.31
C LYS B 702 31.35 -67.45 -45.72
N ARG B 703 30.21 -67.10 -46.33
CA ARG B 703 29.38 -66.00 -45.85
C ARG B 703 28.75 -66.30 -44.50
N ILE B 704 28.45 -67.57 -44.21
CA ILE B 704 27.86 -67.93 -42.92
C ILE B 704 28.93 -67.89 -41.80
N LEU B 705 30.21 -68.12 -42.14
CA LEU B 705 31.29 -68.00 -41.16
C LEU B 705 31.63 -66.54 -40.96
N LEU B 706 31.64 -65.74 -42.04
CA LEU B 706 31.90 -64.31 -41.93
C LEU B 706 30.84 -63.58 -41.09
N ILE B 707 29.61 -64.14 -40.98
CA ILE B 707 28.58 -63.50 -40.19
C ILE B 707 28.70 -63.93 -38.74
N VAL B 708 29.02 -65.20 -38.46
CA VAL B 708 29.22 -65.62 -37.06
C VAL B 708 30.46 -64.92 -36.47
N ASN B 709 31.47 -64.61 -37.30
CA ASN B 709 32.66 -63.89 -36.87
C ASN B 709 32.33 -62.47 -36.48
N TYR B 710 31.47 -61.80 -37.26
CA TYR B 710 31.07 -60.44 -36.95
C TYR B 710 30.26 -60.42 -35.64
N LEU B 711 29.39 -61.43 -35.42
CA LEU B 711 28.55 -61.53 -34.22
C LEU B 711 29.36 -61.73 -32.96
N ILE B 712 30.43 -62.51 -33.06
CA ILE B 712 31.31 -62.84 -31.94
C ILE B 712 32.27 -61.71 -31.59
N PHE B 713 32.82 -61.04 -32.61
CA PHE B 713 33.72 -59.93 -32.39
C PHE B 713 32.96 -58.73 -31.81
N LYS B 714 31.78 -58.41 -32.37
CA LYS B 714 30.99 -57.27 -31.90
C LYS B 714 30.19 -57.53 -30.61
N ASN B 715 30.24 -58.75 -30.06
CA ASN B 715 29.51 -59.07 -28.83
C ASN B 715 30.25 -58.61 -27.57
N GLU B 716 29.55 -57.85 -26.71
CA GLU B 716 30.13 -57.37 -25.46
C GLU B 716 29.90 -58.36 -24.29
N GLU B 717 28.65 -58.48 -23.79
CA GLU B 717 28.35 -59.40 -22.70
C GLU B 717 27.93 -60.76 -23.28
N THR B 718 28.36 -61.87 -22.67
CA THR B 718 28.02 -63.19 -23.19
C THR B 718 27.28 -64.03 -22.16
N CYS B 719 26.25 -64.78 -22.58
CA CYS B 719 25.50 -65.63 -21.67
C CYS B 719 26.14 -67.01 -21.55
N GLU B 720 25.85 -67.68 -20.44
CA GLU B 720 26.35 -69.00 -20.09
C GLU B 720 25.93 -70.10 -21.03
N GLU B 721 24.66 -70.10 -21.43
CA GLU B 721 24.12 -71.12 -22.32
C GLU B 721 24.80 -71.12 -23.69
N PHE B 722 25.26 -69.95 -24.15
CA PHE B 722 25.96 -69.82 -25.43
C PHE B 722 27.33 -70.45 -25.31
N ILE B 723 28.02 -70.17 -24.19
CA ILE B 723 29.33 -70.73 -23.88
C ILE B 723 29.23 -72.25 -23.77
N LYS B 724 28.18 -72.76 -23.12
CA LYS B 724 27.93 -74.18 -23.00
C LYS B 724 27.74 -74.84 -24.35
N HIS B 725 27.05 -74.15 -25.26
CA HIS B 725 26.81 -74.65 -26.61
C HIS B 725 28.12 -74.77 -27.39
N CYS B 726 29.02 -73.80 -27.22
CA CYS B 726 30.32 -73.78 -27.88
C CYS B 726 31.23 -74.90 -27.38
N THR B 727 31.14 -75.23 -26.09
CA THR B 727 31.92 -76.31 -25.50
C THR B 727 31.26 -77.70 -25.67
N SER B 728 30.01 -77.74 -26.18
CA SER B 728 29.26 -78.98 -26.37
C SER B 728 29.83 -79.85 -27.48
N LYS B 729 29.67 -81.18 -27.36
CA LYS B 729 30.11 -82.15 -28.35
C LYS B 729 29.30 -82.06 -29.67
N GLY B 730 28.06 -81.58 -29.59
CA GLY B 730 27.22 -81.44 -30.76
C GLY B 730 27.72 -80.33 -31.66
N PHE B 731 28.12 -79.20 -31.06
CA PHE B 731 28.62 -78.07 -31.83
C PHE B 731 30.04 -78.33 -32.31
N LEU B 732 30.91 -78.83 -31.44
CA LEU B 732 32.28 -79.12 -31.80
C LEU B 732 32.38 -80.16 -32.92
N GLN B 733 31.44 -81.12 -32.97
CA GLN B 733 31.43 -82.13 -34.02
C GLN B 733 31.13 -81.49 -35.39
N ILE B 734 30.28 -80.47 -35.42
CA ILE B 734 29.97 -79.74 -36.64
C ILE B 734 31.20 -78.94 -37.09
N VAL B 735 31.92 -78.33 -36.13
CA VAL B 735 33.17 -77.57 -36.35
C VAL B 735 34.23 -78.47 -36.98
N LYS B 736 34.32 -79.72 -36.53
CA LYS B 736 35.24 -80.72 -37.06
C LYS B 736 34.93 -80.99 -38.53
N ARG B 737 33.63 -81.14 -38.86
CA ARG B 737 33.20 -81.37 -40.24
C ARG B 737 33.51 -80.19 -41.16
N ILE B 738 33.66 -78.97 -40.59
CA ILE B 738 34.02 -77.78 -41.34
C ILE B 738 35.48 -77.88 -41.76
N SER B 739 36.35 -78.27 -40.82
CA SER B 739 37.77 -78.46 -41.14
C SER B 739 37.97 -79.58 -42.17
N GLN B 740 37.07 -80.57 -42.21
CA GLN B 740 37.17 -81.65 -43.17
C GLN B 740 36.72 -81.18 -44.54
N TYR B 741 35.64 -80.38 -44.60
CA TYR B 741 35.11 -79.83 -45.86
C TYR B 741 36.11 -78.84 -46.46
N PHE B 742 36.71 -78.00 -45.63
CA PHE B 742 37.68 -76.99 -46.04
C PHE B 742 38.99 -77.59 -46.53
N ASP B 743 39.49 -78.63 -45.85
CA ASP B 743 40.73 -79.28 -46.27
C ASP B 743 40.53 -80.22 -47.49
N ASN B 744 39.28 -80.61 -47.78
CA ASN B 744 38.95 -81.42 -48.96
C ASN B 744 39.14 -80.55 -50.21
N LEU B 745 38.76 -79.25 -50.14
CA LEU B 745 38.90 -78.26 -51.21
C LEU B 745 40.35 -78.07 -51.68
N LYS B 746 41.33 -78.51 -50.87
CA LYS B 746 42.75 -78.45 -51.19
C LYS B 746 43.21 -79.63 -52.07
N LYS B 747 42.30 -80.57 -52.43
CA LYS B 747 42.64 -81.71 -53.27
C LYS B 747 42.47 -81.34 -54.76
N ASP B 748 41.35 -80.70 -55.11
CA ASP B 748 41.12 -80.27 -56.49
C ASP B 748 41.56 -78.83 -56.64
N THR B 749 42.78 -78.61 -57.14
CA THR B 749 43.35 -77.26 -57.32
C THR B 749 42.65 -76.49 -58.48
N ALA B 750 42.00 -77.22 -59.41
CA ALA B 750 41.30 -76.62 -60.54
C ALA B 750 40.07 -75.87 -60.07
N LEU B 751 39.36 -76.40 -59.07
CA LEU B 751 38.17 -75.73 -58.55
C LEU B 751 38.54 -74.68 -57.51
N VAL B 752 39.33 -75.07 -56.48
CA VAL B 752 39.75 -74.10 -55.46
C VAL B 752 41.24 -73.83 -55.60
N SER B 753 41.62 -72.62 -56.03
CA SER B 753 43.02 -72.21 -56.21
C SER B 753 43.76 -72.17 -54.86
N VAL B 754 45.10 -72.23 -54.88
CA VAL B 754 45.88 -72.18 -53.64
C VAL B 754 45.65 -70.86 -52.89
N ALA B 755 45.45 -69.76 -53.63
CA ALA B 755 45.21 -68.45 -53.03
C ALA B 755 43.85 -68.41 -52.35
N LYS B 756 42.82 -69.03 -52.98
CA LYS B 756 41.48 -69.10 -52.40
C LYS B 756 41.48 -70.03 -51.18
N ASN B 757 42.23 -71.14 -51.25
CA ASN B 757 42.38 -72.10 -50.17
C ASN B 757 43.15 -71.54 -48.98
N GLU B 758 44.05 -70.59 -49.23
CA GLU B 758 44.81 -69.92 -48.18
C GLU B 758 43.86 -68.97 -47.42
N SER B 759 43.00 -68.25 -48.15
CA SER B 759 42.01 -67.36 -47.53
C SER B 759 40.96 -68.17 -46.78
N LEU B 760 40.56 -69.33 -47.31
CA LEU B 760 39.61 -70.22 -46.66
C LEU B 760 40.19 -70.75 -45.36
N THR B 761 41.48 -71.12 -45.38
CA THR B 761 42.18 -71.60 -44.18
C THR B 761 42.26 -70.49 -43.14
N ASN B 762 42.56 -69.26 -43.59
CA ASN B 762 42.62 -68.09 -42.73
C ASN B 762 41.26 -67.70 -42.14
N LEU B 763 40.16 -68.03 -42.84
CA LEU B 763 38.81 -67.78 -42.33
C LEU B 763 38.50 -68.79 -41.21
N TYR B 764 38.86 -70.07 -41.43
CA TYR B 764 38.63 -71.11 -40.46
C TYR B 764 39.32 -70.83 -39.14
N TYR B 765 40.60 -70.43 -39.17
CA TYR B 765 41.32 -70.16 -37.94
C TYR B 765 40.85 -68.88 -37.25
N SER B 766 40.32 -67.92 -38.01
CA SER B 766 39.76 -66.69 -37.45
C SER B 766 38.44 -67.00 -36.73
N PHE B 767 37.67 -67.96 -37.27
CA PHE B 767 36.40 -68.41 -36.72
C PHE B 767 36.61 -69.13 -35.40
N THR B 768 37.53 -70.09 -35.36
CA THR B 768 37.81 -70.86 -34.16
C THR B 768 38.50 -70.01 -33.10
N MET B 769 39.32 -69.05 -33.50
CA MET B 769 39.96 -68.13 -32.56
C MET B 769 38.90 -67.24 -31.90
N GLY B 770 37.87 -66.88 -32.65
CA GLY B 770 36.77 -66.07 -32.17
C GLY B 770 35.98 -66.79 -31.09
N ILE B 771 35.68 -68.08 -31.32
CA ILE B 771 34.96 -68.88 -30.35
C ILE B 771 35.82 -69.19 -29.11
N LEU B 772 37.16 -69.28 -29.28
CA LEU B 772 38.10 -69.48 -28.19
C LEU B 772 38.14 -68.21 -27.33
N LYS B 773 38.11 -67.03 -27.97
CA LYS B 773 38.15 -65.73 -27.29
C LYS B 773 36.93 -65.50 -26.44
N THR B 774 35.73 -65.83 -26.92
CA THR B 774 34.52 -65.62 -26.14
C THR B 774 34.43 -66.56 -24.94
N VAL B 775 34.98 -67.77 -25.07
CA VAL B 775 34.99 -68.72 -23.95
C VAL B 775 35.98 -68.23 -22.87
N TYR B 776 37.13 -67.71 -23.29
CA TYR B 776 38.13 -67.20 -22.37
C TYR B 776 37.66 -65.93 -21.67
N ARG B 777 37.00 -65.02 -22.41
CA ARG B 777 36.54 -63.76 -21.85
C ARG B 777 35.42 -63.95 -20.84
N TYR B 778 34.53 -64.92 -21.08
CA TYR B 778 33.39 -65.20 -20.20
C TYR B 778 33.78 -65.48 -18.74
N SER B 779 33.13 -64.77 -17.77
CA SER B 779 33.37 -64.96 -16.33
C SER B 779 32.80 -66.31 -15.88
N LYS B 780 33.33 -66.88 -14.79
CA LYS B 780 32.89 -68.20 -14.30
C LYS B 780 33.28 -69.33 -15.26
N THR B 781 34.35 -69.13 -16.07
CA THR B 781 34.79 -70.12 -17.04
C THR B 781 35.84 -71.03 -16.37
N ASN B 782 35.59 -72.35 -16.39
CA ASN B 782 36.51 -73.29 -15.75
C ASN B 782 37.82 -73.36 -16.50
N ALA B 783 38.89 -73.65 -15.77
CA ALA B 783 40.21 -73.76 -16.38
C ALA B 783 40.23 -74.95 -17.35
N LYS B 784 39.69 -76.11 -16.92
CA LYS B 784 39.65 -77.29 -17.78
C LYS B 784 38.64 -77.18 -18.91
N GLU B 785 37.59 -76.36 -18.74
CA GLU B 785 36.61 -76.16 -19.79
C GLU B 785 37.24 -75.39 -20.96
N TYR B 786 38.11 -74.41 -20.67
CA TYR B 786 38.80 -73.68 -21.72
C TYR B 786 39.88 -74.56 -22.33
N LEU B 787 40.62 -75.29 -21.49
CA LEU B 787 41.69 -76.18 -21.94
C LEU B 787 41.19 -77.37 -22.77
N LYS B 788 39.90 -77.69 -22.72
CA LYS B 788 39.34 -78.78 -23.50
C LYS B 788 39.25 -78.33 -24.97
N ILE B 789 38.78 -77.10 -25.20
CA ILE B 789 38.68 -76.56 -26.55
C ILE B 789 40.06 -76.24 -27.06
N PHE B 790 40.87 -75.55 -26.23
CA PHE B 790 42.23 -75.20 -26.59
C PHE B 790 43.06 -76.43 -26.94
N GLY B 791 42.85 -77.50 -26.19
CA GLY B 791 43.51 -78.78 -26.42
C GLY B 791 43.14 -79.37 -27.75
N LEU B 792 41.84 -79.67 -27.94
CA LEU B 792 41.30 -80.23 -29.18
C LEU B 792 41.72 -79.44 -30.43
N LEU B 793 41.59 -78.11 -30.37
CA LEU B 793 41.91 -77.22 -31.48
C LEU B 793 43.39 -77.14 -31.81
N VAL B 794 44.25 -77.03 -30.78
CA VAL B 794 45.70 -76.95 -30.99
C VAL B 794 46.23 -78.32 -31.45
N GLU B 795 45.72 -79.41 -30.86
CA GLU B 795 46.14 -80.76 -31.23
C GLU B 795 45.77 -81.10 -32.67
N ASP B 796 44.62 -80.60 -33.15
CA ASP B 796 44.20 -80.82 -34.52
C ASP B 796 45.07 -79.99 -35.46
N LEU B 797 45.34 -78.72 -35.09
CA LEU B 797 46.16 -77.81 -35.87
C LEU B 797 47.57 -78.38 -36.04
N LEU B 798 48.12 -78.99 -34.97
CA LEU B 798 49.47 -79.55 -34.99
C LEU B 798 49.58 -80.83 -35.80
N SER B 799 48.48 -81.58 -35.96
CA SER B 799 48.48 -82.77 -36.80
C SER B 799 48.45 -82.37 -38.29
N LYS B 800 47.74 -81.27 -38.63
CA LYS B 800 47.65 -80.74 -39.99
C LYS B 800 48.97 -80.15 -40.51
N THR B 801 49.91 -79.81 -39.59
CA THR B 801 51.23 -79.32 -40.01
C THR B 801 52.25 -80.48 -40.21
N GLU B 802 51.78 -81.74 -40.24
CA GLU B 802 52.62 -82.93 -40.45
C GLU B 802 52.25 -83.71 -41.72
N GLN B 803 51.51 -83.08 -42.64
CA GLN B 803 51.07 -83.67 -43.90
C GLN B 803 52.22 -83.67 -44.96
N ILE B 804 51.92 -84.15 -46.20
CA ILE B 804 52.89 -84.14 -47.30
C ILE B 804 52.94 -82.74 -47.95
N ASP B 805 51.79 -82.03 -47.99
CA ASP B 805 51.70 -80.71 -48.59
C ASP B 805 51.84 -79.53 -47.61
N HIS B 806 53.05 -78.96 -47.54
CA HIS B 806 53.30 -77.79 -46.70
C HIS B 806 52.95 -76.50 -47.46
N LEU B 807 51.92 -76.53 -48.33
CA LEU B 807 51.53 -75.35 -49.08
C LEU B 807 50.78 -74.35 -48.20
N TYR B 808 49.99 -74.84 -47.26
CA TYR B 808 49.22 -73.98 -46.37
C TYR B 808 49.80 -73.95 -44.95
N TYR B 809 51.07 -74.34 -44.77
CA TYR B 809 51.74 -74.36 -43.47
C TYR B 809 51.81 -72.97 -42.84
N THR B 810 52.18 -71.94 -43.62
CA THR B 810 52.25 -70.57 -43.11
C THR B 810 50.90 -70.06 -42.62
N GLN B 811 49.81 -70.56 -43.20
CA GLN B 811 48.45 -70.19 -42.83
C GLN B 811 48.03 -70.86 -41.52
N ARG B 812 48.47 -72.10 -41.30
CA ARG B 812 48.17 -72.81 -40.05
C ARG B 812 49.01 -72.26 -38.92
N MET B 813 50.28 -71.95 -39.19
CA MET B 813 51.18 -71.37 -38.20
C MET B 813 50.71 -70.01 -37.75
N HIS B 814 50.20 -69.20 -38.69
CA HIS B 814 49.64 -67.90 -38.34
C HIS B 814 48.40 -68.08 -37.46
N GLY B 815 47.62 -69.12 -37.70
CA GLY B 815 46.44 -69.46 -36.92
C GLY B 815 46.82 -69.85 -35.51
N LEU B 816 47.80 -70.76 -35.37
CA LEU B 816 48.32 -71.20 -34.08
C LEU B 816 48.89 -70.05 -33.26
N LYS B 817 49.46 -69.03 -33.91
CA LYS B 817 49.99 -67.85 -33.22
C LYS B 817 48.84 -67.12 -32.50
N ASN B 818 47.70 -66.96 -33.18
CA ASN B 818 46.54 -66.30 -32.60
C ASN B 818 45.81 -67.16 -31.56
N TYR B 819 45.94 -68.48 -31.66
CA TYR B 819 45.34 -69.43 -30.72
C TYR B 819 46.01 -69.23 -29.34
N ILE B 820 47.36 -69.27 -29.31
CA ILE B 820 48.22 -69.10 -28.12
C ILE B 820 48.03 -67.72 -27.50
N MET B 821 47.86 -66.69 -28.35
CA MET B 821 47.68 -65.29 -27.98
C MET B 821 46.41 -65.02 -27.17
N VAL B 822 45.42 -65.93 -27.21
CA VAL B 822 44.17 -65.74 -26.47
C VAL B 822 44.39 -65.68 -24.98
N ASP B 823 45.07 -66.69 -24.41
CA ASP B 823 45.39 -66.78 -22.98
C ASP B 823 46.33 -65.65 -22.57
N LYS B 824 45.75 -64.56 -22.11
CA LYS B 824 46.48 -63.36 -21.77
C LYS B 824 45.87 -62.70 -20.55
N SER B 825 46.69 -62.02 -19.74
CA SER B 825 46.21 -61.21 -18.62
C SER B 825 45.41 -60.03 -19.21
N PRO B 826 44.37 -59.49 -18.53
CA PRO B 826 43.54 -58.44 -19.16
C PRO B 826 44.29 -57.18 -19.64
N GLN B 827 45.56 -57.00 -19.21
CA GLN B 827 46.45 -55.88 -19.57
C GLN B 827 45.88 -54.53 -19.14
N GLN B 828 45.81 -54.33 -17.82
CA GLN B 828 45.30 -53.08 -17.27
C GLN B 828 46.44 -52.32 -16.61
N ASN B 833 52.36 -59.57 -20.29
CA ASN B 833 51.32 -60.53 -20.65
C ASN B 833 51.79 -61.95 -20.50
N GLU B 834 51.41 -62.59 -19.40
CA GLU B 834 51.80 -63.96 -19.14
C GLU B 834 50.59 -64.91 -19.24
N PHE B 835 50.86 -66.21 -19.38
CA PHE B 835 49.84 -67.22 -19.51
C PHE B 835 49.15 -67.49 -18.20
N VAL B 836 47.85 -67.21 -18.17
CA VAL B 836 47.01 -67.39 -17.00
C VAL B 836 46.75 -68.87 -16.72
N VAL B 837 46.36 -69.66 -17.73
CA VAL B 837 46.08 -71.07 -17.51
C VAL B 837 46.85 -72.04 -18.45
N THR B 838 47.01 -71.70 -19.74
CA THR B 838 47.63 -72.59 -20.72
C THR B 838 49.15 -72.79 -20.59
N GLN B 839 49.80 -72.30 -19.52
CA GLN B 839 51.25 -72.47 -19.39
C GLN B 839 51.64 -73.92 -19.18
N GLU B 840 50.97 -74.62 -18.26
CA GLU B 840 51.29 -76.01 -17.98
C GLU B 840 50.89 -76.95 -19.11
N TYR B 841 49.77 -76.64 -19.81
CA TYR B 841 49.31 -77.45 -20.95
C TYR B 841 50.35 -77.46 -22.07
N LEU B 842 50.72 -76.26 -22.56
CA LEU B 842 51.67 -76.07 -23.65
C LEU B 842 53.05 -76.60 -23.31
N MET B 843 53.46 -76.48 -22.03
CA MET B 843 54.75 -77.00 -21.59
C MET B 843 54.75 -78.52 -21.65
N GLY B 844 53.65 -79.13 -21.21
CA GLY B 844 53.49 -80.58 -21.24
C GLY B 844 53.47 -81.16 -22.65
N ILE B 845 52.76 -80.52 -23.58
CA ILE B 845 52.72 -81.01 -24.97
C ILE B 845 54.00 -80.74 -25.77
N ASN B 846 55.03 -80.14 -25.13
CA ASN B 846 56.35 -79.83 -25.67
C ASN B 846 56.29 -79.00 -26.95
N LEU B 847 55.61 -77.84 -26.89
CA LEU B 847 55.46 -76.93 -28.03
C LEU B 847 56.82 -76.38 -28.47
N SER B 848 57.70 -76.08 -27.52
CA SER B 848 59.04 -75.60 -27.83
C SER B 848 59.88 -76.68 -28.51
N GLU B 849 59.70 -77.93 -28.09
CA GLU B 849 60.40 -79.10 -28.63
C GLU B 849 59.92 -79.42 -30.05
N THR B 850 58.60 -79.33 -30.29
CA THR B 850 58.05 -79.58 -31.63
C THR B 850 58.41 -78.42 -32.55
N LEU B 851 58.45 -77.17 -32.04
CA LEU B 851 58.86 -76.02 -32.86
C LEU B 851 60.32 -76.15 -33.29
N MET B 852 61.17 -76.76 -32.44
CA MET B 852 62.56 -77.02 -32.73
C MET B 852 62.66 -78.09 -33.83
N GLU B 853 61.82 -79.13 -33.76
CA GLU B 853 61.78 -80.18 -34.78
C GLU B 853 61.27 -79.64 -36.12
N HIS B 854 60.33 -78.68 -36.08
CA HIS B 854 59.79 -78.01 -37.25
C HIS B 854 60.88 -77.21 -37.97
N ALA B 855 61.81 -76.61 -37.22
CA ALA B 855 62.92 -75.85 -37.77
C ALA B 855 63.97 -76.76 -38.43
N LYS B 856 64.24 -77.94 -37.83
CA LYS B 856 65.22 -78.90 -38.35
C LYS B 856 64.70 -79.60 -39.61
N ASN B 857 63.40 -79.91 -39.65
CA ASN B 857 62.80 -80.57 -40.80
C ASN B 857 62.81 -79.66 -42.03
N SER B 858 62.46 -78.38 -41.86
CA SER B 858 62.43 -77.45 -42.98
C SER B 858 63.82 -77.12 -43.48
N VAL B 859 64.79 -76.96 -42.55
CA VAL B 859 66.16 -76.70 -42.97
C VAL B 859 66.75 -77.90 -43.74
N SER B 860 66.26 -79.13 -43.45
CA SER B 860 66.68 -80.36 -44.14
C SER B 860 66.15 -80.39 -45.57
N MET B 861 64.93 -79.87 -45.80
CA MET B 861 64.38 -79.79 -47.15
C MET B 861 65.16 -78.82 -48.04
N LEU B 862 65.82 -77.82 -47.44
CA LEU B 862 66.66 -76.88 -48.17
C LEU B 862 68.00 -77.53 -48.57
N LYS B 863 68.50 -78.50 -47.76
CA LYS B 863 69.71 -79.26 -48.09
C LYS B 863 69.41 -80.19 -49.28
N ASP B 864 68.23 -80.83 -49.26
CA ASP B 864 67.78 -81.72 -50.34
C ASP B 864 67.27 -80.96 -51.57
N GLU B 865 67.31 -79.61 -51.55
CA GLU B 865 66.85 -78.70 -52.61
C GLU B 865 65.39 -78.93 -52.99
N LYS B 866 64.58 -79.46 -52.05
CA LYS B 866 63.16 -79.71 -52.27
C LYS B 866 62.24 -78.55 -51.87
N ILE B 867 62.83 -77.37 -51.60
CA ILE B 867 62.10 -76.16 -51.24
C ILE B 867 62.86 -74.92 -51.72
N THR B 868 62.12 -73.91 -52.20
CA THR B 868 62.68 -72.66 -52.69
C THR B 868 63.37 -71.92 -51.54
N MET B 869 64.44 -71.14 -51.84
CA MET B 869 65.13 -70.38 -50.81
C MET B 869 64.19 -69.33 -50.20
N ASP B 870 63.39 -68.68 -51.05
CA ASP B 870 62.41 -67.67 -50.64
C ASP B 870 61.34 -68.31 -49.78
N ALA B 871 60.88 -69.51 -50.17
CA ALA B 871 59.86 -70.25 -49.45
C ALA B 871 60.35 -70.69 -48.08
N HIS B 872 61.64 -71.05 -47.96
CA HIS B 872 62.23 -71.49 -46.69
C HIS B 872 62.30 -70.35 -45.69
N LYS B 873 62.61 -69.13 -46.15
CA LYS B 873 62.65 -67.96 -45.29
C LYS B 873 61.26 -67.57 -44.75
N LYS B 874 60.19 -67.93 -45.47
CA LYS B 874 58.81 -67.71 -45.02
C LYS B 874 58.46 -68.70 -43.89
N VAL B 875 59.02 -69.92 -43.94
CA VAL B 875 58.85 -70.93 -42.90
C VAL B 875 59.57 -70.47 -41.63
N VAL B 876 60.76 -69.88 -41.77
CA VAL B 876 61.54 -69.34 -40.67
C VAL B 876 60.72 -68.27 -39.94
N SER B 877 60.11 -67.35 -40.70
CA SER B 877 59.25 -66.30 -40.14
C SER B 877 58.09 -66.90 -39.36
N SER B 878 57.46 -67.97 -39.90
CA SER B 878 56.34 -68.65 -39.25
C SER B 878 56.75 -69.31 -37.93
N ILE B 879 57.91 -69.97 -37.90
CA ILE B 879 58.38 -70.61 -36.67
C ILE B 879 58.79 -69.60 -35.62
N LEU B 880 59.42 -68.51 -36.05
CA LEU B 880 59.83 -67.44 -35.15
C LEU B 880 58.64 -66.64 -34.62
N GLU B 881 57.56 -66.53 -35.41
CA GLU B 881 56.37 -65.80 -35.01
C GLU B 881 55.64 -66.55 -33.92
N VAL B 882 55.51 -67.88 -34.06
CA VAL B 882 54.84 -68.70 -33.07
C VAL B 882 55.65 -68.77 -31.79
N LEU B 883 56.97 -68.95 -31.93
CA LEU B 883 57.89 -69.02 -30.81
C LEU B 883 57.84 -67.75 -29.97
N SER B 884 57.90 -66.57 -30.62
CA SER B 884 57.88 -65.26 -29.96
C SER B 884 56.65 -65.04 -29.08
N ILE B 885 55.50 -65.61 -29.50
CA ILE B 885 54.25 -65.50 -28.75
C ILE B 885 54.22 -66.53 -27.61
N TYR B 886 54.76 -67.72 -27.84
CA TYR B 886 54.81 -68.75 -26.82
C TYR B 886 55.73 -68.33 -25.67
N VAL B 887 56.93 -67.82 -25.98
CA VAL B 887 57.89 -67.39 -24.96
C VAL B 887 57.48 -66.13 -24.19
N ARG B 888 56.58 -65.33 -24.76
CA ARG B 888 56.11 -64.13 -24.10
C ARG B 888 55.25 -64.45 -22.88
N GLY B 889 54.47 -65.54 -22.96
CA GLY B 889 53.58 -65.96 -21.90
C GLY B 889 54.20 -66.81 -20.80
N ILE B 890 55.45 -67.27 -20.96
CA ILE B 890 56.08 -68.08 -19.93
C ILE B 890 56.58 -67.22 -18.78
N LYS B 891 56.12 -67.54 -17.54
CA LYS B 891 56.47 -66.76 -16.35
C LYS B 891 57.93 -66.87 -15.97
N ASN B 892 58.56 -65.70 -15.76
CA ASN B 892 59.96 -65.45 -15.44
C ASN B 892 60.92 -66.38 -16.23
N LEU B 893 60.68 -66.46 -17.56
CA LEU B 893 61.52 -67.20 -18.49
C LEU B 893 62.78 -66.35 -18.64
N PHE B 894 63.94 -66.96 -18.39
CA PHE B 894 65.26 -66.30 -18.38
C PHE B 894 65.38 -65.41 -17.12
N VAL B 895 64.77 -65.85 -16.01
CA VAL B 895 64.77 -65.18 -14.71
C VAL B 895 65.01 -66.26 -13.65
N PRO B 896 66.07 -66.11 -12.86
CA PRO B 896 66.38 -67.13 -11.85
C PRO B 896 65.52 -66.99 -10.58
N VAL B 897 64.92 -68.11 -10.13
CA VAL B 897 64.06 -68.17 -8.94
C VAL B 897 64.50 -69.30 -7.98
N LYS B 898 64.13 -69.21 -6.69
CA LYS B 898 64.43 -70.22 -5.67
C LYS B 898 63.78 -71.57 -6.03
N GLU B 899 62.52 -71.57 -6.52
CA GLU B 899 61.80 -72.78 -6.96
C GLU B 899 62.50 -73.31 -8.22
N PRO B 900 63.07 -74.54 -8.17
CA PRO B 900 63.83 -75.06 -9.32
C PRO B 900 63.31 -74.78 -10.74
N LYS B 901 62.01 -75.00 -11.05
CA LYS B 901 61.41 -74.76 -12.38
C LYS B 901 62.30 -75.27 -13.53
N LYS B 902 62.42 -76.58 -13.61
CA LYS B 902 63.22 -77.33 -14.56
C LYS B 902 62.66 -77.27 -15.99
N LYS B 903 61.33 -77.33 -16.15
CA LYS B 903 60.73 -77.31 -17.49
C LYS B 903 60.88 -75.93 -18.15
N VAL B 904 60.87 -74.85 -17.36
CA VAL B 904 61.04 -73.51 -17.90
C VAL B 904 62.44 -73.36 -18.49
N CYS B 905 63.45 -73.92 -17.80
CA CYS B 905 64.84 -73.93 -18.23
C CYS B 905 65.03 -74.66 -19.58
N GLU B 906 64.28 -75.74 -19.78
CA GLU B 906 64.32 -76.53 -21.02
C GLU B 906 63.90 -75.65 -22.20
N ILE B 907 62.89 -74.79 -22.00
CA ILE B 907 62.40 -73.86 -23.02
C ILE B 907 63.45 -72.79 -23.36
N GLU B 908 64.24 -72.34 -22.37
CA GLU B 908 65.29 -71.35 -22.62
C GLU B 908 66.34 -71.93 -23.58
N GLU B 909 66.66 -73.22 -23.42
CA GLU B 909 67.61 -73.93 -24.27
C GLU B 909 67.01 -74.18 -25.64
N HIS B 910 65.69 -74.46 -25.71
CA HIS B 910 64.97 -74.65 -26.96
C HIS B 910 65.07 -73.38 -27.81
N VAL B 911 64.89 -72.20 -27.19
CA VAL B 911 64.96 -70.91 -27.84
C VAL B 911 66.33 -70.73 -28.51
N LEU B 912 67.41 -71.00 -27.74
CA LEU B 912 68.76 -70.86 -28.24
C LEU B 912 69.03 -71.81 -29.40
N ILE B 913 68.57 -73.07 -29.28
CA ILE B 913 68.77 -74.05 -30.35
C ILE B 913 68.02 -73.66 -31.63
N ILE B 914 66.75 -73.28 -31.50
CA ILE B 914 65.93 -72.83 -32.63
C ILE B 914 66.57 -71.65 -33.36
N VAL B 915 66.94 -70.59 -32.63
CA VAL B 915 67.58 -69.40 -33.19
C VAL B 915 68.92 -69.76 -33.85
N GLU B 916 69.74 -70.59 -33.19
CA GLU B 916 71.03 -71.05 -33.71
C GLU B 916 70.88 -71.68 -35.08
N LEU B 917 69.84 -72.53 -35.25
CA LEU B 917 69.60 -73.22 -36.51
C LEU B 917 69.22 -72.28 -37.64
N LEU B 918 68.31 -71.35 -37.36
CA LEU B 918 67.77 -70.47 -38.39
C LEU B 918 68.37 -69.07 -38.40
N MET B 919 69.61 -68.92 -37.87
CA MET B 919 70.26 -67.62 -37.82
C MET B 919 70.59 -67.04 -39.18
N ASP B 920 71.11 -67.86 -40.09
CA ASP B 920 71.46 -67.42 -41.43
C ASP B 920 70.22 -67.08 -42.26
N TYR B 921 69.15 -67.82 -42.04
CA TYR B 921 67.95 -67.70 -42.85
C TYR B 921 66.95 -66.65 -42.37
N ILE B 922 67.42 -65.62 -41.62
CA ILE B 922 66.52 -64.54 -41.21
C ILE B 922 66.44 -63.48 -42.32
N ASP B 923 65.35 -62.70 -42.31
CA ASP B 923 65.12 -61.69 -43.34
C ASP B 923 64.53 -60.41 -42.70
N LYS B 924 64.12 -59.45 -43.54
CA LYS B 924 63.42 -58.22 -43.14
C LYS B 924 62.13 -58.59 -42.37
N SER B 925 61.53 -59.75 -42.69
CA SER B 925 60.31 -60.31 -42.10
C SER B 925 60.59 -61.05 -40.78
N SER B 926 61.64 -61.89 -40.75
CA SER B 926 61.97 -62.69 -39.58
C SER B 926 62.62 -61.87 -38.46
N ILE B 927 63.33 -60.79 -38.80
CA ILE B 927 64.04 -59.97 -37.83
C ILE B 927 63.13 -59.33 -36.80
N GLU B 928 61.87 -59.07 -37.15
CA GLU B 928 60.91 -58.48 -36.22
C GLU B 928 60.63 -59.47 -35.09
N HIS B 929 60.45 -60.75 -35.44
CA HIS B 929 60.18 -61.81 -34.47
C HIS B 929 61.39 -62.12 -33.61
N LEU B 930 62.59 -62.08 -34.20
CA LEU B 930 63.83 -62.33 -33.47
C LEU B 930 64.01 -61.26 -32.38
N LEU B 931 63.72 -59.99 -32.71
CA LEU B 931 63.81 -58.90 -31.76
C LEU B 931 62.87 -59.13 -30.57
N ASN B 932 61.64 -59.58 -30.83
CA ASN B 932 60.65 -59.82 -29.78
C ASN B 932 61.01 -60.99 -28.88
N ILE B 933 61.73 -61.98 -29.41
CA ILE B 933 62.20 -63.11 -28.62
C ILE B 933 63.32 -62.62 -27.68
N VAL B 934 64.23 -61.79 -28.21
CA VAL B 934 65.31 -61.21 -27.43
C VAL B 934 64.75 -60.21 -26.40
N LYS B 935 63.71 -59.44 -26.78
CA LYS B 935 63.04 -58.50 -25.89
C LYS B 935 62.41 -59.21 -24.70
N THR B 936 61.82 -60.40 -24.93
CA THR B 936 61.24 -61.17 -23.84
C THR B 936 62.34 -61.84 -23.00
N ALA B 937 63.43 -62.30 -23.64
CA ALA B 937 64.56 -62.93 -22.93
C ALA B 937 65.23 -61.95 -21.97
N PHE B 938 65.27 -60.66 -22.34
CA PHE B 938 65.88 -59.62 -21.53
C PHE B 938 64.85 -58.74 -20.81
N PHE B 939 63.60 -59.21 -20.66
CA PHE B 939 62.50 -58.43 -20.08
C PHE B 939 62.79 -57.73 -18.74
N VAL B 940 63.27 -58.46 -17.72
CA VAL B 940 63.52 -57.86 -16.41
C VAL B 940 64.53 -56.71 -16.48
N THR B 941 65.56 -56.82 -17.33
CA THR B 941 66.55 -55.76 -17.49
C THR B 941 66.01 -54.62 -18.36
N LEU B 942 65.32 -54.97 -19.46
CA LEU B 942 64.73 -54.03 -20.40
C LEU B 942 63.62 -53.16 -19.77
N ARG B 943 62.49 -53.76 -19.36
CA ARG B 943 61.40 -53.00 -18.74
C ARG B 943 61.64 -52.63 -17.28
N LYS B 944 62.82 -52.96 -16.72
CA LYS B 944 63.24 -52.65 -15.37
C LYS B 944 62.29 -53.14 -14.28
N GLN B 945 62.33 -54.45 -14.00
CA GLN B 945 61.55 -55.06 -12.92
C GLN B 945 62.47 -55.29 -11.69
N ILE B 946 63.75 -55.60 -11.95
CA ILE B 946 64.86 -55.84 -11.02
C ILE B 946 65.16 -54.66 -10.08
N THR B 947 65.98 -54.89 -9.04
CA THR B 947 66.33 -53.82 -8.10
C THR B 947 67.64 -53.08 -8.51
N LYS B 948 68.13 -53.28 -9.75
CA LYS B 948 69.36 -52.72 -10.33
C LYS B 948 70.60 -53.38 -9.72
N GLU B 949 70.72 -53.38 -8.38
CA GLU B 949 71.79 -54.05 -7.66
C GLU B 949 71.58 -55.57 -7.75
N MET B 950 70.30 -56.03 -7.73
CA MET B 950 69.94 -57.43 -7.86
C MET B 950 70.23 -57.93 -9.27
N ASP B 951 69.96 -57.09 -10.29
CA ASP B 951 70.23 -57.39 -11.69
C ASP B 951 71.70 -57.70 -11.93
N ARG B 952 72.60 -56.99 -11.23
CA ARG B 952 74.03 -57.19 -11.33
C ARG B 952 74.42 -58.55 -10.74
N GLU B 953 73.94 -58.88 -9.54
CA GLU B 953 74.21 -60.17 -8.90
C GLU B 953 73.55 -61.35 -9.62
N ASN B 954 72.52 -61.09 -10.44
CA ASN B 954 71.82 -62.09 -11.22
C ASN B 954 72.67 -62.56 -12.41
N GLU B 955 73.60 -61.73 -12.91
CA GLU B 955 74.47 -62.02 -14.07
C GLU B 955 75.18 -63.37 -14.03
N GLY B 956 75.48 -63.86 -12.83
CA GLY B 956 76.13 -65.15 -12.68
C GLY B 956 75.13 -66.30 -12.58
N SER B 957 74.15 -66.33 -13.51
CA SER B 957 73.12 -67.36 -13.53
C SER B 957 73.10 -68.14 -14.83
N ALA B 958 72.51 -69.34 -14.80
CA ALA B 958 72.35 -70.15 -16.01
C ALA B 958 71.39 -69.43 -16.97
N GLU B 959 70.34 -68.79 -16.42
CA GLU B 959 69.35 -68.03 -17.16
C GLU B 959 69.98 -66.79 -17.77
N TYR B 960 70.78 -66.05 -16.96
CA TYR B 960 71.42 -64.83 -17.45
C TYR B 960 72.50 -65.08 -18.49
N LYS B 961 73.21 -66.20 -18.37
CA LYS B 961 74.23 -66.55 -19.36
C LYS B 961 73.59 -67.05 -20.66
N ARG B 962 72.41 -67.69 -20.58
CA ARG B 962 71.68 -68.19 -21.74
C ARG B 962 71.15 -67.04 -22.58
N ARG B 963 70.64 -65.99 -21.92
CA ARG B 963 70.13 -64.83 -22.64
C ARG B 963 71.25 -64.06 -23.32
N ASN B 964 72.47 -64.06 -22.74
CA ASN B 964 73.60 -63.36 -23.31
C ASN B 964 74.04 -63.97 -24.63
N ILE B 965 73.93 -65.30 -24.77
CA ILE B 965 74.29 -65.94 -26.04
C ILE B 965 73.21 -65.66 -27.10
N LEU B 966 71.96 -65.48 -26.69
CA LEU B 966 70.85 -65.10 -27.58
C LEU B 966 71.10 -63.68 -28.12
N GLY B 967 71.65 -62.80 -27.29
CA GLY B 967 72.00 -61.45 -27.68
C GLY B 967 73.12 -61.46 -28.70
N SER B 968 74.12 -62.35 -28.50
CA SER B 968 75.24 -62.54 -29.41
C SER B 968 74.77 -63.07 -30.78
N PHE B 969 73.68 -63.86 -30.79
CA PHE B 969 73.08 -64.37 -32.02
C PHE B 969 72.49 -63.16 -32.75
N PHE B 970 71.68 -62.36 -32.02
CA PHE B 970 70.97 -61.20 -32.53
C PHE B 970 71.88 -60.15 -33.11
N ILE B 971 73.03 -59.90 -32.47
CA ILE B 971 73.98 -58.92 -32.96
C ILE B 971 74.58 -59.42 -34.27
N SER B 972 75.04 -60.69 -34.30
CA SER B 972 75.61 -61.35 -35.48
C SER B 972 74.61 -61.34 -36.66
N VAL B 973 73.35 -61.57 -36.34
CA VAL B 973 72.26 -61.59 -37.30
C VAL B 973 72.07 -60.20 -37.90
N PHE B 974 72.09 -59.16 -37.05
CA PHE B 974 71.91 -57.78 -37.47
C PHE B 974 73.08 -57.30 -38.33
N LEU B 975 74.31 -57.68 -37.95
CA LEU B 975 75.50 -57.27 -38.66
C LEU B 975 75.66 -57.88 -40.06
N ASN B 976 75.04 -59.05 -40.29
CA ASN B 976 75.11 -59.67 -41.62
C ASN B 976 73.88 -59.37 -42.49
N LEU B 977 73.19 -58.26 -42.20
CA LEU B 977 72.01 -57.79 -42.89
C LEU B 977 72.27 -56.43 -43.54
N PRO B 978 71.70 -56.18 -44.73
CA PRO B 978 71.93 -54.90 -45.40
C PRO B 978 71.09 -53.73 -44.85
N LYS B 979 71.30 -52.53 -45.40
CA LYS B 979 70.63 -51.28 -45.05
C LYS B 979 69.10 -51.38 -45.01
N GLU B 980 68.48 -52.13 -45.94
CA GLU B 980 67.03 -52.26 -45.98
C GLU B 980 66.44 -53.06 -44.81
N GLU B 981 67.05 -54.22 -44.52
CA GLU B 981 66.60 -55.13 -43.47
C GLU B 981 66.77 -54.54 -42.06
N THR B 982 67.96 -53.98 -41.78
CA THR B 982 68.32 -53.39 -40.49
C THR B 982 67.47 -52.20 -40.10
N GLU B 983 67.10 -51.33 -41.06
CA GLU B 983 66.32 -50.11 -40.84
C GLU B 983 65.06 -50.31 -39.98
N ALA B 984 64.47 -51.51 -40.04
CA ALA B 984 63.28 -51.85 -39.27
C ALA B 984 63.54 -51.77 -37.76
N VAL B 985 64.69 -52.26 -37.30
CA VAL B 985 65.05 -52.28 -35.88
C VAL B 985 66.36 -51.52 -35.65
N LEU B 986 66.55 -50.37 -36.33
CA LEU B 986 67.78 -49.60 -36.19
C LEU B 986 67.86 -48.93 -34.81
N LYS B 987 66.71 -48.45 -34.30
CA LYS B 987 66.69 -47.82 -32.98
C LYS B 987 65.79 -48.55 -32.01
N SER B 988 66.22 -49.73 -31.55
CA SER B 988 65.48 -50.49 -30.56
C SER B 988 66.06 -50.25 -29.17
N ASP B 989 65.27 -50.52 -28.12
CA ASP B 989 65.75 -50.36 -26.75
C ASP B 989 66.67 -51.49 -26.28
N ILE B 990 66.72 -52.61 -27.01
CA ILE B 990 67.58 -53.74 -26.68
C ILE B 990 69.06 -53.40 -26.86
N PHE B 991 69.38 -52.49 -27.78
CA PHE B 991 70.77 -52.09 -28.03
C PHE B 991 71.38 -51.28 -26.90
N THR B 992 70.57 -50.67 -26.02
CA THR B 992 71.10 -49.97 -24.85
C THR B 992 71.74 -50.97 -23.85
N ILE B 993 71.25 -52.23 -23.85
CA ILE B 993 71.75 -53.34 -23.04
C ILE B 993 72.84 -54.07 -23.83
N LEU B 994 72.60 -54.33 -25.12
CA LEU B 994 73.52 -55.04 -26.00
C LEU B 994 74.85 -54.33 -26.22
N VAL B 995 74.85 -53.04 -26.63
CA VAL B 995 76.10 -52.33 -26.83
C VAL B 995 76.58 -51.61 -25.54
N LYS B 996 76.00 -51.94 -24.37
CA LYS B 996 76.44 -51.42 -23.07
C LYS B 996 77.82 -52.00 -22.70
N ASN B 997 78.18 -53.18 -23.24
CA ASN B 997 79.46 -53.86 -23.08
C ASN B 997 80.40 -53.28 -24.12
N LYS B 998 81.51 -52.69 -23.69
CA LYS B 998 82.51 -52.06 -24.55
C LYS B 998 82.92 -52.94 -25.74
N LYS B 999 83.06 -54.26 -25.53
CA LYS B 999 83.43 -55.21 -26.56
C LYS B 999 82.36 -55.31 -27.66
N THR B 1000 81.08 -55.42 -27.29
CA THR B 1000 80.01 -55.46 -28.30
C THR B 1000 79.85 -54.11 -29.02
N PHE B 1001 80.17 -53.00 -28.34
CA PHE B 1001 80.11 -51.65 -28.90
C PHE B 1001 81.17 -51.49 -30.00
N LYS B 1002 82.37 -52.07 -29.79
CA LYS B 1002 83.44 -52.00 -30.80
C LYS B 1002 83.13 -52.92 -31.99
N GLN B 1003 82.40 -54.03 -31.76
CA GLN B 1003 82.02 -54.99 -32.78
C GLN B 1003 81.12 -54.32 -33.80
N VAL B 1004 80.13 -53.55 -33.32
CA VAL B 1004 79.19 -52.88 -34.21
C VAL B 1004 79.81 -51.63 -34.85
N TYR B 1005 80.72 -50.95 -34.15
CA TYR B 1005 81.38 -49.76 -34.71
C TYR B 1005 82.24 -50.18 -35.90
N ASN B 1006 83.00 -51.30 -35.75
CA ASN B 1006 83.87 -51.86 -36.79
C ASN B 1006 83.09 -52.38 -38.00
N LYS B 1007 81.79 -52.72 -37.85
CA LYS B 1007 80.98 -53.12 -38.99
C LYS B 1007 80.31 -51.93 -39.71
N ASN B 1008 80.60 -50.70 -39.25
CA ASN B 1008 80.14 -49.44 -39.79
C ASN B 1008 78.64 -49.26 -39.67
N CYS B 1009 78.14 -49.45 -38.43
CA CYS B 1009 76.73 -49.32 -38.05
C CYS B 1009 76.55 -48.10 -37.15
N PHE B 1010 77.04 -46.95 -37.61
CA PHE B 1010 77.06 -45.68 -36.88
C PHE B 1010 75.68 -45.17 -36.45
N GLY B 1011 74.67 -45.46 -37.26
CA GLY B 1011 73.30 -45.07 -36.96
C GLY B 1011 72.78 -45.77 -35.71
N LEU B 1012 72.95 -47.09 -35.64
CA LEU B 1012 72.51 -47.89 -34.49
C LEU B 1012 73.11 -47.38 -33.18
N LEU B 1013 74.39 -47.01 -33.23
CA LEU B 1013 75.14 -46.55 -32.09
C LEU B 1013 74.73 -45.16 -31.63
N GLN B 1014 74.40 -44.28 -32.57
CA GLN B 1014 74.00 -42.91 -32.24
C GLN B 1014 72.76 -42.89 -31.35
N TYR B 1015 71.72 -43.64 -31.72
CA TYR B 1015 70.48 -43.72 -30.96
C TYR B 1015 70.68 -44.38 -29.60
N ALA B 1016 71.53 -45.40 -29.55
CA ALA B 1016 71.80 -46.11 -28.30
C ALA B 1016 72.62 -45.25 -27.32
N ALA B 1017 73.54 -44.43 -27.82
CA ALA B 1017 74.36 -43.57 -26.94
C ALA B 1017 73.55 -42.41 -26.38
N ILE B 1018 72.59 -41.88 -27.15
CA ILE B 1018 71.71 -40.80 -26.74
C ILE B 1018 70.89 -41.24 -25.51
N LYS B 1019 70.47 -42.51 -25.47
CA LYS B 1019 69.66 -43.06 -24.37
C LYS B 1019 70.45 -43.53 -23.14
N GLU B 1020 71.62 -44.17 -23.33
CA GLU B 1020 72.38 -44.70 -22.21
C GLU B 1020 73.75 -44.03 -22.02
N SER B 1021 74.05 -43.59 -20.79
CA SER B 1021 75.32 -42.95 -20.43
C SER B 1021 76.50 -43.90 -20.50
N ARG B 1022 76.29 -45.20 -20.17
CA ARG B 1022 77.34 -46.22 -20.25
C ARG B 1022 77.72 -46.49 -21.70
N VAL B 1023 76.73 -46.47 -22.60
CA VAL B 1023 76.94 -46.66 -24.04
C VAL B 1023 77.66 -45.43 -24.61
N PHE B 1024 77.23 -44.23 -24.19
CA PHE B 1024 77.85 -42.98 -24.62
C PHE B 1024 79.30 -42.88 -24.13
N SER B 1025 79.60 -43.43 -22.95
CA SER B 1025 80.94 -43.46 -22.36
C SER B 1025 81.97 -44.09 -23.32
N HIS B 1026 81.53 -45.12 -24.06
CA HIS B 1026 82.37 -45.82 -25.03
C HIS B 1026 82.54 -45.01 -26.32
N LEU B 1027 81.51 -44.25 -26.70
CA LEU B 1027 81.52 -43.40 -27.89
C LEU B 1027 82.52 -42.24 -27.71
N VAL B 1028 82.68 -41.72 -26.48
CA VAL B 1028 83.62 -40.65 -26.15
C VAL B 1028 85.04 -41.04 -26.56
N SER B 1029 85.40 -42.31 -26.33
CA SER B 1029 86.70 -42.89 -26.64
C SER B 1029 87.01 -42.89 -28.15
N PHE B 1030 85.98 -43.06 -28.99
CA PHE B 1030 86.16 -43.09 -30.44
C PHE B 1030 86.20 -41.69 -31.08
N ILE B 1031 85.69 -40.66 -30.38
CA ILE B 1031 85.65 -39.26 -30.86
C ILE B 1031 87.00 -38.75 -31.41
N PRO B 1032 88.12 -38.85 -30.66
CA PRO B 1032 89.40 -38.34 -31.18
C PRO B 1032 89.89 -39.09 -32.42
N LYS B 1033 89.63 -40.39 -32.47
CA LYS B 1033 90.04 -41.23 -33.59
C LYS B 1033 89.27 -40.85 -34.86
N MET B 1034 87.94 -40.70 -34.76
CA MET B 1034 87.12 -40.42 -35.91
C MET B 1034 87.14 -38.96 -36.38
N THR B 1035 87.77 -38.05 -35.62
CA THR B 1035 87.89 -36.63 -36.00
C THR B 1035 88.66 -36.47 -37.33
N LYS B 1036 89.61 -37.37 -37.61
CA LYS B 1036 90.43 -37.36 -38.83
C LYS B 1036 89.63 -37.77 -40.08
N GLN B 1037 88.64 -38.67 -39.91
CA GLN B 1037 87.85 -39.15 -41.03
C GLN B 1037 86.64 -38.26 -41.38
N VAL B 1038 86.36 -37.22 -40.58
CA VAL B 1038 85.22 -36.31 -40.79
C VAL B 1038 85.32 -35.56 -42.12
N GLY B 1039 86.52 -35.13 -42.50
CA GLY B 1039 86.74 -34.51 -43.79
C GLY B 1039 86.81 -35.63 -44.80
N ALA B 1040 86.01 -35.56 -45.89
CA ALA B 1040 85.88 -36.61 -46.92
C ALA B 1040 85.36 -37.90 -46.31
N SER B 1041 84.21 -37.81 -45.64
CA SER B 1041 83.58 -38.94 -44.96
C SER B 1041 82.66 -39.76 -45.85
N THR B 1042 81.78 -39.07 -46.63
CA THR B 1042 80.77 -39.64 -47.56
C THR B 1042 79.69 -40.51 -46.86
N ASP B 1043 79.83 -40.76 -45.56
CA ASP B 1043 78.84 -41.55 -44.81
C ASP B 1043 78.10 -40.61 -43.90
N PRO B 1044 76.84 -40.28 -44.22
CA PRO B 1044 76.09 -39.34 -43.38
C PRO B 1044 75.83 -39.80 -41.94
N ALA B 1045 75.63 -41.11 -41.71
CA ALA B 1045 75.40 -41.63 -40.36
C ALA B 1045 76.63 -41.49 -39.47
N PHE B 1046 77.82 -41.57 -40.08
CA PHE B 1046 79.10 -41.42 -39.42
C PHE B 1046 79.28 -39.96 -38.99
N LEU B 1047 79.00 -39.01 -39.89
CA LEU B 1047 79.09 -37.59 -39.58
C LEU B 1047 78.08 -37.23 -38.49
N LYS B 1048 76.84 -37.75 -38.60
CA LYS B 1048 75.80 -37.50 -37.62
C LYS B 1048 76.21 -38.02 -36.25
N LEU B 1049 76.78 -39.23 -36.20
CA LEU B 1049 77.26 -39.84 -34.95
C LEU B 1049 78.33 -38.94 -34.29
N TYR B 1050 79.23 -38.40 -35.11
CA TYR B 1050 80.30 -37.55 -34.65
C TYR B 1050 79.77 -36.22 -34.11
N ALA B 1051 78.86 -35.56 -34.84
CA ALA B 1051 78.25 -34.28 -34.46
C ALA B 1051 77.42 -34.41 -33.18
N VAL B 1052 76.73 -35.54 -33.03
CA VAL B 1052 75.92 -35.84 -31.85
C VAL B 1052 76.83 -36.13 -30.65
N GLY B 1053 77.90 -36.87 -30.89
CA GLY B 1053 78.86 -37.21 -29.85
C GLY B 1053 79.53 -35.98 -29.25
N LEU B 1054 79.79 -34.97 -30.08
CA LEU B 1054 80.41 -33.74 -29.62
C LEU B 1054 79.48 -32.89 -28.76
N VAL B 1055 78.22 -32.72 -29.17
CA VAL B 1055 77.29 -31.89 -28.43
C VAL B 1055 76.85 -32.57 -27.13
N PHE B 1056 76.74 -33.90 -27.12
CA PHE B 1056 76.37 -34.62 -25.91
C PHE B 1056 77.50 -34.61 -24.89
N VAL B 1057 78.76 -34.65 -25.35
CA VAL B 1057 79.89 -34.57 -24.42
C VAL B 1057 80.05 -33.15 -23.86
N ALA B 1058 79.60 -32.12 -24.59
CA ALA B 1058 79.65 -30.74 -24.11
C ALA B 1058 78.62 -30.55 -23.00
N MET B 1059 77.43 -31.16 -23.15
CA MET B 1059 76.40 -31.08 -22.12
C MET B 1059 76.79 -31.88 -20.88
N ARG B 1060 77.54 -32.99 -21.06
CA ARG B 1060 78.09 -33.81 -19.98
C ARG B 1060 79.11 -32.99 -19.18
N ASP B 1061 79.92 -32.18 -19.89
CA ASP B 1061 80.92 -31.27 -19.34
C ASP B 1061 80.29 -30.14 -18.52
N THR B 1062 79.05 -29.73 -18.86
CA THR B 1062 78.33 -28.70 -18.11
C THR B 1062 78.09 -29.19 -16.68
N LEU B 1063 77.75 -30.47 -16.54
CA LEU B 1063 77.54 -31.06 -15.23
C LEU B 1063 78.88 -31.54 -14.61
N LYS B 1064 79.73 -30.54 -14.25
CA LYS B 1064 81.04 -30.57 -13.58
C LYS B 1064 82.19 -31.27 -14.32
N LYS B 1065 81.99 -31.74 -15.56
CA LYS B 1065 83.03 -32.45 -16.31
C LYS B 1065 84.14 -31.57 -16.90
N THR B 1066 83.74 -30.43 -17.49
CA THR B 1066 84.45 -29.33 -18.18
C THR B 1066 85.74 -29.73 -18.99
N THR B 1067 86.85 -30.13 -18.33
CA THR B 1067 88.13 -30.47 -18.96
C THR B 1067 88.09 -31.32 -20.24
N VAL B 1068 87.07 -32.19 -20.43
CA VAL B 1068 86.95 -33.12 -21.55
C VAL B 1068 86.88 -32.46 -22.94
N LEU B 1069 85.95 -31.53 -23.19
CA LEU B 1069 85.82 -30.88 -24.50
C LEU B 1069 87.05 -30.05 -24.89
N SER B 1070 87.80 -29.58 -23.88
CA SER B 1070 89.01 -28.80 -24.10
C SER B 1070 90.05 -29.67 -24.84
N ARG B 1071 90.23 -30.93 -24.38
CA ARG B 1071 91.17 -31.91 -24.91
C ARG B 1071 90.98 -32.26 -26.39
N PHE B 1072 89.77 -32.10 -26.94
CA PHE B 1072 89.52 -32.44 -28.34
C PHE B 1072 90.16 -31.44 -29.28
N ILE B 1073 91.31 -31.82 -29.88
CA ILE B 1073 92.11 -30.98 -30.77
C ILE B 1073 92.18 -31.61 -32.17
N GLY B 1074 92.03 -30.79 -33.20
CA GLY B 1074 92.09 -31.27 -34.58
C GLY B 1074 91.76 -30.23 -35.63
N ASN B 1075 91.78 -30.64 -36.90
CA ASN B 1075 91.45 -29.76 -38.03
C ASN B 1075 90.65 -30.54 -39.06
N ILE B 1076 89.44 -30.06 -39.37
CA ILE B 1076 88.58 -30.73 -40.34
C ILE B 1076 88.36 -29.90 -41.59
N VAL B 1077 88.66 -30.49 -42.75
CA VAL B 1077 88.46 -29.86 -44.05
C VAL B 1077 87.60 -30.80 -44.90
N PHE B 1078 86.32 -30.44 -45.10
CA PHE B 1078 85.34 -31.23 -45.84
C PHE B 1078 85.55 -31.27 -47.33
N ALA B 1079 85.42 -32.47 -47.91
CA ALA B 1079 85.58 -32.63 -49.36
C ALA B 1079 84.32 -32.23 -50.13
N GLU B 1080 84.47 -31.89 -51.42
CA GLU B 1080 83.37 -31.52 -52.28
C GLU B 1080 82.37 -32.67 -52.40
N SER B 1081 81.07 -32.37 -52.32
CA SER B 1081 80.06 -33.40 -52.42
C SER B 1081 78.90 -32.99 -53.31
N THR B 1082 78.59 -33.86 -54.27
CA THR B 1082 77.46 -33.67 -55.17
C THR B 1082 76.15 -34.25 -54.55
N CYS B 1083 76.28 -35.14 -53.53
CA CYS B 1083 75.16 -35.78 -52.83
C CYS B 1083 74.60 -34.86 -51.76
N PRO B 1084 73.27 -34.66 -51.77
CA PRO B 1084 72.66 -33.78 -50.75
C PRO B 1084 72.61 -34.39 -49.36
N ALA B 1085 72.55 -35.71 -49.25
CA ALA B 1085 72.54 -36.39 -47.96
C ALA B 1085 73.86 -36.19 -47.23
N VAL B 1086 74.97 -36.19 -47.98
CA VAL B 1086 76.30 -35.99 -47.44
C VAL B 1086 76.49 -34.51 -47.09
N VAL B 1087 76.07 -33.60 -47.97
CA VAL B 1087 76.18 -32.16 -47.75
C VAL B 1087 75.42 -31.75 -46.48
N GLU B 1088 74.24 -32.35 -46.23
CA GLU B 1088 73.48 -32.06 -45.03
C GLU B 1088 74.24 -32.55 -43.80
N ALA B 1089 74.75 -33.79 -43.86
CA ALA B 1089 75.50 -34.40 -42.77
C ALA B 1089 76.81 -33.67 -42.46
N GLN B 1090 77.40 -33.03 -43.46
CA GLN B 1090 78.62 -32.23 -43.25
C GLN B 1090 78.23 -30.93 -42.53
N GLY B 1091 77.12 -30.32 -42.97
CA GLY B 1091 76.59 -29.10 -42.38
C GLY B 1091 76.21 -29.26 -40.94
N ILE B 1092 75.73 -30.45 -40.54
CA ILE B 1092 75.38 -30.73 -39.15
C ILE B 1092 76.65 -30.72 -38.29
N VAL B 1093 77.75 -31.30 -38.81
CA VAL B 1093 79.05 -31.32 -38.11
C VAL B 1093 79.53 -29.88 -37.89
N ILE B 1094 79.41 -29.03 -38.91
CA ILE B 1094 79.80 -27.63 -38.81
C ILE B 1094 78.92 -26.93 -37.78
N LEU B 1095 77.60 -27.08 -37.89
CA LEU B 1095 76.62 -26.50 -36.97
C LEU B 1095 76.93 -26.86 -35.52
N ALA B 1096 77.38 -28.10 -35.28
CA ALA B 1096 77.76 -28.53 -33.94
C ALA B 1096 79.07 -27.86 -33.50
N ILE B 1097 80.14 -27.92 -34.31
CA ILE B 1097 81.42 -27.30 -33.95
C ILE B 1097 81.27 -25.81 -33.71
N VAL B 1098 80.53 -25.12 -34.60
CA VAL B 1098 80.26 -23.69 -34.53
C VAL B 1098 79.54 -23.30 -33.22
N LYS B 1099 78.37 -23.91 -32.95
CA LYS B 1099 77.57 -23.60 -31.76
C LYS B 1099 78.26 -23.99 -30.45
N LEU B 1100 79.12 -25.01 -30.47
CA LEU B 1100 79.85 -25.39 -29.27
C LEU B 1100 80.96 -24.40 -28.97
N LYS B 1101 81.58 -23.79 -30.01
CA LYS B 1101 82.61 -22.79 -29.79
C LYS B 1101 82.05 -21.45 -29.22
N ILE B 1102 80.69 -21.32 -29.17
CA ILE B 1102 79.98 -20.15 -28.65
C ILE B 1102 80.04 -20.14 -27.12
N GLU B 1103 79.72 -21.27 -26.46
CA GLU B 1103 79.71 -21.35 -25.00
C GLU B 1103 80.83 -22.19 -24.39
N TYR B 1104 81.49 -23.00 -25.20
CA TYR B 1104 82.53 -23.90 -24.71
C TYR B 1104 83.90 -23.66 -25.38
N ASN B 1105 84.94 -24.39 -24.94
CA ASN B 1105 86.26 -24.25 -25.52
C ASN B 1105 86.63 -25.50 -26.33
N LEU B 1106 86.31 -25.49 -27.63
CA LEU B 1106 86.57 -26.58 -28.57
C LEU B 1106 87.77 -26.24 -29.44
N ALA B 1107 88.84 -27.04 -29.36
CA ALA B 1107 90.08 -26.80 -30.10
C ALA B 1107 90.11 -27.34 -31.53
N ILE B 1108 88.94 -27.77 -32.07
CA ILE B 1108 88.85 -28.28 -33.43
C ILE B 1108 88.62 -27.12 -34.39
N THR B 1109 89.62 -26.85 -35.25
CA THR B 1109 89.60 -25.73 -36.17
C THR B 1109 89.07 -26.15 -37.54
N ILE B 1110 87.99 -25.50 -38.01
CA ILE B 1110 87.39 -25.85 -39.30
C ILE B 1110 87.37 -24.66 -40.28
N GLU B 1111 87.20 -24.94 -41.57
CA GLU B 1111 87.12 -23.92 -42.61
C GLU B 1111 85.79 -23.16 -42.50
N ASP B 1112 85.83 -21.82 -42.73
CA ASP B 1112 84.72 -20.86 -42.66
C ASP B 1112 83.37 -21.45 -43.05
N PRO B 1113 82.39 -21.45 -42.13
CA PRO B 1113 81.07 -22.03 -42.44
C PRO B 1113 80.41 -21.51 -43.72
N ILE B 1114 80.80 -20.33 -44.21
CA ILE B 1114 80.25 -19.76 -45.44
C ILE B 1114 80.64 -20.60 -46.67
N ILE B 1115 81.80 -21.29 -46.63
CA ILE B 1115 82.25 -22.15 -47.72
C ILE B 1115 81.26 -23.30 -47.96
N HIS B 1116 80.72 -23.86 -46.87
CA HIS B 1116 79.79 -24.96 -46.95
C HIS B 1116 78.34 -24.47 -47.00
N LEU B 1117 78.03 -23.31 -46.40
CA LEU B 1117 76.68 -22.75 -46.42
C LEU B 1117 76.27 -22.43 -47.87
N ASN B 1118 77.21 -21.90 -48.66
CA ASN B 1118 76.99 -21.58 -50.07
C ASN B 1118 76.70 -22.86 -50.87
N ARG B 1119 77.37 -23.97 -50.51
CA ARG B 1119 77.19 -25.28 -51.14
C ARG B 1119 75.74 -25.75 -50.92
N ILE B 1120 75.18 -25.52 -49.71
CA ILE B 1120 73.81 -25.89 -49.33
C ILE B 1120 72.80 -25.15 -50.21
N TYR B 1121 73.07 -23.86 -50.43
CA TYR B 1121 72.21 -23.01 -51.26
C TYR B 1121 72.19 -23.48 -52.71
N ALA B 1122 73.35 -23.89 -53.25
CA ALA B 1122 73.44 -24.34 -54.63
C ALA B 1122 72.76 -25.70 -54.83
N ILE B 1123 72.93 -26.63 -53.87
CA ILE B 1123 72.37 -27.97 -53.96
C ILE B 1123 70.87 -28.03 -53.63
N VAL B 1124 70.31 -26.98 -52.98
CA VAL B 1124 68.89 -27.00 -52.63
C VAL B 1124 67.98 -26.94 -53.87
N GLU B 1125 68.47 -26.41 -55.02
CA GLU B 1125 67.65 -26.35 -56.23
C GLU B 1125 67.43 -27.74 -56.85
N THR B 1126 68.51 -28.52 -56.97
CA THR B 1126 68.49 -29.84 -57.60
C THR B 1126 68.08 -31.00 -56.70
N ALA B 1127 68.42 -30.93 -55.41
CA ALA B 1127 68.13 -32.02 -54.47
C ALA B 1127 66.66 -32.20 -54.19
N GLU B 1128 66.26 -33.44 -53.86
CA GLU B 1128 64.90 -33.78 -53.45
C GLU B 1128 64.85 -33.69 -51.91
N GLN B 1129 63.65 -33.40 -51.33
CA GLN B 1129 63.46 -33.22 -49.89
C GLN B 1129 64.38 -32.10 -49.39
N LYS B 1130 64.07 -30.87 -49.85
CA LYS B 1130 64.81 -29.64 -49.61
C LYS B 1130 64.67 -29.04 -48.21
N GLU B 1131 63.58 -29.35 -47.50
CA GLU B 1131 63.31 -28.81 -46.17
C GLU B 1131 64.49 -28.97 -45.20
N GLY B 1132 65.03 -30.19 -45.12
CA GLY B 1132 66.15 -30.52 -44.24
C GLY B 1132 67.38 -29.68 -44.45
N LEU B 1133 67.59 -29.20 -45.68
CA LEU B 1133 68.72 -28.34 -46.04
C LEU B 1133 68.44 -26.92 -45.64
N VAL B 1134 67.20 -26.44 -45.88
CA VAL B 1134 66.84 -25.06 -45.55
C VAL B 1134 66.85 -24.86 -44.04
N ILE B 1135 66.39 -25.85 -43.28
CA ILE B 1135 66.41 -25.77 -41.82
C ILE B 1135 67.85 -25.69 -41.34
N LEU B 1136 68.71 -26.58 -41.84
CA LEU B 1136 70.13 -26.65 -41.49
C LEU B 1136 70.87 -25.36 -41.80
N ALA B 1137 70.72 -24.84 -43.03
CA ALA B 1137 71.42 -23.63 -43.43
C ALA B 1137 70.97 -22.45 -42.59
N ASN B 1138 69.66 -22.36 -42.30
CA ASN B 1138 69.12 -21.27 -41.50
C ASN B 1138 69.55 -21.33 -40.04
N LEU B 1139 69.71 -22.54 -39.51
CA LEU B 1139 70.19 -22.76 -38.14
C LEU B 1139 71.69 -22.47 -38.04
N LEU B 1140 72.44 -22.79 -39.09
CA LEU B 1140 73.87 -22.54 -39.15
C LEU B 1140 74.12 -21.02 -39.24
N ILE B 1141 73.29 -20.29 -40.01
CA ILE B 1141 73.38 -18.83 -40.13
C ILE B 1141 73.13 -18.21 -38.75
N ARG B 1142 72.07 -18.68 -38.06
CA ARG B 1142 71.72 -18.21 -36.73
C ARG B 1142 72.86 -18.46 -35.75
N ARG B 1143 73.41 -19.68 -35.71
CA ARG B 1143 74.49 -20.01 -34.78
C ARG B 1143 75.82 -19.30 -35.07
N VAL B 1144 76.00 -18.77 -36.27
CA VAL B 1144 77.21 -18.02 -36.60
C VAL B 1144 77.06 -16.61 -36.03
N ILE B 1145 75.94 -15.95 -36.35
CA ILE B 1145 75.66 -14.58 -35.91
C ILE B 1145 75.38 -14.45 -34.41
N GLU B 1146 74.46 -15.26 -33.86
CA GLU B 1146 74.06 -15.22 -32.46
C GLU B 1146 75.21 -15.38 -31.46
N SER B 1147 75.28 -14.47 -30.47
CA SER B 1147 76.30 -14.48 -29.43
C SER B 1147 75.91 -15.36 -28.23
N LYS B 1148 76.82 -15.58 -27.27
CA LYS B 1148 76.53 -16.37 -26.08
C LYS B 1148 75.41 -15.71 -25.26
N GLU B 1149 75.46 -14.37 -25.16
CA GLU B 1149 74.51 -13.53 -24.44
C GLU B 1149 73.13 -13.59 -25.08
N ALA B 1150 73.09 -13.58 -26.43
CA ALA B 1150 71.86 -13.66 -27.20
C ALA B 1150 71.25 -15.06 -27.12
N ALA B 1151 72.09 -16.11 -27.09
CA ALA B 1151 71.61 -17.49 -27.00
C ALA B 1151 71.03 -17.78 -25.63
N LYS B 1152 71.65 -17.23 -24.57
CA LYS B 1152 71.17 -17.37 -23.20
C LYS B 1152 69.85 -16.61 -23.06
N GLU B 1153 69.77 -15.40 -23.61
CA GLU B 1153 68.55 -14.61 -23.56
C GLU B 1153 67.41 -15.23 -24.40
N ALA B 1154 67.74 -16.01 -25.44
CA ALA B 1154 66.72 -16.70 -26.23
C ALA B 1154 66.11 -17.83 -25.42
N VAL B 1155 66.93 -18.55 -24.64
CA VAL B 1155 66.48 -19.64 -23.77
C VAL B 1155 65.70 -19.09 -22.58
N ASP B 1156 66.22 -18.03 -21.94
CA ASP B 1156 65.55 -17.41 -20.80
C ASP B 1156 64.15 -16.91 -21.19
N THR B 1157 64.01 -16.38 -22.41
CA THR B 1157 62.73 -15.87 -22.93
C THR B 1157 61.74 -17.03 -23.20
N ILE B 1158 62.24 -18.24 -23.51
CA ILE B 1158 61.37 -19.40 -23.73
C ILE B 1158 60.80 -19.90 -22.39
N ILE B 1159 61.61 -19.84 -21.32
CA ILE B 1159 61.18 -20.27 -19.99
C ILE B 1159 60.22 -19.24 -19.36
N LYS B 1160 60.41 -17.94 -19.66
CA LYS B 1160 59.55 -16.87 -19.15
C LYS B 1160 58.08 -17.02 -19.56
N ASN B 1161 57.81 -17.72 -20.67
CA ASN B 1161 56.45 -17.95 -21.15
C ASN B 1161 55.71 -18.92 -20.20
N LYS B 1162 56.43 -19.95 -19.71
CA LYS B 1162 55.91 -20.96 -18.78
C LYS B 1162 56.10 -20.56 -17.30
N HIS B 1163 56.29 -19.25 -17.03
CA HIS B 1163 56.45 -18.62 -15.70
C HIS B 1163 55.28 -17.62 -15.46
N LEU B 1164 54.79 -16.99 -16.54
CA LEU B 1164 53.66 -16.07 -16.53
C LEU B 1164 52.36 -16.79 -16.13
N GLY B 1165 52.26 -18.08 -16.48
CA GLY B 1165 51.07 -18.89 -16.20
C GLY B 1165 50.86 -19.27 -14.75
N LYS B 1166 51.93 -19.17 -13.91
CA LYS B 1166 51.98 -19.48 -12.47
C LYS B 1166 51.22 -20.78 -12.06
N SER B 1167 51.19 -21.76 -12.98
CA SER B 1167 50.52 -23.05 -12.84
C SER B 1167 51.22 -24.01 -11.83
N ARG B 1168 50.69 -25.24 -11.65
CA ARG B 1168 51.22 -26.25 -10.73
C ARG B 1168 52.62 -26.76 -11.13
N MET B 1169 52.80 -27.12 -12.43
CA MET B 1169 54.04 -27.65 -13.04
C MET B 1169 54.61 -28.83 -12.26
N TYR B 1170 53.71 -29.78 -11.94
CA TYR B 1170 53.85 -31.02 -11.16
C TYR B 1170 55.30 -31.60 -11.04
N THR B 1171 55.91 -32.16 -12.11
CA THR B 1171 57.22 -32.80 -11.95
C THR B 1171 58.33 -32.16 -12.80
N VAL B 1172 59.60 -32.43 -12.41
CA VAL B 1172 60.82 -31.97 -13.07
C VAL B 1172 60.87 -32.53 -14.50
N HIS B 1173 60.50 -33.82 -14.65
CA HIS B 1173 60.46 -34.52 -15.93
C HIS B 1173 59.51 -33.85 -16.93
N THR B 1174 58.43 -33.22 -16.44
CA THR B 1174 57.50 -32.52 -17.30
C THR B 1174 58.11 -31.24 -17.83
N VAL B 1175 58.70 -30.43 -16.94
CA VAL B 1175 59.34 -29.16 -17.31
C VAL B 1175 60.54 -29.39 -18.25
N CYS B 1176 61.28 -30.49 -18.04
CA CYS B 1176 62.44 -30.83 -18.86
C CYS B 1176 62.07 -31.41 -20.23
N SER B 1177 61.12 -32.36 -20.30
CA SER B 1177 60.72 -32.93 -21.59
C SER B 1177 59.84 -31.98 -22.42
N ASN B 1178 59.13 -31.04 -21.76
CA ASN B 1178 58.32 -30.04 -22.47
C ASN B 1178 59.25 -28.99 -23.08
N LEU B 1179 60.27 -28.56 -22.32
CA LEU B 1179 61.23 -27.57 -22.81
C LEU B 1179 62.53 -28.26 -23.25
N ARG B 1180 62.42 -29.44 -23.87
CA ARG B 1180 63.58 -30.20 -24.32
C ARG B 1180 64.42 -29.43 -25.34
N ASN B 1181 63.76 -28.69 -26.23
CA ASN B 1181 64.43 -27.88 -27.23
C ASN B 1181 65.24 -26.77 -26.60
N ALA B 1182 64.70 -26.12 -25.56
CA ALA B 1182 65.37 -25.04 -24.84
C ALA B 1182 66.58 -25.58 -24.06
N LEU B 1183 66.48 -26.78 -23.45
CA LEU B 1183 67.64 -27.33 -22.74
C LEU B 1183 68.71 -27.82 -23.70
N PHE B 1184 68.32 -28.28 -24.90
CA PHE B 1184 69.29 -28.69 -25.91
C PHE B 1184 69.95 -27.50 -26.63
N TYR B 1185 69.39 -26.29 -26.52
CA TYR B 1185 69.96 -25.11 -27.15
C TYR B 1185 71.23 -24.73 -26.39
N SER B 1186 71.12 -24.61 -25.07
CA SER B 1186 72.26 -24.30 -24.22
C SER B 1186 71.92 -24.74 -22.82
N ILE B 1187 72.31 -25.96 -22.46
CA ILE B 1187 72.02 -26.56 -21.16
C ILE B 1187 72.65 -25.76 -20.01
N SER B 1188 73.78 -25.09 -20.27
CA SER B 1188 74.44 -24.24 -19.27
C SER B 1188 73.55 -23.06 -18.91
N SER B 1189 72.88 -22.47 -19.90
CA SER B 1189 71.95 -21.35 -19.70
C SER B 1189 70.63 -21.83 -19.08
N PHE B 1190 70.17 -23.02 -19.49
CA PHE B 1190 68.94 -23.63 -18.99
C PHE B 1190 69.07 -23.95 -17.50
N LEU B 1191 70.24 -24.43 -17.07
CA LEU B 1191 70.47 -24.77 -15.67
C LEU B 1191 70.56 -23.51 -14.80
N GLU B 1192 71.11 -22.42 -15.35
CA GLU B 1192 71.24 -21.17 -14.61
C GLU B 1192 69.89 -20.48 -14.34
N TYR B 1193 68.86 -20.70 -15.18
CA TYR B 1193 67.55 -20.11 -14.95
C TYR B 1193 66.81 -20.89 -13.86
N LEU B 1194 66.94 -22.24 -13.85
CA LEU B 1194 66.29 -23.10 -12.87
C LEU B 1194 66.93 -23.01 -11.49
N SER B 1195 68.25 -22.77 -11.44
CA SER B 1195 68.95 -22.66 -10.16
C SER B 1195 68.69 -21.31 -9.51
N SER B 1196 68.64 -20.23 -10.31
CA SER B 1196 68.38 -18.89 -9.78
C SER B 1196 66.89 -18.70 -9.50
N ASN B 1197 66.03 -18.75 -10.53
CA ASN B 1197 64.60 -18.60 -10.35
C ASN B 1197 64.01 -19.94 -9.99
N PHE B 1198 63.44 -20.05 -8.79
CA PHE B 1198 62.83 -21.31 -8.32
C PHE B 1198 61.63 -21.68 -9.19
N GLU B 1199 61.31 -22.98 -9.26
CA GLU B 1199 60.18 -23.44 -10.07
C GLU B 1199 58.98 -23.90 -9.20
N CYS B 1200 57.80 -24.08 -9.83
CA CYS B 1200 56.59 -24.52 -9.13
C CYS B 1200 56.51 -26.06 -8.98
N ILE B 1201 57.63 -26.77 -9.16
CA ILE B 1201 57.68 -28.22 -9.11
C ILE B 1201 57.63 -28.79 -7.70
N SER B 1202 56.80 -29.84 -7.49
CA SER B 1202 56.68 -30.53 -6.21
C SER B 1202 58.02 -31.20 -5.87
N ALA B 1203 58.59 -31.96 -6.83
CA ALA B 1203 59.85 -32.70 -6.69
C ALA B 1203 59.90 -33.61 -5.48
N GLY B 1204 58.75 -34.17 -5.13
CA GLY B 1204 58.62 -35.09 -4.01
C GLY B 1204 58.67 -34.45 -2.63
N TRP B 1205 58.45 -33.12 -2.55
CA TRP B 1205 58.49 -32.44 -1.26
C TRP B 1205 57.42 -31.33 -1.11
N GLU B 1206 57.70 -30.08 -1.52
CA GLU B 1206 56.79 -28.94 -1.38
C GLU B 1206 56.96 -28.01 -2.58
N GLU B 1207 55.90 -27.26 -2.92
CA GLU B 1207 55.94 -26.31 -4.03
C GLU B 1207 56.97 -25.22 -3.73
N ILE B 1208 58.09 -25.21 -4.48
CA ILE B 1208 59.18 -24.25 -4.28
C ILE B 1208 58.72 -22.81 -4.54
N ARG B 1209 59.07 -21.92 -3.60
CA ARG B 1209 58.75 -20.49 -3.51
C ARG B 1209 58.36 -19.79 -4.84
N HIS B 1210 59.19 -19.91 -5.90
CA HIS B 1210 58.97 -19.30 -7.23
C HIS B 1210 59.05 -17.74 -7.14
N LYS B 1211 58.20 -16.96 -7.85
CA LYS B 1211 58.23 -15.50 -7.79
C LYS B 1211 56.83 -14.93 -7.64
N LYS B 1240 60.75 -0.97 -24.55
CA LYS B 1240 59.52 -1.70 -24.83
C LYS B 1240 59.57 -2.39 -26.19
N GLN B 1241 59.62 -3.74 -26.20
CA GLN B 1241 59.67 -4.61 -27.39
C GLN B 1241 60.88 -4.31 -28.27
N ILE B 1242 62.03 -4.02 -27.64
CA ILE B 1242 63.28 -3.65 -28.30
C ILE B 1242 64.36 -4.75 -28.12
N LYS B 1243 64.67 -5.49 -29.20
CA LYS B 1243 65.66 -6.58 -29.18
C LYS B 1243 67.11 -6.08 -29.23
N ILE B 1244 67.69 -5.74 -28.06
CA ILE B 1244 69.08 -5.27 -28.00
C ILE B 1244 70.02 -6.37 -27.53
N TYR B 1245 70.61 -7.12 -28.48
CA TYR B 1245 71.55 -8.19 -28.16
C TYR B 1245 72.97 -7.65 -28.13
N SER B 1246 73.77 -8.15 -27.20
CA SER B 1246 75.10 -7.64 -26.92
C SER B 1246 76.14 -7.74 -28.06
N GLY B 1247 76.53 -8.94 -28.48
CA GLY B 1247 77.60 -9.07 -29.47
C GLY B 1247 77.42 -10.02 -30.64
N LEU B 1248 76.51 -9.70 -31.55
CA LEU B 1248 76.29 -10.53 -32.73
C LEU B 1248 77.42 -10.37 -33.77
N ASN B 1249 77.50 -11.31 -34.72
CA ASN B 1249 78.54 -11.29 -35.76
C ASN B 1249 77.87 -10.91 -37.08
N ALA B 1250 77.68 -9.60 -37.28
CA ALA B 1250 76.97 -9.04 -38.42
C ALA B 1250 77.66 -9.16 -39.78
N GLU B 1251 78.85 -9.76 -39.85
CA GLU B 1251 79.56 -9.90 -41.11
C GLU B 1251 78.82 -10.82 -42.09
N LEU B 1252 78.14 -11.85 -41.56
CA LEU B 1252 77.36 -12.80 -42.34
C LEU B 1252 76.08 -12.16 -42.92
N PHE B 1253 75.50 -11.19 -42.20
CA PHE B 1253 74.30 -10.52 -42.67
C PHE B 1253 74.58 -9.71 -43.93
N ARG B 1254 75.68 -8.92 -43.92
CA ARG B 1254 76.08 -8.11 -45.07
C ARG B 1254 76.46 -9.02 -46.24
N THR B 1255 77.16 -10.13 -45.95
CA THR B 1255 77.59 -11.13 -46.92
C THR B 1255 76.39 -11.70 -47.66
N LEU B 1256 75.35 -12.13 -46.91
CA LEU B 1256 74.13 -12.71 -47.47
C LEU B 1256 73.23 -11.70 -48.14
N PHE B 1257 73.25 -10.46 -47.67
CA PHE B 1257 72.45 -9.39 -48.24
C PHE B 1257 72.93 -9.04 -49.65
N VAL B 1258 74.25 -9.08 -49.89
CA VAL B 1258 74.79 -8.71 -51.20
C VAL B 1258 75.19 -9.91 -52.07
N HIS B 1259 74.72 -11.13 -51.76
CA HIS B 1259 75.07 -12.31 -52.55
C HIS B 1259 74.49 -12.33 -53.96
N ARG B 1260 73.15 -12.16 -54.08
CA ARG B 1260 72.42 -12.12 -55.36
C ARG B 1260 72.73 -13.34 -56.27
N ALA B 1261 72.05 -14.46 -56.02
CA ALA B 1261 72.18 -15.74 -56.74
C ALA B 1261 71.61 -15.66 -58.16
N THR B 1262 72.09 -16.53 -59.06
CA THR B 1262 71.58 -16.56 -60.43
C THR B 1262 70.33 -17.44 -60.49
N GLY B 1263 70.41 -18.61 -59.85
CA GLY B 1263 69.34 -19.60 -59.80
C GLY B 1263 68.06 -19.14 -59.15
N LYS B 1264 66.94 -19.47 -59.79
CA LYS B 1264 65.59 -19.13 -59.37
C LYS B 1264 65.23 -19.56 -57.94
N MET B 1265 65.55 -20.81 -57.58
CA MET B 1265 65.24 -21.39 -56.29
C MET B 1265 66.14 -20.83 -55.19
N GLU B 1266 67.48 -20.80 -55.44
CA GLU B 1266 68.50 -20.31 -54.51
C GLU B 1266 68.16 -18.92 -53.98
N GLN B 1267 67.65 -18.05 -54.87
CA GLN B 1267 67.26 -16.70 -54.49
C GLN B 1267 66.10 -16.73 -53.51
N ILE B 1268 65.11 -17.60 -53.71
CA ILE B 1268 63.97 -17.70 -52.80
C ILE B 1268 64.43 -18.09 -51.39
N VAL B 1269 65.34 -19.07 -51.29
CA VAL B 1269 65.85 -19.53 -50.00
C VAL B 1269 66.73 -18.49 -49.34
N ARG B 1270 67.53 -17.79 -50.15
CA ARG B 1270 68.42 -16.75 -49.64
C ARG B 1270 67.62 -15.55 -49.14
N ILE B 1271 66.58 -15.13 -49.86
CA ILE B 1271 65.73 -14.02 -49.41
C ILE B 1271 64.91 -14.44 -48.19
N HIS B 1272 64.50 -15.72 -48.13
CA HIS B 1272 63.79 -16.28 -46.99
C HIS B 1272 64.69 -16.19 -45.74
N SER B 1273 65.98 -16.51 -45.89
CA SER B 1273 66.95 -16.48 -44.81
C SER B 1273 67.07 -15.08 -44.22
N LEU B 1274 67.15 -14.05 -45.09
CA LEU B 1274 67.24 -12.67 -44.66
C LEU B 1274 65.99 -12.26 -43.87
N CYS B 1275 64.82 -12.79 -44.25
CA CYS B 1275 63.56 -12.52 -43.57
C CYS B 1275 63.61 -13.05 -42.13
N LEU B 1276 64.22 -14.23 -41.93
CA LEU B 1276 64.36 -14.80 -40.60
C LEU B 1276 65.30 -14.00 -39.73
N LEU B 1277 66.38 -13.49 -40.32
CA LEU B 1277 67.36 -12.68 -39.59
C LEU B 1277 66.77 -11.36 -39.17
N VAL B 1278 65.98 -10.72 -40.05
CA VAL B 1278 65.33 -9.45 -39.74
C VAL B 1278 64.39 -9.61 -38.52
N VAL B 1279 63.74 -10.78 -38.40
CA VAL B 1279 62.87 -11.06 -37.25
C VAL B 1279 63.67 -11.41 -36.00
N SER B 1280 64.60 -12.38 -36.12
CA SER B 1280 65.39 -12.87 -35.00
C SER B 1280 66.25 -11.81 -34.33
N PHE B 1281 66.97 -11.02 -35.13
CA PHE B 1281 67.83 -9.97 -34.60
C PHE B 1281 67.66 -8.73 -35.46
N PRO B 1282 66.65 -7.90 -35.18
CA PRO B 1282 66.42 -6.70 -36.00
C PRO B 1282 67.59 -5.69 -36.04
N GLN B 1283 68.56 -5.84 -35.14
CA GLN B 1283 69.72 -4.95 -35.09
C GLN B 1283 70.70 -5.09 -36.26
N LEU B 1284 70.56 -6.17 -37.06
CA LEU B 1284 71.43 -6.41 -38.21
C LEU B 1284 71.24 -5.38 -39.34
N ILE B 1285 70.06 -4.74 -39.41
CA ILE B 1285 69.74 -3.72 -40.40
C ILE B 1285 70.60 -2.47 -40.18
N SER B 1286 70.77 -2.07 -38.91
CA SER B 1286 71.58 -0.90 -38.54
C SER B 1286 73.06 -1.02 -38.92
N THR B 1287 73.54 -2.25 -39.13
CA THR B 1287 74.94 -2.50 -39.50
C THR B 1287 75.25 -2.05 -40.94
N LEU B 1288 74.24 -2.05 -41.81
CA LEU B 1288 74.38 -1.66 -43.21
C LEU B 1288 74.82 -0.21 -43.38
N VAL B 1289 75.93 -0.03 -44.09
CA VAL B 1289 76.50 1.27 -44.45
C VAL B 1289 75.57 1.92 -45.50
N PRO B 1290 75.35 3.26 -45.49
CA PRO B 1290 74.47 3.86 -46.50
C PRO B 1290 74.83 3.60 -47.97
N GLU B 1291 76.05 3.10 -48.26
CA GLU B 1291 76.41 2.73 -49.63
C GLU B 1291 75.62 1.46 -49.98
N ASP B 1292 75.59 0.47 -49.06
CA ASP B 1292 74.89 -0.81 -49.17
C ASP B 1292 73.37 -0.67 -49.37
N TYR B 1293 72.84 0.55 -49.38
CA TYR B 1293 71.42 0.77 -49.61
C TYR B 1293 71.08 0.51 -51.10
N SER B 1294 72.05 0.68 -52.02
CA SER B 1294 71.88 0.43 -53.45
C SER B 1294 71.47 -1.03 -53.76
N PHE B 1295 71.88 -1.97 -52.91
CA PHE B 1295 71.55 -3.38 -53.09
C PHE B 1295 70.10 -3.74 -52.73
N PHE B 1296 69.39 -2.82 -52.04
CA PHE B 1296 67.97 -2.98 -51.71
C PHE B 1296 67.10 -3.00 -52.96
N MET B 1297 67.52 -2.24 -54.00
CA MET B 1297 66.84 -2.13 -55.29
C MET B 1297 66.45 -3.48 -55.87
N TYR B 1298 67.29 -4.49 -55.66
CA TYR B 1298 67.08 -5.87 -56.11
C TYR B 1298 65.79 -6.43 -55.55
N PHE B 1299 65.54 -6.23 -54.25
CA PHE B 1299 64.35 -6.73 -53.60
C PHE B 1299 63.10 -6.08 -54.15
N LEU B 1300 63.16 -4.77 -54.43
CA LEU B 1300 62.01 -4.07 -54.98
C LEU B 1300 61.76 -4.48 -56.43
N GLU B 1301 62.82 -4.67 -57.22
CA GLU B 1301 62.73 -5.02 -58.64
C GLU B 1301 62.12 -6.39 -58.91
N ASN B 1302 62.60 -7.44 -58.23
CA ASN B 1302 62.01 -8.78 -58.44
C ASN B 1302 60.64 -8.95 -57.74
N HIS B 1303 60.25 -8.01 -56.86
CA HIS B 1303 58.93 -8.02 -56.24
C HIS B 1303 57.91 -7.39 -57.22
N ALA B 1304 58.34 -6.36 -57.97
CA ALA B 1304 57.50 -5.70 -58.97
C ALA B 1304 57.32 -6.54 -60.24
N ALA B 1305 58.10 -7.63 -60.41
CA ALA B 1305 58.04 -8.53 -61.57
C ALA B 1305 56.71 -9.24 -61.71
N TYR B 1306 56.01 -9.48 -60.59
CA TYR B 1306 54.73 -10.15 -60.59
C TYR B 1306 53.74 -9.35 -59.76
N SER B 1307 52.59 -8.95 -60.35
CA SER B 1307 51.55 -8.24 -59.62
C SER B 1307 50.69 -9.27 -58.91
N LYS B 1308 50.61 -9.21 -57.58
CA LYS B 1308 49.82 -10.16 -56.82
C LYS B 1308 48.34 -10.02 -57.15
N SER B 1309 47.86 -8.79 -57.31
CA SER B 1309 46.47 -8.53 -57.63
C SER B 1309 46.11 -8.97 -59.05
N LEU B 1310 46.64 -8.28 -60.10
CA LEU B 1310 46.36 -8.68 -61.47
C LEU B 1310 47.10 -9.98 -61.76
N LYS B 1311 46.38 -11.12 -61.71
CA LYS B 1311 47.00 -12.41 -61.98
C LYS B 1311 47.32 -12.52 -63.46
N PRO B 1312 48.60 -12.61 -63.82
CA PRO B 1312 48.96 -12.70 -65.25
C PRO B 1312 49.01 -14.13 -65.78
N SER B 1313 48.88 -14.26 -67.11
CA SER B 1313 48.94 -15.56 -67.77
C SER B 1313 50.39 -16.01 -67.94
N ALA B 1314 50.61 -17.35 -67.97
CA ALA B 1314 51.92 -18.00 -68.10
C ALA B 1314 52.92 -17.63 -67.00
N PHE B 1315 52.42 -17.43 -65.76
CA PHE B 1315 53.29 -17.14 -64.62
C PHE B 1315 53.75 -18.48 -64.00
N GLN B 1316 54.93 -18.48 -63.36
CA GLN B 1316 55.41 -19.68 -62.69
C GLN B 1316 55.36 -19.47 -61.17
N GLN B 1317 55.02 -20.52 -60.40
CA GLN B 1317 54.96 -20.44 -58.94
C GLN B 1317 56.32 -20.05 -58.33
N GLU B 1318 57.43 -20.40 -59.01
CA GLU B 1318 58.78 -20.03 -58.58
C GLU B 1318 58.91 -18.51 -58.63
N ASP B 1319 58.40 -17.89 -59.70
CA ASP B 1319 58.43 -16.44 -59.89
C ASP B 1319 57.53 -15.73 -58.89
N LYS B 1320 56.41 -16.35 -58.52
CA LYS B 1320 55.46 -15.77 -57.57
C LYS B 1320 56.01 -15.72 -56.15
N THR B 1321 56.57 -16.83 -55.63
CA THR B 1321 57.13 -16.83 -54.28
C THR B 1321 58.44 -16.03 -54.20
N LEU B 1322 59.19 -15.92 -55.31
CA LEU B 1322 60.38 -15.10 -55.38
C LEU B 1322 59.97 -13.63 -55.22
N ALA B 1323 58.90 -13.21 -55.92
CA ALA B 1323 58.38 -11.86 -55.82
C ALA B 1323 57.81 -11.61 -54.43
N TYR B 1324 57.12 -12.61 -53.85
CA TYR B 1324 56.53 -12.48 -52.53
C TYR B 1324 57.56 -12.28 -51.44
N TRP B 1325 58.52 -13.21 -51.30
CA TRP B 1325 59.51 -13.11 -50.22
C TRP B 1325 60.41 -11.90 -50.37
N SER B 1326 60.60 -11.38 -51.59
CA SER B 1326 61.40 -10.18 -51.81
C SER B 1326 60.65 -8.97 -51.24
N GLY B 1327 59.35 -8.90 -51.48
CA GLY B 1327 58.51 -7.83 -50.95
C GLY B 1327 58.28 -7.99 -49.46
N HIS B 1328 58.20 -9.24 -49.00
CA HIS B 1328 58.03 -9.59 -47.60
C HIS B 1328 59.23 -9.16 -46.76
N PHE B 1329 60.44 -9.28 -47.32
CA PHE B 1329 61.67 -8.83 -46.68
C PHE B 1329 61.60 -7.32 -46.43
N ILE B 1330 61.08 -6.58 -47.41
CA ILE B 1330 60.92 -5.13 -47.31
C ILE B 1330 59.94 -4.77 -46.20
N MET B 1331 58.73 -5.35 -46.19
CA MET B 1331 57.75 -5.03 -45.15
C MET B 1331 58.16 -5.56 -43.76
N LEU B 1332 59.07 -6.55 -43.71
CA LEU B 1332 59.57 -7.07 -42.44
C LEU B 1332 60.56 -6.08 -41.82
N ILE B 1333 61.39 -5.41 -42.63
CA ILE B 1333 62.33 -4.42 -42.12
C ILE B 1333 61.54 -3.24 -41.55
N PHE B 1334 60.48 -2.83 -42.24
CA PHE B 1334 59.61 -1.73 -41.84
C PHE B 1334 58.86 -1.99 -40.54
N ASN B 1335 58.55 -3.26 -40.25
CA ASN B 1335 57.77 -3.60 -39.05
C ASN B 1335 58.58 -4.10 -37.88
N HIS B 1336 59.71 -4.75 -38.12
CA HIS B 1336 60.52 -5.28 -37.02
C HIS B 1336 61.61 -4.34 -36.54
N THR B 1337 61.91 -3.26 -37.29
CA THR B 1337 62.95 -2.29 -36.93
C THR B 1337 62.40 -0.86 -36.74
N THR B 1338 63.21 0.03 -36.13
CA THR B 1338 62.84 1.44 -35.96
C THR B 1338 63.92 2.34 -36.58
N TYR B 1339 64.61 1.87 -37.63
CA TYR B 1339 65.67 2.64 -38.29
C TYR B 1339 65.07 3.52 -39.36
N VAL B 1340 64.80 4.76 -38.98
CA VAL B 1340 64.16 5.78 -39.81
C VAL B 1340 64.87 6.01 -41.15
N GLU B 1341 66.19 6.16 -41.15
CA GLU B 1341 66.92 6.45 -42.40
C GLU B 1341 66.94 5.29 -43.38
N VAL B 1342 66.82 4.06 -42.90
CA VAL B 1342 66.78 2.89 -43.77
C VAL B 1342 65.41 2.83 -44.45
N LYS B 1343 64.34 3.06 -43.68
CA LYS B 1343 62.96 3.08 -44.17
C LYS B 1343 62.75 4.23 -45.16
N LYS B 1344 63.37 5.40 -44.88
CA LYS B 1344 63.30 6.59 -45.72
C LYS B 1344 63.94 6.32 -47.08
N TYR B 1345 65.03 5.53 -47.11
CA TYR B 1345 65.68 5.18 -48.37
C TYR B 1345 64.77 4.24 -49.15
N ILE B 1346 64.22 3.21 -48.49
CA ILE B 1346 63.35 2.25 -49.15
C ILE B 1346 62.13 2.93 -49.74
N LEU B 1347 61.39 3.70 -48.93
CA LEU B 1347 60.22 4.42 -49.40
C LEU B 1347 60.51 5.34 -50.56
N GLU B 1348 61.71 5.92 -50.61
CA GLU B 1348 62.12 6.80 -51.69
C GLU B 1348 62.20 6.02 -53.00
N LYS B 1349 62.80 4.84 -52.98
CA LYS B 1349 62.92 4.00 -54.16
C LYS B 1349 61.60 3.32 -54.54
N VAL B 1350 60.73 3.08 -53.56
CA VAL B 1350 59.42 2.50 -53.81
C VAL B 1350 58.56 3.55 -54.53
N LEU B 1351 58.57 4.79 -54.01
CA LEU B 1351 57.82 5.91 -54.60
C LEU B 1351 58.35 6.30 -55.99
N GLU B 1352 59.65 6.11 -56.24
CA GLU B 1352 60.26 6.39 -57.53
C GLU B 1352 59.76 5.39 -58.58
N LEU B 1353 59.62 4.12 -58.16
CA LEU B 1353 59.18 3.01 -59.02
C LEU B 1353 57.67 2.98 -59.24
N LEU B 1354 56.89 3.40 -58.23
CA LEU B 1354 55.43 3.36 -58.25
C LEU B 1354 54.78 3.90 -59.54
N PRO B 1355 55.11 5.10 -60.07
CA PRO B 1355 54.41 5.58 -61.27
C PRO B 1355 55.06 5.21 -62.60
N THR B 1356 55.98 4.23 -62.61
CA THR B 1356 56.65 3.81 -63.85
C THR B 1356 55.72 3.02 -64.79
N SER B 1357 54.83 2.19 -64.25
CA SER B 1357 53.89 1.41 -65.06
C SER B 1357 52.59 1.11 -64.27
N ILE B 1358 51.53 0.61 -64.95
CA ILE B 1358 50.30 0.24 -64.24
C ILE B 1358 50.59 -0.95 -63.31
N ASN B 1359 51.44 -1.89 -63.76
CA ASN B 1359 51.87 -3.06 -63.00
C ASN B 1359 52.60 -2.60 -61.73
N ALA B 1360 53.53 -1.63 -61.88
CA ALA B 1360 54.30 -1.06 -60.78
C ALA B 1360 53.43 -0.23 -59.84
N THR B 1361 52.41 0.44 -60.38
CA THR B 1361 51.49 1.24 -59.57
C THR B 1361 50.67 0.32 -58.69
N VAL B 1362 50.19 -0.79 -59.26
CA VAL B 1362 49.41 -1.75 -58.51
C VAL B 1362 50.25 -2.44 -57.44
N ILE B 1363 51.38 -3.06 -57.81
CA ILE B 1363 52.22 -3.81 -56.87
C ILE B 1363 52.83 -2.92 -55.76
N PHE B 1364 53.19 -1.66 -56.04
CA PHE B 1364 53.80 -0.79 -55.04
C PHE B 1364 52.81 -0.11 -54.15
N SER B 1365 51.63 0.24 -54.66
CA SER B 1365 50.59 0.82 -53.83
C SER B 1365 50.12 -0.20 -52.78
N GLU B 1366 50.05 -1.48 -53.19
CA GLU B 1366 49.71 -2.59 -52.32
C GLU B 1366 50.84 -2.87 -51.34
N LEU B 1367 52.11 -2.71 -51.77
CA LEU B 1367 53.26 -2.94 -50.90
C LEU B 1367 53.31 -1.89 -49.80
N ILE B 1368 53.07 -0.61 -50.14
CA ILE B 1368 53.03 0.47 -49.16
C ILE B 1368 51.88 0.25 -48.16
N GLN B 1369 50.75 -0.30 -48.63
CA GLN B 1369 49.64 -0.63 -47.77
C GLN B 1369 50.02 -1.79 -46.85
N GLU B 1370 50.66 -2.86 -47.38
CA GLU B 1370 51.09 -4.06 -46.63
C GLU B 1370 52.03 -3.77 -45.47
N ILE B 1371 52.82 -2.71 -45.59
CA ILE B 1371 53.72 -2.24 -44.54
C ILE B 1371 52.91 -1.77 -43.31
N LEU B 1372 51.71 -1.26 -43.53
CA LEU B 1372 50.84 -0.79 -42.48
C LEU B 1372 49.82 -1.86 -42.05
N THR B 1373 49.20 -2.57 -43.02
CA THR B 1373 48.20 -3.61 -42.72
C THR B 1373 48.81 -4.72 -41.86
N MET B 1374 50.06 -5.11 -42.13
CA MET B 1374 50.77 -6.07 -41.30
C MET B 1374 51.27 -5.17 -40.18
N ARG B 1375 50.64 -5.21 -39.01
CA ARG B 1375 51.04 -4.31 -37.93
C ARG B 1375 51.71 -5.10 -36.85
N PHE B 1376 53.04 -5.08 -36.84
CA PHE B 1376 53.81 -5.83 -35.88
C PHE B 1376 53.70 -5.24 -34.48
N SER B 1377 53.89 -3.93 -34.34
CA SER B 1377 53.77 -3.24 -33.06
C SER B 1377 53.07 -1.89 -33.25
N LYS B 1378 52.52 -1.30 -32.17
CA LYS B 1378 51.85 -0.01 -32.28
C LYS B 1378 52.83 1.12 -32.51
N ASN B 1379 53.99 1.07 -31.85
CA ASN B 1379 55.02 2.10 -32.04
C ASN B 1379 55.68 1.98 -33.42
N THR B 1380 55.83 0.74 -33.95
CA THR B 1380 56.41 0.54 -35.27
C THR B 1380 55.43 0.97 -36.35
N PHE B 1381 54.13 0.68 -36.16
CA PHE B 1381 53.07 1.07 -37.10
C PHE B 1381 52.95 2.59 -37.12
N ASP B 1382 52.89 3.24 -35.95
CA ASP B 1382 52.78 4.70 -35.88
C ASP B 1382 54.00 5.42 -36.46
N GLU B 1383 55.16 4.75 -36.50
CA GLU B 1383 56.37 5.32 -37.09
C GLU B 1383 56.22 5.30 -38.61
N ASN B 1384 55.75 4.16 -39.17
CA ASN B 1384 55.52 4.01 -40.61
C ASN B 1384 54.36 4.88 -41.08
N THR B 1385 53.37 5.11 -40.22
CA THR B 1385 52.20 5.93 -40.50
C THR B 1385 52.60 7.40 -40.61
N ALA B 1386 53.35 7.91 -39.63
CA ALA B 1386 53.82 9.30 -39.68
C ALA B 1386 54.89 9.54 -40.77
N LEU B 1387 55.54 8.46 -41.25
CA LEU B 1387 56.54 8.51 -42.30
C LEU B 1387 55.90 8.61 -43.68
N VAL B 1388 54.87 7.79 -43.97
CA VAL B 1388 54.22 7.83 -45.28
C VAL B 1388 53.54 9.18 -45.55
N LYS B 1389 53.09 9.89 -44.51
CA LYS B 1389 52.51 11.22 -44.71
C LYS B 1389 53.62 12.26 -44.94
N GLU B 1390 54.79 12.08 -44.29
CA GLU B 1390 55.93 12.97 -44.47
C GLU B 1390 56.48 12.81 -45.91
N MET B 1391 56.54 11.54 -46.39
CA MET B 1391 57.00 11.12 -47.72
C MET B 1391 56.06 11.50 -48.87
N ASN B 1392 54.81 11.90 -48.55
CA ASN B 1392 53.77 12.27 -49.50
C ASN B 1392 53.40 11.12 -50.41
N CYS B 1393 53.29 9.91 -49.84
CA CYS B 1393 52.94 8.69 -50.54
C CYS B 1393 51.62 8.83 -51.26
N LEU B 1394 50.62 9.41 -50.58
CA LEU B 1394 49.30 9.60 -51.16
C LEU B 1394 49.34 10.42 -52.44
N GLU B 1395 50.06 11.55 -52.43
CA GLU B 1395 50.20 12.43 -53.59
C GLU B 1395 50.77 11.67 -54.79
N VAL B 1396 51.70 10.73 -54.54
CA VAL B 1396 52.31 9.92 -55.59
C VAL B 1396 51.32 8.92 -56.20
N MET B 1397 50.60 8.15 -55.36
CA MET B 1397 49.66 7.16 -55.89
C MET B 1397 48.41 7.81 -56.47
N ILE B 1398 47.98 8.95 -55.94
CA ILE B 1398 46.82 9.66 -56.49
C ILE B 1398 47.17 10.16 -57.89
N ARG B 1399 48.31 10.87 -58.02
CA ARG B 1399 48.76 11.37 -59.31
C ARG B 1399 49.00 10.25 -60.30
N SER B 1400 49.54 9.11 -59.83
CA SER B 1400 49.79 7.95 -60.66
C SER B 1400 48.48 7.39 -61.21
N THR B 1401 47.45 7.30 -60.34
CA THR B 1401 46.12 6.80 -60.70
C THR B 1401 45.44 7.73 -61.71
N MET B 1402 45.57 9.04 -61.48
CA MET B 1402 45.00 10.07 -62.34
C MET B 1402 45.63 10.07 -63.72
N GLN B 1403 46.93 9.77 -63.81
CA GLN B 1403 47.61 9.72 -65.11
C GLN B 1403 47.23 8.45 -65.87
N ILE B 1404 47.11 7.33 -65.13
CA ILE B 1404 46.69 6.02 -65.62
C ILE B 1404 45.36 6.10 -66.34
N ASP B 1405 44.45 6.97 -65.84
CA ASP B 1405 43.07 7.13 -66.31
C ASP B 1405 42.96 7.10 -67.83
N ASN B 1406 42.30 6.05 -68.32
CA ASN B 1406 42.08 5.86 -69.72
C ASN B 1406 40.79 5.10 -69.98
N ARG B 1407 40.16 5.42 -71.08
CA ARG B 1407 38.92 4.80 -71.47
C ARG B 1407 39.22 3.44 -72.06
N ARG B 1408 39.18 2.44 -71.17
CA ARG B 1408 39.46 1.03 -71.42
C ARG B 1408 38.61 0.23 -70.42
N LYS B 1409 37.88 -0.85 -70.85
CA LYS B 1409 37.03 -1.63 -69.93
C LYS B 1409 37.80 -2.20 -68.70
N ASP B 1410 39.11 -2.34 -68.85
CA ASP B 1410 40.03 -2.80 -67.82
C ASP B 1410 40.22 -1.77 -66.68
N TYR B 1411 39.95 -0.48 -66.96
CA TYR B 1411 40.11 0.62 -66.01
C TYR B 1411 39.21 0.48 -64.79
N GLY B 1412 38.00 -0.02 -65.00
CA GLY B 1412 37.07 -0.25 -63.91
C GLY B 1412 37.58 -1.31 -62.95
N SER B 1413 38.28 -2.33 -63.49
CA SER B 1413 38.87 -3.43 -62.72
C SER B 1413 40.05 -2.91 -61.92
N ILE B 1414 40.93 -2.12 -62.58
CA ILE B 1414 42.13 -1.51 -62.00
C ILE B 1414 41.77 -0.51 -60.89
N MET B 1415 40.65 0.20 -61.05
CA MET B 1415 40.19 1.14 -60.03
C MET B 1415 39.77 0.41 -58.79
N GLU B 1416 38.99 -0.68 -58.93
CA GLU B 1416 38.55 -1.49 -57.78
C GLU B 1416 39.74 -2.06 -56.97
N ILE B 1417 40.95 -2.10 -57.59
CA ILE B 1417 42.20 -2.56 -57.00
C ILE B 1417 42.97 -1.40 -56.36
N LEU B 1418 43.17 -0.30 -57.09
CA LEU B 1418 43.94 0.84 -56.63
C LEU B 1418 43.26 1.65 -55.56
N THR B 1419 41.93 1.64 -55.49
CA THR B 1419 41.22 2.41 -54.47
C THR B 1419 41.41 1.80 -53.10
N LYS B 1420 41.54 0.46 -52.99
CA LYS B 1420 41.71 -0.22 -51.70
C LYS B 1420 42.92 0.28 -50.89
N PRO B 1421 44.16 0.35 -51.47
CA PRO B 1421 45.27 0.91 -50.69
C PRO B 1421 45.16 2.41 -50.44
N MET B 1422 44.71 3.22 -51.41
CA MET B 1422 44.57 4.66 -51.16
C MET B 1422 43.35 5.01 -50.30
N GLU B 1423 42.47 4.04 -49.99
CA GLU B 1423 41.34 4.30 -49.10
C GLU B 1423 41.84 4.08 -47.68
N TYR B 1424 42.54 2.96 -47.42
CA TYR B 1424 43.07 2.67 -46.10
C TYR B 1424 44.07 3.73 -45.68
N ILE B 1425 44.99 4.13 -46.57
CA ILE B 1425 45.98 5.14 -46.26
C ILE B 1425 45.35 6.51 -45.94
N THR B 1426 44.29 6.91 -46.68
CA THR B 1426 43.61 8.17 -46.38
C THR B 1426 42.79 8.10 -45.08
N ARG B 1427 42.37 6.90 -44.67
CA ARG B 1427 41.59 6.72 -43.45
C ARG B 1427 42.48 6.75 -42.22
N ILE B 1428 43.70 6.20 -42.30
CA ILE B 1428 44.63 6.24 -41.16
C ILE B 1428 45.01 7.69 -40.87
N LEU B 1429 45.27 8.47 -41.92
CA LEU B 1429 45.64 9.87 -41.80
C LEU B 1429 44.45 10.80 -41.51
N ALA B 1430 43.24 10.26 -41.40
CA ALA B 1430 42.04 11.01 -41.05
C ALA B 1430 41.77 10.88 -39.54
N VAL B 1431 42.01 9.69 -38.96
CA VAL B 1431 41.83 9.41 -37.54
C VAL B 1431 42.81 10.25 -36.73
N ASP B 1432 44.08 10.27 -37.14
CA ASP B 1432 45.17 11.05 -36.56
C ASP B 1432 45.28 10.97 -35.02
N GLU B 1433 45.45 9.74 -34.50
CA GLU B 1433 45.61 9.49 -33.06
C GLU B 1433 45.95 8.00 -32.80
N LYS B 1434 45.75 7.51 -31.56
CA LYS B 1434 46.01 6.13 -31.22
C LYS B 1434 45.00 5.15 -31.87
N GLU B 1435 43.82 5.63 -32.29
CA GLU B 1435 42.83 4.75 -32.92
C GLU B 1435 43.21 4.32 -34.36
N ALA B 1436 44.27 4.92 -34.93
CA ALA B 1436 44.77 4.61 -36.27
C ALA B 1436 45.30 3.17 -36.38
N PHE B 1437 45.88 2.66 -35.29
CA PHE B 1437 46.36 1.29 -35.25
C PHE B 1437 45.18 0.34 -35.33
N TYR B 1438 44.13 0.62 -34.54
CA TYR B 1438 42.92 -0.21 -34.49
C TYR B 1438 42.07 -0.14 -35.76
N GLU B 1439 42.31 0.84 -36.63
CA GLU B 1439 41.53 0.99 -37.86
C GLU B 1439 41.86 -0.12 -38.85
N GLU B 1440 40.87 -0.97 -39.14
CA GLU B 1440 40.95 -2.12 -40.04
C GLU B 1440 41.05 -1.72 -41.53
N VAL B 1441 41.25 -2.70 -42.44
CA VAL B 1441 41.33 -2.41 -43.88
C VAL B 1441 39.91 -2.41 -44.50
N THR B 1442 39.74 -1.67 -45.62
CA THR B 1442 38.50 -1.45 -46.40
C THR B 1442 37.37 -2.45 -46.13
N GLU B 1523 55.32 -38.99 -66.47
CA GLU B 1523 54.78 -38.39 -65.26
C GLU B 1523 55.87 -37.70 -64.40
N GLN B 1524 57.18 -37.98 -64.66
CA GLN B 1524 58.30 -37.40 -63.91
C GLN B 1524 58.36 -35.85 -64.00
N SER B 1525 57.91 -35.28 -65.14
CA SER B 1525 57.88 -33.82 -65.33
C SER B 1525 56.77 -33.12 -64.51
N SER B 1526 55.79 -33.89 -63.98
CA SER B 1526 54.69 -33.37 -63.17
C SER B 1526 54.71 -33.91 -61.71
N SER B 1527 55.52 -34.95 -61.44
CA SER B 1527 55.67 -35.51 -60.09
C SER B 1527 56.65 -34.63 -59.32
N GLU B 1528 57.80 -34.33 -59.93
CA GLU B 1528 58.80 -33.44 -59.35
C GLU B 1528 58.34 -31.97 -59.39
N GLN B 1529 57.41 -31.63 -60.30
CA GLN B 1529 56.82 -30.30 -60.47
C GLN B 1529 55.84 -29.95 -59.34
N SER B 1530 54.89 -30.84 -59.02
CA SER B 1530 53.91 -30.57 -57.96
C SER B 1530 54.50 -30.64 -56.55
N GLU B 1531 55.61 -31.38 -56.38
CA GLU B 1531 56.29 -31.52 -55.11
C GLU B 1531 57.18 -30.31 -54.83
N LYS B 1532 57.88 -29.79 -55.87
CA LYS B 1532 58.72 -28.60 -55.69
C LYS B 1532 57.91 -27.32 -55.55
N ASN B 1533 56.72 -27.26 -56.18
CA ASN B 1533 55.87 -26.09 -56.09
C ASN B 1533 55.16 -26.01 -54.74
N GLU B 1534 54.78 -27.17 -54.18
CA GLU B 1534 54.17 -27.19 -52.86
C GLU B 1534 55.19 -26.88 -51.73
N PHE B 1535 56.49 -27.03 -52.02
CA PHE B 1535 57.56 -26.71 -51.08
C PHE B 1535 57.66 -25.19 -50.95
N LEU B 1536 57.58 -24.46 -52.07
CA LEU B 1536 57.65 -23.01 -52.09
C LEU B 1536 56.52 -22.34 -51.28
N LYS B 1537 55.39 -23.03 -51.12
CA LYS B 1537 54.28 -22.52 -50.34
C LYS B 1537 54.55 -22.77 -48.84
N SER B 1538 55.13 -23.94 -48.51
CA SER B 1538 55.44 -24.37 -47.15
C SER B 1538 56.51 -23.52 -46.46
N LEU B 1539 57.43 -22.89 -47.21
CA LEU B 1539 58.46 -22.07 -46.58
C LEU B 1539 57.84 -20.88 -45.89
N CYS B 1540 58.20 -20.69 -44.62
CA CYS B 1540 57.60 -19.66 -43.79
C CYS B 1540 58.54 -19.26 -42.66
N ILE B 1541 58.21 -18.17 -41.97
CA ILE B 1541 58.95 -17.76 -40.80
C ILE B 1541 58.34 -18.50 -39.59
N LEU B 1542 59.17 -19.24 -38.87
CA LEU B 1542 58.73 -20.03 -37.73
C LEU B 1542 59.05 -19.29 -36.43
N PRO B 1543 58.27 -19.53 -35.36
CA PRO B 1543 58.60 -18.90 -34.07
C PRO B 1543 59.95 -19.40 -33.55
N ILE B 1544 60.63 -18.59 -32.74
CA ILE B 1544 61.95 -18.96 -32.23
C ILE B 1544 61.88 -20.23 -31.35
N SER B 1545 60.74 -20.46 -30.65
CA SER B 1545 60.57 -21.68 -29.86
C SER B 1545 60.61 -22.92 -30.75
N LYS B 1546 59.92 -22.86 -31.91
CA LYS B 1546 59.84 -23.95 -32.88
C LYS B 1546 61.13 -24.12 -33.69
N LEU B 1547 61.84 -23.01 -33.95
CA LEU B 1547 63.09 -23.00 -34.70
C LEU B 1547 64.22 -23.65 -33.92
N ILE B 1548 64.26 -23.40 -32.61
CA ILE B 1548 65.21 -24.02 -31.67
C ILE B 1548 64.91 -25.54 -31.55
N GLY B 1549 63.62 -25.89 -31.61
CA GLY B 1549 63.15 -27.27 -31.60
C GLY B 1549 63.57 -28.02 -32.84
N LYS B 1550 63.60 -27.34 -34.00
CA LYS B 1550 64.05 -27.94 -35.26
C LYS B 1550 65.54 -28.32 -35.17
N GLU B 1551 66.33 -27.54 -34.42
CA GLU B 1551 67.75 -27.82 -34.19
C GLU B 1551 67.86 -29.05 -33.29
N MET B 1552 67.09 -29.08 -32.19
CA MET B 1552 67.08 -30.21 -31.27
C MET B 1552 66.71 -31.51 -31.98
N GLU B 1553 65.76 -31.43 -32.93
CA GLU B 1553 65.30 -32.58 -33.71
C GLU B 1553 66.43 -33.33 -34.41
N ILE B 1554 67.48 -32.62 -34.84
CA ILE B 1554 68.59 -33.26 -35.54
C ILE B 1554 69.57 -33.92 -34.57
N PHE B 1555 69.77 -33.33 -33.39
CA PHE B 1555 70.73 -33.89 -32.42
C PHE B 1555 70.14 -34.87 -31.42
N ASN B 1556 68.81 -34.84 -31.22
CA ASN B 1556 68.14 -35.73 -30.27
C ASN B 1556 67.41 -36.86 -31.01
N ALA B 1557 66.86 -36.57 -32.19
CA ALA B 1557 66.14 -37.49 -33.06
C ALA B 1557 64.86 -38.11 -32.46
N ASP B 1558 63.90 -37.23 -32.08
CA ASP B 1558 62.56 -37.55 -31.56
C ASP B 1558 62.51 -38.52 -30.38
N GLU B 1559 63.63 -38.72 -29.68
CA GLU B 1559 63.65 -39.62 -28.53
C GLU B 1559 63.26 -38.84 -27.28
N ARG B 1560 62.05 -39.12 -26.78
CA ARG B 1560 61.44 -38.49 -25.60
C ARG B 1560 62.42 -38.12 -24.47
N MET B 1561 63.40 -39.00 -24.17
CA MET B 1561 64.34 -38.69 -23.11
C MET B 1561 65.76 -39.20 -23.33
N PRO B 1562 66.70 -38.28 -23.55
CA PRO B 1562 68.11 -38.69 -23.62
C PRO B 1562 68.70 -38.85 -22.21
N PHE B 1563 69.92 -39.43 -22.11
CA PHE B 1563 70.58 -39.58 -20.81
C PHE B 1563 70.94 -38.25 -20.17
N VAL B 1564 71.18 -37.23 -21.00
CA VAL B 1564 71.51 -35.88 -20.57
C VAL B 1564 70.35 -35.24 -19.80
N GLN B 1565 69.10 -35.53 -20.21
CA GLN B 1565 67.94 -35.01 -19.50
C GLN B 1565 67.86 -35.61 -18.11
N LYS B 1566 68.12 -36.93 -17.99
CA LYS B 1566 68.09 -37.67 -16.72
C LYS B 1566 69.05 -37.09 -15.67
N ILE B 1567 70.32 -36.88 -16.04
CA ILE B 1567 71.31 -36.34 -15.13
C ILE B 1567 71.04 -34.84 -14.82
N LEU B 1568 70.38 -34.12 -15.74
CA LEU B 1568 70.02 -32.72 -15.52
C LEU B 1568 68.95 -32.59 -14.43
N GLU B 1569 67.88 -33.40 -14.49
CA GLU B 1569 66.79 -33.37 -13.51
C GLU B 1569 67.27 -33.55 -12.07
N GLY B 1570 68.27 -34.42 -11.90
CA GLY B 1570 68.89 -34.68 -10.61
C GLY B 1570 69.70 -33.53 -10.08
N SER B 1571 70.34 -32.78 -10.99
CA SER B 1571 71.13 -31.60 -10.64
C SER B 1571 70.19 -30.48 -10.18
N ILE B 1572 69.03 -30.33 -10.86
CA ILE B 1572 68.01 -29.33 -10.54
C ILE B 1572 67.51 -29.48 -9.09
N ILE B 1573 67.09 -30.69 -8.71
CA ILE B 1573 66.60 -30.98 -7.36
C ILE B 1573 67.70 -30.79 -6.32
N SER B 1574 68.94 -31.20 -6.63
CA SER B 1574 70.08 -31.04 -5.73
C SER B 1574 70.50 -29.57 -5.55
N ASN B 1575 70.15 -28.70 -6.52
CA ASN B 1575 70.45 -27.27 -6.43
C ASN B 1575 69.50 -26.54 -5.46
N LEU B 1576 68.32 -27.12 -5.15
CA LEU B 1576 67.40 -26.55 -4.18
C LEU B 1576 67.33 -27.48 -2.95
N ILE B 1767 29.62 13.23 -36.85
CA ILE B 1767 28.61 14.28 -36.89
C ILE B 1767 29.23 15.64 -36.45
N ALA B 1768 30.17 15.61 -35.49
CA ALA B 1768 30.87 16.81 -35.02
C ALA B 1768 32.00 17.20 -36.01
N GLU B 1769 32.51 18.45 -35.92
CA GLU B 1769 33.58 18.93 -36.81
C GLU B 1769 34.86 18.15 -36.60
N ARG B 1770 35.64 17.97 -37.67
CA ARG B 1770 36.91 17.26 -37.57
C ARG B 1770 37.98 18.05 -38.31
N GLU B 1771 39.04 18.46 -37.62
CA GLU B 1771 40.13 19.21 -38.23
C GLU B 1771 41.36 18.32 -38.22
N ALA B 1772 41.57 17.59 -39.31
CA ALA B 1772 42.69 16.66 -39.41
C ALA B 1772 43.88 17.25 -40.23
N ALA B 1773 45.05 16.60 -40.22
CA ALA B 1773 46.19 17.03 -41.00
C ALA B 1773 45.88 16.80 -42.48
N ALA B 1774 46.19 17.78 -43.34
CA ALA B 1774 45.93 17.64 -44.77
C ALA B 1774 46.85 16.57 -45.36
N SER B 1775 46.32 15.35 -45.52
CA SER B 1775 47.07 14.21 -46.06
C SER B 1775 47.32 14.28 -47.57
N VAL B 1776 46.63 15.19 -48.27
CA VAL B 1776 46.76 15.38 -49.71
C VAL B 1776 46.82 16.91 -50.01
N PRO B 1777 47.78 17.38 -50.84
CA PRO B 1777 47.82 18.81 -51.17
C PRO B 1777 46.57 19.19 -51.97
N ILE B 1778 45.95 20.31 -51.61
CA ILE B 1778 44.70 20.83 -52.17
C ILE B 1778 44.66 20.90 -53.73
N ASP B 1779 45.81 21.07 -54.42
CA ASP B 1779 45.81 21.17 -55.88
C ASP B 1779 45.32 19.88 -56.59
N ILE B 1780 45.75 18.71 -56.10
CA ILE B 1780 45.35 17.45 -56.73
C ILE B 1780 43.94 17.00 -56.37
N VAL B 1781 43.26 17.64 -55.40
CA VAL B 1781 41.91 17.21 -55.05
C VAL B 1781 40.91 17.62 -56.14
N PHE B 1782 41.20 18.66 -56.93
CA PHE B 1782 40.30 19.04 -58.02
C PHE B 1782 40.35 17.96 -59.11
N GLY B 1783 41.55 17.54 -59.48
CA GLY B 1783 41.75 16.50 -60.49
C GLY B 1783 41.21 15.16 -60.03
N LEU B 1784 41.30 14.89 -58.73
CA LEU B 1784 40.79 13.67 -58.11
C LEU B 1784 39.26 13.66 -58.21
N ILE B 1785 38.59 14.78 -57.88
CA ILE B 1785 37.14 14.91 -57.96
C ILE B 1785 36.63 14.63 -59.38
N HIS B 1786 37.23 15.29 -60.39
CA HIS B 1786 36.79 15.08 -61.77
C HIS B 1786 37.19 13.72 -62.34
N MET B 1787 38.07 12.97 -61.67
CA MET B 1787 38.42 11.61 -62.08
C MET B 1787 37.33 10.67 -61.59
N VAL B 1788 36.86 10.84 -60.33
CA VAL B 1788 35.79 9.99 -59.80
C VAL B 1788 34.45 10.29 -60.47
N LEU B 1789 34.22 11.54 -60.89
CA LEU B 1789 32.98 11.93 -61.53
C LEU B 1789 32.85 11.27 -62.89
N GLN B 1790 33.96 11.19 -63.65
CA GLN B 1790 33.94 10.54 -64.96
C GLN B 1790 34.00 8.99 -64.84
N CYS B 1791 34.58 8.49 -63.73
CA CYS B 1791 34.76 7.07 -63.46
C CYS B 1791 33.46 6.27 -63.34
N GLY B 1792 33.55 4.98 -63.66
CA GLY B 1792 32.43 4.06 -63.60
C GLY B 1792 32.04 3.70 -62.18
N ASN B 1793 32.83 2.82 -61.52
CA ASN B 1793 32.56 2.41 -60.15
C ASN B 1793 33.09 3.47 -59.19
N ARG B 1794 32.18 4.19 -58.53
CA ARG B 1794 32.57 5.30 -57.68
C ARG B 1794 32.33 5.12 -56.19
N ARG B 1795 31.73 4.02 -55.71
CA ARG B 1795 31.45 3.90 -54.27
C ARG B 1795 32.70 4.06 -53.40
N ASN B 1796 33.74 3.22 -53.58
CA ASN B 1796 34.99 3.35 -52.83
C ASN B 1796 35.79 4.61 -53.19
N LEU B 1797 35.51 5.21 -54.35
CA LEU B 1797 36.14 6.47 -54.73
C LEU B 1797 35.59 7.61 -53.88
N TYR B 1798 34.29 7.58 -53.54
CA TYR B 1798 33.66 8.56 -52.66
C TYR B 1798 34.23 8.48 -51.25
N ARG B 1799 34.59 7.25 -50.81
CA ARG B 1799 35.19 6.98 -49.51
C ARG B 1799 36.50 7.75 -49.38
N ILE B 1800 37.32 7.78 -50.44
CA ILE B 1800 38.59 8.49 -50.42
C ILE B 1800 38.36 10.01 -50.35
N ILE B 1801 37.30 10.52 -51.02
CA ILE B 1801 36.93 11.94 -50.96
C ILE B 1801 36.53 12.32 -49.52
N HIS B 1802 35.86 11.41 -48.80
CA HIS B 1802 35.46 11.62 -47.43
C HIS B 1802 36.67 11.57 -46.49
N ASN B 1803 37.59 10.62 -46.74
CA ASN B 1803 38.79 10.46 -45.91
C ASN B 1803 39.74 11.65 -46.08
N ILE B 1804 39.86 12.20 -47.30
CA ILE B 1804 40.70 13.39 -47.49
C ILE B 1804 39.99 14.64 -46.94
N SER B 1805 38.64 14.65 -46.95
CA SER B 1805 37.81 15.72 -46.40
C SER B 1805 37.78 15.73 -44.86
N ALA B 1806 38.67 14.97 -44.20
CA ALA B 1806 38.77 15.00 -42.75
C ALA B 1806 39.25 16.38 -42.31
N ASN B 1807 40.22 16.94 -43.06
CA ASN B 1807 40.73 18.28 -42.86
C ASN B 1807 39.68 19.25 -43.36
N LYS B 1808 39.44 20.33 -42.60
CA LYS B 1808 38.48 21.39 -42.91
C LYS B 1808 38.66 22.00 -44.31
N GLU B 1809 39.89 22.41 -44.66
CA GLU B 1809 40.22 23.03 -45.94
C GLU B 1809 39.92 22.16 -47.17
N VAL B 1810 40.25 20.87 -47.09
CA VAL B 1810 39.98 19.95 -48.19
C VAL B 1810 38.49 19.65 -48.28
N ARG B 1811 37.79 19.53 -47.13
CA ARG B 1811 36.34 19.30 -47.09
C ARG B 1811 35.59 20.48 -47.72
N ILE B 1812 36.06 21.70 -47.44
CA ILE B 1812 35.46 22.92 -47.98
C ILE B 1812 35.68 22.94 -49.49
N PHE B 1813 36.91 22.69 -49.94
CA PHE B 1813 37.21 22.70 -51.36
C PHE B 1813 36.48 21.61 -52.14
N SER B 1814 36.32 20.42 -51.54
CA SER B 1814 35.66 19.28 -52.20
C SER B 1814 34.18 19.53 -52.42
N VAL B 1815 33.47 20.11 -51.43
CA VAL B 1815 32.04 20.39 -51.61
C VAL B 1815 31.83 21.55 -52.55
N GLU B 1816 32.70 22.58 -52.50
CA GLU B 1816 32.56 23.71 -53.42
C GLU B 1816 32.94 23.29 -54.84
N THR B 1817 33.87 22.35 -55.02
CA THR B 1817 34.21 21.83 -56.35
C THR B 1817 32.98 21.09 -56.90
N LEU B 1818 32.35 20.26 -56.05
CA LEU B 1818 31.15 19.50 -56.35
C LEU B 1818 29.99 20.41 -56.75
N VAL B 1819 29.68 21.46 -55.98
CA VAL B 1819 28.59 22.38 -56.35
C VAL B 1819 28.95 23.22 -57.60
N ASN B 1820 30.25 23.47 -57.82
CA ASN B 1820 30.70 24.20 -59.00
C ASN B 1820 30.51 23.36 -60.26
N SER B 1821 30.75 22.05 -60.16
CA SER B 1821 30.55 21.15 -61.29
C SER B 1821 29.08 21.01 -61.65
N ILE B 1822 28.21 21.01 -60.63
CA ILE B 1822 26.76 20.95 -60.81
C ILE B 1822 26.28 22.18 -61.56
N TYR B 1823 26.72 23.36 -61.11
CA TYR B 1823 26.34 24.66 -61.62
C TYR B 1823 26.72 24.88 -63.09
N GLN B 1824 28.02 24.79 -63.42
CA GLN B 1824 28.54 25.01 -64.77
C GLN B 1824 28.02 24.05 -65.83
N ALA B 1825 27.55 22.87 -65.42
CA ALA B 1825 27.06 21.87 -66.38
C ALA B 1825 25.61 22.09 -66.83
N VAL B 1826 24.74 22.63 -65.94
CA VAL B 1826 23.34 22.85 -66.32
C VAL B 1826 23.02 24.33 -66.58
N VAL B 1827 23.45 25.24 -65.70
CA VAL B 1827 23.13 26.67 -65.88
C VAL B 1827 23.94 27.29 -67.05
N GLU B 1828 25.09 26.72 -67.39
CA GLU B 1828 25.94 27.22 -68.46
C GLU B 1828 26.13 26.22 -69.61
N GLY B 1829 26.00 24.93 -69.32
CA GLY B 1829 26.16 23.88 -70.33
C GLY B 1829 24.95 23.79 -71.24
N ALA B 1830 23.75 23.91 -70.66
CA ALA B 1830 22.50 23.87 -71.41
C ALA B 1830 22.04 25.30 -71.77
N SER B 1831 22.95 26.09 -72.36
CA SER B 1831 22.71 27.48 -72.78
C SER B 1831 23.67 27.92 -73.90
N ILE B 1854 32.13 12.26 -71.24
CA ILE B 1854 30.80 12.01 -70.67
C ILE B 1854 29.86 13.24 -70.86
N ALA B 1855 28.53 13.00 -70.90
CA ALA B 1855 27.48 14.01 -71.11
C ALA B 1855 27.24 14.90 -69.89
N PRO B 1856 26.77 16.15 -70.08
CA PRO B 1856 26.48 17.01 -68.91
C PRO B 1856 25.36 16.47 -68.04
N GLU B 1857 24.41 15.72 -68.63
CA GLU B 1857 23.31 15.11 -67.91
C GLU B 1857 23.90 14.07 -66.92
N VAL B 1858 24.82 13.25 -67.42
CA VAL B 1858 25.49 12.21 -66.66
C VAL B 1858 26.34 12.81 -65.56
N ILE B 1859 27.16 13.82 -65.90
CA ILE B 1859 28.05 14.47 -64.95
C ILE B 1859 27.27 15.27 -63.87
N THR B 1860 26.07 15.77 -64.21
CA THR B 1860 25.24 16.48 -63.25
C THR B 1860 24.62 15.47 -62.29
N LYS B 1861 24.10 14.35 -62.82
CA LYS B 1861 23.53 13.31 -61.99
C LYS B 1861 24.59 12.68 -61.07
N ARG B 1862 25.82 12.53 -61.57
CA ARG B 1862 26.94 12.00 -60.80
C ARG B 1862 27.46 13.00 -59.77
N GLY B 1863 27.38 14.29 -60.08
CA GLY B 1863 27.80 15.32 -59.16
C GLY B 1863 26.87 15.38 -57.96
N PHE B 1864 25.56 15.23 -58.19
CA PHE B 1864 24.57 15.21 -57.13
C PHE B 1864 24.73 13.95 -56.28
N GLU B 1865 25.03 12.81 -56.92
CA GLU B 1865 25.24 11.52 -56.28
C GLU B 1865 26.39 11.55 -55.28
N ALA B 1866 27.44 12.32 -55.57
CA ALA B 1866 28.59 12.42 -54.69
C ALA B 1866 28.31 13.39 -53.55
N LEU B 1867 27.66 14.53 -53.85
CA LEU B 1867 27.34 15.55 -52.86
C LEU B 1867 26.42 14.99 -51.78
N THR B 1868 25.39 14.24 -52.20
CA THR B 1868 24.42 13.65 -51.30
C THR B 1868 25.01 12.53 -50.46
N TYR B 1869 25.97 11.78 -51.01
CA TYR B 1869 26.58 10.67 -50.30
C TYR B 1869 27.40 11.22 -49.14
N LEU B 1870 28.20 12.26 -49.40
CA LEU B 1870 29.08 12.86 -48.41
C LEU B 1870 28.33 13.54 -47.28
N CYS B 1871 27.21 14.19 -47.59
CA CYS B 1871 26.41 14.85 -46.57
C CYS B 1871 25.72 13.87 -45.61
N THR B 1872 25.48 12.64 -46.08
CA THR B 1872 24.87 11.59 -45.28
C THR B 1872 25.93 11.08 -44.30
N LYS B 1873 27.10 10.67 -44.81
CA LYS B 1873 28.21 10.22 -43.99
C LYS B 1873 28.92 11.46 -43.43
N SER B 1874 29.21 11.47 -42.13
CA SER B 1874 29.89 12.57 -41.42
C SER B 1874 29.03 13.81 -41.17
N SER B 1875 28.31 14.32 -42.19
CA SER B 1875 27.42 15.48 -42.11
C SER B 1875 28.10 16.80 -41.72
N ASP B 1876 29.42 16.80 -41.46
CA ASP B 1876 30.14 18.07 -41.26
C ASP B 1876 30.38 18.79 -42.64
N PHE B 1877 29.94 18.16 -43.75
CA PHE B 1877 29.90 18.65 -45.12
C PHE B 1877 28.67 19.57 -45.23
N THR B 1878 27.55 19.24 -44.53
CA THR B 1878 26.35 20.08 -44.52
C THR B 1878 26.67 21.43 -43.85
N THR B 1879 27.54 21.43 -42.81
CA THR B 1879 27.93 22.67 -42.14
C THR B 1879 28.75 23.60 -43.05
N VAL B 1880 29.37 23.07 -44.13
CA VAL B 1880 30.09 23.88 -45.11
C VAL B 1880 29.10 24.77 -45.90
N PHE B 1881 27.85 24.30 -46.07
CA PHE B 1881 26.81 25.08 -46.72
C PHE B 1881 26.41 26.29 -45.85
N SER B 1882 26.51 26.19 -44.51
CA SER B 1882 26.27 27.33 -43.63
C SER B 1882 27.44 28.34 -43.69
N TYR B 1883 28.66 27.81 -43.96
CA TYR B 1883 29.93 28.50 -44.12
C TYR B 1883 29.94 29.39 -45.38
N ASN B 1884 29.35 28.94 -46.49
CA ASN B 1884 29.33 29.75 -47.72
C ASN B 1884 27.99 30.38 -48.03
N THR B 1885 26.88 29.62 -47.85
CA THR B 1885 25.47 29.99 -48.12
C THR B 1885 25.21 30.10 -49.61
N GLU B 1886 26.10 30.80 -50.34
CA GLU B 1886 26.05 30.94 -51.79
C GLU B 1886 26.09 29.56 -52.49
N LEU B 1887 26.67 28.54 -51.83
CA LEU B 1887 26.69 27.17 -52.34
C LEU B 1887 25.24 26.68 -52.52
N ILE B 1888 24.37 26.98 -51.52
CA ILE B 1888 22.97 26.60 -51.54
C ILE B 1888 22.23 27.29 -52.68
N ASN B 1889 22.49 28.57 -52.91
CA ASN B 1889 21.85 29.31 -54.00
C ASN B 1889 22.27 28.78 -55.36
N LYS B 1890 23.49 28.23 -55.48
CA LYS B 1890 23.96 27.64 -56.72
C LYS B 1890 23.26 26.29 -56.96
N ILE B 1891 23.01 25.54 -55.89
CA ILE B 1891 22.27 24.28 -55.98
C ILE B 1891 20.81 24.59 -56.37
N LEU B 1892 20.25 25.65 -55.78
CA LEU B 1892 18.88 26.11 -56.03
C LEU B 1892 18.72 26.58 -57.48
N GLN B 1893 19.71 27.35 -58.01
CA GLN B 1893 19.68 27.84 -59.39
C GLN B 1893 19.78 26.70 -60.40
N ALA B 1894 20.52 25.62 -60.04
CA ALA B 1894 20.69 24.45 -60.89
C ALA B 1894 19.65 23.39 -60.53
N THR B 1895 18.37 23.72 -60.67
CA THR B 1895 17.27 22.80 -60.39
C THR B 1895 16.18 22.98 -61.41
N ASN B 1896 16.18 22.16 -62.46
CA ASN B 1896 15.16 22.25 -63.51
C ASN B 1896 14.17 21.06 -63.41
N LYS B 1897 13.37 20.78 -64.47
CA LYS B 1897 12.42 19.67 -64.46
C LYS B 1897 13.09 18.30 -64.41
N ARG B 1898 14.36 18.21 -64.83
CA ARG B 1898 15.09 16.95 -64.78
C ARG B 1898 15.85 16.81 -63.44
N THR B 1899 16.41 17.92 -62.95
CA THR B 1899 17.23 17.99 -61.75
C THR B 1899 16.47 17.99 -60.42
N ILE B 1900 15.21 18.42 -60.43
CA ILE B 1900 14.36 18.51 -59.24
C ILE B 1900 14.42 17.27 -58.33
N SER B 1901 14.44 16.06 -58.90
CA SER B 1901 14.48 14.82 -58.12
C SER B 1901 15.75 14.70 -57.28
N GLU B 1902 16.90 14.94 -57.91
CA GLU B 1902 18.21 14.85 -57.28
C GLU B 1902 18.46 16.00 -56.32
N SER B 1903 18.02 17.20 -56.71
CA SER B 1903 18.22 18.43 -55.97
C SER B 1903 17.47 18.49 -54.66
N VAL B 1904 16.22 17.99 -54.63
CA VAL B 1904 15.44 18.02 -53.40
C VAL B 1904 16.03 17.06 -52.36
N LYS B 1905 16.51 15.89 -52.83
CA LYS B 1905 17.13 14.89 -51.95
C LYS B 1905 18.37 15.44 -51.28
N LEU B 1906 19.15 16.27 -51.99
CA LEU B 1906 20.36 16.88 -51.42
C LEU B 1906 19.99 17.92 -50.38
N LEU B 1907 19.06 18.81 -50.70
CA LEU B 1907 18.63 19.89 -49.82
C LEU B 1907 17.98 19.42 -48.54
N SER B 1908 17.40 18.20 -48.52
CA SER B 1908 16.79 17.62 -47.33
C SER B 1908 17.87 17.40 -46.26
N THR B 1909 19.05 16.90 -46.67
CA THR B 1909 20.17 16.68 -45.77
C THR B 1909 20.94 17.97 -45.53
N VAL B 1910 21.04 18.84 -46.56
CA VAL B 1910 21.71 20.14 -46.48
C VAL B 1910 21.07 21.03 -45.40
N GLY B 1911 19.74 20.95 -45.26
CA GLY B 1911 18.99 21.72 -44.29
C GLY B 1911 19.46 21.62 -42.85
N ASP B 1912 20.27 20.60 -42.55
CA ASP B 1912 20.84 20.35 -41.21
C ASP B 1912 21.77 21.46 -40.69
N CYS B 1913 22.31 22.31 -41.58
CA CYS B 1913 23.19 23.40 -41.13
C CYS B 1913 22.42 24.47 -40.36
N PHE B 1914 21.15 24.72 -40.77
CA PHE B 1914 20.23 25.64 -40.12
C PHE B 1914 19.87 25.18 -38.71
N ASN B 1915 19.83 23.84 -38.47
CA ASN B 1915 19.47 23.19 -37.21
C ASN B 1915 20.10 23.80 -35.97
N ASN B 1916 21.42 23.96 -35.95
CA ASN B 1916 22.08 24.54 -34.78
C ASN B 1916 21.91 26.06 -34.67
N ASP B 1917 20.95 26.64 -35.41
CA ASP B 1917 20.67 28.08 -35.51
C ASP B 1917 21.93 28.83 -35.94
N LYS B 1918 22.68 28.24 -36.89
CA LYS B 1918 23.93 28.81 -37.40
C LYS B 1918 23.89 28.94 -38.92
N VAL B 1919 23.09 29.89 -39.42
CA VAL B 1919 22.97 30.15 -40.85
C VAL B 1919 23.71 31.45 -41.25
N ALA B 1920 23.82 32.41 -40.31
CA ALA B 1920 24.46 33.73 -40.40
C ALA B 1920 23.62 34.74 -41.23
N GLU B 1921 23.37 34.49 -42.53
CA GLU B 1921 22.57 35.42 -43.34
C GLU B 1921 21.36 34.68 -43.95
N PRO B 1922 20.30 34.38 -43.15
CA PRO B 1922 19.15 33.66 -43.71
C PRO B 1922 18.29 34.47 -44.67
N GLU B 1923 18.34 35.80 -44.57
CA GLU B 1923 17.59 36.70 -45.44
C GLU B 1923 18.09 36.66 -46.90
N ASN B 1924 19.34 36.20 -47.14
CA ASN B 1924 19.95 36.16 -48.46
C ASN B 1924 20.17 34.71 -48.92
N ILE B 1925 19.20 33.82 -48.68
CA ILE B 1925 19.31 32.42 -49.06
C ILE B 1925 18.53 32.09 -50.37
N GLU B 1926 17.68 32.99 -50.87
CA GLU B 1926 16.92 32.78 -52.13
C GLU B 1926 15.97 31.58 -52.01
N VAL B 1927 15.37 31.42 -50.82
CA VAL B 1927 14.44 30.36 -50.45
C VAL B 1927 13.12 30.39 -51.26
N ARG B 1928 12.78 31.53 -51.88
CA ARG B 1928 11.59 31.63 -52.72
C ARG B 1928 11.67 30.69 -53.93
N LYS B 1929 12.89 30.35 -54.39
CA LYS B 1929 13.11 29.40 -55.49
C LYS B 1929 12.65 28.02 -55.04
N TYR B 1930 13.04 27.64 -53.80
CA TYR B 1930 12.70 26.37 -53.19
C TYR B 1930 11.22 26.16 -53.02
N ILE B 1931 10.51 27.11 -52.36
CA ILE B 1931 9.07 26.97 -52.14
C ILE B 1931 8.30 26.86 -53.48
N GLY B 1932 8.82 27.48 -54.53
CA GLY B 1932 8.24 27.41 -55.86
C GLY B 1932 8.48 26.11 -56.59
N PHE B 1933 9.35 25.22 -56.05
CA PHE B 1933 9.59 23.92 -56.68
C PHE B 1933 8.32 23.05 -56.74
N LEU B 1934 7.28 23.42 -55.96
CA LEU B 1934 5.99 22.75 -55.94
C LEU B 1934 5.29 22.78 -57.30
N GLU B 1935 5.72 23.65 -58.24
CA GLU B 1935 5.14 23.68 -59.58
C GLU B 1935 5.55 22.44 -60.38
N TYR B 1936 6.78 21.93 -60.15
CA TYR B 1936 7.29 20.72 -60.81
C TYR B 1936 6.50 19.49 -60.37
N ASP B 1937 6.47 18.47 -61.25
CA ASP B 1937 5.83 17.20 -60.91
C ASP B 1937 6.70 16.52 -59.86
N MET B 1938 6.08 15.92 -58.84
CA MET B 1938 6.85 15.28 -57.79
C MET B 1938 6.34 13.93 -57.42
N THR B 1939 7.26 13.03 -57.11
CA THR B 1939 6.89 11.72 -56.60
C THR B 1939 6.66 11.87 -55.09
N ASP B 1940 6.01 10.89 -54.47
CA ASP B 1940 5.79 10.95 -53.02
C ASP B 1940 7.14 10.86 -52.27
N ASP B 1941 8.16 10.19 -52.87
CA ASP B 1941 9.48 10.09 -52.28
C ASP B 1941 10.21 11.43 -52.39
N THR B 1942 10.14 12.12 -53.55
CA THR B 1942 10.78 13.45 -53.64
C THR B 1942 10.01 14.46 -52.77
N PHE B 1943 8.69 14.31 -52.62
CA PHE B 1943 7.92 15.17 -51.75
C PHE B 1943 8.26 14.95 -50.28
N LYS B 1944 8.63 13.71 -49.90
CA LYS B 1944 9.04 13.37 -48.53
C LYS B 1944 10.28 14.20 -48.18
N HIS B 1945 11.25 14.26 -49.10
CA HIS B 1945 12.47 15.06 -48.92
C HIS B 1945 12.21 16.57 -48.98
N PHE B 1946 11.11 16.99 -49.64
CA PHE B 1946 10.74 18.39 -49.73
C PHE B 1946 10.32 18.87 -48.36
N CYS B 1947 9.47 18.10 -47.67
CA CYS B 1947 9.02 18.48 -46.33
C CYS B 1947 10.15 18.50 -45.30
N GLU B 1948 11.28 17.83 -45.56
CA GLU B 1948 12.44 17.85 -44.67
C GLU B 1948 13.12 19.23 -44.61
N PHE B 1949 13.39 19.84 -45.78
CA PHE B 1949 13.99 21.16 -45.80
C PHE B 1949 13.00 22.21 -45.27
N ILE B 1950 11.69 22.01 -45.50
CA ILE B 1950 10.63 22.90 -45.01
C ILE B 1950 10.56 22.82 -43.47
N LYS B 1951 10.75 21.63 -42.89
CA LYS B 1951 10.73 21.48 -41.44
C LYS B 1951 11.95 22.15 -40.81
N LYS B 1952 13.11 22.01 -41.44
CA LYS B 1952 14.35 22.57 -40.92
C LYS B 1952 14.51 24.09 -41.12
N THR B 1953 13.63 24.70 -41.93
CA THR B 1953 13.71 26.13 -42.20
C THR B 1953 12.43 26.89 -41.85
N ASP B 1954 11.40 26.23 -41.31
CA ASP B 1954 10.14 26.88 -40.95
C ASP B 1954 10.32 28.04 -39.97
N ARG B 1955 11.18 27.86 -38.96
CA ARG B 1955 11.48 28.90 -37.97
C ARG B 1955 12.16 30.14 -38.56
N PHE B 1956 12.57 30.07 -39.84
CA PHE B 1956 13.24 31.16 -40.52
C PHE B 1956 12.38 31.77 -41.61
N TYR B 1957 11.60 30.95 -42.34
CA TYR B 1957 10.82 31.48 -43.47
C TYR B 1957 9.32 31.24 -43.38
N ARG B 1958 8.78 31.00 -42.18
CA ARG B 1958 7.35 30.75 -41.98
C ARG B 1958 6.42 31.75 -42.72
N PRO B 1959 6.59 33.10 -42.62
CA PRO B 1959 5.66 34.01 -43.35
C PRO B 1959 5.77 34.00 -44.87
N MET B 1960 6.94 33.66 -45.39
CA MET B 1960 7.17 33.57 -46.83
C MET B 1960 6.55 32.27 -47.32
N TYR B 1961 6.84 31.15 -46.61
CA TYR B 1961 6.33 29.82 -46.92
C TYR B 1961 4.80 29.85 -46.92
N LEU B 1962 4.18 30.43 -45.86
CA LEU B 1962 2.74 30.51 -45.73
C LEU B 1962 2.14 31.29 -46.87
N LEU B 1963 2.77 32.40 -47.27
CA LEU B 1963 2.28 33.23 -48.37
C LEU B 1963 2.06 32.44 -49.67
N TYR B 1964 3.02 31.59 -50.05
CA TYR B 1964 2.88 30.78 -51.27
C TYR B 1964 1.79 29.72 -51.11
N LEU B 1965 1.92 28.85 -50.09
CA LEU B 1965 1.04 27.72 -49.79
C LEU B 1965 -0.43 28.10 -49.63
N MET B 1966 -0.73 29.11 -48.80
CA MET B 1966 -2.11 29.55 -48.57
C MET B 1966 -2.76 30.12 -49.84
N GLY B 1967 -1.94 30.67 -50.74
CA GLY B 1967 -2.44 31.23 -51.98
C GLY B 1967 -2.68 30.17 -53.03
N GLY B 1968 -1.72 29.26 -53.16
CA GLY B 1968 -1.81 28.18 -54.12
C GLY B 1968 -2.99 27.25 -53.85
N SER B 1969 -3.23 26.95 -52.57
CA SER B 1969 -4.35 26.10 -52.16
C SER B 1969 -5.69 26.83 -52.37
N LYS B 1970 -5.72 28.15 -52.14
CA LYS B 1970 -6.94 28.94 -52.36
C LYS B 1970 -7.27 29.05 -53.86
N LYS B 1971 -6.24 29.14 -54.71
CA LYS B 1971 -6.43 29.18 -56.17
C LYS B 1971 -6.84 27.81 -56.69
N SER B 1972 -6.28 26.73 -56.10
CA SER B 1972 -6.62 25.36 -56.47
C SER B 1972 -8.07 25.07 -56.08
N LEU B 1973 -8.51 25.56 -54.91
CA LEU B 1973 -9.89 25.38 -54.45
C LEU B 1973 -10.90 26.17 -55.29
N GLU B 1974 -10.46 27.29 -55.89
CA GLU B 1974 -11.27 28.09 -56.80
C GLU B 1974 -11.52 27.22 -58.05
N GLU B 1975 -10.45 26.61 -58.60
CA GLU B 1975 -10.45 25.75 -59.78
C GLU B 1975 -11.39 24.56 -59.66
N CYS B 1976 -11.46 23.91 -58.47
CA CYS B 1976 -12.39 22.79 -58.29
C CYS B 1976 -13.81 23.32 -58.37
N LEU B 1977 -14.08 24.41 -57.66
CA LEU B 1977 -15.40 25.03 -57.61
C LEU B 1977 -15.85 25.52 -58.98
N ASP B 1978 -14.92 25.98 -59.82
CA ASP B 1978 -15.28 26.46 -61.17
C ASP B 1978 -15.63 25.32 -62.12
N LYS B 1979 -14.89 24.20 -62.03
CA LYS B 1979 -15.18 23.04 -62.87
C LYS B 1979 -15.96 21.98 -62.08
N LYS B 1980 -16.77 22.41 -61.09
CA LYS B 1980 -17.54 21.52 -60.23
C LYS B 1980 -18.58 20.68 -60.97
N ALA B 1981 -19.06 21.16 -62.12
CA ALA B 1981 -20.05 20.45 -62.93
C ALA B 1981 -19.48 19.15 -63.53
N GLU B 1982 -18.17 19.14 -63.84
CA GLU B 1982 -17.51 17.96 -64.38
C GLU B 1982 -16.30 17.53 -63.54
N PHE B 1983 -16.32 17.85 -62.24
CA PHE B 1983 -15.23 17.49 -61.31
C PHE B 1983 -15.24 16.00 -61.01
N ASN B 1984 -14.10 15.37 -61.21
CA ASN B 1984 -13.90 13.96 -60.94
C ASN B 1984 -12.61 13.90 -60.15
N SER B 1985 -12.63 13.37 -58.91
CA SER B 1985 -11.39 13.30 -58.13
C SER B 1985 -10.35 12.33 -58.71
N HIS B 1986 -10.77 11.46 -59.65
CA HIS B 1986 -9.83 10.57 -60.32
C HIS B 1986 -9.21 11.32 -61.51
N THR B 1987 -10.05 12.00 -62.30
CA THR B 1987 -9.62 12.78 -63.46
C THR B 1987 -8.73 13.95 -63.03
N HIS B 1988 -9.14 14.62 -61.95
CA HIS B 1988 -8.44 15.76 -61.37
C HIS B 1988 -7.60 15.25 -60.19
N HIS B 1989 -6.81 14.18 -60.40
CA HIS B 1989 -6.00 13.63 -59.32
C HIS B 1989 -4.80 14.48 -58.96
N LYS B 1990 -3.83 14.72 -59.89
CA LYS B 1990 -2.65 15.52 -59.57
C LYS B 1990 -2.97 16.89 -58.98
N GLY B 1991 -4.14 17.43 -59.31
CA GLY B 1991 -4.60 18.70 -58.78
C GLY B 1991 -4.90 18.60 -57.30
N ILE B 1992 -5.68 17.58 -56.91
CA ILE B 1992 -6.00 17.38 -55.49
C ILE B 1992 -4.78 16.87 -54.70
N ILE B 1993 -3.80 16.25 -55.37
CA ILE B 1993 -2.59 15.79 -54.73
C ILE B 1993 -1.74 17.00 -54.40
N LYS B 1994 -1.55 17.91 -55.36
CA LYS B 1994 -0.78 19.13 -55.09
C LYS B 1994 -1.45 19.99 -54.03
N LEU B 1995 -2.80 19.97 -53.95
CA LEU B 1995 -3.54 20.69 -52.95
C LEU B 1995 -3.24 20.07 -51.59
N VAL B 1996 -3.47 18.76 -51.42
CA VAL B 1996 -3.23 18.12 -50.14
C VAL B 1996 -1.73 18.24 -49.72
N ARG B 1997 -0.82 18.41 -50.69
CA ARG B 1997 0.60 18.59 -50.42
C ARG B 1997 0.87 19.97 -49.83
N MET B 1998 0.18 21.00 -50.33
CA MET B 1998 0.34 22.36 -49.82
C MET B 1998 -0.26 22.51 -48.43
N LEU B 1999 -1.44 21.92 -48.20
CA LEU B 1999 -2.13 22.00 -46.91
C LEU B 1999 -1.35 21.31 -45.83
N SER B 2000 -0.76 20.16 -46.13
CA SER B 2000 0.04 19.43 -45.16
C SER B 2000 1.28 20.25 -44.80
N LEU B 2001 1.90 20.89 -45.81
CA LEU B 2001 3.07 21.73 -45.59
C LEU B 2001 2.75 22.88 -44.65
N VAL B 2002 1.53 23.45 -44.74
CA VAL B 2002 1.09 24.54 -43.88
C VAL B 2002 0.97 24.05 -42.44
N ASN B 2003 0.43 22.85 -42.24
CA ASN B 2003 0.26 22.29 -40.91
C ASN B 2003 1.57 22.04 -40.20
N ILE B 2004 2.64 21.71 -40.96
CA ILE B 2004 3.97 21.46 -40.42
C ILE B 2004 4.51 22.68 -39.67
N MET B 2005 4.41 23.88 -40.28
CA MET B 2005 4.91 25.12 -39.67
C MET B 2005 3.88 25.80 -38.78
N GLY B 2006 2.60 25.65 -39.10
CA GLY B 2006 1.53 26.29 -38.36
C GLY B 2006 1.24 27.71 -38.78
N ILE B 2007 0.07 28.22 -38.43
CA ILE B 2007 -0.33 29.58 -38.78
C ILE B 2007 0.34 30.60 -37.84
N THR B 2008 0.34 31.90 -38.22
CA THR B 2008 1.06 32.93 -37.45
C THR B 2008 0.24 34.16 -36.99
N GLU B 2009 -1.02 33.98 -36.58
CA GLU B 2009 -1.87 35.11 -36.13
C GLU B 2009 -2.34 36.01 -37.30
N THR B 2010 -1.41 36.41 -38.18
CA THR B 2010 -1.73 37.21 -39.37
C THR B 2010 -2.61 36.34 -40.29
N TYR B 2011 -2.21 35.07 -40.47
CA TYR B 2011 -2.90 34.15 -41.34
C TYR B 2011 -4.10 33.48 -40.69
N LEU B 2012 -4.63 34.03 -39.58
CA LEU B 2012 -5.81 33.47 -38.93
C LEU B 2012 -7.04 33.74 -39.77
N ASP B 2013 -7.15 34.94 -40.34
CA ASP B 2013 -8.29 35.28 -41.20
C ASP B 2013 -8.24 34.42 -42.48
N SER B 2014 -7.02 34.23 -43.01
CA SER B 2014 -6.72 33.47 -44.23
C SER B 2014 -6.99 31.98 -44.08
N LEU B 2015 -6.70 31.43 -42.89
CA LEU B 2015 -6.86 30.01 -42.55
C LEU B 2015 -8.32 29.60 -42.56
N MET B 2016 -9.19 30.43 -41.97
CA MET B 2016 -10.63 30.16 -41.91
C MET B 2016 -11.31 30.31 -43.27
N GLU B 2017 -10.70 31.08 -44.20
CA GLU B 2017 -11.25 31.24 -45.54
C GLU B 2017 -11.16 29.91 -46.29
N LEU B 2018 -10.03 29.19 -46.13
CA LEU B 2018 -9.81 27.89 -46.73
C LEU B 2018 -10.72 26.82 -46.11
N ARG B 2019 -10.83 26.79 -44.76
CA ARG B 2019 -11.71 25.85 -44.05
C ARG B 2019 -13.19 25.98 -44.47
N GLU B 2020 -13.56 27.15 -44.99
CA GLU B 2020 -14.93 27.41 -45.39
C GLU B 2020 -15.01 27.79 -46.88
N MET B 2021 -14.32 27.02 -47.74
CA MET B 2021 -14.40 27.26 -49.19
C MET B 2021 -15.66 26.58 -49.71
N PRO B 2022 -16.38 27.23 -50.64
CA PRO B 2022 -17.65 26.66 -51.11
C PRO B 2022 -17.54 25.29 -51.77
N PHE B 2023 -16.40 24.98 -52.42
CA PHE B 2023 -16.23 23.69 -53.05
C PHE B 2023 -16.35 22.55 -52.04
N TRP B 2024 -15.93 22.77 -50.79
CA TRP B 2024 -16.06 21.74 -49.75
C TRP B 2024 -17.52 21.32 -49.56
N GLU B 2025 -18.43 22.30 -49.38
CA GLU B 2025 -19.85 21.96 -49.23
C GLU B 2025 -20.40 21.26 -50.46
N TYR B 2026 -20.11 21.77 -51.66
CA TYR B 2026 -20.60 21.18 -52.91
C TYR B 2026 -20.13 19.74 -53.08
N TYR B 2027 -18.87 19.48 -52.73
CA TYR B 2027 -18.30 18.15 -52.87
C TYR B 2027 -18.96 17.13 -51.96
N PHE B 2028 -19.01 17.36 -50.65
CA PHE B 2028 -19.59 16.38 -49.73
C PHE B 2028 -21.13 16.29 -49.77
N ASN B 2029 -21.81 17.23 -50.46
CA ASN B 2029 -23.26 17.20 -50.53
C ASN B 2029 -23.82 16.90 -51.93
N ILE B 2030 -22.98 16.94 -52.98
CA ILE B 2030 -23.46 16.69 -54.34
C ILE B 2030 -22.58 15.65 -55.10
N ILE B 2031 -21.26 15.92 -55.20
CA ILE B 2031 -20.32 15.06 -55.93
C ILE B 2031 -20.06 13.72 -55.24
N LEU B 2032 -19.66 13.75 -53.97
CA LEU B 2032 -19.35 12.57 -53.16
C LEU B 2032 -20.39 11.44 -53.29
N PRO B 2033 -21.72 11.68 -53.17
CA PRO B 2033 -22.67 10.57 -53.34
C PRO B 2033 -22.61 9.86 -54.69
N LYS B 2034 -22.38 10.62 -55.78
CA LYS B 2034 -22.28 10.04 -57.13
C LYS B 2034 -20.92 9.35 -57.32
N GLU B 2035 -19.86 9.92 -56.72
CA GLU B 2035 -18.52 9.38 -56.78
C GLU B 2035 -18.40 8.06 -56.01
N LYS B 2036 -19.23 7.86 -54.98
CA LYS B 2036 -19.17 6.64 -54.19
C LYS B 2036 -19.56 5.45 -55.04
N GLU B 2037 -20.62 5.59 -55.84
CA GLU B 2037 -21.10 4.50 -56.68
C GLU B 2037 -20.22 4.25 -57.93
N SER B 2038 -19.35 5.20 -58.30
CA SER B 2038 -18.53 5.07 -59.50
C SER B 2038 -17.02 4.87 -59.27
N LEU B 2039 -16.43 5.75 -58.44
CA LEU B 2039 -15.00 5.74 -58.19
C LEU B 2039 -14.54 4.83 -57.08
N TYR B 2040 -13.27 4.46 -57.13
CA TYR B 2040 -12.65 3.63 -56.10
C TYR B 2040 -12.30 4.49 -54.89
N ALA B 2041 -12.38 3.92 -53.68
CA ALA B 2041 -12.14 4.61 -52.41
C ALA B 2041 -10.84 5.39 -52.39
N SER B 2042 -9.81 4.82 -53.03
CA SER B 2042 -8.49 5.41 -53.18
C SER B 2042 -8.54 6.80 -53.83
N SER B 2043 -9.45 6.99 -54.78
CA SER B 2043 -9.63 8.23 -55.52
C SER B 2043 -10.39 9.28 -54.71
N ILE B 2044 -11.29 8.84 -53.81
CA ILE B 2044 -12.12 9.71 -52.95
C ILE B 2044 -11.33 10.25 -51.74
N LEU B 2045 -10.46 9.40 -51.19
CA LEU B 2045 -9.60 9.73 -50.05
C LEU B 2045 -8.91 11.12 -50.15
N PRO B 2046 -8.20 11.48 -51.24
CA PRO B 2046 -7.51 12.77 -51.25
C PRO B 2046 -8.32 14.00 -50.83
N LEU B 2047 -9.65 14.03 -51.09
CA LEU B 2047 -10.46 15.19 -50.70
C LEU B 2047 -10.75 15.17 -49.22
N PHE B 2048 -10.92 13.99 -48.63
CA PHE B 2048 -11.10 13.86 -47.19
C PHE B 2048 -9.81 14.19 -46.46
N LYS B 2049 -8.64 13.89 -47.07
CA LYS B 2049 -7.35 14.20 -46.48
C LYS B 2049 -7.15 15.71 -46.45
N ALA B 2050 -7.35 16.38 -47.59
CA ALA B 2050 -7.22 17.83 -47.73
C ALA B 2050 -8.19 18.56 -46.80
N PHE B 2051 -9.41 18.03 -46.68
CA PHE B 2051 -10.44 18.57 -45.82
C PHE B 2051 -10.10 18.39 -44.34
N VAL B 2052 -9.65 17.19 -43.93
CA VAL B 2052 -9.28 16.97 -42.52
C VAL B 2052 -8.04 17.82 -42.15
N ILE B 2053 -7.11 18.02 -43.11
CA ILE B 2053 -5.90 18.80 -42.85
C ILE B 2053 -6.20 20.27 -42.63
N VAL B 2054 -7.12 20.88 -43.40
CA VAL B 2054 -7.44 22.29 -43.19
C VAL B 2054 -8.05 22.56 -41.81
N HIS B 2055 -8.69 21.54 -41.21
CA HIS B 2055 -9.29 21.69 -39.88
C HIS B 2055 -8.37 21.20 -38.73
N THR B 2056 -7.27 20.50 -39.08
CA THR B 2056 -6.25 19.97 -38.17
C THR B 2056 -5.18 21.04 -37.89
N ILE B 2057 -4.92 21.96 -38.87
CA ILE B 2057 -3.94 23.05 -38.78
C ILE B 2057 -4.08 23.83 -37.48
N GLN B 2058 -2.96 24.11 -36.82
CA GLN B 2058 -2.94 24.84 -35.56
C GLN B 2058 -2.11 26.14 -35.68
N MET B 2059 -2.32 27.11 -34.77
CA MET B 2059 -1.56 28.35 -34.74
C MET B 2059 -0.35 28.10 -33.85
N TYR B 2060 0.86 28.16 -34.42
CA TYR B 2060 2.06 27.90 -33.64
C TYR B 2060 2.78 29.22 -33.37
N ILE B 2061 3.19 29.43 -32.11
CA ILE B 2061 3.86 30.66 -31.70
C ILE B 2061 5.38 30.63 -32.05
N GLY B 2062 6.14 29.70 -31.46
CA GLY B 2062 7.57 29.61 -31.71
C GLY B 2062 8.29 28.62 -30.82
N ARG B 2063 9.62 28.55 -30.93
CA ARG B 2063 10.41 27.64 -30.09
C ARG B 2063 11.07 28.39 -28.92
N ASN B 2064 10.69 28.05 -27.67
CA ASN B 2064 11.27 28.76 -26.52
C ASN B 2064 11.81 27.85 -25.41
N GLU B 2065 13.02 28.24 -24.92
CA GLU B 2065 13.92 27.71 -23.89
C GLU B 2065 14.49 26.33 -24.23
N ASN B 2066 13.62 25.34 -24.50
CA ASN B 2066 14.10 24.01 -24.88
C ASN B 2066 14.24 23.82 -26.41
N ILE B 2067 14.07 24.91 -27.20
CA ILE B 2067 14.14 24.92 -28.67
C ILE B 2067 13.10 23.94 -29.24
N ASN B 2068 11.90 23.96 -28.66
CA ASN B 2068 10.76 23.12 -29.05
C ASN B 2068 9.62 24.03 -29.50
N GLU B 2069 8.97 23.70 -30.62
CA GLU B 2069 7.87 24.52 -31.16
C GLU B 2069 6.58 24.43 -30.33
N PHE B 2070 5.98 25.59 -29.99
CA PHE B 2070 4.76 25.69 -29.19
C PHE B 2070 3.51 25.85 -30.07
N SER B 2071 2.47 25.04 -29.81
CA SER B 2071 1.22 25.02 -30.60
C SER B 2071 -0.01 25.57 -29.85
N GLU B 2072 -1.09 25.89 -30.60
CA GLU B 2072 -2.37 26.40 -30.10
C GLU B 2072 -3.47 25.97 -31.08
N ILE B 2073 -4.62 25.47 -30.59
CA ILE B 2073 -5.70 25.04 -31.48
C ILE B 2073 -6.73 26.15 -31.80
N PRO B 2074 -6.76 26.70 -33.03
CA PRO B 2074 -7.80 27.70 -33.36
C PRO B 2074 -9.11 27.00 -33.76
N ASN B 2075 -10.28 27.59 -33.44
CA ASN B 2075 -11.57 26.94 -33.75
C ASN B 2075 -12.36 27.59 -34.88
N SER B 2076 -13.27 26.80 -35.49
CA SER B 2076 -14.15 27.22 -36.58
C SER B 2076 -15.60 27.52 -36.12
N ASP B 2077 -16.43 28.20 -36.95
CA ASP B 2077 -17.81 28.50 -36.53
C ASP B 2077 -18.90 28.08 -37.55
N SER B 2078 -18.98 28.76 -38.71
CA SER B 2078 -20.00 28.48 -39.72
C SER B 2078 -19.73 27.22 -40.56
N SER B 2079 -18.54 26.59 -40.38
CA SER B 2079 -18.09 25.41 -41.13
C SER B 2079 -18.86 24.15 -40.78
N ILE B 2080 -18.99 23.28 -41.75
CA ILE B 2080 -19.69 22.01 -41.64
C ILE B 2080 -18.70 20.85 -41.39
N TYR B 2081 -17.57 21.11 -40.71
CA TYR B 2081 -16.55 20.08 -40.48
C TYR B 2081 -17.04 18.96 -39.58
N TYR B 2082 -17.41 19.27 -38.33
CA TYR B 2082 -17.89 18.24 -37.41
C TYR B 2082 -19.12 17.50 -37.96
N SER B 2083 -19.95 18.21 -38.75
CA SER B 2083 -21.16 17.70 -39.39
C SER B 2083 -20.82 16.66 -40.47
N VAL B 2084 -19.84 16.97 -41.35
CA VAL B 2084 -19.39 16.11 -42.46
C VAL B 2084 -18.62 14.87 -41.94
N VAL B 2085 -17.77 15.10 -40.95
CA VAL B 2085 -16.98 14.04 -40.34
C VAL B 2085 -17.87 13.02 -39.62
N GLU B 2086 -18.92 13.48 -38.95
CA GLU B 2086 -19.86 12.58 -38.27
C GLU B 2086 -20.84 11.92 -39.26
N LYS B 2087 -21.09 12.53 -40.43
CA LYS B 2087 -21.97 11.92 -41.43
C LYS B 2087 -21.23 10.84 -42.21
N GLU B 2088 -19.95 11.11 -42.54
CA GLU B 2088 -19.12 10.16 -43.29
C GLU B 2088 -18.19 9.36 -42.38
N LYS B 2089 -18.53 9.19 -41.09
CA LYS B 2089 -17.66 8.46 -40.16
C LYS B 2089 -17.38 7.01 -40.58
N ASP B 2090 -18.25 6.43 -41.42
CA ASP B 2090 -18.07 5.05 -41.88
C ASP B 2090 -17.05 4.99 -43.03
N LEU B 2091 -17.16 5.90 -44.00
CA LEU B 2091 -16.21 5.97 -45.12
C LEU B 2091 -14.82 6.39 -44.64
N ILE B 2092 -14.76 7.29 -43.64
CA ILE B 2092 -13.50 7.72 -43.05
C ILE B 2092 -12.82 6.52 -42.43
N ASN B 2093 -13.56 5.71 -41.66
CA ASN B 2093 -13.02 4.51 -41.04
C ASN B 2093 -12.58 3.45 -42.02
N THR B 2094 -13.23 3.40 -43.19
CA THR B 2094 -12.90 2.50 -44.28
C THR B 2094 -11.50 2.82 -44.80
N PHE B 2095 -11.17 4.12 -44.93
CA PHE B 2095 -9.85 4.57 -45.38
C PHE B 2095 -8.79 4.18 -44.34
N ILE B 2096 -9.11 4.33 -43.04
CA ILE B 2096 -8.20 4.02 -41.94
C ILE B 2096 -7.98 2.51 -41.80
N GLN B 2097 -8.96 1.68 -42.20
CA GLN B 2097 -8.78 0.24 -42.15
C GLN B 2097 -7.74 -0.14 -43.21
N ALA B 2098 -7.86 0.42 -44.42
CA ALA B 2098 -6.93 0.18 -45.52
C ALA B 2098 -5.55 0.75 -45.24
N ASP B 2099 -5.50 1.92 -44.60
CA ASP B 2099 -4.22 2.54 -44.28
C ASP B 2099 -4.25 3.09 -42.87
N PRO B 2100 -3.70 2.33 -41.90
CA PRO B 2100 -3.70 2.83 -40.51
C PRO B 2100 -2.73 3.97 -40.27
N ASP B 2101 -1.72 4.14 -41.15
CA ASP B 2101 -0.80 5.24 -41.00
C ASP B 2101 -1.41 6.60 -41.32
N LEU B 2102 -2.73 6.66 -41.55
CA LEU B 2102 -3.40 7.93 -41.78
C LEU B 2102 -3.55 8.64 -40.45
N LEU B 2103 -3.83 7.92 -39.35
CA LEU B 2103 -3.92 8.53 -38.01
C LEU B 2103 -2.59 9.15 -37.49
N PHE B 2104 -1.51 8.95 -38.24
CA PHE B 2104 -0.19 9.49 -37.96
C PHE B 2104 0.23 10.52 -39.02
N HIS B 2105 -0.66 10.88 -39.97
CA HIS B 2105 -0.38 11.83 -41.02
C HIS B 2105 -1.63 12.69 -41.33
N ALA B 2106 -2.39 12.44 -42.41
CA ALA B 2106 -3.52 13.30 -42.77
C ALA B 2106 -4.63 13.38 -41.73
N PHE B 2107 -5.04 12.23 -41.18
CA PHE B 2107 -6.11 12.19 -40.19
C PHE B 2107 -5.57 12.14 -38.76
N ALA B 2108 -4.36 12.65 -38.52
CA ALA B 2108 -3.79 12.66 -37.18
C ALA B 2108 -4.60 13.53 -36.22
N GLY B 2109 -5.17 14.61 -36.74
CA GLY B 2109 -5.99 15.54 -35.99
C GLY B 2109 -7.47 15.24 -35.99
N LEU B 2110 -7.82 13.97 -36.23
CA LEU B 2110 -9.20 13.50 -36.19
C LEU B 2110 -9.58 13.32 -34.71
N GLN B 2111 -10.83 13.62 -34.35
CA GLN B 2111 -11.32 13.39 -32.99
C GLN B 2111 -11.38 11.89 -32.80
N LYS B 2112 -10.63 11.35 -31.83
CA LYS B 2112 -10.61 9.90 -31.61
C LYS B 2112 -12.03 9.32 -31.36
N LYS B 2113 -13.04 10.20 -31.14
CA LYS B 2113 -14.45 9.84 -31.00
C LYS B 2113 -14.91 9.12 -32.29
N ILE B 2114 -14.55 9.69 -33.45
CA ILE B 2114 -14.93 9.24 -34.81
C ILE B 2114 -14.43 7.81 -35.13
N LEU B 2115 -13.36 7.38 -34.50
CA LEU B 2115 -12.78 6.07 -34.72
C LEU B 2115 -13.65 4.94 -34.19
N ASP B 2116 -13.92 3.95 -35.04
CA ASP B 2116 -14.64 2.74 -34.63
C ASP B 2116 -13.72 1.90 -33.76
N PHE B 2117 -14.26 1.14 -32.79
CA PHE B 2117 -13.45 0.33 -31.87
C PHE B 2117 -12.27 -0.41 -32.53
N ASP B 2118 -12.48 -1.08 -33.67
CA ASP B 2118 -11.37 -1.78 -34.31
C ASP B 2118 -10.20 -0.85 -34.66
N ASN B 2119 -10.43 0.21 -35.44
CA ASN B 2119 -9.41 1.19 -35.83
C ASN B 2119 -8.83 1.91 -34.63
N LYS B 2120 -9.66 2.17 -33.61
CA LYS B 2120 -9.27 2.84 -32.38
C LYS B 2120 -8.30 1.96 -31.58
N ARG B 2121 -8.55 0.66 -31.56
CA ARG B 2121 -7.70 -0.33 -30.88
C ARG B 2121 -6.43 -0.56 -31.69
N ILE B 2122 -6.52 -0.60 -33.02
CA ILE B 2122 -5.36 -0.79 -33.88
C ILE B 2122 -4.37 0.37 -33.70
N TYR B 2123 -4.88 1.61 -33.63
CA TYR B 2123 -4.10 2.84 -33.43
C TYR B 2123 -3.47 2.86 -32.03
N PHE B 2124 -4.21 2.38 -31.03
CA PHE B 2124 -3.73 2.27 -29.64
C PHE B 2124 -2.49 1.37 -29.60
N TYR B 2125 -2.51 0.27 -30.37
CA TYR B 2125 -1.38 -0.65 -30.41
C TYR B 2125 -0.19 -0.11 -31.20
N LYS B 2126 -0.44 0.70 -32.24
CA LYS B 2126 0.66 1.32 -33.01
C LYS B 2126 1.39 2.33 -32.13
N LYS B 2127 0.62 3.13 -31.37
CA LYS B 2127 1.13 4.16 -30.48
C LYS B 2127 1.90 3.64 -29.26
N ILE B 2128 1.47 2.49 -28.68
CA ILE B 2128 2.17 1.95 -27.52
C ILE B 2128 3.46 1.23 -27.96
N ARG B 2129 3.41 0.53 -29.10
CA ARG B 2129 4.56 -0.21 -29.61
C ARG B 2129 5.65 0.67 -30.23
N GLU B 2130 5.31 1.90 -30.64
CA GLU B 2130 6.31 2.81 -31.22
C GLU B 2130 7.42 3.21 -30.22
N ASP B 2131 7.15 3.07 -28.91
CA ASP B 2131 8.14 3.37 -27.88
C ASP B 2131 8.92 2.10 -27.58
N VAL B 2132 9.95 1.85 -28.38
CA VAL B 2132 10.75 0.64 -28.28
C VAL B 2132 11.71 0.66 -27.08
N GLN B 2133 11.52 -0.28 -26.16
CA GLN B 2133 12.38 -0.43 -24.99
C GLN B 2133 12.70 -1.92 -24.82
N LEU B 2134 13.95 -2.24 -24.42
CA LEU B 2134 14.42 -3.62 -24.26
C LEU B 2134 13.46 -4.52 -23.47
N ARG B 2135 13.11 -5.66 -24.07
CA ARG B 2135 12.18 -6.61 -23.47
C ARG B 2135 12.88 -7.88 -22.99
N PRO B 2136 13.22 -7.95 -21.70
CA PRO B 2136 13.96 -9.12 -21.21
C PRO B 2136 13.10 -10.31 -20.82
N THR B 2137 13.53 -11.51 -21.22
CA THR B 2137 12.79 -12.73 -20.88
C THR B 2137 13.05 -13.10 -19.44
N ILE B 2138 12.01 -13.03 -18.58
CA ILE B 2138 12.15 -13.38 -17.18
C ILE B 2138 11.22 -14.53 -16.78
N SER B 2139 11.81 -15.60 -16.22
CA SER B 2139 11.13 -16.82 -15.83
C SER B 2139 10.19 -16.68 -14.64
N LEU B 2140 9.03 -17.34 -14.70
CA LEU B 2140 8.03 -17.32 -13.64
C LEU B 2140 7.66 -18.74 -13.23
N MET B 2141 7.93 -19.11 -11.98
CA MET B 2141 7.60 -20.45 -11.48
C MET B 2141 6.31 -20.44 -10.67
N VAL B 2142 5.26 -21.05 -11.22
CA VAL B 2142 3.94 -21.10 -10.59
C VAL B 2142 3.45 -22.52 -10.37
N GLN B 2143 2.69 -22.73 -9.30
CA GLN B 2143 2.09 -24.02 -9.01
C GLN B 2143 0.67 -24.02 -9.61
N ARG B 2144 0.17 -25.18 -10.07
CA ARG B 2144 -1.20 -25.24 -10.63
C ARG B 2144 -2.26 -24.76 -9.61
N GLY B 2145 -2.05 -25.09 -8.33
CA GLY B 2145 -2.94 -24.72 -7.24
C GLY B 2145 -2.93 -23.24 -6.88
N ALA B 2146 -1.74 -22.63 -6.76
CA ALA B 2146 -1.63 -21.23 -6.41
C ALA B 2146 -0.94 -20.41 -7.50
N VAL B 2147 -1.58 -20.28 -8.66
CA VAL B 2147 -1.07 -19.47 -9.78
C VAL B 2147 -1.08 -18.00 -9.39
N PHE B 2148 -2.10 -17.55 -8.64
CA PHE B 2148 -2.24 -16.17 -8.19
C PHE B 2148 -1.18 -15.80 -7.18
N GLU B 2149 -1.04 -16.57 -6.09
CA GLU B 2149 -0.06 -16.24 -5.08
C GLU B 2149 1.36 -16.38 -5.59
N ASP B 2150 1.69 -17.45 -6.34
CA ASP B 2150 3.04 -17.59 -6.89
C ASP B 2150 3.40 -16.49 -7.91
N THR B 2151 2.39 -15.82 -8.51
CA THR B 2151 2.63 -14.72 -9.44
C THR B 2151 2.75 -13.43 -8.65
N PHE B 2152 1.83 -13.21 -7.68
CA PHE B 2152 1.83 -12.02 -6.84
C PHE B 2152 3.13 -11.88 -6.09
N HIS B 2153 3.63 -12.98 -5.55
CA HIS B 2153 4.87 -12.99 -4.80
C HIS B 2153 6.07 -12.50 -5.62
N GLN B 2154 6.18 -12.90 -6.89
CA GLN B 2154 7.32 -12.49 -7.73
C GLN B 2154 7.13 -11.14 -8.41
N LEU B 2155 6.01 -10.93 -9.08
CA LEU B 2155 5.73 -9.72 -9.83
C LEU B 2155 5.70 -8.46 -8.98
N MET B 2156 5.18 -8.57 -7.74
CA MET B 2156 5.09 -7.40 -6.89
C MET B 2156 6.43 -6.98 -6.29
N ARG B 2157 7.49 -7.80 -6.42
CA ARG B 2157 8.83 -7.38 -6.02
C ARG B 2157 9.41 -6.39 -7.09
N LEU B 2158 8.94 -6.50 -8.35
CA LEU B 2158 9.29 -5.65 -9.48
C LEU B 2158 8.41 -4.38 -9.45
N ASN B 2159 8.70 -3.42 -10.32
CA ASN B 2159 7.91 -2.20 -10.45
C ASN B 2159 7.13 -2.24 -11.78
N GLY B 2160 6.25 -1.26 -12.00
CA GLY B 2160 5.47 -1.19 -13.21
C GLY B 2160 6.26 -1.18 -14.50
N GLU B 2161 7.39 -0.45 -14.53
CA GLU B 2161 8.22 -0.39 -15.73
C GLU B 2161 8.83 -1.75 -16.03
N GLN B 2162 9.27 -2.46 -14.97
CA GLN B 2162 9.87 -3.80 -15.06
C GLN B 2162 8.85 -4.85 -15.53
N VAL B 2163 7.62 -4.80 -14.99
CA VAL B 2163 6.58 -5.77 -15.34
C VAL B 2163 5.97 -5.48 -16.74
N ARG B 2164 5.99 -4.24 -17.20
CA ARG B 2164 5.45 -3.88 -18.51
C ARG B 2164 6.30 -4.44 -19.66
N ASN B 2165 7.61 -4.29 -19.56
CA ASN B 2165 8.52 -4.72 -20.62
C ASN B 2165 8.98 -6.17 -20.54
N ALA B 2166 8.63 -6.91 -19.47
CA ALA B 2166 9.11 -8.29 -19.32
C ALA B 2166 8.47 -9.28 -20.27
N LYS B 2167 9.26 -10.24 -20.74
CA LYS B 2167 8.76 -11.30 -21.60
C LYS B 2167 8.63 -12.45 -20.65
N PHE B 2168 7.47 -12.58 -20.00
CA PHE B 2168 7.28 -13.60 -18.98
C PHE B 2168 7.34 -15.03 -19.49
N ASN B 2169 8.41 -15.74 -19.08
CA ASN B 2169 8.59 -17.13 -19.45
C ASN B 2169 7.97 -18.02 -18.39
N ILE B 2170 6.67 -18.32 -18.55
CA ILE B 2170 5.89 -19.11 -17.60
C ILE B 2170 6.32 -20.57 -17.57
N LYS B 2171 6.55 -21.12 -16.37
CA LYS B 2171 6.96 -22.51 -16.21
C LYS B 2171 6.13 -23.17 -15.11
N PHE B 2172 5.00 -23.81 -15.46
CA PHE B 2172 4.15 -24.47 -14.47
C PHE B 2172 4.90 -25.62 -13.83
N ALA B 2173 4.94 -25.67 -12.50
CA ALA B 2173 5.67 -26.67 -11.72
C ALA B 2173 5.20 -28.09 -11.98
N GLY B 2174 6.15 -28.99 -12.20
CA GLY B 2174 5.88 -30.40 -12.46
C GLY B 2174 5.41 -30.72 -13.87
N GLU B 2175 4.26 -30.16 -14.25
CA GLU B 2175 3.64 -30.35 -15.55
C GLU B 2175 4.34 -29.63 -16.69
N GLU B 2176 5.17 -30.36 -17.45
CA GLU B 2176 5.87 -29.79 -18.60
C GLU B 2176 5.51 -30.56 -19.87
N GLY B 2177 4.40 -30.18 -20.50
CA GLY B 2177 3.95 -30.86 -21.71
C GLY B 2177 3.33 -29.99 -22.78
N VAL B 2178 3.64 -28.67 -22.77
CA VAL B 2178 3.10 -27.75 -23.79
C VAL B 2178 4.14 -26.65 -24.15
N ASP B 2179 3.88 -25.89 -25.25
CA ASP B 2179 4.75 -24.82 -25.73
C ASP B 2179 4.70 -23.54 -24.85
N ALA B 2180 5.73 -22.68 -24.94
CA ALA B 2180 5.84 -21.43 -24.17
C ALA B 2180 4.71 -20.43 -24.44
N GLY B 2181 4.11 -20.51 -25.63
CA GLY B 2181 2.98 -19.67 -26.01
C GLY B 2181 1.68 -20.13 -25.35
N GLY B 2182 1.58 -21.42 -25.08
CA GLY B 2182 0.44 -22.02 -24.42
C GLY B 2182 0.51 -21.80 -22.93
N LEU B 2183 1.73 -21.88 -22.36
CA LEU B 2183 1.98 -21.65 -20.93
C LEU B 2183 1.67 -20.20 -20.59
N THR B 2184 2.07 -19.24 -21.47
CA THR B 2184 1.83 -17.80 -21.32
C THR B 2184 0.34 -17.52 -21.23
N ARG B 2185 -0.44 -18.20 -22.08
CA ARG B 2185 -1.88 -18.07 -22.11
C ARG B 2185 -2.52 -18.74 -20.90
N GLU B 2186 -2.11 -19.97 -20.59
CA GLU B 2186 -2.65 -20.71 -19.45
C GLU B 2186 -2.40 -19.96 -18.14
N TRP B 2187 -1.30 -19.21 -18.04
CA TRP B 2187 -0.98 -18.41 -16.87
C TRP B 2187 -2.00 -17.27 -16.73
N TYR B 2188 -2.33 -16.57 -17.82
CA TYR B 2188 -3.33 -15.49 -17.76
C TYR B 2188 -4.69 -16.10 -17.43
N SER B 2189 -5.02 -17.22 -18.09
CA SER B 2189 -6.29 -17.88 -17.91
C SER B 2189 -6.48 -18.37 -16.48
N GLU B 2190 -5.42 -18.89 -15.84
CA GLU B 2190 -5.51 -19.38 -14.46
C GLU B 2190 -5.62 -18.23 -13.47
N LEU B 2191 -4.96 -17.09 -13.75
CA LEU B 2191 -5.00 -15.91 -12.88
C LEU B 2191 -6.40 -15.35 -12.84
N SER B 2192 -7.08 -15.28 -14.01
CA SER B 2192 -8.45 -14.77 -14.07
C SER B 2192 -9.45 -15.69 -13.38
N LYS B 2193 -9.18 -17.01 -13.32
CA LYS B 2193 -10.06 -17.93 -12.60
C LYS B 2193 -9.82 -17.78 -11.07
N GLU B 2194 -8.56 -17.62 -10.67
CA GLU B 2194 -8.19 -17.50 -9.28
C GLU B 2194 -8.50 -16.16 -8.63
N MET B 2195 -8.59 -15.07 -9.39
CA MET B 2195 -8.85 -13.77 -8.77
C MET B 2195 -10.28 -13.65 -8.29
N PHE B 2196 -11.20 -14.14 -9.09
CA PHE B 2196 -12.62 -14.13 -8.74
C PHE B 2196 -13.01 -15.32 -7.84
N ASN B 2197 -12.00 -15.88 -7.14
CA ASN B 2197 -12.04 -17.04 -6.24
C ASN B 2197 -12.85 -16.76 -4.99
N ALA B 2198 -13.49 -17.80 -4.47
CA ALA B 2198 -14.28 -17.73 -3.25
C ALA B 2198 -13.37 -17.59 -2.03
N ASN B 2199 -12.21 -18.30 -2.04
CA ASN B 2199 -11.30 -18.19 -0.92
C ASN B 2199 -10.51 -16.87 -0.98
N TYR B 2200 -10.26 -16.32 -2.19
CA TYR B 2200 -9.62 -15.02 -2.29
C TYR B 2200 -10.61 -13.93 -1.87
N ALA B 2201 -11.89 -14.08 -2.23
CA ALA B 2201 -13.00 -13.19 -1.89
C ALA B 2201 -12.73 -11.76 -2.26
N LEU B 2202 -12.04 -11.56 -3.39
CA LEU B 2202 -11.72 -10.22 -3.83
C LEU B 2202 -12.93 -9.60 -4.53
N PHE B 2203 -13.67 -10.40 -5.32
CA PHE B 2203 -14.85 -9.91 -6.04
C PHE B 2203 -16.09 -10.74 -5.74
N THR B 2204 -17.24 -10.09 -5.80
CA THR B 2204 -18.55 -10.69 -5.63
C THR B 2204 -19.25 -10.66 -7.01
N PRO B 2205 -19.84 -11.79 -7.45
CA PRO B 2205 -20.46 -11.80 -8.78
C PRO B 2205 -21.77 -11.04 -8.86
N ILE B 2206 -22.13 -10.64 -10.10
CA ILE B 2206 -23.37 -9.98 -10.49
C ILE B 2206 -23.80 -10.66 -11.82
N GLY B 2207 -23.93 -11.98 -11.77
CA GLY B 2207 -24.22 -12.77 -12.95
C GLY B 2207 -22.91 -13.05 -13.65
N SER B 2208 -22.82 -12.80 -14.95
CA SER B 2208 -21.59 -13.03 -15.70
C SER B 2208 -20.42 -12.13 -15.25
N SER B 2209 -20.71 -10.90 -14.83
CA SER B 2209 -19.69 -9.95 -14.39
C SER B 2209 -19.40 -10.01 -12.87
N TYR B 2210 -18.34 -9.32 -12.40
CA TYR B 2210 -17.93 -9.23 -11.00
C TYR B 2210 -17.68 -7.82 -10.61
N GLN B 2211 -17.88 -7.51 -9.34
CA GLN B 2211 -17.52 -6.22 -8.77
C GLN B 2211 -16.72 -6.46 -7.50
N PRO B 2212 -15.82 -5.54 -7.08
CA PRO B 2212 -15.07 -5.79 -5.84
C PRO B 2212 -15.97 -6.11 -4.62
N ASN B 2213 -15.46 -6.88 -3.68
CA ASN B 2213 -16.18 -7.24 -2.47
C ASN B 2213 -16.21 -6.00 -1.57
N HIS B 2214 -17.24 -5.85 -0.73
CA HIS B 2214 -17.36 -4.69 0.18
C HIS B 2214 -16.07 -4.34 0.94
N ILE B 2215 -15.81 -3.05 1.09
CA ILE B 2215 -14.62 -2.56 1.77
C ILE B 2215 -14.49 -3.09 3.22
N SER B 2216 -15.59 -3.54 3.85
CA SER B 2216 -15.52 -4.12 5.19
C SER B 2216 -15.05 -5.57 5.14
N HIS B 2217 -15.44 -6.30 4.09
CA HIS B 2217 -15.03 -7.69 3.90
C HIS B 2217 -13.60 -7.78 3.35
N ILE B 2218 -13.17 -6.77 2.57
CA ILE B 2218 -11.81 -6.76 2.02
C ILE B 2218 -10.77 -6.42 3.12
N ASN B 2219 -9.80 -7.33 3.33
CA ASN B 2219 -8.80 -7.17 4.39
C ASN B 2219 -7.77 -6.08 4.14
N PRO B 2220 -7.36 -5.34 5.19
CA PRO B 2220 -6.42 -4.23 4.99
C PRO B 2220 -5.11 -4.59 4.28
N GLU B 2221 -4.47 -5.70 4.66
CA GLU B 2221 -3.22 -6.12 4.02
C GLU B 2221 -3.44 -6.65 2.59
N HIS B 2222 -4.67 -7.12 2.29
CA HIS B 2222 -5.13 -7.68 1.02
C HIS B 2222 -5.53 -6.65 -0.01
N LEU B 2223 -5.63 -5.37 0.36
CA LEU B 2223 -6.02 -4.32 -0.59
C LEU B 2223 -5.03 -4.22 -1.78
N VAL B 2224 -3.76 -4.58 -1.52
CA VAL B 2224 -2.63 -4.65 -2.45
C VAL B 2224 -2.89 -5.66 -3.60
N TYR B 2225 -3.78 -6.65 -3.38
CA TYR B 2225 -4.16 -7.63 -4.38
C TYR B 2225 -4.85 -6.97 -5.56
N PHE B 2226 -5.58 -5.86 -5.32
CA PHE B 2226 -6.23 -5.12 -6.40
C PHE B 2226 -5.22 -4.41 -7.29
N LYS B 2227 -4.08 -3.95 -6.71
CA LYS B 2227 -3.02 -3.31 -7.50
C LYS B 2227 -2.39 -4.33 -8.43
N PHE B 2228 -2.21 -5.57 -7.95
CA PHE B 2228 -1.67 -6.69 -8.70
C PHE B 2228 -2.64 -7.10 -9.80
N ILE B 2229 -3.96 -7.06 -9.54
CA ILE B 2229 -4.97 -7.34 -10.57
C ILE B 2229 -4.82 -6.32 -11.72
N GLY B 2230 -4.58 -5.07 -11.36
CA GLY B 2230 -4.35 -3.97 -12.28
C GLY B 2230 -3.14 -4.24 -13.12
N ARG B 2231 -2.06 -4.73 -12.50
CA ARG B 2231 -0.82 -5.05 -13.22
C ARG B 2231 -1.03 -6.23 -14.17
N ILE B 2232 -1.81 -7.25 -13.76
CA ILE B 2232 -2.09 -8.39 -14.63
C ILE B 2232 -2.93 -7.99 -15.83
N ILE B 2233 -4.10 -7.38 -15.62
CA ILE B 2233 -4.98 -6.93 -16.69
C ILE B 2233 -4.33 -5.85 -17.57
N GLY B 2234 -3.47 -5.03 -16.98
CA GLY B 2234 -2.75 -4.00 -17.71
C GLY B 2234 -1.69 -4.60 -18.61
N LYS B 2235 -0.97 -5.59 -18.08
CA LYS B 2235 0.06 -6.30 -18.84
C LYS B 2235 -0.60 -7.17 -19.92
N ALA B 2236 -1.77 -7.77 -19.64
CA ALA B 2236 -2.52 -8.57 -20.61
C ALA B 2236 -2.88 -7.71 -21.82
N VAL B 2237 -3.40 -6.48 -21.59
CA VAL B 2237 -3.74 -5.56 -22.65
C VAL B 2237 -2.47 -5.20 -23.42
N TYR B 2238 -1.42 -4.79 -22.71
CA TYR B 2238 -0.15 -4.41 -23.29
C TYR B 2238 0.44 -5.49 -24.21
N ASP B 2239 0.23 -6.75 -23.86
CA ASP B 2239 0.74 -7.87 -24.63
C ASP B 2239 -0.28 -8.47 -25.59
N GLU B 2240 -1.33 -7.70 -25.98
CA GLU B 2240 -2.41 -8.13 -26.87
C GLU B 2240 -2.95 -9.51 -26.48
N MET B 2241 -3.30 -9.64 -25.20
CA MET B 2241 -3.81 -10.86 -24.60
C MET B 2241 -5.16 -10.59 -23.98
N THR B 2242 -6.16 -11.41 -24.29
CA THR B 2242 -7.50 -11.21 -23.77
C THR B 2242 -7.65 -11.90 -22.40
N VAL B 2243 -8.39 -11.28 -21.47
CA VAL B 2243 -8.62 -11.90 -20.16
C VAL B 2243 -10.12 -12.08 -19.90
N ASP B 2244 -10.51 -13.13 -19.17
CA ASP B 2244 -11.91 -13.35 -18.84
C ASP B 2244 -12.38 -12.47 -17.70
N CYS B 2245 -11.82 -11.26 -17.60
CA CYS B 2245 -12.17 -10.34 -16.55
C CYS B 2245 -13.18 -9.31 -16.98
N HIS B 2246 -14.46 -9.68 -16.79
CA HIS B 2246 -15.62 -8.84 -17.07
C HIS B 2246 -16.06 -8.26 -15.75
N PHE B 2247 -16.15 -6.95 -15.70
CA PHE B 2247 -16.52 -6.23 -14.49
C PHE B 2247 -17.84 -5.45 -14.67
N THR B 2248 -18.29 -4.79 -13.61
CA THR B 2248 -19.48 -3.97 -13.67
C THR B 2248 -19.19 -2.72 -14.53
N ARG B 2249 -20.26 -2.07 -15.02
CA ARG B 2249 -20.10 -0.86 -15.81
C ARG B 2249 -19.51 0.24 -14.94
N ALA B 2250 -19.89 0.31 -13.65
CA ALA B 2250 -19.35 1.28 -12.70
C ALA B 2250 -17.84 1.12 -12.50
N PHE B 2251 -17.35 -0.13 -12.56
CA PHE B 2251 -15.93 -0.45 -12.44
C PHE B 2251 -15.18 0.15 -13.65
N TYR B 2252 -15.68 -0.18 -14.86
CA TYR B 2252 -15.12 0.26 -16.12
C TYR B 2252 -15.13 1.76 -16.21
N LYS B 2253 -16.18 2.43 -15.69
CA LYS B 2253 -16.33 3.89 -15.65
C LYS B 2253 -15.27 4.49 -14.73
N ARG B 2254 -15.16 3.97 -13.50
CA ARG B 2254 -14.19 4.45 -12.51
C ARG B 2254 -12.74 4.29 -12.99
N VAL B 2255 -12.38 3.21 -13.71
CA VAL B 2255 -11.02 3.06 -14.25
C VAL B 2255 -10.73 4.21 -15.24
N LEU B 2256 -11.70 4.51 -16.11
CA LEU B 2256 -11.60 5.58 -17.09
C LEU B 2256 -11.81 6.99 -16.53
N SER B 2257 -12.10 7.09 -15.22
CA SER B 2257 -12.34 8.33 -14.48
C SER B 2257 -13.63 9.07 -14.98
N ILE B 2258 -14.67 8.25 -15.26
CA ILE B 2258 -16.00 8.66 -15.70
C ILE B 2258 -16.94 8.48 -14.53
N PRO B 2259 -17.71 9.51 -14.16
CA PRO B 2259 -18.59 9.37 -12.99
C PRO B 2259 -19.80 8.47 -13.17
N VAL B 2260 -20.15 7.78 -12.09
CA VAL B 2260 -21.27 6.86 -12.01
C VAL B 2260 -22.59 7.63 -12.11
N ASP B 2261 -23.45 7.23 -13.06
CA ASP B 2261 -24.75 7.83 -13.19
C ASP B 2261 -25.85 6.93 -12.56
N LEU B 2262 -27.11 7.34 -12.61
CA LEU B 2262 -28.21 6.59 -11.99
C LEU B 2262 -28.44 5.21 -12.63
N THR B 2263 -27.99 5.01 -13.88
CA THR B 2263 -28.15 3.73 -14.59
C THR B 2263 -27.40 2.59 -13.92
N ASP B 2264 -26.25 2.89 -13.31
CA ASP B 2264 -25.47 1.89 -12.61
C ASP B 2264 -26.17 1.42 -11.30
N VAL B 2265 -26.96 2.34 -10.69
CA VAL B 2265 -27.73 2.07 -9.48
C VAL B 2265 -28.91 1.13 -9.74
N GLU B 2266 -29.54 1.22 -10.93
CA GLU B 2266 -30.71 0.40 -11.32
C GLU B 2266 -30.51 -1.12 -11.15
N ALA B 2267 -29.38 -1.65 -11.61
CA ALA B 2267 -29.12 -3.08 -11.51
C ALA B 2267 -29.05 -3.51 -10.04
N LEU B 2268 -28.27 -2.76 -9.20
CA LEU B 2268 -28.02 -3.02 -7.79
C LEU B 2268 -29.23 -2.85 -6.85
N ASP B 2269 -29.94 -1.72 -6.94
CA ASP B 2269 -31.09 -1.46 -6.08
C ASP B 2269 -32.14 -0.74 -6.91
N PRO B 2270 -33.12 -1.47 -7.46
CA PRO B 2270 -34.12 -0.84 -8.33
C PRO B 2270 -35.08 0.11 -7.65
N GLU B 2271 -35.35 -0.10 -6.35
CA GLU B 2271 -36.22 0.81 -5.61
C GLU B 2271 -35.47 2.08 -5.18
N PHE B 2272 -34.14 1.98 -4.99
CA PHE B 2272 -33.28 3.14 -4.73
C PHE B 2272 -33.26 4.00 -6.01
N HIS B 2273 -33.23 3.34 -7.19
CA HIS B 2273 -33.26 3.95 -8.51
C HIS B 2273 -34.63 4.58 -8.78
N ARG B 2274 -35.73 3.86 -8.41
CA ARG B 2274 -37.11 4.33 -8.61
C ARG B 2274 -37.49 5.47 -7.65
N SER B 2275 -36.84 5.54 -6.49
CA SER B 2275 -37.09 6.64 -5.54
C SER B 2275 -36.40 7.91 -6.03
N LEU B 2276 -35.18 7.78 -6.55
CA LEU B 2276 -34.42 8.91 -7.08
C LEU B 2276 -35.02 9.47 -8.35
N VAL B 2277 -35.55 8.61 -9.25
CA VAL B 2277 -36.16 9.09 -10.49
C VAL B 2277 -37.35 10.02 -10.21
N TRP B 2278 -38.21 9.69 -9.24
CA TRP B 2278 -39.35 10.56 -8.89
C TRP B 2278 -38.84 11.90 -8.36
N ILE B 2279 -37.79 11.87 -7.54
CA ILE B 2279 -37.17 13.05 -6.97
C ILE B 2279 -36.65 13.98 -8.08
N LEU B 2280 -35.96 13.42 -9.08
CA LEU B 2280 -35.38 14.19 -10.19
C LEU B 2280 -36.41 14.68 -11.22
N GLU B 2281 -37.54 13.96 -11.38
CA GLU B 2281 -38.57 14.33 -12.35
C GLU B 2281 -39.63 15.29 -11.80
N ASN B 2282 -40.13 15.01 -10.57
CA ASN B 2282 -41.19 15.75 -9.89
C ASN B 2282 -40.68 16.91 -9.00
N ASP B 2283 -41.60 17.70 -8.43
CA ASP B 2283 -41.29 18.83 -7.56
C ASP B 2283 -40.64 18.37 -6.25
N ILE B 2284 -39.65 19.14 -5.78
CA ILE B 2284 -38.94 18.86 -4.54
C ILE B 2284 -39.16 19.97 -3.50
N GLU B 2285 -39.43 21.21 -3.95
CA GLU B 2285 -39.71 22.38 -3.10
C GLU B 2285 -40.92 22.14 -2.18
N ASN B 2286 -40.64 21.85 -0.89
CA ASN B 2286 -41.59 21.57 0.19
C ASN B 2286 -42.25 20.18 0.11
N VAL B 2287 -41.70 19.27 -0.69
CA VAL B 2287 -42.26 17.93 -0.81
C VAL B 2287 -41.46 16.92 0.03
N LEU B 2288 -40.13 16.83 -0.20
CA LEU B 2288 -39.22 15.92 0.51
C LEU B 2288 -39.08 16.26 1.99
N ASP B 2289 -38.79 17.54 2.31
CA ASP B 2289 -38.58 18.05 3.67
C ASP B 2289 -37.34 17.41 4.34
N MET B 2290 -36.33 17.02 3.54
CA MET B 2290 -35.12 16.38 4.05
C MET B 2290 -33.82 17.12 3.67
N THR B 2291 -32.73 16.81 4.40
CA THR B 2291 -31.41 17.42 4.30
C THR B 2291 -30.48 16.74 3.26
N PHE B 2292 -29.43 17.47 2.86
CA PHE B 2292 -28.42 17.01 1.89
C PHE B 2292 -27.54 15.89 2.45
N SER B 2293 -27.41 15.79 3.79
CA SER B 2293 -26.62 14.75 4.43
C SER B 2293 -27.41 13.43 4.52
N ILE B 2294 -26.72 12.30 4.69
CA ILE B 2294 -27.38 11.00 4.76
C ILE B 2294 -26.97 10.19 6.01
N GLU B 2295 -27.96 9.54 6.65
CA GLU B 2295 -27.75 8.74 7.85
C GLU B 2295 -27.44 7.29 7.50
N GLN B 2296 -26.15 6.95 7.34
CA GLN B 2296 -25.76 5.57 7.02
C GLN B 2296 -25.21 4.89 8.26
N ASP B 2297 -25.96 3.92 8.82
CA ASP B 2297 -25.54 3.21 10.03
C ASP B 2297 -25.68 1.69 9.83
N ARG B 2298 -24.57 1.01 9.48
CA ARG B 2298 -24.60 -0.44 9.25
C ARG B 2298 -24.70 -1.24 10.57
N PHE B 2299 -23.72 -1.10 11.47
CA PHE B 2299 -23.73 -1.83 12.75
C PHE B 2299 -23.17 -0.98 13.89
N GLY B 2300 -23.58 0.28 13.94
CA GLY B 2300 -23.13 1.20 14.97
C GLY B 2300 -21.71 1.70 14.81
N ILE B 2301 -21.12 1.52 13.62
CA ILE B 2301 -19.74 1.97 13.37
C ILE B 2301 -19.67 3.23 12.46
N THR B 2302 -20.79 3.60 11.81
CA THR B 2302 -20.82 4.79 10.95
C THR B 2302 -21.83 5.86 11.49
N GLU B 2303 -21.75 7.10 10.97
CA GLU B 2303 -22.60 8.21 11.44
C GLU B 2303 -23.18 9.06 10.24
N ILE B 2304 -23.61 10.31 10.48
CA ILE B 2304 -24.14 11.19 9.43
C ILE B 2304 -23.02 11.60 8.48
N ILE B 2305 -23.18 11.31 7.18
CA ILE B 2305 -22.15 11.61 6.19
C ILE B 2305 -22.47 12.82 5.31
N ASP B 2306 -21.55 13.81 5.25
CA ASP B 2306 -21.72 15.00 4.42
C ASP B 2306 -21.27 14.68 2.99
N LEU B 2307 -22.07 15.10 2.00
CA LEU B 2307 -21.69 14.87 0.60
C LEU B 2307 -20.75 15.99 0.04
N LYS B 2308 -20.70 17.14 0.73
CA LYS B 2308 -19.85 18.28 0.37
C LYS B 2308 -19.49 19.10 1.66
N GLU B 2309 -18.83 20.27 1.51
CA GLU B 2309 -18.48 21.11 2.67
C GLU B 2309 -19.77 21.60 3.35
N ASN B 2310 -19.96 21.21 4.63
CA ASN B 2310 -21.14 21.54 5.44
C ASN B 2310 -22.42 20.97 4.80
N GLY B 2311 -22.32 19.72 4.35
CA GLY B 2311 -23.42 19.02 3.69
C GLY B 2311 -24.64 18.75 4.55
N ARG B 2312 -24.46 18.70 5.87
CA ARG B 2312 -25.58 18.44 6.79
C ARG B 2312 -26.50 19.66 6.95
N ASN B 2313 -25.95 20.88 6.82
CA ASN B 2313 -26.71 22.11 6.94
C ASN B 2313 -27.39 22.53 5.62
N ILE B 2314 -26.88 22.03 4.47
CA ILE B 2314 -27.42 22.31 3.14
C ILE B 2314 -28.74 21.55 2.93
N ALA B 2315 -29.76 22.22 2.38
CA ALA B 2315 -31.05 21.58 2.12
C ALA B 2315 -31.16 21.10 0.66
N VAL B 2316 -32.13 20.21 0.35
CA VAL B 2316 -32.32 19.72 -1.01
C VAL B 2316 -33.44 20.53 -1.69
N THR B 2317 -33.13 21.13 -2.84
CA THR B 2317 -34.06 21.96 -3.61
C THR B 2317 -34.15 21.47 -5.09
N ASN B 2318 -35.01 22.10 -5.91
CA ASN B 2318 -35.17 21.79 -7.33
C ASN B 2318 -33.89 22.10 -8.12
N GLU B 2319 -33.11 23.10 -7.66
CA GLU B 2319 -31.87 23.53 -8.28
C GLU B 2319 -30.78 22.45 -8.08
N ASN B 2320 -30.57 22.02 -6.82
CA ASN B 2320 -29.56 21.00 -6.52
C ASN B 2320 -30.11 19.57 -6.49
N LYS B 2321 -31.25 19.33 -7.16
CA LYS B 2321 -31.78 17.97 -7.26
C LYS B 2321 -30.85 17.10 -8.12
N ARG B 2322 -30.17 17.71 -9.12
CA ARG B 2322 -29.20 16.97 -9.94
C ARG B 2322 -27.96 16.69 -9.10
N GLU B 2323 -27.49 17.70 -8.35
CA GLU B 2323 -26.32 17.60 -7.48
C GLU B 2323 -26.51 16.52 -6.40
N TYR B 2324 -27.65 16.52 -5.71
CA TYR B 2324 -27.91 15.53 -4.67
C TYR B 2324 -28.00 14.12 -5.24
N VAL B 2325 -28.71 13.96 -6.37
CA VAL B 2325 -28.89 12.65 -6.99
C VAL B 2325 -27.55 12.09 -7.54
N GLU B 2326 -26.75 12.93 -8.21
CA GLU B 2326 -25.45 12.48 -8.74
C GLU B 2326 -24.44 12.21 -7.62
N LEU B 2327 -24.59 12.88 -6.45
CA LEU B 2327 -23.71 12.70 -5.29
C LEU B 2327 -24.08 11.46 -4.49
N VAL B 2328 -25.38 11.17 -4.38
CA VAL B 2328 -25.87 9.99 -3.69
C VAL B 2328 -25.53 8.70 -4.49
N CYS B 2329 -25.45 8.79 -5.83
CA CYS B 2329 -25.07 7.65 -6.66
C CYS B 2329 -23.59 7.30 -6.44
N ARG B 2330 -22.75 8.34 -6.38
CA ARG B 2330 -21.31 8.17 -6.18
C ARG B 2330 -20.90 7.89 -4.72
N PHE B 2331 -21.88 7.74 -3.82
CA PHE B 2331 -21.63 7.38 -2.45
C PHE B 2331 -22.13 5.96 -2.25
N LYS B 2332 -23.34 5.65 -2.77
CA LYS B 2332 -23.98 4.36 -2.58
C LYS B 2332 -23.12 3.19 -3.02
N LEU B 2333 -22.35 3.38 -4.09
CA LEU B 2333 -21.49 2.30 -4.58
C LEU B 2333 -20.02 2.66 -4.60
N VAL B 2334 -19.67 3.87 -5.08
CA VAL B 2334 -18.28 4.31 -5.22
C VAL B 2334 -17.58 4.51 -3.85
N ARG B 2335 -18.33 4.70 -2.74
CA ARG B 2335 -17.65 4.83 -1.45
C ARG B 2335 -17.20 3.48 -0.94
N VAL B 2336 -18.05 2.45 -1.08
CA VAL B 2336 -17.67 1.10 -0.63
C VAL B 2336 -16.97 0.27 -1.73
N ILE B 2337 -16.44 0.95 -2.77
CA ILE B 2337 -15.66 0.40 -3.90
C ILE B 2337 -14.54 1.42 -4.37
N GLU B 2338 -14.25 2.44 -3.55
CA GLU B 2338 -13.23 3.44 -3.89
C GLU B 2338 -11.81 2.92 -3.72
N ARG B 2339 -11.45 2.43 -2.50
CA ARG B 2339 -10.09 1.92 -2.18
C ARG B 2339 -9.72 0.69 -3.01
N GLN B 2340 -10.70 -0.09 -3.44
CA GLN B 2340 -10.50 -1.27 -4.28
C GLN B 2340 -10.11 -0.81 -5.69
N LEU B 2341 -10.87 0.16 -6.22
CA LEU B 2341 -10.65 0.70 -7.56
C LEU B 2341 -9.40 1.52 -7.70
N SER B 2342 -9.07 2.34 -6.67
CA SER B 2342 -7.86 3.17 -6.64
C SER B 2342 -6.59 2.33 -6.69
N ALA B 2343 -6.63 1.14 -6.09
CA ALA B 2343 -5.53 0.20 -6.09
C ALA B 2343 -5.44 -0.44 -7.47
N PHE B 2344 -6.58 -0.84 -8.07
CA PHE B 2344 -6.61 -1.43 -9.40
C PHE B 2344 -6.05 -0.46 -10.43
N ALA B 2345 -6.56 0.78 -10.43
CA ALA B 2345 -6.13 1.81 -11.36
C ALA B 2345 -4.67 2.12 -11.18
N GLU B 2346 -4.15 2.11 -9.94
CA GLU B 2346 -2.73 2.38 -9.71
C GLU B 2346 -1.84 1.37 -10.44
N GLY B 2347 -2.16 0.09 -10.30
CA GLY B 2347 -1.42 -0.98 -10.95
C GLY B 2347 -1.71 -1.09 -12.44
N PHE B 2348 -2.87 -0.64 -12.87
CA PHE B 2348 -3.28 -0.72 -14.26
C PHE B 2348 -2.54 0.35 -15.04
N PHE B 2349 -2.62 1.58 -14.56
CA PHE B 2349 -1.96 2.70 -15.20
C PHE B 2349 -0.46 2.73 -14.97
N GLU B 2350 0.08 1.91 -14.05
CA GLU B 2350 1.54 1.80 -13.94
C GLU B 2350 2.11 0.87 -15.04
N ILE B 2351 1.25 0.34 -15.95
CA ILE B 2351 1.61 -0.46 -17.12
C ILE B 2351 1.16 0.31 -18.37
N LEU B 2352 -0.13 0.69 -18.44
CA LEU B 2352 -0.67 1.40 -19.60
C LEU B 2352 -0.67 2.94 -19.43
N ASP B 2353 -0.51 3.70 -20.53
CA ASP B 2353 -0.53 5.16 -20.46
C ASP B 2353 -1.96 5.59 -20.19
N VAL B 2354 -2.18 6.42 -19.18
CA VAL B 2354 -3.50 6.91 -18.79
C VAL B 2354 -4.18 7.61 -19.95
N ASP B 2355 -3.41 8.44 -20.68
CA ASP B 2355 -3.85 9.24 -21.82
C ASP B 2355 -4.18 8.40 -23.03
N MET B 2356 -3.47 7.27 -23.22
CA MET B 2356 -3.70 6.32 -24.32
C MET B 2356 -5.02 5.57 -24.10
N LEU B 2357 -5.15 4.90 -22.96
CA LEU B 2357 -6.32 4.11 -22.65
C LEU B 2357 -7.59 4.97 -22.49
N LYS B 2358 -7.45 6.27 -22.17
CA LYS B 2358 -8.61 7.12 -21.98
C LYS B 2358 -9.48 7.26 -23.23
N MET B 2359 -8.89 7.07 -24.42
CA MET B 2359 -9.61 7.16 -25.71
C MET B 2359 -10.71 6.09 -25.91
N PHE B 2360 -10.82 5.14 -24.98
CA PHE B 2360 -11.83 4.09 -25.05
C PHE B 2360 -13.01 4.41 -24.17
N ASN B 2361 -14.21 4.03 -24.63
CA ASN B 2361 -15.49 4.18 -23.93
C ASN B 2361 -15.55 3.25 -22.71
N GLU B 2362 -16.49 3.47 -21.77
CA GLU B 2362 -16.69 2.53 -20.66
C GLU B 2362 -17.14 1.15 -21.16
N LYS B 2363 -17.69 1.09 -22.40
CA LYS B 2363 -18.08 -0.15 -23.04
C LYS B 2363 -16.88 -0.72 -23.81
N GLU B 2364 -16.15 0.15 -24.54
CA GLU B 2364 -14.99 -0.28 -25.32
C GLU B 2364 -13.82 -0.78 -24.46
N LEU B 2365 -13.75 -0.36 -23.20
CA LEU B 2365 -12.70 -0.82 -22.29
C LEU B 2365 -12.88 -2.32 -22.04
N GLU B 2366 -14.14 -2.78 -21.89
CA GLU B 2366 -14.43 -4.20 -21.70
C GLU B 2366 -13.99 -5.00 -22.91
N LEU B 2367 -14.20 -4.48 -24.11
CA LEU B 2367 -13.80 -5.17 -25.34
C LEU B 2367 -12.28 -5.14 -25.52
N LEU B 2368 -11.61 -4.08 -25.04
CA LEU B 2368 -10.16 -3.99 -25.17
C LEU B 2368 -9.53 -5.07 -24.29
N ILE B 2369 -9.99 -5.16 -23.03
CA ILE B 2369 -9.52 -6.07 -21.98
C ILE B 2369 -9.84 -7.56 -22.26
N SER B 2370 -11.11 -7.84 -22.58
CA SER B 2370 -11.62 -9.19 -22.74
C SER B 2370 -11.68 -9.69 -24.18
N GLY B 2371 -11.76 -8.77 -25.14
CA GLY B 2371 -11.87 -9.09 -26.56
C GLY B 2371 -13.21 -8.69 -27.17
N LEU B 2372 -13.34 -8.71 -28.51
CA LEU B 2372 -14.60 -8.39 -29.17
C LEU B 2372 -15.30 -9.68 -29.64
N PRO B 2373 -16.42 -10.09 -29.01
CA PRO B 2373 -17.09 -11.32 -29.44
C PRO B 2373 -17.80 -11.23 -30.77
N GLU B 2374 -17.66 -12.30 -31.58
CA GLU B 2374 -18.36 -12.43 -32.85
C GLU B 2374 -19.75 -13.04 -32.49
N ILE B 2375 -20.79 -12.18 -32.43
CA ILE B 2375 -22.12 -12.60 -32.01
C ILE B 2375 -22.94 -13.24 -33.14
N ASP B 2376 -23.52 -14.41 -32.84
CA ASP B 2376 -24.39 -15.08 -33.77
C ASP B 2376 -25.81 -14.56 -33.56
N VAL B 2377 -26.31 -13.72 -34.50
CA VAL B 2377 -27.67 -13.17 -34.40
C VAL B 2377 -28.75 -14.25 -34.51
N ASP B 2378 -28.46 -15.37 -35.20
CA ASP B 2378 -29.42 -16.46 -35.30
C ASP B 2378 -29.61 -17.12 -33.93
N ASP B 2379 -28.51 -17.33 -33.20
CA ASP B 2379 -28.53 -17.88 -31.85
C ASP B 2379 -29.21 -16.91 -30.89
N TRP B 2380 -29.01 -15.60 -31.10
CA TRP B 2380 -29.61 -14.53 -30.33
C TRP B 2380 -31.12 -14.54 -30.51
N ARG B 2381 -31.60 -14.63 -31.77
CA ARG B 2381 -33.04 -14.63 -32.04
C ARG B 2381 -33.69 -15.94 -31.63
N ASN B 2382 -32.98 -17.06 -31.70
CA ASN B 2382 -33.53 -18.34 -31.29
C ASN B 2382 -33.75 -18.45 -29.79
N ASN B 2383 -33.01 -17.66 -29.00
CA ASN B 2383 -33.12 -17.72 -27.55
C ASN B 2383 -33.42 -16.34 -26.96
N THR B 2384 -34.35 -15.61 -27.62
CA THR B 2384 -34.87 -14.32 -27.20
C THR B 2384 -36.35 -14.47 -26.99
N ILE B 2385 -36.86 -14.14 -25.81
CA ILE B 2385 -38.30 -14.24 -25.54
C ILE B 2385 -38.97 -12.85 -25.65
N TYR B 2386 -40.25 -12.79 -26.08
CA TYR B 2386 -40.91 -11.49 -26.26
C TYR B 2386 -42.10 -11.32 -25.34
N PHE B 2387 -42.42 -10.05 -25.02
CA PHE B 2387 -43.56 -9.64 -24.19
C PHE B 2387 -44.20 -8.44 -24.87
N GLY B 2388 -45.48 -8.57 -25.19
CA GLY B 2388 -46.17 -7.51 -25.94
C GLY B 2388 -45.98 -7.64 -27.45
N TYR B 2389 -44.94 -8.42 -27.87
CA TYR B 2389 -44.60 -8.70 -29.25
C TYR B 2389 -44.49 -10.23 -29.49
N THR B 2390 -44.33 -10.61 -30.77
CA THR B 2390 -44.09 -11.96 -31.25
C THR B 2390 -42.84 -11.92 -32.16
N SER B 2391 -42.25 -13.08 -32.50
CA SER B 2391 -41.10 -13.12 -33.41
C SER B 2391 -41.39 -12.45 -34.77
N ASP B 2392 -42.70 -12.38 -35.14
CA ASP B 2392 -43.22 -11.80 -36.37
C ASP B 2392 -43.79 -10.38 -36.20
N SER B 2393 -43.67 -9.77 -35.01
CA SER B 2393 -44.14 -8.39 -34.81
C SER B 2393 -43.30 -7.47 -35.69
N GLN B 2394 -43.90 -6.52 -36.44
CA GLN B 2394 -43.14 -5.65 -37.33
C GLN B 2394 -41.99 -4.92 -36.65
N VAL B 2395 -42.23 -4.48 -35.40
CA VAL B 2395 -41.23 -3.82 -34.56
C VAL B 2395 -40.03 -4.76 -34.36
N ILE B 2396 -40.31 -6.05 -34.06
CA ILE B 2396 -39.33 -7.13 -33.83
C ILE B 2396 -38.59 -7.49 -35.10
N ARG B 2397 -39.31 -7.61 -36.21
CA ARG B 2397 -38.71 -7.91 -37.51
C ARG B 2397 -37.74 -6.83 -37.93
N TRP B 2398 -38.03 -5.56 -37.58
CA TRP B 2398 -37.11 -4.45 -37.85
C TRP B 2398 -35.92 -4.52 -36.90
N TYR B 2399 -36.16 -4.87 -35.62
CA TYR B 2399 -35.14 -5.01 -34.59
C TYR B 2399 -34.09 -6.04 -35.03
N TRP B 2400 -34.55 -7.20 -35.50
CA TRP B 2400 -33.62 -8.24 -35.93
C TRP B 2400 -32.89 -7.88 -37.20
N ARG B 2401 -33.56 -7.14 -38.11
CA ARG B 2401 -32.95 -6.66 -39.34
C ARG B 2401 -31.82 -5.67 -38.97
N ALA B 2402 -32.09 -4.78 -38.00
CA ALA B 2402 -31.13 -3.83 -37.50
C ALA B 2402 -29.95 -4.57 -36.88
N VAL B 2403 -30.18 -5.57 -35.99
CA VAL B 2403 -29.10 -6.35 -35.37
C VAL B 2403 -28.28 -7.13 -36.41
N ARG B 2404 -28.92 -7.66 -37.46
CA ARG B 2404 -28.20 -8.35 -38.52
C ARG B 2404 -27.24 -7.41 -39.24
N ASN B 2405 -27.71 -6.17 -39.49
CA ASN B 2405 -26.93 -5.12 -40.15
C ASN B 2405 -25.82 -4.54 -39.29
N PHE B 2406 -26.01 -4.56 -37.96
CA PHE B 2406 -25.02 -4.03 -37.03
C PHE B 2406 -23.68 -4.72 -37.16
N SER B 2407 -22.62 -3.95 -37.00
CA SER B 2407 -21.25 -4.47 -37.04
C SER B 2407 -21.04 -5.35 -35.81
N MET B 2408 -19.96 -6.15 -35.79
CA MET B 2408 -19.67 -6.96 -34.61
C MET B 2408 -19.46 -6.11 -33.35
N GLU B 2409 -19.04 -4.85 -33.54
CA GLU B 2409 -18.86 -3.87 -32.48
C GLU B 2409 -20.24 -3.39 -31.97
N GLU B 2410 -21.14 -3.00 -32.87
CA GLU B 2410 -22.46 -2.54 -32.49
C GLU B 2410 -23.25 -3.67 -31.81
N ARG B 2411 -23.15 -4.90 -32.32
CA ARG B 2411 -23.84 -6.05 -31.72
C ARG B 2411 -23.36 -6.27 -30.28
N ALA B 2412 -22.05 -6.18 -30.05
CA ALA B 2412 -21.48 -6.34 -28.71
C ALA B 2412 -21.92 -5.19 -27.78
N LYS B 2413 -22.01 -3.95 -28.30
CA LYS B 2413 -22.48 -2.82 -27.50
C LYS B 2413 -23.99 -2.90 -27.18
N LEU B 2414 -24.78 -3.57 -28.06
CA LEU B 2414 -26.20 -3.83 -27.82
C LEU B 2414 -26.35 -4.94 -26.78
N LEU B 2415 -25.44 -5.94 -26.77
CA LEU B 2415 -25.47 -7.00 -25.77
C LEU B 2415 -25.11 -6.37 -24.42
N GLN B 2416 -24.05 -5.56 -24.38
CA GLN B 2416 -23.61 -4.85 -23.20
C GLN B 2416 -24.67 -3.91 -22.68
N PHE B 2417 -25.48 -3.34 -23.55
CA PHE B 2417 -26.50 -2.38 -23.14
C PHE B 2417 -27.64 -3.07 -22.37
N ALA B 2418 -28.21 -4.12 -22.95
CA ALA B 2418 -29.33 -4.83 -22.37
C ALA B 2418 -28.97 -5.78 -21.25
N THR B 2419 -27.74 -6.31 -21.26
CA THR B 2419 -27.34 -7.27 -20.22
C THR B 2419 -26.31 -6.68 -19.28
N GLY B 2420 -25.41 -5.85 -19.79
CA GLY B 2420 -24.37 -5.24 -18.98
C GLY B 2420 -22.98 -5.82 -19.20
N THR B 2421 -22.88 -6.83 -20.07
CA THR B 2421 -21.60 -7.48 -20.35
C THR B 2421 -21.47 -7.93 -21.80
N SER B 2422 -20.23 -8.01 -22.28
CA SER B 2422 -19.91 -8.56 -23.59
C SER B 2422 -19.83 -10.12 -23.49
N LYS B 2423 -19.70 -10.67 -22.26
CA LYS B 2423 -19.59 -12.06 -21.92
C LYS B 2423 -20.80 -12.82 -22.41
N LEU B 2424 -20.54 -13.90 -23.11
CA LEU B 2424 -21.57 -14.78 -23.59
C LEU B 2424 -21.21 -16.20 -23.14
N PRO B 2425 -22.20 -16.97 -22.68
CA PRO B 2425 -21.93 -18.36 -22.30
C PRO B 2425 -21.42 -19.19 -23.49
N LEU B 2426 -20.75 -20.31 -23.21
CA LEU B 2426 -20.23 -21.16 -24.28
C LEU B 2426 -21.32 -21.77 -25.17
N GLU B 2427 -22.47 -22.15 -24.57
CA GLU B 2427 -23.68 -22.64 -25.29
C GLU B 2427 -24.26 -21.51 -26.17
N GLY B 2428 -24.11 -20.27 -25.71
CA GLY B 2428 -24.61 -19.10 -26.40
C GLY B 2428 -25.75 -18.48 -25.62
N PHE B 2429 -26.59 -17.70 -26.32
CA PHE B 2429 -27.76 -17.03 -25.75
C PHE B 2429 -28.78 -17.97 -25.11
N ALA B 2430 -28.58 -19.29 -25.24
CA ALA B 2430 -29.49 -20.27 -24.70
C ALA B 2430 -29.36 -20.35 -23.20
N GLY B 2431 -28.12 -20.42 -22.73
CA GLY B 2431 -27.85 -20.48 -21.30
C GLY B 2431 -27.46 -19.14 -20.74
N LEU B 2432 -28.05 -18.08 -21.28
CA LEU B 2432 -27.80 -16.72 -20.85
C LEU B 2432 -28.25 -16.57 -19.42
N ARG B 2433 -27.47 -15.85 -18.61
CA ARG B 2433 -27.84 -15.69 -17.21
C ARG B 2433 -27.72 -14.25 -16.73
N CYS B 2434 -28.61 -13.87 -15.84
CA CYS B 2434 -28.60 -12.56 -15.20
C CYS B 2434 -28.20 -12.73 -13.71
N GLN B 2435 -28.29 -11.66 -12.90
CA GLN B 2435 -27.97 -11.73 -11.46
C GLN B 2435 -28.97 -12.66 -10.75
N ASN B 2436 -30.23 -12.65 -11.18
CA ASN B 2436 -31.30 -13.48 -10.63
C ASN B 2436 -31.44 -14.78 -11.45
N GLY B 2437 -30.40 -15.62 -11.38
CA GLY B 2437 -30.34 -16.92 -12.07
C GLY B 2437 -30.15 -16.82 -13.57
N ASN B 2438 -30.73 -17.77 -14.32
CA ASN B 2438 -30.65 -17.75 -15.77
C ASN B 2438 -31.78 -16.93 -16.35
N GLN B 2439 -31.53 -16.25 -17.48
CA GLN B 2439 -32.53 -15.45 -18.14
C GLN B 2439 -32.24 -15.29 -19.62
N LYS B 2440 -33.07 -15.87 -20.50
CA LYS B 2440 -32.93 -15.70 -21.95
C LYS B 2440 -33.33 -14.28 -22.25
N PHE B 2441 -32.56 -13.58 -23.10
CA PHE B 2441 -32.80 -12.18 -23.50
C PHE B 2441 -34.29 -11.87 -23.70
N GLN B 2442 -34.87 -10.92 -22.94
CA GLN B 2442 -36.29 -10.63 -23.11
C GLN B 2442 -36.55 -9.23 -23.69
N ILE B 2443 -37.40 -9.15 -24.73
CA ILE B 2443 -37.75 -7.88 -25.36
C ILE B 2443 -39.20 -7.56 -25.02
N HIS B 2444 -39.47 -6.39 -24.43
CA HIS B 2444 -40.83 -6.02 -24.05
C HIS B 2444 -41.36 -4.84 -24.85
N LYS B 2445 -42.70 -4.69 -24.91
CA LYS B 2445 -43.32 -3.52 -25.54
C LYS B 2445 -43.18 -2.43 -24.50
N ALA B 2446 -42.39 -1.39 -24.80
CA ALA B 2446 -42.07 -0.36 -23.82
C ALA B 2446 -43.18 0.62 -23.47
N SER B 2447 -44.35 0.52 -24.12
CA SER B 2447 -45.47 1.42 -23.84
C SER B 2447 -45.09 2.91 -24.00
N GLY B 2448 -44.23 3.17 -24.98
CA GLY B 2448 -43.77 4.52 -25.31
C GLY B 2448 -43.97 4.80 -26.79
N GLY B 2449 -44.15 6.06 -27.14
CA GLY B 2449 -44.36 6.44 -28.53
C GLY B 2449 -43.12 6.25 -29.39
N SER B 2450 -43.25 6.49 -30.70
CA SER B 2450 -42.12 6.38 -31.62
C SER B 2450 -40.95 7.33 -31.25
N SER B 2451 -41.23 8.33 -30.38
CA SER B 2451 -40.30 9.32 -29.85
C SER B 2451 -40.10 8.97 -28.38
N ARG B 2452 -39.42 7.86 -28.16
CA ARG B 2452 -39.05 7.28 -26.87
C ARG B 2452 -37.92 6.31 -27.13
N LEU B 2453 -36.90 6.33 -26.29
CA LEU B 2453 -35.74 5.47 -26.49
C LEU B 2453 -35.85 4.08 -25.86
N PRO B 2454 -35.12 3.07 -26.37
CA PRO B 2454 -35.17 1.74 -25.76
C PRO B 2454 -34.52 1.73 -24.37
N THR B 2455 -35.26 1.32 -23.33
CA THR B 2455 -34.80 1.27 -21.93
C THR B 2455 -34.30 -0.12 -21.63
N ALA B 2456 -33.14 -0.28 -20.97
CA ALA B 2456 -32.68 -1.63 -20.62
C ALA B 2456 -32.77 -1.92 -19.13
N HIS B 2457 -32.92 -3.19 -18.76
CA HIS B 2457 -32.97 -3.63 -17.37
C HIS B 2457 -32.03 -4.80 -17.22
N THR B 2458 -30.74 -4.51 -17.09
CA THR B 2458 -29.64 -5.46 -16.99
C THR B 2458 -29.83 -6.56 -15.93
N ALA B 2459 -30.72 -6.34 -14.97
CA ALA B 2459 -30.98 -7.31 -13.92
C ALA B 2459 -31.66 -8.59 -14.41
N PHE B 2460 -32.26 -8.54 -15.63
CA PHE B 2460 -33.03 -9.65 -16.24
C PHE B 2460 -32.78 -9.73 -17.75
N ASN B 2461 -31.62 -9.20 -18.24
CA ASN B 2461 -31.23 -9.16 -19.66
C ASN B 2461 -32.42 -8.68 -20.50
N GLN B 2462 -33.08 -7.63 -20.01
CA GLN B 2462 -34.33 -7.15 -20.57
C GLN B 2462 -34.11 -5.88 -21.36
N LEU B 2463 -34.76 -5.78 -22.51
CA LEU B 2463 -34.70 -4.58 -23.34
C LEU B 2463 -36.12 -4.19 -23.74
N ASP B 2464 -36.59 -3.06 -23.21
CA ASP B 2464 -37.91 -2.55 -23.52
C ASP B 2464 -37.79 -1.74 -24.81
N LEU B 2465 -38.49 -2.16 -25.85
CA LEU B 2465 -38.45 -1.50 -27.15
C LEU B 2465 -39.81 -0.87 -27.45
N PRO B 2466 -39.90 0.48 -27.49
CA PRO B 2466 -41.20 1.11 -27.79
C PRO B 2466 -41.69 0.88 -29.22
N GLU B 2467 -42.98 1.09 -29.47
CA GLU B 2467 -43.54 0.88 -30.80
C GLU B 2467 -43.06 1.91 -31.82
N TYR B 2468 -42.02 1.59 -32.60
CA TYR B 2468 -41.55 2.51 -33.64
C TYR B 2468 -42.45 2.45 -34.89
N ASP B 2469 -42.32 3.46 -35.75
CA ASP B 2469 -43.14 3.55 -36.94
C ASP B 2469 -42.38 3.17 -38.23
N SER B 2470 -41.03 3.18 -38.19
CA SER B 2470 -40.23 2.81 -39.36
C SER B 2470 -38.94 2.12 -38.94
N TYR B 2471 -38.34 1.35 -39.88
CA TYR B 2471 -37.10 0.65 -39.62
C TYR B 2471 -35.98 1.64 -39.33
N GLU B 2472 -35.90 2.72 -40.12
CA GLU B 2472 -34.85 3.75 -39.95
C GLU B 2472 -34.95 4.49 -38.60
N GLN B 2473 -36.19 4.59 -38.07
CA GLN B 2473 -36.46 5.22 -36.78
C GLN B 2473 -35.95 4.30 -35.67
N LEU B 2474 -36.27 3.01 -35.76
CA LEU B 2474 -35.82 2.03 -34.78
C LEU B 2474 -34.33 1.86 -34.83
N VAL B 2475 -33.73 1.80 -36.03
CA VAL B 2475 -32.30 1.59 -36.15
C VAL B 2475 -31.50 2.79 -35.62
N LYS B 2476 -32.07 4.01 -35.68
CA LYS B 2476 -31.37 5.17 -35.14
C LYS B 2476 -31.53 5.30 -33.64
N ALA B 2477 -32.71 4.96 -33.13
CA ALA B 2477 -32.96 4.97 -31.70
C ALA B 2477 -32.24 3.82 -30.99
N LEU B 2478 -31.96 2.70 -31.70
CA LEU B 2478 -31.21 1.57 -31.13
C LEU B 2478 -29.77 2.04 -30.97
N LEU B 2479 -29.18 2.58 -32.05
CA LEU B 2479 -27.81 3.08 -32.10
C LEU B 2479 -27.51 4.16 -31.08
N PHE B 2480 -28.48 5.02 -30.79
CA PHE B 2480 -28.28 6.10 -29.82
C PHE B 2480 -28.19 5.52 -28.40
N SER B 2481 -29.07 4.57 -28.09
CA SER B 2481 -29.14 3.92 -26.77
C SER B 2481 -27.85 3.18 -26.43
N LEU B 2482 -27.23 2.58 -27.47
CA LEU B 2482 -25.98 1.84 -27.41
C LEU B 2482 -24.82 2.68 -26.85
N GLU B 2483 -24.51 3.82 -27.48
CA GLU B 2483 -23.36 4.65 -27.13
C GLU B 2483 -23.59 5.72 -26.08
N GLU B 2484 -24.82 6.20 -25.93
CA GLU B 2484 -25.11 7.28 -24.99
C GLU B 2484 -25.84 6.81 -23.75
#